data_3BJQ
#
_entry.id   3BJQ
#
_cell.length_a   93.390
_cell.length_b   188.320
_cell.length_c   105.150
_cell.angle_alpha   90.000
_cell.angle_beta   106.600
_cell.angle_gamma   90.000
#
_symmetry.space_group_name_H-M   'P 1 21 1'
#
loop_
_entity.id
_entity.type
_entity.pdbx_description
1 polymer 'Phage-related protein'
2 non-polymer 'TETRAETHYLENE GLYCOL'
3 non-polymer 'CHLORIDE ION'
4 water water
#
_entity_poly.entity_id   1
_entity_poly.type   'polypeptide(L)'
_entity_poly.pdbx_seq_one_letter_code
;G(MSE)SQ(MSE)SPGQARVVDPILSTHARGYRQSTLIGKKLFPVAPVAQYGGKILTFGKEAFRLYNTKRAPGANTKRID
FGYEGDPYSIVPSALEAKVPREL(MSE)RDASQVPGIDLGARSVNTVLRI(MSE)ALAHEHECAQIALDPAKYNADHKVK
LVGSARWTSPDSDPTKDVETAKEAIADSIG(MSE)EPNRL(MSE)LSRKALSACKYHPKLIERVKYTRAESITID(MSE)
LKALWEVEEIVVGTARVATGANDSFGDVWGPDVWLGYVSDNPDPSVEEPSFGYTYQIEGHPLVEVPYWDNNAKSWIYGVS
DDNTPALSG(MSE)LAGYLIEDAGLPAA
;
_entity_poly.pdbx_strand_id   A,B,C,D,E,F,G,H,I,J
#
loop_
_chem_comp.id
_chem_comp.type
_chem_comp.name
_chem_comp.formula
CL non-polymer 'CHLORIDE ION' 'Cl -1'
PG4 non-polymer 'TETRAETHYLENE GLYCOL' 'C8 H18 O5'
#
# COMPACT_ATOMS: atom_id res chain seq x y z
N GLN A 9 18.07 -31.76 -13.86
CA GLN A 9 17.22 -30.55 -14.11
C GLN A 9 16.06 -30.42 -13.10
N ALA A 10 15.78 -29.17 -12.73
CA ALA A 10 14.62 -28.82 -11.92
C ALA A 10 13.35 -28.99 -12.75
N ARG A 11 12.23 -29.24 -12.10
CA ARG A 11 10.96 -29.27 -12.79
C ARG A 11 10.36 -27.89 -12.59
N VAL A 12 9.28 -27.59 -13.29
CA VAL A 12 8.63 -26.30 -13.07
C VAL A 12 7.78 -26.42 -11.82
N VAL A 13 8.14 -25.63 -10.83
CA VAL A 13 7.55 -25.66 -9.51
C VAL A 13 6.35 -24.72 -9.48
N ASP A 14 5.28 -25.17 -8.80
CA ASP A 14 4.12 -24.35 -8.51
C ASP A 14 4.39 -23.79 -7.11
N PRO A 15 4.70 -22.48 -7.03
CA PRO A 15 5.12 -21.87 -5.77
C PRO A 15 4.02 -21.76 -4.72
N ILE A 16 2.77 -21.60 -5.15
CA ILE A 16 1.64 -21.51 -4.24
C ILE A 16 1.39 -22.88 -3.58
N LEU A 17 1.39 -23.94 -4.38
CA LEU A 17 1.18 -25.29 -3.88
C LEU A 17 2.39 -25.81 -3.13
N SER A 18 3.58 -25.31 -3.47
CA SER A 18 4.81 -25.62 -2.73
C SER A 18 4.81 -24.95 -1.34
N THR A 19 4.36 -23.71 -1.27
CA THR A 19 4.21 -23.01 0.00
C THR A 19 3.16 -23.74 0.87
N HIS A 20 2.08 -24.19 0.25
CA HIS A 20 1.07 -24.93 0.97
C HIS A 20 1.70 -26.19 1.55
N ALA A 21 2.45 -26.92 0.73
CA ALA A 21 3.09 -28.15 1.17
C ALA A 21 4.00 -27.93 2.38
N ARG A 22 4.72 -26.82 2.39
CA ARG A 22 5.64 -26.53 3.50
C ARG A 22 4.93 -26.31 4.83
N GLY A 23 3.67 -25.89 4.78
CA GLY A 23 2.89 -25.66 5.97
C GLY A 23 2.11 -26.88 6.42
N TYR A 24 2.29 -28.01 5.74
CA TYR A 24 1.59 -29.26 6.09
C TYR A 24 2.07 -29.76 7.46
N ARG A 25 1.12 -30.11 8.32
CA ARG A 25 1.41 -30.57 9.67
C ARG A 25 0.60 -31.81 9.96
N GLN A 26 1.24 -32.78 10.61
CA GLN A 26 0.61 -33.98 11.16
C GLN A 26 0.96 -34.01 12.65
N SER A 27 0.04 -33.50 13.48
CA SER A 27 0.30 -33.33 14.92
C SER A 27 0.53 -34.60 15.72
N THR A 28 -0.09 -35.72 15.32
CA THR A 28 0.12 -36.98 16.03
C THR A 28 1.37 -37.77 15.59
N LEU A 29 2.07 -37.28 14.57
CA LEU A 29 3.33 -37.89 14.15
C LEU A 29 4.46 -37.13 14.85
N ILE A 30 5.37 -37.86 15.47
CA ILE A 30 6.39 -37.27 16.33
C ILE A 30 7.83 -37.47 15.83
N GLY A 31 8.01 -38.08 14.66
CA GLY A 31 9.35 -38.23 14.07
C GLY A 31 10.19 -36.98 14.02
N LYS A 32 9.59 -35.87 13.62
CA LYS A 32 10.31 -34.59 13.53
C LYS A 32 10.65 -33.91 14.85
N LYS A 33 10.11 -34.42 15.96
CA LYS A 33 10.52 -33.95 17.28
C LYS A 33 11.80 -34.62 17.79
N LEU A 34 12.15 -35.77 17.20
CA LEU A 34 13.42 -36.47 17.43
C LEU A 34 14.47 -36.11 16.34
N PHE A 35 13.98 -36.02 15.10
CA PHE A 35 14.83 -35.75 13.94
C PHE A 35 14.34 -34.49 13.21
N PRO A 36 14.60 -33.32 13.79
CA PRO A 36 14.21 -32.07 13.15
C PRO A 36 14.68 -31.92 11.71
N VAL A 37 13.83 -31.31 10.85
CA VAL A 37 14.16 -31.16 9.44
C VAL A 37 15.18 -30.08 9.21
N ALA A 38 16.28 -30.45 8.57
CA ALA A 38 17.38 -29.53 8.32
C ALA A 38 17.84 -29.66 6.87
N PRO A 39 18.21 -28.53 6.23
CA PRO A 39 18.58 -28.56 4.79
C PRO A 39 19.96 -29.09 4.47
N VAL A 40 20.03 -29.93 3.44
CA VAL A 40 21.30 -30.32 2.83
C VAL A 40 21.10 -30.20 1.31
N ALA A 41 22.20 -30.28 0.56
CA ALA A 41 22.19 -30.20 -0.91
C ALA A 41 22.47 -31.53 -1.60
N GLN A 42 23.25 -32.41 -0.98
CA GLN A 42 23.67 -33.67 -1.60
C GLN A 42 22.78 -34.85 -1.23
N TYR A 43 22.46 -35.64 -2.25
CA TYR A 43 21.66 -36.84 -2.08
C TYR A 43 22.45 -37.95 -1.41
N GLY A 44 23.77 -37.88 -1.49
CA GLY A 44 24.62 -38.85 -0.83
C GLY A 44 25.77 -38.09 -0.19
N GLY A 45 26.22 -38.58 0.95
CA GLY A 45 27.33 -37.95 1.65
C GLY A 45 27.59 -38.70 2.92
N LYS A 46 28.17 -38.02 3.90
CA LYS A 46 28.44 -38.58 5.22
C LYS A 46 27.72 -37.76 6.30
N ILE A 47 27.14 -38.48 7.25
CA ILE A 47 26.43 -37.91 8.39
C ILE A 47 27.44 -37.16 9.22
N LEU A 48 27.19 -35.86 9.44
CA LEU A 48 28.02 -35.09 10.33
C LEU A 48 27.67 -35.55 11.76
N THR A 49 28.63 -36.22 12.38
CA THR A 49 28.47 -37.00 13.59
C THR A 49 29.09 -36.26 14.79
N PHE A 50 28.40 -36.37 15.92
CA PHE A 50 28.75 -35.67 17.15
C PHE A 50 29.05 -36.66 18.26
N GLY A 51 30.34 -36.81 18.56
CA GLY A 51 30.79 -37.68 19.62
C GLY A 51 30.99 -36.88 20.88
N LYS A 52 31.70 -37.48 21.81
CA LYS A 52 32.01 -36.88 23.10
C LYS A 52 32.78 -35.57 22.93
N GLU A 53 33.74 -35.56 22.01
CA GLU A 53 34.56 -34.35 21.78
C GLU A 53 33.74 -33.18 21.21
N ALA A 54 32.85 -33.48 20.27
CA ALA A 54 31.99 -32.46 19.66
C ALA A 54 31.08 -31.78 20.67
N PHE A 55 30.43 -32.55 21.54
CA PHE A 55 29.58 -31.95 22.58
C PHE A 55 30.41 -31.19 23.60
N ARG A 56 31.61 -31.67 23.88
CA ARG A 56 32.47 -30.96 24.81
C ARG A 56 32.88 -29.60 24.27
N LEU A 57 33.30 -29.56 23.02
CA LEU A 57 33.67 -28.31 22.32
C LEU A 57 32.49 -27.39 22.19
N TYR A 58 31.34 -27.94 21.85
CA TYR A 58 30.09 -27.18 21.76
C TYR A 58 29.84 -26.37 23.04
N ASN A 59 30.15 -26.97 24.18
CA ASN A 59 29.93 -26.32 25.48
C ASN A 59 31.20 -25.93 26.22
N THR A 60 32.21 -25.52 25.44
CA THR A 60 33.46 -24.97 25.95
C THR A 60 33.39 -23.48 25.71
N LYS A 61 33.75 -22.67 26.72
CA LYS A 61 33.71 -21.22 26.59
C LYS A 61 34.80 -20.75 25.61
N ARG A 62 34.37 -19.99 24.59
CA ARG A 62 35.25 -19.47 23.55
C ARG A 62 34.89 -18.01 23.23
N THR A 68 41.15 -18.44 16.56
CA THR A 68 40.25 -19.49 16.07
C THR A 68 38.84 -18.93 15.80
N LYS A 69 38.71 -18.24 14.67
CA LYS A 69 37.47 -17.50 14.29
C LYS A 69 36.33 -18.39 13.76
N ARG A 70 36.65 -19.62 13.39
CA ARG A 70 35.70 -20.49 12.72
C ARG A 70 35.43 -21.73 13.54
N ILE A 71 34.23 -22.27 13.39
CA ILE A 71 33.74 -23.29 14.29
C ILE A 71 33.17 -24.49 13.53
N ASP A 72 33.71 -25.67 13.83
CA ASP A 72 33.19 -26.94 13.36
C ASP A 72 33.19 -27.83 14.58
N PHE A 73 32.14 -28.64 14.72
CA PHE A 73 32.03 -29.54 15.87
C PHE A 73 32.05 -31.00 15.46
N GLY A 74 31.36 -31.35 14.39
CA GLY A 74 31.24 -32.77 14.04
C GLY A 74 32.37 -33.31 13.18
N TYR A 75 32.37 -34.63 13.01
CA TYR A 75 33.25 -35.30 12.07
C TYR A 75 32.40 -36.05 11.05
N GLU A 76 33.00 -36.39 9.92
CA GLU A 76 32.35 -37.20 8.88
C GLU A 76 32.17 -38.62 9.38
N GLY A 77 30.94 -39.06 9.48
CA GLY A 77 30.67 -40.37 9.99
C GLY A 77 30.18 -41.28 8.89
N ASP A 78 29.19 -42.08 9.24
CA ASP A 78 28.59 -43.04 8.34
C ASP A 78 27.97 -42.39 7.14
N PRO A 79 28.00 -43.08 6.00
CA PRO A 79 27.35 -42.53 4.83
C PRO A 79 25.84 -42.41 4.94
N TYR A 80 25.27 -41.43 4.24
CA TYR A 80 23.81 -41.37 4.15
C TYR A 80 23.42 -41.43 2.69
N SER A 81 22.15 -41.71 2.45
CA SER A 81 21.64 -41.77 1.11
C SER A 81 20.17 -41.34 1.09
N ILE A 82 19.91 -40.23 0.43
CA ILE A 82 18.54 -39.79 0.24
C ILE A 82 18.10 -40.42 -1.07
N VAL A 83 17.05 -41.22 -1.01
CA VAL A 83 16.53 -41.85 -2.19
C VAL A 83 15.43 -40.96 -2.83
N PRO A 84 15.61 -40.56 -4.11
CA PRO A 84 14.57 -39.76 -4.76
C PRO A 84 13.27 -40.54 -4.76
N SER A 85 12.23 -39.99 -4.17
CA SER A 85 11.00 -40.75 -3.96
C SER A 85 9.76 -39.93 -4.26
N ALA A 86 9.78 -39.20 -5.37
CA ALA A 86 8.65 -38.38 -5.77
C ALA A 86 7.41 -39.22 -5.99
N LEU A 87 6.26 -38.67 -5.64
CA LEU A 87 4.98 -39.29 -5.94
C LEU A 87 4.19 -38.32 -6.80
N GLU A 88 3.02 -38.76 -7.24
CA GLU A 88 2.16 -37.95 -8.07
C GLU A 88 0.80 -37.80 -7.45
N ALA A 89 0.47 -36.55 -7.12
CA ALA A 89 -0.85 -36.15 -6.65
C ALA A 89 -1.79 -36.12 -7.86
N LYS A 90 -3.06 -36.37 -7.62
CA LYS A 90 -3.99 -36.60 -8.70
C LYS A 90 -5.33 -35.95 -8.43
N VAL A 91 -5.80 -35.14 -9.37
CA VAL A 91 -7.16 -34.58 -9.33
C VAL A 91 -7.97 -35.24 -10.47
N PRO A 92 -8.84 -36.20 -10.13
CA PRO A 92 -9.66 -36.85 -11.15
C PRO A 92 -10.71 -35.92 -11.73
N ARG A 93 -11.03 -36.09 -13.01
CA ARG A 93 -11.96 -35.21 -13.70
C ARG A 93 -13.33 -35.18 -13.03
N GLU A 94 -13.70 -36.30 -12.40
CA GLU A 94 -15.00 -36.44 -11.73
C GLU A 94 -15.23 -35.45 -10.58
N LEU A 95 -14.14 -34.97 -9.98
CA LEU A 95 -14.25 -33.94 -8.94
C LEU A 95 -14.30 -32.52 -9.51
N MSE A 96 -14.32 -32.38 -10.85
CA MSE A 96 -14.28 -31.06 -11.48
C MSE A 96 -15.51 -30.84 -12.33
O MSE A 96 -16.02 -31.77 -12.96
CB MSE A 96 -13.04 -30.92 -12.35
CG MSE A 96 -11.75 -31.06 -11.60
SE MSE A 96 -10.20 -30.77 -12.75
CE MSE A 96 -9.96 -32.42 -13.37
N ARG A 97 -15.98 -29.59 -12.33
CA ARG A 97 -17.11 -29.18 -13.16
C ARG A 97 -16.64 -29.12 -14.60
N ASP A 98 -15.44 -28.58 -14.78
CA ASP A 98 -14.83 -28.43 -16.10
C ASP A 98 -13.39 -28.94 -16.05
N ALA A 99 -13.21 -30.21 -16.40
CA ALA A 99 -11.91 -30.90 -16.37
C ALA A 99 -10.96 -30.44 -17.46
N SER A 100 -11.46 -29.65 -18.43
CA SER A 100 -10.61 -29.10 -19.51
C SER A 100 -9.67 -28.03 -18.98
N GLN A 101 -10.00 -27.44 -17.85
CA GLN A 101 -9.16 -26.40 -17.25
C GLN A 101 -8.32 -26.94 -16.10
N VAL A 102 -7.19 -26.27 -15.87
CA VAL A 102 -6.26 -26.61 -14.80
C VAL A 102 -7.01 -26.49 -13.48
N PRO A 103 -6.82 -27.46 -12.55
CA PRO A 103 -7.62 -27.38 -11.32
C PRO A 103 -7.35 -26.13 -10.51
N GLY A 104 -8.35 -25.69 -9.75
CA GLY A 104 -8.14 -24.61 -8.80
C GLY A 104 -7.17 -25.03 -7.71
N ILE A 105 -6.69 -24.05 -6.95
CA ILE A 105 -5.75 -24.27 -5.86
C ILE A 105 -6.33 -25.12 -4.75
N ASP A 106 -7.64 -25.05 -4.51
CA ASP A 106 -8.24 -25.84 -3.43
C ASP A 106 -8.20 -27.36 -3.75
N LEU A 107 -8.51 -27.75 -4.99
CA LEU A 107 -8.44 -29.15 -5.41
C LEU A 107 -6.97 -29.58 -5.47
N GLY A 108 -6.12 -28.76 -6.07
CA GLY A 108 -4.69 -29.11 -6.16
C GLY A 108 -4.08 -29.40 -4.81
N ALA A 109 -4.35 -28.52 -3.85
CA ALA A 109 -3.82 -28.64 -2.48
C ALA A 109 -4.31 -29.90 -1.80
N ARG A 110 -5.58 -30.25 -1.99
CA ARG A 110 -6.14 -31.45 -1.44
C ARG A 110 -5.47 -32.73 -1.95
N SER A 111 -5.22 -32.78 -3.25
CA SER A 111 -4.54 -33.90 -3.90
C SER A 111 -3.12 -34.06 -3.32
N VAL A 112 -2.45 -32.93 -3.11
CA VAL A 112 -1.09 -32.90 -2.58
C VAL A 112 -1.00 -33.41 -1.13
N ASN A 113 -1.97 -33.03 -0.30
CA ASN A 113 -2.03 -33.52 1.10
C ASN A 113 -2.06 -35.06 1.17
N THR A 114 -2.70 -35.70 0.21
CA THR A 114 -2.74 -37.18 0.13
C THR A 114 -1.33 -37.80 0.03
N VAL A 115 -0.46 -37.23 -0.81
CA VAL A 115 0.89 -37.78 -0.97
C VAL A 115 1.77 -37.39 0.20
N LEU A 116 1.59 -36.18 0.73
CA LEU A 116 2.43 -35.74 1.85
C LEU A 116 2.20 -36.59 3.08
N ARG A 117 0.98 -37.10 3.22
CA ARG A 117 0.63 -37.96 4.35
C ARG A 117 1.33 -39.32 4.22
N ILE A 118 1.37 -39.86 3.01
CA ILE A 118 2.15 -41.08 2.73
C ILE A 118 3.61 -40.87 3.04
N MSE A 119 4.16 -39.74 2.61
CA MSE A 119 5.54 -39.46 2.90
C MSE A 119 5.78 -39.24 4.39
O MSE A 119 6.85 -39.56 4.88
CB MSE A 119 6.04 -38.25 2.12
CG MSE A 119 6.15 -38.52 0.60
SE MSE A 119 6.35 -36.87 -0.38
CE MSE A 119 6.97 -37.52 -2.03
N ALA A 120 4.78 -38.68 5.08
CA ALA A 120 4.84 -38.45 6.52
C ALA A 120 4.87 -39.75 7.31
N LEU A 121 4.09 -40.74 6.89
CA LEU A 121 4.06 -42.04 7.56
C LEU A 121 5.35 -42.86 7.26
N ALA A 122 5.90 -42.75 6.06
CA ALA A 122 7.19 -43.37 5.74
C ALA A 122 8.27 -42.80 6.64
N HIS A 123 8.25 -41.50 6.80
CA HIS A 123 9.23 -40.79 7.62
C HIS A 123 9.17 -41.21 9.10
N GLU A 124 7.96 -41.26 9.65
CA GLU A 124 7.71 -41.71 11.01
C GLU A 124 8.32 -43.07 11.26
N HIS A 125 8.03 -44.03 10.36
CA HIS A 125 8.56 -45.37 10.46
C HIS A 125 10.08 -45.37 10.40
N GLU A 126 10.67 -44.57 9.51
CA GLU A 126 12.12 -44.52 9.41
C GLU A 126 12.74 -43.92 10.66
N CYS A 127 12.12 -42.88 11.19
CA CYS A 127 12.57 -42.30 12.46
C CYS A 127 12.56 -43.35 13.59
N ALA A 128 11.48 -44.12 13.69
CA ALA A 128 11.38 -45.17 14.70
C ALA A 128 12.46 -46.26 14.54
N GLN A 129 12.71 -46.66 13.29
CA GLN A 129 13.70 -47.71 13.00
C GLN A 129 15.11 -47.29 13.41
N ILE A 130 15.41 -46.00 13.42
CA ILE A 130 16.70 -45.52 13.86
C ILE A 130 16.77 -45.30 15.38
N ALA A 131 15.88 -44.49 15.91
CA ALA A 131 15.93 -44.10 17.33
C ALA A 131 15.76 -45.28 18.30
N LEU A 132 15.03 -46.31 17.87
CA LEU A 132 14.74 -47.44 18.70
C LEU A 132 15.62 -48.66 18.41
N ASP A 133 16.71 -48.44 17.67
CA ASP A 133 17.60 -49.55 17.31
C ASP A 133 18.64 -49.68 18.42
N PRO A 134 18.56 -50.75 19.23
CA PRO A 134 19.54 -50.77 20.33
C PRO A 134 20.99 -50.88 19.84
N ALA A 135 21.20 -51.37 18.61
CA ALA A 135 22.53 -51.50 18.00
C ALA A 135 23.25 -50.16 17.84
N LYS A 136 22.50 -49.07 17.90
CA LYS A 136 23.06 -47.74 17.73
C LYS A 136 23.66 -47.14 18.99
N TYR A 137 23.30 -47.68 20.15
CA TYR A 137 23.66 -47.13 21.43
C TYR A 137 24.73 -47.92 22.15
N ASN A 138 25.58 -47.20 22.88
CA ASN A 138 26.52 -47.88 23.76
C ASN A 138 25.79 -48.41 25.00
N ALA A 139 26.44 -49.31 25.74
CA ALA A 139 25.86 -49.93 26.92
C ALA A 139 25.30 -48.97 27.94
N ASP A 140 25.99 -47.85 28.16
CA ASP A 140 25.51 -46.84 29.13
C ASP A 140 24.30 -46.03 28.66
N HIS A 141 23.92 -46.14 27.39
CA HIS A 141 22.82 -45.35 26.85
C HIS A 141 21.65 -46.24 26.41
N LYS A 142 21.53 -47.42 27.01
CA LYS A 142 20.38 -48.26 26.76
C LYS A 142 20.17 -49.27 27.87
N VAL A 143 18.90 -49.67 28.05
CA VAL A 143 18.54 -50.76 28.90
C VAL A 143 17.40 -51.53 28.23
N LYS A 144 17.23 -52.76 28.62
CA LYS A 144 16.16 -53.61 28.13
C LYS A 144 15.50 -54.18 29.36
N LEU A 145 14.26 -53.77 29.60
CA LEU A 145 13.52 -54.16 30.77
C LEU A 145 12.92 -55.54 30.58
N VAL A 146 13.11 -56.37 31.60
CA VAL A 146 12.73 -57.76 31.62
C VAL A 146 11.84 -58.01 32.82
N GLY A 147 10.78 -58.79 32.64
CA GLY A 147 9.92 -59.18 33.77
C GLY A 147 9.38 -58.01 34.57
N SER A 148 9.59 -58.05 35.88
CA SER A 148 9.02 -57.07 36.81
C SER A 148 9.70 -55.69 36.76
N ALA A 149 10.71 -55.52 35.91
CA ALA A 149 11.29 -54.20 35.68
C ALA A 149 10.47 -53.48 34.61
N ARG A 150 9.65 -54.21 33.85
CA ARG A 150 8.79 -53.61 32.86
C ARG A 150 7.73 -52.76 33.55
N TRP A 151 7.36 -51.64 32.91
CA TRP A 151 6.51 -50.63 33.50
C TRP A 151 5.06 -51.06 33.73
N THR A 152 4.69 -52.21 33.14
CA THR A 152 3.40 -52.85 33.32
C THR A 152 3.29 -53.59 34.66
N SER A 153 4.43 -53.82 35.31
CA SER A 153 4.47 -54.42 36.62
C SER A 153 4.43 -53.33 37.71
N PRO A 154 3.67 -53.56 38.79
CA PRO A 154 3.62 -52.59 39.87
C PRO A 154 4.94 -52.50 40.65
N ASP A 155 5.80 -53.50 40.47
CA ASP A 155 7.09 -53.55 41.13
C ASP A 155 8.18 -52.77 40.39
N SER A 156 7.88 -52.29 39.19
CA SER A 156 8.84 -51.52 38.40
C SER A 156 9.01 -50.09 38.95
N ASP A 157 9.96 -49.34 38.39
CA ASP A 157 10.19 -47.97 38.83
C ASP A 157 10.53 -47.06 37.65
N PRO A 158 9.50 -46.66 36.87
CA PRO A 158 9.67 -45.76 35.73
C PRO A 158 10.48 -44.51 36.02
N THR A 159 10.25 -43.88 37.18
CA THR A 159 10.96 -42.64 37.54
C THR A 159 12.46 -42.91 37.69
N LYS A 160 12.82 -44.02 38.30
CA LYS A 160 14.22 -44.40 38.42
C LYS A 160 14.83 -44.60 37.02
N ASP A 161 14.12 -45.29 36.14
CA ASP A 161 14.59 -45.56 34.81
C ASP A 161 14.84 -44.27 34.06
N VAL A 162 13.88 -43.34 34.15
CA VAL A 162 13.98 -42.01 33.50
C VAL A 162 15.08 -41.13 34.08
N GLU A 163 15.27 -41.17 35.39
CA GLU A 163 16.36 -40.40 36.01
C GLU A 163 17.75 -40.93 35.61
N THR A 164 17.89 -42.25 35.50
CA THR A 164 19.13 -42.86 35.03
C THR A 164 19.40 -42.38 33.59
N ALA A 165 18.35 -42.34 32.78
CA ALA A 165 18.44 -41.92 31.40
C ALA A 165 18.93 -40.50 31.29
N LYS A 166 18.35 -39.62 32.11
CA LYS A 166 18.73 -38.20 32.17
C LYS A 166 20.16 -37.96 32.57
N GLU A 167 20.61 -38.68 33.60
CA GLU A 167 22.00 -38.58 34.07
C GLU A 167 22.99 -39.04 33.01
N ALA A 168 22.70 -40.15 32.35
CA ALA A 168 23.58 -40.69 31.29
C ALA A 168 23.84 -39.60 30.23
N ILE A 169 22.75 -39.02 29.71
CA ILE A 169 22.85 -38.00 28.67
C ILE A 169 23.54 -36.79 29.21
N ALA A 170 23.05 -36.27 30.33
CA ALA A 170 23.57 -35.02 30.89
C ALA A 170 25.07 -35.07 31.17
N ASP A 171 25.52 -36.20 31.70
CA ASP A 171 26.93 -36.41 31.98
C ASP A 171 27.74 -36.55 30.69
N SER A 172 27.15 -37.11 29.63
CA SER A 172 27.88 -37.36 28.37
C SER A 172 28.05 -36.09 27.53
N ILE A 173 27.07 -35.20 27.56
CA ILE A 173 27.03 -34.01 26.71
C ILE A 173 26.89 -32.68 27.43
N GLY A 174 26.73 -32.69 28.75
CA GLY A 174 26.68 -31.46 29.52
C GLY A 174 25.40 -30.65 29.36
N MSE A 175 24.35 -31.33 28.93
CA MSE A 175 23.04 -30.72 28.75
C MSE A 175 21.99 -31.70 29.17
O MSE A 175 22.18 -32.93 29.02
CB MSE A 175 22.78 -30.35 27.27
CG MSE A 175 23.66 -29.28 26.74
SE MSE A 175 23.37 -28.64 24.96
CE MSE A 175 24.12 -29.91 24.18
N GLU A 176 20.88 -31.20 29.70
CA GLU A 176 19.76 -32.08 30.06
C GLU A 176 18.97 -32.51 28.83
N PRO A 177 18.57 -33.77 28.78
CA PRO A 177 17.69 -34.13 27.68
C PRO A 177 16.42 -33.30 27.74
N ASN A 178 15.86 -32.96 26.58
CA ASN A 178 14.66 -32.12 26.51
C ASN A 178 13.48 -32.77 25.81
N ARG A 179 13.63 -34.04 25.44
CA ARG A 179 12.54 -34.76 24.77
C ARG A 179 12.46 -36.14 25.33
N LEU A 180 11.25 -36.54 25.69
CA LEU A 180 11.02 -37.88 26.13
C LEU A 180 9.93 -38.43 25.23
N MSE A 181 10.18 -39.60 24.64
CA MSE A 181 9.19 -40.28 23.82
C MSE A 181 8.63 -41.43 24.63
O MSE A 181 9.40 -42.29 25.04
CB MSE A 181 9.84 -40.84 22.54
CG MSE A 181 8.89 -41.25 21.44
SE MSE A 181 7.94 -42.92 21.65
CE MSE A 181 9.41 -44.13 21.79
N LEU A 182 7.33 -41.42 24.90
CA LEU A 182 6.65 -42.59 25.47
C LEU A 182 5.85 -43.21 24.39
N SER A 183 6.07 -44.49 24.11
CA SER A 183 5.18 -45.21 23.22
C SER A 183 3.83 -45.27 23.89
N ARG A 184 2.80 -45.40 23.06
CA ARG A 184 1.42 -45.60 23.48
C ARG A 184 1.32 -46.63 24.61
N LYS A 185 1.97 -47.77 24.41
CA LYS A 185 2.00 -48.84 25.40
C LYS A 185 2.67 -48.43 26.71
N ALA A 186 3.77 -47.67 26.64
CA ALA A 186 4.48 -47.25 27.83
C ALA A 186 3.65 -46.22 28.60
N LEU A 187 2.97 -45.32 27.88
CA LEU A 187 2.08 -44.34 28.52
C LEU A 187 0.91 -45.04 29.22
N SER A 188 0.32 -46.04 28.56
CA SER A 188 -0.77 -46.81 29.15
C SER A 188 -0.32 -47.40 30.48
N ALA A 189 0.91 -47.90 30.51
CA ALA A 189 1.48 -48.51 31.70
C ALA A 189 1.63 -47.49 32.81
N CYS A 190 2.11 -46.29 32.48
CA CYS A 190 2.25 -45.20 33.46
C CYS A 190 0.91 -44.85 34.09
N LYS A 191 -0.16 -44.97 33.32
CA LYS A 191 -1.49 -44.68 33.81
C LYS A 191 -2.02 -45.67 34.84
N TYR A 192 -1.50 -46.90 34.86
CA TYR A 192 -1.87 -47.89 35.89
C TYR A 192 -0.81 -48.08 36.98
N HIS A 193 0.34 -47.39 36.86
CA HIS A 193 1.44 -47.63 37.80
C HIS A 193 1.18 -46.97 39.16
N PRO A 194 1.25 -47.75 40.26
CA PRO A 194 1.03 -47.20 41.61
C PRO A 194 1.92 -46.03 41.94
N LYS A 195 3.20 -46.08 41.55
CA LYS A 195 4.14 -45.02 41.86
C LYS A 195 3.85 -43.75 41.09
N LEU A 196 3.14 -43.87 39.96
CA LEU A 196 2.72 -42.68 39.21
C LEU A 196 1.27 -42.24 39.59
N ILE A 197 0.37 -43.20 39.83
CA ILE A 197 -0.99 -42.86 40.30
C ILE A 197 -0.91 -42.03 41.60
N GLU A 198 -0.02 -42.41 42.50
CA GLU A 198 0.29 -41.63 43.70
C GLU A 198 0.23 -40.12 43.51
N ARG A 199 0.88 -39.68 42.44
CA ARG A 199 1.04 -38.25 42.13
C ARG A 199 -0.28 -37.58 41.77
N VAL A 200 -1.16 -38.31 41.08
CA VAL A 200 -2.50 -37.82 40.71
C VAL A 200 -3.31 -37.37 41.94
N LYS A 201 -3.22 -38.12 43.03
CA LYS A 201 -3.95 -37.82 44.27
C LYS A 201 -3.69 -36.39 44.78
N TYR A 202 -2.44 -35.93 44.64
CA TYR A 202 -2.04 -34.58 45.05
C TYR A 202 -1.78 -33.68 43.84
N THR A 203 -2.69 -33.68 42.87
CA THR A 203 -2.54 -32.90 41.62
C THR A 203 -3.82 -32.85 40.79
N ILE A 208 -3.78 -39.17 35.23
CA ILE A 208 -2.39 -38.88 34.88
C ILE A 208 -2.31 -38.29 33.48
N THR A 209 -1.56 -37.21 33.34
CA THR A 209 -1.34 -36.58 32.05
C THR A 209 0.16 -36.44 31.78
N ILE A 210 0.47 -36.32 30.50
CA ILE A 210 1.80 -35.98 30.03
C ILE A 210 2.35 -34.75 30.75
N ASP A 211 1.47 -33.81 31.10
CA ASP A 211 1.89 -32.58 31.80
C ASP A 211 2.36 -32.88 33.22
N MSE A 212 1.71 -33.82 33.87
CA MSE A 212 2.13 -34.26 35.19
C MSE A 212 3.50 -34.92 35.10
O MSE A 212 4.41 -34.62 35.88
CB MSE A 212 1.13 -35.26 35.75
CG MSE A 212 1.42 -35.68 37.20
SE MSE A 212 0.40 -37.28 37.62
CE MSE A 212 1.70 -38.62 36.96
N LEU A 213 3.64 -35.83 34.13
CA LEU A 213 4.91 -36.57 33.92
C LEU A 213 6.04 -35.62 33.56
N LYS A 214 5.74 -34.56 32.82
CA LYS A 214 6.71 -33.50 32.48
C LYS A 214 7.30 -32.85 33.70
N ALA A 215 6.43 -32.44 34.62
CA ALA A 215 6.85 -31.81 35.87
C ALA A 215 7.58 -32.80 36.77
N LEU A 216 7.03 -34.00 36.91
CA LEU A 216 7.61 -35.05 37.74
C LEU A 216 9.03 -35.39 37.31
N TRP A 217 9.19 -35.67 36.02
CA TRP A 217 10.46 -36.08 35.45
C TRP A 217 11.32 -34.92 34.97
N GLU A 218 10.78 -33.70 35.02
CA GLU A 218 11.53 -32.48 34.63
C GLU A 218 12.18 -32.54 33.24
N VAL A 219 11.35 -32.91 32.26
CA VAL A 219 11.75 -32.97 30.86
C VAL A 219 10.90 -31.95 30.12
N GLU A 220 11.55 -31.13 29.32
CA GLU A 220 10.88 -30.03 28.64
C GLU A 220 9.64 -30.43 27.86
N GLU A 221 9.72 -31.52 27.11
CA GLU A 221 8.63 -31.94 26.23
C GLU A 221 8.51 -33.44 26.21
N ILE A 222 7.30 -33.95 26.40
CA ILE A 222 7.04 -35.36 26.25
C ILE A 222 6.23 -35.56 25.00
N VAL A 223 6.65 -36.47 24.13
CA VAL A 223 5.91 -36.79 22.91
C VAL A 223 5.47 -38.24 23.01
N VAL A 224 4.29 -38.53 22.49
CA VAL A 224 3.73 -39.88 22.55
C VAL A 224 3.73 -40.53 21.16
N GLY A 225 4.31 -41.72 21.08
CA GLY A 225 4.39 -42.48 19.84
C GLY A 225 3.14 -43.28 19.68
N THR A 226 2.21 -42.76 18.89
CA THR A 226 0.87 -43.35 18.73
C THR A 226 0.66 -44.05 17.40
N ALA A 227 1.40 -43.64 16.36
CA ALA A 227 1.23 -44.15 15.00
C ALA A 227 1.31 -45.67 14.93
N ARG A 228 0.43 -46.25 14.13
CA ARG A 228 0.44 -47.67 13.84
C ARG A 228 0.55 -47.92 12.35
N VAL A 229 0.94 -49.14 12.01
CA VAL A 229 1.22 -49.53 10.64
C VAL A 229 0.70 -50.95 10.42
N ALA A 230 0.26 -51.25 9.21
CA ALA A 230 -0.29 -52.58 8.90
C ALA A 230 0.85 -53.60 8.79
N THR A 231 0.67 -54.77 9.40
CA THR A 231 1.73 -55.80 9.47
C THR A 231 1.20 -57.18 9.13
N ASN A 234 -2.74 -59.62 7.83
CA ASN A 234 -4.07 -59.83 7.26
C ASN A 234 -5.14 -58.86 7.80
N ASP A 235 -5.23 -58.77 9.13
CA ASP A 235 -6.17 -57.86 9.83
C ASP A 235 -5.48 -57.25 11.06
N SER A 236 -4.19 -56.95 10.93
CA SER A 236 -3.34 -56.67 12.07
C SER A 236 -2.50 -55.40 11.95
N PHE A 237 -2.51 -54.61 13.02
CA PHE A 237 -1.76 -53.35 13.10
C PHE A 237 -0.64 -53.44 14.14
N GLY A 238 0.52 -52.82 13.87
CA GLY A 238 1.62 -52.79 14.84
C GLY A 238 2.03 -51.37 15.18
N ASP A 239 2.40 -51.15 16.43
CA ASP A 239 2.85 -49.83 16.91
C ASP A 239 4.16 -49.45 16.27
N VAL A 240 4.24 -48.27 15.68
CA VAL A 240 5.46 -47.83 15.03
C VAL A 240 6.60 -47.63 16.05
N TRP A 241 6.23 -47.12 17.23
CA TRP A 241 7.20 -46.83 18.27
C TRP A 241 7.33 -47.93 19.33
N GLY A 242 6.82 -49.11 19.01
CA GLY A 242 6.98 -50.28 19.85
C GLY A 242 6.43 -50.14 21.26
N PRO A 243 7.00 -50.90 22.20
CA PRO A 243 6.71 -50.76 23.61
C PRO A 243 7.80 -49.98 24.30
N ASP A 244 8.53 -49.15 23.59
CA ASP A 244 9.71 -48.52 24.17
C ASP A 244 9.48 -47.13 24.70
N VAL A 245 10.52 -46.63 25.37
CA VAL A 245 10.61 -45.27 25.89
C VAL A 245 11.99 -44.79 25.46
N TRP A 246 12.09 -43.54 25.05
CA TRP A 246 13.35 -42.99 24.58
C TRP A 246 13.49 -41.59 25.12
N LEU A 247 14.71 -41.17 25.44
CA LEU A 247 14.95 -39.79 25.88
C LEU A 247 16.09 -39.26 25.09
N GLY A 248 16.12 -37.94 24.89
CA GLY A 248 17.25 -37.34 24.22
C GLY A 248 17.31 -35.85 24.29
N TYR A 249 18.49 -35.33 23.99
CA TYR A 249 18.66 -33.90 23.75
C TYR A 249 18.52 -33.64 22.25
N VAL A 250 17.44 -32.95 21.90
CA VAL A 250 17.14 -32.56 20.54
C VAL A 250 17.14 -31.04 20.50
N SER A 251 18.00 -30.47 19.68
CA SER A 251 18.08 -29.02 19.58
C SER A 251 16.71 -28.39 19.35
N ASP A 252 16.41 -27.38 20.15
CA ASP A 252 15.18 -26.58 20.04
C ASP A 252 15.32 -25.45 19.00
N ASN A 253 16.46 -25.36 18.29
CA ASN A 253 16.67 -24.33 17.28
C ASN A 253 15.49 -24.23 16.32
N PRO A 254 14.86 -23.04 16.18
CA PRO A 254 13.80 -22.89 15.17
C PRO A 254 14.30 -22.89 13.73
N ASP A 255 15.61 -22.80 13.53
CA ASP A 255 16.23 -22.94 12.19
C ASP A 255 17.20 -24.13 12.24
N PRO A 256 16.69 -25.38 12.25
CA PRO A 256 17.62 -26.49 12.44
C PRO A 256 18.76 -26.57 11.41
N SER A 257 19.96 -26.92 11.87
CA SER A 257 21.17 -27.05 11.05
C SER A 257 21.86 -28.40 11.29
N VAL A 258 22.14 -29.18 10.24
CA VAL A 258 22.85 -30.47 10.40
C VAL A 258 24.25 -30.35 11.06
N GLU A 259 24.76 -29.13 11.14
CA GLU A 259 26.07 -28.81 11.73
C GLU A 259 26.07 -28.55 13.24
N GLU A 260 24.88 -28.42 13.82
CA GLU A 260 24.71 -28.16 15.25
C GLU A 260 24.56 -29.42 16.04
N PRO A 261 25.44 -29.62 17.06
CA PRO A 261 25.33 -30.78 17.93
C PRO A 261 23.91 -31.02 18.48
N SER A 262 23.39 -32.24 18.23
CA SER A 262 22.02 -32.64 18.59
C SER A 262 21.94 -34.16 18.32
N PHE A 263 20.92 -34.84 18.86
CA PHE A 263 20.74 -36.30 18.64
C PHE A 263 20.60 -36.72 17.19
N GLY A 264 19.85 -35.95 16.43
CA GLY A 264 19.57 -36.33 15.06
C GLY A 264 18.87 -35.26 14.26
N TYR A 265 18.83 -35.48 12.97
CA TYR A 265 18.19 -34.58 12.03
C TYR A 265 17.55 -35.39 10.94
N THR A 266 16.50 -34.83 10.33
CA THR A 266 16.02 -35.30 9.04
C THR A 266 16.80 -34.45 8.00
N TYR A 267 17.73 -35.11 7.31
CA TYR A 267 18.49 -34.52 6.21
C TYR A 267 17.50 -34.37 5.07
N GLN A 268 17.25 -33.14 4.64
CA GLN A 268 16.22 -32.91 3.63
C GLN A 268 16.74 -32.01 2.53
N ILE A 269 16.46 -32.37 1.28
CA ILE A 269 16.96 -31.55 0.16
C ILE A 269 16.36 -30.14 0.29
N GLU A 270 17.21 -29.13 0.17
CA GLU A 270 16.80 -27.74 0.38
C GLU A 270 15.64 -27.34 -0.53
N GLY A 271 14.62 -26.72 0.06
CA GLY A 271 13.46 -26.26 -0.67
C GLY A 271 12.34 -27.28 -0.72
N HIS A 272 12.61 -28.52 -0.31
CA HIS A 272 11.57 -29.57 -0.32
C HIS A 272 10.71 -29.35 0.92
N PRO A 273 9.40 -29.63 0.83
CA PRO A 273 8.67 -30.22 -0.31
C PRO A 273 8.41 -29.26 -1.48
N LEU A 274 8.40 -29.84 -2.68
CA LEU A 274 8.17 -29.09 -3.92
C LEU A 274 6.98 -29.71 -4.60
N VAL A 275 6.09 -28.89 -5.14
CA VAL A 275 5.00 -29.36 -5.95
C VAL A 275 5.21 -28.78 -7.35
N GLU A 276 5.16 -29.64 -8.36
CA GLU A 276 5.31 -29.23 -9.76
C GLU A 276 3.97 -28.75 -10.35
N VAL A 277 4.04 -27.96 -11.41
CA VAL A 277 2.85 -27.55 -12.14
C VAL A 277 2.22 -28.84 -12.70
N PRO A 278 0.89 -28.90 -12.73
CA PRO A 278 0.20 -30.11 -13.15
C PRO A 278 0.25 -30.39 -14.64
N TYR A 279 0.09 -31.64 -15.00
CA TYR A 279 -0.05 -32.03 -16.39
C TYR A 279 -1.26 -32.94 -16.48
N TRP A 280 -1.90 -32.92 -17.63
CA TRP A 280 -3.09 -33.73 -17.84
C TRP A 280 -2.67 -35.09 -18.31
N ASP A 281 -3.21 -36.12 -17.66
CA ASP A 281 -2.98 -37.50 -18.05
C ASP A 281 -4.28 -38.06 -18.62
N ASN A 282 -4.29 -38.27 -19.94
CA ASN A 282 -5.51 -38.67 -20.62
C ASN A 282 -5.91 -40.11 -20.38
N ASN A 283 -4.95 -40.96 -20.02
CA ASN A 283 -5.27 -42.35 -19.69
C ASN A 283 -6.01 -42.40 -18.37
N ALA A 284 -5.44 -41.72 -17.37
CA ALA A 284 -6.02 -41.65 -16.04
C ALA A 284 -7.21 -40.71 -15.97
N LYS A 285 -7.35 -39.83 -16.97
CA LYS A 285 -8.36 -38.75 -16.99
C LYS A 285 -8.25 -37.91 -15.72
N SER A 286 -7.02 -37.48 -15.45
CA SER A 286 -6.70 -36.72 -14.25
C SER A 286 -5.63 -35.67 -14.52
N TRP A 287 -5.60 -34.67 -13.66
CA TRP A 287 -4.50 -33.71 -13.61
C TRP A 287 -3.54 -34.21 -12.54
N ILE A 288 -2.26 -34.24 -12.89
CA ILE A 288 -1.25 -34.91 -12.10
C ILE A 288 -0.20 -33.92 -11.67
N TYR A 289 0.04 -33.82 -10.36
CA TYR A 289 1.03 -32.89 -9.79
C TYR A 289 2.17 -33.71 -9.20
N GLY A 290 3.39 -33.50 -9.68
CA GLY A 290 4.53 -34.18 -9.08
C GLY A 290 4.83 -33.53 -7.76
N VAL A 291 5.09 -34.36 -6.75
CA VAL A 291 5.39 -33.93 -5.40
C VAL A 291 6.66 -34.66 -4.96
N SER A 292 7.64 -33.87 -4.54
CA SER A 292 8.95 -34.34 -4.09
C SER A 292 9.18 -33.83 -2.69
N ASP A 293 9.65 -34.71 -1.79
CA ASP A 293 10.10 -34.34 -0.46
C ASP A 293 11.17 -35.34 -0.07
N ASP A 294 12.34 -35.19 -0.67
CA ASP A 294 13.45 -36.11 -0.56
C ASP A 294 14.18 -35.88 0.75
N ASN A 295 14.15 -36.89 1.60
CA ASN A 295 14.72 -36.78 2.94
C ASN A 295 15.19 -38.10 3.49
N THR A 296 16.05 -38.03 4.50
CA THR A 296 16.37 -39.20 5.29
C THR A 296 16.69 -38.84 6.74
N PRO A 297 16.02 -39.48 7.72
CA PRO A 297 16.47 -39.28 9.10
C PRO A 297 17.89 -39.85 9.32
N ALA A 298 18.65 -39.21 10.20
CA ALA A 298 20.02 -39.57 10.45
C ALA A 298 20.30 -39.35 11.93
N LEU A 299 20.86 -40.37 12.59
CA LEU A 299 21.27 -40.26 13.97
C LEU A 299 22.66 -39.62 13.98
N SER A 300 22.77 -38.43 14.50
CA SER A 300 24.03 -37.70 14.47
C SER A 300 24.82 -37.78 15.78
N GLY A 301 24.13 -37.70 16.91
CA GLY A 301 24.74 -37.68 18.24
C GLY A 301 24.17 -38.72 19.22
N MSE A 302 24.66 -39.94 19.13
CA MSE A 302 24.22 -41.02 19.96
C MSE A 302 24.24 -40.69 21.47
O MSE A 302 23.32 -41.04 22.19
CB MSE A 302 25.06 -42.27 19.67
CG MSE A 302 24.67 -43.48 20.54
SE MSE A 302 25.61 -43.51 22.28
CE MSE A 302 27.30 -43.99 21.46
N LEU A 303 25.27 -39.98 21.93
CA LEU A 303 25.42 -39.68 23.34
C LEU A 303 24.31 -38.74 23.83
N ALA A 304 23.61 -38.14 22.87
CA ALA A 304 22.45 -37.27 23.16
C ALA A 304 21.16 -38.06 23.25
N GLY A 305 21.22 -39.37 23.06
CA GLY A 305 20.04 -40.25 23.15
C GLY A 305 20.17 -41.40 24.17
N TYR A 306 19.04 -41.95 24.60
CA TYR A 306 19.01 -43.06 25.57
C TYR A 306 17.78 -43.87 25.29
N LEU A 307 17.95 -45.18 25.14
CA LEU A 307 16.83 -46.09 24.82
C LEU A 307 16.46 -47.04 25.98
N ILE A 308 15.17 -47.09 26.32
CA ILE A 308 14.63 -48.00 27.31
C ILE A 308 13.68 -48.94 26.54
N GLU A 309 14.19 -50.11 26.21
CA GLU A 309 13.43 -51.10 25.48
C GLU A 309 12.43 -51.84 26.35
N ASP A 310 11.29 -52.16 25.75
CA ASP A 310 10.32 -53.10 26.31
C ASP A 310 9.60 -52.66 27.58
N ALA A 311 9.62 -51.36 27.86
CA ALA A 311 8.93 -50.80 29.03
C ALA A 311 7.43 -51.12 29.03
N GLY A 312 6.78 -51.02 27.87
CA GLY A 312 5.33 -51.25 27.74
C GLY A 312 4.87 -52.70 27.52
N LEU A 313 5.81 -53.65 27.50
CA LEU A 313 5.40 -55.05 27.35
C LEU A 313 4.90 -55.63 28.66
N PRO A 314 4.04 -56.66 28.61
CA PRO A 314 3.54 -57.34 29.82
C PRO A 314 4.68 -57.91 30.67
N ALA A 315 4.62 -57.82 32.00
CA ALA A 315 5.73 -58.30 32.86
C ALA A 315 5.88 -59.82 32.83
N GLN B 9 -35.01 15.80 6.76
CA GLN B 9 -33.73 16.11 6.07
C GLN B 9 -32.55 15.52 6.83
N ALA B 10 -31.57 15.01 6.08
CA ALA B 10 -30.36 14.45 6.69
C ALA B 10 -29.46 15.61 7.13
N ARG B 11 -28.62 15.33 8.11
CA ARG B 11 -27.65 16.29 8.61
C ARG B 11 -26.29 15.77 8.14
N VAL B 12 -25.31 16.66 8.02
CA VAL B 12 -24.00 16.22 7.54
C VAL B 12 -23.27 15.43 8.65
N VAL B 13 -22.99 14.16 8.38
CA VAL B 13 -22.42 13.26 9.37
C VAL B 13 -20.90 13.31 9.40
N ASP B 14 -20.35 13.22 10.60
CA ASP B 14 -18.93 13.13 10.83
C ASP B 14 -18.62 11.62 10.94
N PRO B 15 -18.01 11.03 9.88
CA PRO B 15 -17.81 9.58 9.89
C PRO B 15 -16.83 9.02 10.95
N ILE B 16 -15.81 9.80 11.30
CA ILE B 16 -14.82 9.36 12.25
C ILE B 16 -15.46 9.34 13.65
N LEU B 17 -16.20 10.39 13.99
CA LEU B 17 -16.87 10.46 15.29
C LEU B 17 -18.06 9.51 15.36
N SER B 18 -18.71 9.25 14.24
CA SER B 18 -19.76 8.23 14.17
C SER B 18 -19.24 6.82 14.40
N THR B 19 -18.12 6.46 13.78
CA THR B 19 -17.44 5.19 14.05
C THR B 19 -17.07 5.07 15.53
N HIS B 20 -16.53 6.16 16.09
CA HIS B 20 -16.23 6.19 17.50
C HIS B 20 -17.45 5.92 18.36
N ALA B 21 -18.58 6.54 18.01
CA ALA B 21 -19.84 6.38 18.73
C ALA B 21 -20.32 4.93 18.68
N ARG B 22 -20.15 4.28 17.53
CA ARG B 22 -20.57 2.89 17.36
C ARG B 22 -19.73 1.91 18.15
N GLY B 23 -18.54 2.32 18.56
CA GLY B 23 -17.67 1.47 19.35
C GLY B 23 -17.83 1.68 20.83
N TYR B 24 -18.71 2.60 21.23
CA TYR B 24 -18.93 2.97 22.63
C TYR B 24 -19.53 1.81 23.42
N ARG B 25 -18.92 1.49 24.57
CA ARG B 25 -19.37 0.38 25.42
C ARG B 25 -19.54 0.81 26.87
N GLN B 26 -20.57 0.27 27.53
CA GLN B 26 -20.81 0.42 28.96
C GLN B 26 -20.99 -0.97 29.52
N SER B 27 -19.89 -1.56 29.97
CA SER B 27 -19.90 -2.97 30.35
C SER B 27 -20.76 -3.34 31.56
N THR B 28 -21.05 -2.37 32.43
CA THR B 28 -21.91 -2.63 33.60
C THR B 28 -23.38 -2.42 33.33
N LEU B 29 -23.72 -1.92 32.13
CA LEU B 29 -25.10 -1.82 31.70
C LEU B 29 -25.42 -3.11 30.96
N ILE B 30 -26.61 -3.67 31.23
CA ILE B 30 -26.95 -4.98 30.70
C ILE B 30 -28.23 -5.02 29.83
N GLY B 31 -28.84 -3.89 29.56
CA GLY B 31 -30.09 -3.87 28.80
C GLY B 31 -29.96 -4.52 27.44
N LYS B 32 -28.84 -4.25 26.77
CA LYS B 32 -28.58 -4.82 25.44
C LYS B 32 -28.37 -6.33 25.46
N LYS B 33 -28.19 -6.91 26.65
CA LYS B 33 -28.08 -8.36 26.79
C LYS B 33 -29.47 -9.00 26.75
N LEU B 34 -30.47 -8.22 27.11
CA LEU B 34 -31.86 -8.68 27.06
C LEU B 34 -32.59 -8.23 25.79
N PHE B 35 -32.17 -7.07 25.28
CA PHE B 35 -32.75 -6.41 24.10
C PHE B 35 -31.64 -6.00 23.10
N PRO B 36 -31.08 -7.00 22.38
CA PRO B 36 -29.98 -6.64 21.51
C PRO B 36 -30.40 -5.65 20.43
N VAL B 37 -29.47 -4.77 20.08
CA VAL B 37 -29.71 -3.75 19.08
C VAL B 37 -29.85 -4.33 17.68
N ALA B 38 -30.97 -4.01 17.05
CA ALA B 38 -31.27 -4.53 15.71
C ALA B 38 -31.86 -3.41 14.87
N PRO B 39 -31.34 -3.21 13.65
CA PRO B 39 -31.78 -2.09 12.81
C PRO B 39 -33.17 -2.16 12.20
N VAL B 40 -33.84 -1.01 12.26
CA VAL B 40 -35.11 -0.78 11.55
C VAL B 40 -35.01 0.55 10.82
N ALA B 41 -35.96 0.80 9.92
CA ALA B 41 -35.98 2.04 9.15
C ALA B 41 -37.10 2.98 9.57
N GLN B 42 -38.22 2.41 10.03
CA GLN B 42 -39.43 3.17 10.41
CA GLN B 42 -39.37 3.24 10.39
C GLN B 42 -39.40 3.59 11.88
N TYR B 43 -39.69 4.86 12.16
CA TYR B 43 -39.82 5.37 13.52
C TYR B 43 -41.08 4.85 14.22
N GLY B 44 -42.06 4.43 13.45
CA GLY B 44 -43.27 3.86 14.02
C GLY B 44 -43.68 2.62 13.24
N GLY B 45 -44.31 1.69 13.91
CA GLY B 45 -44.66 0.45 13.25
C GLY B 45 -45.16 -0.54 14.25
N LYS B 46 -45.17 -1.80 13.84
CA LYS B 46 -45.64 -2.92 14.66
C LYS B 46 -44.47 -3.83 15.08
N ILE B 47 -44.45 -4.24 16.35
CA ILE B 47 -43.41 -5.15 16.82
C ILE B 47 -43.62 -6.51 16.17
N LEU B 48 -42.55 -7.02 15.56
CA LEU B 48 -42.58 -8.33 14.95
C LEU B 48 -42.52 -9.32 16.12
N THR B 49 -43.63 -10.04 16.33
CA THR B 49 -43.87 -10.78 17.57
C THR B 49 -43.78 -12.28 17.37
N PHE B 50 -43.24 -12.96 18.37
CA PHE B 50 -43.02 -14.40 18.29
C PHE B 50 -43.77 -15.16 19.36
N GLY B 51 -44.84 -15.83 18.95
CA GLY B 51 -45.62 -16.65 19.85
C GLY B 51 -45.14 -18.09 19.82
N LYS B 52 -45.98 -18.97 20.32
CA LYS B 52 -45.61 -20.37 20.35
C LYS B 52 -45.37 -20.88 18.93
N GLU B 53 -46.21 -20.50 17.97
CA GLU B 53 -46.06 -20.99 16.59
C GLU B 53 -44.74 -20.51 15.99
N ALA B 54 -44.43 -19.24 16.18
CA ALA B 54 -43.16 -18.67 15.67
C ALA B 54 -41.99 -19.53 16.08
N PHE B 55 -41.89 -19.81 17.37
CA PHE B 55 -40.77 -20.63 17.83
C PHE B 55 -40.92 -22.07 17.38
N ARG B 56 -42.14 -22.57 17.21
CA ARG B 56 -42.28 -23.93 16.69
C ARG B 56 -41.61 -23.90 15.30
N LEU B 57 -42.13 -23.03 14.43
CA LEU B 57 -41.61 -22.90 13.06
C LEU B 57 -40.09 -22.70 13.01
N TYR B 58 -39.59 -21.84 13.89
CA TYR B 58 -38.15 -21.57 13.93
C TYR B 58 -37.33 -22.85 14.01
N ASN B 59 -37.80 -23.83 14.77
CA ASN B 59 -37.06 -25.07 14.93
C ASN B 59 -37.74 -26.31 14.31
N THR B 60 -38.57 -26.08 13.30
CA THR B 60 -39.20 -27.16 12.53
C THR B 60 -38.28 -27.43 11.34
N LYS B 61 -37.98 -28.70 11.09
CA LYS B 61 -37.07 -29.06 9.98
C LYS B 61 -37.72 -28.91 8.60
N ARG B 62 -36.94 -28.40 7.63
CA ARG B 62 -37.42 -28.19 6.26
C ARG B 62 -36.72 -29.13 5.28
N ASN B 67 -44.18 -25.44 -0.58
CA ASN B 67 -44.05 -24.51 -1.70
C ASN B 67 -43.97 -23.05 -1.24
N THR B 68 -42.88 -22.74 -0.55
CA THR B 68 -42.50 -21.37 -0.20
C THR B 68 -40.99 -21.41 -0.01
N LYS B 69 -40.28 -20.62 -0.81
CA LYS B 69 -38.83 -20.53 -0.73
C LYS B 69 -38.40 -19.57 0.36
N ARG B 70 -39.31 -18.69 0.78
CA ARG B 70 -38.99 -17.62 1.73
C ARG B 70 -39.35 -18.04 3.15
N ILE B 71 -38.63 -17.47 4.10
CA ILE B 71 -38.73 -17.86 5.52
C ILE B 71 -39.23 -16.66 6.35
N ASP B 72 -40.36 -16.81 7.03
CA ASP B 72 -40.92 -15.80 7.96
C ASP B 72 -41.40 -16.53 9.20
N PHE B 73 -41.17 -15.96 10.38
CA PHE B 73 -41.56 -16.59 11.64
C PHE B 73 -42.59 -15.84 12.46
N GLY B 74 -42.46 -14.51 12.54
CA GLY B 74 -43.30 -13.71 13.42
C GLY B 74 -44.56 -13.18 12.81
N TYR B 75 -45.32 -12.44 13.61
CA TYR B 75 -46.54 -11.73 13.18
C TYR B 75 -46.49 -10.28 13.69
N GLU B 76 -47.29 -9.39 13.11
CA GLU B 76 -47.38 -7.98 13.52
C GLU B 76 -48.15 -7.88 14.82
N GLY B 77 -47.51 -7.36 15.85
CA GLY B 77 -48.13 -7.25 17.16
C GLY B 77 -48.44 -5.83 17.54
N ASP B 78 -48.12 -5.48 18.78
CA ASP B 78 -48.38 -4.17 19.32
C ASP B 78 -47.49 -3.13 18.63
N PRO B 79 -47.98 -1.89 18.52
CA PRO B 79 -47.21 -0.85 17.89
C PRO B 79 -45.96 -0.49 18.70
N TYR B 80 -44.96 0.04 18.01
CA TYR B 80 -43.77 0.58 18.66
C TYR B 80 -43.66 1.99 18.18
N SER B 81 -42.95 2.80 18.94
CA SER B 81 -42.68 4.18 18.54
C SER B 81 -41.30 4.52 19.00
N ILE B 82 -40.45 4.93 18.06
CA ILE B 82 -39.14 5.47 18.37
C ILE B 82 -39.33 6.96 18.38
N VAL B 83 -38.98 7.60 19.49
CA VAL B 83 -39.10 9.04 19.62
C VAL B 83 -37.75 9.70 19.29
N PRO B 84 -37.73 10.62 18.30
CA PRO B 84 -36.50 11.32 18.00
C PRO B 84 -35.99 12.01 19.25
N SER B 85 -34.77 11.68 19.66
CA SER B 85 -34.28 12.16 20.93
C SER B 85 -32.82 12.56 20.89
N ALA B 86 -32.43 13.25 19.82
CA ALA B 86 -31.06 13.68 19.61
C ALA B 86 -30.63 14.66 20.69
N LEU B 87 -29.36 14.60 21.05
CA LEU B 87 -28.80 15.52 22.03
C LEU B 87 -27.67 16.24 21.33
N GLU B 88 -27.04 17.18 22.03
CA GLU B 88 -25.94 17.94 21.50
C GLU B 88 -24.71 17.80 22.41
N ALA B 89 -23.64 17.23 21.85
CA ALA B 89 -22.34 17.18 22.53
C ALA B 89 -21.72 18.56 22.44
N LYS B 90 -20.95 18.94 23.46
CA LYS B 90 -20.49 20.32 23.56
C LYS B 90 -19.02 20.38 23.94
N VAL B 91 -18.21 21.11 23.16
CA VAL B 91 -16.81 21.33 23.49
C VAL B 91 -16.65 22.83 23.76
N PRO B 92 -16.49 23.21 25.03
CA PRO B 92 -16.36 24.60 25.42
C PRO B 92 -15.00 25.18 25.09
N ARG B 93 -14.95 26.47 24.76
CA ARG B 93 -13.73 27.10 24.30
C ARG B 93 -12.61 27.09 25.35
N GLU B 94 -12.99 26.98 26.62
CA GLU B 94 -12.02 26.95 27.73
C GLU B 94 -11.10 25.75 27.65
N LEU B 95 -11.59 24.68 27.05
CA LEU B 95 -10.79 23.46 26.86
C LEU B 95 -9.86 23.48 25.63
N MSE B 96 -9.90 24.56 24.86
CA MSE B 96 -9.14 24.66 23.63
C MSE B 96 -8.15 25.80 23.66
O MSE B 96 -8.47 26.88 24.12
CB MSE B 96 -10.07 24.89 22.48
CG MSE B 96 -11.16 23.85 22.39
SE MSE B 96 -12.24 24.26 20.91
CE MSE B 96 -13.45 25.05 21.58
N ARG B 97 -6.95 25.54 23.17
CA ARG B 97 -5.93 26.60 23.07
C ARG B 97 -6.39 27.66 22.06
N ASP B 98 -6.89 27.20 20.90
CA ASP B 98 -7.39 28.08 19.86
C ASP B 98 -8.80 27.62 19.51
N ALA B 99 -9.79 28.33 20.05
CA ALA B 99 -11.20 27.99 19.86
C ALA B 99 -11.73 28.37 18.50
N SER B 100 -10.97 29.14 17.72
CA SER B 100 -11.39 29.52 16.37
C SER B 100 -11.35 28.32 15.42
N GLN B 101 -10.63 27.28 15.80
CA GLN B 101 -10.50 26.08 14.99
C GLN B 101 -11.41 24.94 15.49
N VAL B 102 -11.84 24.11 14.56
CA VAL B 102 -12.74 23.01 14.87
C VAL B 102 -12.01 22.05 15.80
N PRO B 103 -12.68 21.57 16.86
CA PRO B 103 -11.92 20.75 17.80
C PRO B 103 -11.29 19.47 17.21
N GLY B 104 -10.24 18.99 17.86
CA GLY B 104 -9.61 17.74 17.50
C GLY B 104 -10.48 16.55 17.86
N ILE B 105 -10.21 15.42 17.23
CA ILE B 105 -10.96 14.21 17.44
C ILE B 105 -10.96 13.80 18.91
N ASP B 106 -9.89 14.12 19.64
CA ASP B 106 -9.85 13.77 21.06
C ASP B 106 -10.87 14.58 21.88
N LEU B 107 -11.02 15.87 21.60
CA LEU B 107 -12.00 16.66 22.35
C LEU B 107 -13.42 16.33 21.86
N GLY B 108 -13.62 16.20 20.54
CA GLY B 108 -14.93 15.86 20.00
C GLY B 108 -15.44 14.54 20.55
N ALA B 109 -14.59 13.52 20.53
CA ALA B 109 -14.95 12.17 21.06
C ALA B 109 -15.38 12.23 22.50
N ARG B 110 -14.64 12.97 23.33
CA ARG B 110 -14.99 13.08 24.74
C ARG B 110 -16.35 13.72 24.93
N SER B 111 -16.61 14.79 24.18
CA SER B 111 -17.89 15.47 24.29
C SER B 111 -19.04 14.55 23.89
N VAL B 112 -18.79 13.70 22.89
CA VAL B 112 -19.79 12.73 22.43
C VAL B 112 -20.08 11.65 23.46
N ASN B 113 -19.04 11.18 24.16
CA ASN B 113 -19.19 10.17 25.18
C ASN B 113 -20.19 10.59 26.27
N THR B 114 -20.16 11.87 26.64
CA THR B 114 -21.10 12.43 27.60
C THR B 114 -22.57 12.19 27.23
N VAL B 115 -22.96 12.42 25.98
CA VAL B 115 -24.34 12.24 25.56
C VAL B 115 -24.69 10.76 25.33
N LEU B 116 -23.73 9.98 24.86
CA LEU B 116 -23.91 8.54 24.69
C LEU B 116 -24.18 7.86 26.04
N ARG B 117 -23.56 8.34 27.10
CA ARG B 117 -23.79 7.77 28.46
C ARG B 117 -25.21 8.05 28.91
N ILE B 118 -25.66 9.28 28.69
CA ILE B 118 -27.03 9.69 29.02
C ILE B 118 -28.04 8.81 28.29
N MSE B 119 -27.78 8.59 27.01
CA MSE B 119 -28.64 7.75 26.20
C MSE B 119 -28.55 6.28 26.62
O MSE B 119 -29.53 5.55 26.55
CB MSE B 119 -28.26 7.94 24.74
CG MSE B 119 -28.71 9.27 24.13
SE MSE B 119 -27.94 9.49 22.38
CE MSE B 119 -28.59 11.22 22.01
N ALA B 120 -27.34 5.85 27.05
CA ALA B 120 -27.13 4.50 27.61
C ALA B 120 -27.95 4.28 28.90
N LEU B 121 -27.94 5.24 29.80
CA LEU B 121 -28.68 5.05 31.07
C LEU B 121 -30.19 5.05 30.84
N ALA B 122 -30.68 5.88 29.90
CA ALA B 122 -32.09 5.93 29.55
C ALA B 122 -32.52 4.59 29.03
N HIS B 123 -31.75 4.06 28.10
CA HIS B 123 -31.98 2.73 27.53
C HIS B 123 -32.06 1.62 28.59
N GLU B 124 -31.10 1.63 29.48
CA GLU B 124 -31.03 0.65 30.56
C GLU B 124 -32.34 0.64 31.37
N HIS B 125 -32.80 1.84 31.72
CA HIS B 125 -34.06 2.00 32.40
C HIS B 125 -35.26 1.54 31.56
N GLU B 126 -35.32 1.92 30.30
CA GLU B 126 -36.44 1.48 29.45
C GLU B 126 -36.50 -0.05 29.30
N CYS B 127 -35.34 -0.68 29.24
CA CYS B 127 -35.27 -2.14 29.15
C CYS B 127 -35.86 -2.79 30.41
N ALA B 128 -35.48 -2.29 31.57
CA ALA B 128 -35.95 -2.79 32.87
C ALA B 128 -37.47 -2.59 33.00
N GLN B 129 -37.96 -1.45 32.52
CA GLN B 129 -39.41 -1.16 32.55
C GLN B 129 -40.22 -2.19 31.80
N ILE B 130 -39.65 -2.75 30.74
CA ILE B 130 -40.33 -3.74 29.94
C ILE B 130 -40.15 -5.14 30.50
N ALA B 131 -38.90 -5.56 30.62
CA ALA B 131 -38.57 -6.91 31.07
C ALA B 131 -39.10 -7.26 32.46
N LEU B 132 -39.16 -6.27 33.35
CA LEU B 132 -39.56 -6.50 34.74
C LEU B 132 -41.00 -6.15 35.05
N ASP B 133 -41.82 -5.97 34.02
CA ASP B 133 -43.22 -5.64 34.21
C ASP B 133 -44.08 -6.92 34.16
N PRO B 134 -44.66 -7.33 35.31
CA PRO B 134 -45.42 -8.58 35.35
C PRO B 134 -46.68 -8.60 34.50
N ALA B 135 -47.16 -7.42 34.14
CA ALA B 135 -48.33 -7.29 33.26
C ALA B 135 -48.02 -7.74 31.82
N LYS B 136 -46.75 -7.94 31.49
CA LYS B 136 -46.35 -8.40 30.18
C LYS B 136 -46.18 -9.90 30.07
N TYR B 137 -46.35 -10.63 31.17
CA TYR B 137 -46.14 -12.08 31.23
C TYR B 137 -47.41 -12.80 31.58
N ASN B 138 -47.63 -13.96 30.98
CA ASN B 138 -48.80 -14.77 31.36
C ASN B 138 -48.42 -15.49 32.67
N ALA B 139 -49.39 -16.16 33.29
CA ALA B 139 -49.19 -16.76 34.62
C ALA B 139 -48.07 -17.80 34.69
N ASP B 140 -47.88 -18.57 33.62
CA ASP B 140 -46.85 -19.61 33.58
C ASP B 140 -45.43 -19.05 33.40
N HIS B 141 -45.31 -17.76 33.11
CA HIS B 141 -43.99 -17.14 32.85
C HIS B 141 -43.61 -16.08 33.88
N LYS B 142 -44.16 -16.21 35.10
CA LYS B 142 -43.81 -15.30 36.19
C LYS B 142 -44.15 -15.87 37.56
N VAL B 143 -43.46 -15.38 38.58
CA VAL B 143 -43.73 -15.72 39.96
C VAL B 143 -43.42 -14.50 40.82
N LYS B 144 -44.10 -14.36 41.93
CA LYS B 144 -43.83 -13.27 42.87
C LYS B 144 -43.52 -13.91 44.21
N LEU B 145 -42.28 -13.76 44.67
CA LEU B 145 -41.80 -14.43 45.86
C LEU B 145 -42.20 -13.62 47.08
N VAL B 146 -42.80 -14.28 48.06
CA VAL B 146 -43.33 -13.63 49.26
C VAL B 146 -42.72 -14.30 50.47
N GLY B 147 -42.43 -13.50 51.49
CA GLY B 147 -41.93 -14.00 52.75
C GLY B 147 -40.73 -14.92 52.65
N SER B 148 -40.86 -16.13 53.15
CA SER B 148 -39.73 -17.06 53.22
C SER B 148 -39.37 -17.68 51.87
N ALA B 149 -40.14 -17.39 50.83
CA ALA B 149 -39.80 -17.82 49.48
C ALA B 149 -38.74 -16.88 48.88
N ARG B 150 -38.61 -15.68 49.45
CA ARG B 150 -37.63 -14.70 48.97
C ARG B 150 -36.22 -15.20 49.21
N TRP B 151 -35.31 -14.82 48.33
CA TRP B 151 -33.95 -15.38 48.34
C TRP B 151 -33.10 -14.90 49.53
N THR B 152 -33.60 -13.91 50.26
CA THR B 152 -32.98 -13.44 51.48
C THR B 152 -33.28 -14.37 52.67
N SER B 153 -34.30 -15.21 52.54
CA SER B 153 -34.61 -16.17 53.59
C SER B 153 -33.77 -17.42 53.41
N PRO B 154 -33.26 -17.98 54.52
CA PRO B 154 -32.54 -19.26 54.45
C PRO B 154 -33.45 -20.44 54.05
N ASP B 155 -34.76 -20.25 54.18
CA ASP B 155 -35.77 -21.26 53.84
C ASP B 155 -36.11 -21.32 52.36
N SER B 156 -35.64 -20.34 51.59
CA SER B 156 -35.92 -20.28 50.17
C SER B 156 -35.07 -21.29 49.37
N ASP B 157 -35.43 -21.45 48.11
CA ASP B 157 -34.73 -22.36 47.20
C ASP B 157 -34.52 -21.71 45.81
N PRO B 158 -33.51 -20.85 45.68
CA PRO B 158 -33.19 -20.21 44.40
C PRO B 158 -33.06 -21.18 43.23
N THR B 159 -32.36 -22.28 43.47
CA THR B 159 -32.13 -23.27 42.42
C THR B 159 -33.46 -23.78 41.87
N LYS B 160 -34.40 -24.13 42.75
CA LYS B 160 -35.73 -24.60 42.33
C LYS B 160 -36.53 -23.55 41.53
N ASP B 161 -36.40 -22.29 41.91
CA ASP B 161 -37.06 -21.19 41.21
C ASP B 161 -36.51 -21.02 39.78
N VAL B 162 -35.18 -21.05 39.70
CA VAL B 162 -34.46 -20.97 38.45
C VAL B 162 -34.75 -22.19 37.54
N GLU B 163 -34.82 -23.39 38.10
CA GLU B 163 -35.15 -24.57 37.30
C GLU B 163 -36.60 -24.52 36.79
N THR B 164 -37.50 -24.04 37.64
CA THR B 164 -38.91 -23.89 37.26
C THR B 164 -39.00 -22.91 36.07
N ALA B 165 -38.25 -21.80 36.15
CA ALA B 165 -38.17 -20.79 35.08
C ALA B 165 -37.64 -21.36 33.75
N LYS B 166 -36.56 -22.14 33.83
CA LYS B 166 -35.97 -22.79 32.68
C LYS B 166 -36.94 -23.72 31.98
N GLU B 167 -37.61 -24.55 32.77
CA GLU B 167 -38.59 -25.51 32.26
C GLU B 167 -39.79 -24.83 31.59
N ALA B 168 -40.24 -23.73 32.17
CA ALA B 168 -41.35 -22.95 31.60
C ALA B 168 -40.99 -22.43 30.19
N ILE B 169 -39.79 -21.88 30.05
CA ILE B 169 -39.32 -21.36 28.76
C ILE B 169 -39.11 -22.53 27.77
N ALA B 170 -38.31 -23.51 28.17
CA ALA B 170 -38.01 -24.66 27.33
C ALA B 170 -39.28 -25.37 26.82
N ASP B 171 -40.29 -25.49 27.68
CA ASP B 171 -41.55 -26.12 27.27
CA ASP B 171 -41.59 -26.09 27.30
C ASP B 171 -42.32 -25.21 26.31
N SER B 172 -42.11 -23.90 26.40
CA SER B 172 -42.81 -22.95 25.50
C SER B 172 -42.20 -22.78 24.11
N ILE B 173 -40.87 -22.72 24.05
CA ILE B 173 -40.17 -22.42 22.80
C ILE B 173 -39.21 -23.51 22.30
N GLY B 174 -39.11 -24.59 23.06
CA GLY B 174 -38.29 -25.75 22.68
C GLY B 174 -36.80 -25.56 22.87
N MSE B 175 -36.40 -24.45 23.47
CA MSE B 175 -34.99 -24.10 23.69
C MSE B 175 -34.78 -23.68 25.13
O MSE B 175 -35.70 -23.18 25.79
CB MSE B 175 -34.59 -22.93 22.83
CG MSE B 175 -34.69 -23.26 21.39
SE MSE B 175 -33.75 -21.98 20.38
CE MSE B 175 -34.99 -20.70 20.00
N GLU B 176 -33.56 -23.87 25.62
CA GLU B 176 -33.22 -23.45 26.98
C GLU B 176 -32.99 -21.94 26.99
N PRO B 177 -33.37 -21.27 28.08
CA PRO B 177 -32.92 -19.89 28.16
C PRO B 177 -31.39 -19.80 28.24
N ASN B 178 -30.83 -18.76 27.65
CA ASN B 178 -29.38 -18.56 27.62
C ASN B 178 -28.92 -17.33 28.39
N ARG B 179 -29.86 -16.59 28.99
CA ARG B 179 -29.55 -15.39 29.76
C ARG B 179 -30.28 -15.46 31.08
N LEU B 180 -29.58 -15.15 32.17
CA LEU B 180 -30.16 -15.01 33.48
C LEU B 180 -29.69 -13.67 34.05
N MSE B 181 -30.65 -12.83 34.39
CA MSE B 181 -30.37 -11.53 34.99
C MSE B 181 -30.59 -11.65 36.51
O MSE B 181 -31.68 -12.02 36.96
CB MSE B 181 -31.30 -10.48 34.42
CG MSE B 181 -30.90 -9.04 34.68
SE MSE B 181 -31.26 -8.36 36.43
CE MSE B 181 -33.23 -8.70 36.53
N LEU B 182 -29.53 -11.37 37.28
CA LEU B 182 -29.62 -11.26 38.73
C LEU B 182 -29.48 -9.80 39.05
N SER B 183 -30.50 -9.23 39.67
CA SER B 183 -30.34 -7.90 40.20
C SER B 183 -29.24 -7.94 41.26
N ARG B 184 -28.68 -6.79 41.54
CA ARG B 184 -27.69 -6.58 42.57
C ARG B 184 -28.15 -7.25 43.89
N LYS B 185 -29.36 -6.91 44.32
CA LYS B 185 -29.95 -7.46 45.55
C LYS B 185 -30.14 -8.98 45.53
N ALA B 186 -30.54 -9.54 44.39
CA ALA B 186 -30.69 -11.00 44.28
C ALA B 186 -29.34 -11.70 44.34
N LEU B 187 -28.32 -11.13 43.71
CA LEU B 187 -26.96 -11.70 43.77
C LEU B 187 -26.44 -11.68 45.19
N SER B 188 -26.67 -10.57 45.90
CA SER B 188 -26.21 -10.46 47.29
CA SER B 188 -26.24 -10.44 47.30
C SER B 188 -26.86 -11.53 48.15
N ALA B 189 -28.16 -11.76 47.93
CA ALA B 189 -28.89 -12.80 48.67
C ALA B 189 -28.26 -14.17 48.41
N CYS B 190 -27.87 -14.42 47.16
CA CYS B 190 -27.26 -15.68 46.76
C CYS B 190 -25.92 -15.90 47.47
N LYS B 191 -25.14 -14.83 47.62
CA LYS B 191 -23.87 -14.91 48.34
C LYS B 191 -24.08 -15.30 49.81
N TYR B 192 -25.18 -14.85 50.44
CA TYR B 192 -25.52 -15.23 51.83
C TYR B 192 -26.45 -16.44 51.97
N HIS B 193 -26.74 -17.15 50.88
CA HIS B 193 -27.72 -18.23 50.93
C HIS B 193 -27.13 -19.58 51.38
N PRO B 194 -27.66 -20.17 52.49
CA PRO B 194 -27.06 -21.38 53.07
C PRO B 194 -27.00 -22.58 52.12
N LYS B 195 -27.97 -22.72 51.23
CA LYS B 195 -27.90 -23.79 50.25
C LYS B 195 -26.73 -23.56 49.31
N LEU B 196 -26.53 -22.30 48.92
CA LEU B 196 -25.47 -21.97 47.97
C LEU B 196 -24.12 -21.86 48.67
N ILE B 197 -24.07 -21.27 49.86
CA ILE B 197 -22.83 -21.18 50.65
C ILE B 197 -22.25 -22.57 50.88
N GLU B 198 -23.12 -23.56 51.05
CA GLU B 198 -22.68 -24.93 51.21
C GLU B 198 -22.00 -25.45 49.94
N ARG B 199 -22.52 -25.08 48.78
CA ARG B 199 -21.90 -25.47 47.51
C ARG B 199 -20.46 -24.91 47.34
N VAL B 200 -20.25 -23.66 47.75
CA VAL B 200 -18.94 -22.99 47.66
C VAL B 200 -18.00 -23.60 48.67
N LYS B 201 -18.57 -24.02 49.82
CA LYS B 201 -17.83 -24.69 50.90
C LYS B 201 -17.07 -25.95 50.44
N TYR B 202 -17.46 -26.52 49.29
CA TYR B 202 -16.80 -27.72 48.74
C TYR B 202 -15.69 -27.39 47.78
N THR B 203 -15.55 -26.11 47.39
CA THR B 203 -14.58 -25.66 46.39
C THR B 203 -13.46 -24.87 47.05
N ARG B 204 -12.64 -24.20 46.25
CA ARG B 204 -11.63 -23.26 46.78
C ARG B 204 -11.95 -21.79 46.54
N ALA B 205 -13.21 -21.49 46.21
CA ALA B 205 -13.65 -20.13 46.01
C ALA B 205 -13.85 -19.44 47.37
N GLU B 206 -13.36 -18.21 47.47
CA GLU B 206 -13.50 -17.36 48.67
C GLU B 206 -14.96 -16.89 48.83
N SER B 207 -15.69 -16.83 47.71
CA SER B 207 -17.08 -16.37 47.70
C SER B 207 -17.90 -17.08 46.63
N ILE B 208 -19.21 -16.92 46.70
CA ILE B 208 -20.13 -17.42 45.66
C ILE B 208 -20.03 -16.46 44.49
N THR B 209 -19.70 -16.99 43.32
CA THR B 209 -19.49 -16.16 42.12
C THR B 209 -20.54 -16.48 41.05
N ILE B 210 -20.70 -15.57 40.09
CA ILE B 210 -21.61 -15.83 38.98
C ILE B 210 -21.11 -16.99 38.12
N ASP B 211 -19.80 -17.24 38.11
CA ASP B 211 -19.28 -18.41 37.37
C ASP B 211 -19.73 -19.72 38.00
N MSE B 212 -19.83 -19.78 39.32
CA MSE B 212 -20.34 -20.99 39.95
CA MSE B 212 -20.36 -20.96 40.03
C MSE B 212 -21.83 -21.16 39.69
O MSE B 212 -22.30 -22.25 39.40
CB MSE B 212 -20.03 -21.03 41.43
CB MSE B 212 -20.24 -20.78 41.56
CG MSE B 212 -18.66 -21.63 41.72
CG MSE B 212 -20.70 -21.98 42.42
SE MSE B 212 -18.16 -21.51 43.58
SE MSE B 212 -20.66 -21.66 44.39
CE MSE B 212 -17.82 -19.57 43.68
CE MSE B 212 -22.44 -20.83 44.60
N LEU B 213 -22.59 -20.06 39.77
CA LEU B 213 -24.03 -20.09 39.52
C LEU B 213 -24.36 -20.47 38.09
N LYS B 214 -23.55 -20.03 37.12
CA LYS B 214 -23.66 -20.46 35.71
C LYS B 214 -23.60 -21.95 35.58
N ALA B 215 -22.55 -22.55 36.15
CA ALA B 215 -22.37 -24.00 36.13
C ALA B 215 -23.49 -24.70 36.90
N LEU B 216 -23.77 -24.22 38.12
CA LEU B 216 -24.82 -24.81 38.97
C LEU B 216 -26.17 -24.79 38.28
N TRP B 217 -26.54 -23.64 37.74
CA TRP B 217 -27.85 -23.46 37.08
C TRP B 217 -27.87 -23.72 35.59
N GLU B 218 -26.70 -24.04 35.03
CA GLU B 218 -26.57 -24.38 33.61
C GLU B 218 -27.27 -23.38 32.68
N VAL B 219 -26.88 -22.11 32.83
CA VAL B 219 -27.32 -21.03 31.94
CA VAL B 219 -27.33 -21.05 31.94
C VAL B 219 -26.06 -20.47 31.32
N GLU B 220 -26.10 -20.25 30.00
CA GLU B 220 -24.94 -19.79 29.25
C GLU B 220 -24.29 -18.52 29.78
N GLU B 221 -25.10 -17.54 30.16
CA GLU B 221 -24.59 -16.28 30.65
C GLU B 221 -25.47 -15.70 31.74
N ILE B 222 -24.83 -15.25 32.82
CA ILE B 222 -25.50 -14.54 33.89
C ILE B 222 -25.02 -13.10 33.81
N VAL B 223 -25.98 -12.18 33.84
CA VAL B 223 -25.71 -10.75 33.78
C VAL B 223 -26.30 -10.11 35.05
N VAL B 224 -25.60 -9.15 35.62
CA VAL B 224 -25.98 -8.56 36.89
C VAL B 224 -26.45 -7.13 36.71
N GLY B 225 -27.65 -6.84 37.20
CA GLY B 225 -28.27 -5.54 37.10
C GLY B 225 -27.85 -4.66 38.25
N THR B 226 -26.83 -3.86 37.99
CA THR B 226 -26.20 -2.99 39.00
C THR B 226 -26.58 -1.52 38.94
N ALA B 227 -27.01 -1.07 37.76
CA ALA B 227 -27.31 0.34 37.53
C ALA B 227 -28.33 0.88 38.53
N ARG B 228 -28.09 2.11 38.99
CA ARG B 228 -28.99 2.83 39.84
C ARG B 228 -29.24 4.18 39.20
N VAL B 229 -30.41 4.74 39.47
CA VAL B 229 -30.83 6.02 38.93
C VAL B 229 -31.45 6.82 40.07
N ALA B 230 -31.36 8.14 40.00
CA ALA B 230 -31.98 9.02 41.01
C ALA B 230 -33.48 8.74 41.13
N THR B 231 -33.93 8.60 42.38
CA THR B 231 -35.31 8.31 42.76
C THR B 231 -35.81 9.42 43.66
N GLY B 232 -37.05 9.85 43.44
CA GLY B 232 -37.67 10.87 44.31
C GLY B 232 -37.01 12.22 44.27
N ALA B 233 -37.41 13.10 45.20
CA ALA B 233 -36.90 14.48 45.22
C ALA B 233 -35.58 14.61 45.97
N ASN B 234 -35.43 13.85 47.05
CA ASN B 234 -34.31 14.03 47.96
C ASN B 234 -33.00 13.37 47.46
N ASP B 235 -32.43 12.46 48.25
CA ASP B 235 -31.10 11.88 48.00
C ASP B 235 -31.11 10.40 47.61
N SER B 236 -32.28 9.85 47.34
CA SER B 236 -32.39 8.42 47.07
C SER B 236 -31.96 8.03 45.64
N PHE B 237 -31.53 6.79 45.51
CA PHE B 237 -31.13 6.17 44.27
C PHE B 237 -31.83 4.83 44.28
N GLY B 238 -32.46 4.47 43.19
CA GLY B 238 -33.13 3.20 43.11
C GLY B 238 -32.42 2.29 42.13
N ASP B 239 -32.44 1.00 42.42
CA ASP B 239 -31.90 0.01 41.52
C ASP B 239 -32.74 -0.07 40.26
N VAL B 240 -32.12 0.11 39.10
CA VAL B 240 -32.87 0.01 37.86
C VAL B 240 -33.53 -1.36 37.75
N TRP B 241 -32.81 -2.42 38.14
CA TRP B 241 -33.33 -3.78 37.97
C TRP B 241 -34.09 -4.33 39.17
N GLY B 242 -34.41 -3.43 40.09
CA GLY B 242 -35.18 -3.75 41.27
C GLY B 242 -34.60 -4.87 42.08
N PRO B 243 -35.48 -5.62 42.77
CA PRO B 243 -35.09 -6.78 43.56
C PRO B 243 -35.23 -8.08 42.78
N ASP B 244 -35.37 -7.98 41.46
CA ASP B 244 -35.84 -9.11 40.65
C ASP B 244 -34.74 -10.02 40.05
N VAL B 245 -35.20 -11.16 39.54
CA VAL B 245 -34.42 -12.10 38.77
C VAL B 245 -35.22 -12.33 37.50
N TRP B 246 -34.54 -12.52 36.39
CA TRP B 246 -35.22 -12.72 35.11
C TRP B 246 -34.43 -13.77 34.30
N LEU B 247 -35.14 -14.60 33.56
CA LEU B 247 -34.51 -15.57 32.67
C LEU B 247 -35.11 -15.42 31.30
N GLY B 248 -34.31 -15.71 30.27
CA GLY B 248 -34.88 -15.70 28.91
C GLY B 248 -33.99 -16.26 27.84
N TYR B 249 -34.58 -16.59 26.70
CA TYR B 249 -33.84 -16.91 25.50
C TYR B 249 -33.67 -15.63 24.69
N VAL B 250 -32.44 -15.13 24.62
CA VAL B 250 -32.09 -13.96 23.81
C VAL B 250 -31.09 -14.38 22.72
N SER B 251 -31.42 -13.99 21.50
CA SER B 251 -30.61 -14.30 20.33
C SER B 251 -29.15 -13.89 20.52
N ASP B 252 -28.24 -14.86 20.32
CA ASP B 252 -26.78 -14.65 20.34
C ASP B 252 -26.23 -14.08 19.02
N ASN B 253 -27.09 -13.93 18.03
CA ASN B 253 -26.69 -13.51 16.69
C ASN B 253 -25.80 -12.28 16.74
N PRO B 254 -24.55 -12.40 16.25
CA PRO B 254 -23.71 -11.21 16.33
C PRO B 254 -24.20 -10.06 15.41
N ASP B 255 -25.09 -10.36 14.46
CA ASP B 255 -25.71 -9.34 13.60
C ASP B 255 -27.26 -9.46 13.81
N PRO B 256 -27.79 -8.95 14.94
CA PRO B 256 -29.20 -9.14 15.30
C PRO B 256 -30.22 -8.62 14.25
N SER B 257 -31.29 -9.38 14.04
CA SER B 257 -32.37 -9.03 13.15
C SER B 257 -33.68 -9.13 13.92
N VAL B 258 -34.54 -8.12 13.78
CA VAL B 258 -35.86 -8.10 14.45
C VAL B 258 -36.78 -9.18 13.90
N GLU B 259 -36.42 -9.78 12.77
CA GLU B 259 -37.23 -10.86 12.18
C GLU B 259 -36.92 -12.25 12.74
N GLU B 260 -35.87 -12.34 13.55
CA GLU B 260 -35.43 -13.60 14.13
C GLU B 260 -36.00 -13.77 15.56
N PRO B 261 -36.70 -14.89 15.82
CA PRO B 261 -37.20 -15.19 17.17
C PRO B 261 -36.24 -14.92 18.33
N SER B 262 -36.71 -14.12 19.28
CA SER B 262 -35.96 -13.74 20.46
C SER B 262 -36.90 -13.13 21.48
N PHE B 263 -36.49 -13.11 22.73
CA PHE B 263 -37.31 -12.47 23.75
C PHE B 263 -37.49 -10.99 23.42
N GLY B 264 -36.42 -10.32 23.02
CA GLY B 264 -36.56 -8.88 22.82
C GLY B 264 -35.50 -8.37 21.91
N TYR B 265 -35.74 -7.15 21.44
CA TYR B 265 -34.80 -6.38 20.65
C TYR B 265 -34.92 -4.94 21.00
N THR B 266 -33.81 -4.19 20.87
CA THR B 266 -33.84 -2.74 20.87
C THR B 266 -33.96 -2.37 19.39
N TYR B 267 -35.16 -1.92 19.00
CA TYR B 267 -35.44 -1.47 17.63
C TYR B 267 -34.67 -0.15 17.53
N GLN B 268 -33.76 -0.03 16.57
CA GLN B 268 -32.91 1.15 16.43
C GLN B 268 -32.77 1.56 14.98
N ILE B 269 -32.83 2.86 14.74
CA ILE B 269 -32.77 3.36 13.37
C ILE B 269 -31.42 2.98 12.76
N GLU B 270 -31.47 2.50 11.52
CA GLU B 270 -30.29 2.05 10.80
C GLU B 270 -29.19 3.12 10.75
N GLY B 271 -27.96 2.74 11.12
CA GLY B 271 -26.83 3.67 11.08
C GLY B 271 -26.57 4.42 12.37
N HIS B 272 -27.51 4.34 13.31
CA HIS B 272 -27.34 5.02 14.59
C HIS B 272 -26.49 4.18 15.50
N PRO B 273 -25.68 4.82 16.35
CA PRO B 273 -25.53 6.27 16.54
C PRO B 273 -24.79 7.01 15.43
N LEU B 274 -25.19 8.27 15.22
CA LEU B 274 -24.63 9.17 14.20
C LEU B 274 -24.20 10.44 14.91
N VAL B 275 -23.02 10.93 14.60
CA VAL B 275 -22.54 12.21 15.10
C VAL B 275 -22.45 13.15 13.89
N GLU B 276 -22.99 14.36 14.04
CA GLU B 276 -22.96 15.37 13.00
C GLU B 276 -21.70 16.21 13.09
N VAL B 277 -21.28 16.78 11.97
CA VAL B 277 -20.14 17.71 11.97
C VAL B 277 -20.53 18.85 12.86
N PRO B 278 -19.56 19.44 13.58
CA PRO B 278 -19.90 20.44 14.56
C PRO B 278 -20.24 21.80 13.99
N TYR B 279 -20.91 22.61 14.81
CA TYR B 279 -21.11 24.01 14.51
C TYR B 279 -20.71 24.82 15.74
N TRP B 280 -20.29 26.05 15.49
CA TRP B 280 -19.89 26.93 16.55
C TRP B 280 -21.10 27.70 17.04
N ASP B 281 -21.36 27.60 18.34
CA ASP B 281 -22.37 28.38 18.99
C ASP B 281 -21.69 29.54 19.71
N ASN B 282 -21.90 30.75 19.20
CA ASN B 282 -21.25 31.93 19.77
C ASN B 282 -21.89 32.40 21.07
N ASN B 283 -23.08 31.90 21.39
CA ASN B 283 -23.77 32.20 22.62
C ASN B 283 -23.16 31.36 23.74
N ALA B 284 -23.10 30.06 23.49
CA ALA B 284 -22.55 29.10 24.42
C ALA B 284 -21.02 29.13 24.41
N LYS B 285 -20.43 29.77 23.40
CA LYS B 285 -18.98 29.81 23.20
C LYS B 285 -18.44 28.37 23.21
N SER B 286 -19.13 27.53 22.45
CA SER B 286 -18.80 26.13 22.33
C SER B 286 -19.01 25.64 20.92
N TRP B 287 -18.31 24.55 20.59
CA TRP B 287 -18.52 23.76 19.40
C TRP B 287 -19.51 22.67 19.75
N ILE B 288 -20.51 22.48 18.88
CA ILE B 288 -21.65 21.61 19.17
C ILE B 288 -21.73 20.52 18.13
N TYR B 289 -21.84 19.26 18.59
CA TYR B 289 -21.98 18.09 17.74
C TYR B 289 -23.34 17.43 18.00
N GLY B 290 -24.21 17.41 16.99
CA GLY B 290 -25.50 16.78 17.15
C GLY B 290 -25.27 15.29 17.21
N VAL B 291 -25.85 14.60 18.20
CA VAL B 291 -25.71 13.13 18.34
C VAL B 291 -27.10 12.53 18.34
N SER B 292 -27.31 11.52 17.48
CA SER B 292 -28.58 10.82 17.35
C SER B 292 -28.39 9.35 17.60
N ASP B 293 -29.25 8.78 18.45
CA ASP B 293 -29.23 7.33 18.65
C ASP B 293 -30.66 6.91 18.95
N ASP B 294 -31.51 7.00 17.93
CA ASP B 294 -32.94 6.80 18.10
C ASP B 294 -33.27 5.34 18.19
N ASN B 295 -33.87 4.94 19.31
CA ASN B 295 -34.17 3.52 19.58
C ASN B 295 -35.29 3.32 20.56
N THR B 296 -35.87 2.12 20.54
CA THR B 296 -36.79 1.71 21.56
C THR B 296 -36.69 0.20 21.84
N PRO B 297 -36.49 -0.16 23.11
CA PRO B 297 -36.62 -1.57 23.45
C PRO B 297 -38.03 -2.13 23.16
N ALA B 298 -38.12 -3.36 22.67
CA ALA B 298 -39.38 -4.00 22.34
C ALA B 298 -39.39 -5.45 22.85
N LEU B 299 -40.50 -5.86 23.46
CA LEU B 299 -40.69 -7.22 23.92
C LEU B 299 -41.33 -7.95 22.76
N SER B 300 -40.58 -8.85 22.13
CA SER B 300 -41.02 -9.50 20.91
C SER B 300 -41.50 -10.90 21.17
N GLY B 301 -40.94 -11.56 22.19
CA GLY B 301 -41.27 -12.95 22.53
C GLY B 301 -41.39 -13.18 24.03
N MSE B 302 -42.57 -12.91 24.56
CA MSE B 302 -42.81 -13.10 25.98
C MSE B 302 -42.62 -14.55 26.42
O MSE B 302 -42.17 -14.77 27.52
CB MSE B 302 -44.22 -12.60 26.35
CG MSE B 302 -44.54 -12.77 27.83
SE MSE B 302 -45.42 -14.43 28.08
CE MSE B 302 -47.18 -14.02 27.22
N LEU B 303 -42.98 -15.52 25.58
CA LEU B 303 -42.84 -16.94 25.91
C LEU B 303 -41.39 -17.41 26.06
N ALA B 304 -40.45 -16.61 25.53
CA ALA B 304 -39.02 -16.85 25.67
C ALA B 304 -38.45 -16.22 26.95
N GLY B 305 -39.33 -15.69 27.83
CA GLY B 305 -38.87 -15.03 29.05
C GLY B 305 -39.61 -15.45 30.30
N TYR B 306 -39.06 -15.09 31.46
CA TYR B 306 -39.63 -15.48 32.76
C TYR B 306 -39.17 -14.52 33.86
N LEU B 307 -40.14 -14.00 34.62
CA LEU B 307 -39.89 -12.99 35.66
C LEU B 307 -40.05 -13.58 37.06
N ILE B 308 -39.04 -13.39 37.91
CA ILE B 308 -39.10 -13.77 39.32
C ILE B 308 -39.08 -12.47 40.13
N GLU B 309 -40.28 -12.03 40.53
CA GLU B 309 -40.38 -10.76 41.25
C GLU B 309 -40.00 -10.92 42.71
N ASP B 310 -39.27 -9.92 43.22
CA ASP B 310 -39.04 -9.71 44.65
C ASP B 310 -38.12 -10.68 45.34
N ALA B 311 -37.33 -11.40 44.53
CA ALA B 311 -36.39 -12.37 45.03
C ALA B 311 -35.39 -11.77 46.04
N GLY B 312 -34.93 -10.55 45.77
CA GLY B 312 -33.95 -9.89 46.64
C GLY B 312 -34.48 -9.00 47.76
N LEU B 313 -35.80 -8.99 47.98
CA LEU B 313 -36.38 -8.21 49.06
C LEU B 313 -36.25 -8.97 50.39
N PRO B 314 -36.28 -8.24 51.52
CA PRO B 314 -36.23 -8.89 52.86
C PRO B 314 -37.35 -9.93 53.07
N ALA B 315 -37.04 -11.01 53.78
CA ALA B 315 -37.96 -12.15 53.95
C ALA B 315 -39.24 -11.82 54.72
N GLN C 9 -26.10 -23.56 -17.40
CA GLN C 9 -25.40 -22.24 -17.32
C GLN C 9 -25.55 -21.68 -15.90
N ALA C 10 -24.63 -20.80 -15.51
CA ALA C 10 -24.53 -20.34 -14.11
C ALA C 10 -25.47 -19.19 -13.73
N ARG C 11 -25.47 -18.89 -12.43
CA ARG C 11 -26.26 -17.82 -11.85
C ARG C 11 -25.38 -16.57 -11.82
N VAL C 12 -25.94 -15.42 -11.40
CA VAL C 12 -25.12 -14.20 -11.25
C VAL C 12 -24.88 -13.97 -9.75
N VAL C 13 -23.72 -14.43 -9.32
CA VAL C 13 -23.37 -14.49 -7.92
C VAL C 13 -22.96 -13.11 -7.41
N ASP C 14 -23.35 -12.81 -6.18
CA ASP C 14 -22.87 -11.65 -5.45
C ASP C 14 -21.66 -12.15 -4.66
N PRO C 15 -20.46 -11.69 -5.03
CA PRO C 15 -19.25 -12.18 -4.36
C PRO C 15 -19.12 -11.76 -2.90
N ILE C 16 -19.60 -10.56 -2.56
CA ILE C 16 -19.47 -10.03 -1.19
C ILE C 16 -20.36 -10.84 -0.25
N LEU C 17 -21.63 -10.99 -0.63
CA LEU C 17 -22.56 -11.77 0.17
C LEU C 17 -22.22 -13.25 0.16
N SER C 18 -21.62 -13.74 -0.93
CA SER C 18 -21.20 -15.15 -0.99
C SER C 18 -20.04 -15.38 -0.02
N THR C 19 -19.09 -14.46 0.02
CA THR C 19 -17.98 -14.52 0.98
C THR C 19 -18.50 -14.49 2.41
N HIS C 20 -19.45 -13.61 2.68
CA HIS C 20 -20.10 -13.57 3.99
C HIS C 20 -20.78 -14.89 4.34
N ALA C 21 -21.48 -15.46 3.38
CA ALA C 21 -22.17 -16.74 3.57
C ALA C 21 -21.18 -17.82 3.96
N ARG C 22 -19.99 -17.80 3.34
CA ARG C 22 -18.98 -18.81 3.61
C ARG C 22 -18.41 -18.72 5.00
N GLY C 23 -18.48 -17.56 5.62
CA GLY C 23 -17.97 -17.37 6.99
C GLY C 23 -19.00 -17.61 8.07
N TYR C 24 -20.22 -17.97 7.67
CA TYR C 24 -21.33 -18.20 8.59
C TYR C 24 -21.04 -19.38 9.50
N ARG C 25 -21.22 -19.20 10.81
CA ARG C 25 -20.92 -20.21 11.82
C ARG C 25 -22.09 -20.38 12.78
N GLN C 26 -22.37 -21.61 13.15
CA GLN C 26 -23.37 -21.93 14.17
C GLN C 26 -22.64 -22.90 15.15
N SER C 27 -22.05 -22.32 16.19
CA SER C 27 -21.14 -23.07 17.09
C SER C 27 -21.80 -24.20 17.88
N THR C 28 -23.09 -24.08 18.18
CA THR C 28 -23.79 -25.12 18.94
C THR C 28 -24.18 -26.32 18.04
N LEU C 29 -24.02 -26.16 16.73
CA LEU C 29 -24.35 -27.22 15.80
C LEU C 29 -23.08 -28.02 15.55
N ILE C 30 -23.17 -29.35 15.70
CA ILE C 30 -21.99 -30.20 15.68
C ILE C 30 -21.90 -31.17 14.51
N GLY C 31 -22.88 -31.15 13.61
CA GLY C 31 -22.90 -32.08 12.50
C GLY C 31 -21.62 -32.06 11.70
N LYS C 32 -21.08 -30.87 11.45
CA LYS C 32 -19.81 -30.74 10.70
C LYS C 32 -18.57 -31.27 11.41
N LYS C 33 -18.72 -31.55 12.71
CA LYS C 33 -17.66 -32.16 13.49
C LYS C 33 -17.55 -33.64 13.20
N LEU C 34 -18.66 -34.24 12.75
CA LEU C 34 -18.74 -35.65 12.36
C LEU C 34 -18.64 -35.86 10.85
N PHE C 35 -19.12 -34.86 10.10
CA PHE C 35 -19.12 -34.85 8.64
C PHE C 35 -18.51 -33.52 8.11
N PRO C 36 -17.18 -33.42 8.14
CA PRO C 36 -16.54 -32.20 7.64
C PRO C 36 -16.88 -31.89 6.16
N VAL C 37 -17.10 -30.61 5.88
CA VAL C 37 -17.46 -30.16 4.53
C VAL C 37 -16.28 -30.31 3.57
N ALA C 38 -16.51 -31.07 2.50
CA ALA C 38 -15.52 -31.33 1.45
C ALA C 38 -16.17 -31.17 0.07
N PRO C 39 -15.45 -30.53 -0.87
CA PRO C 39 -16.00 -30.25 -2.20
C PRO C 39 -16.14 -31.46 -3.14
N VAL C 40 -17.26 -31.48 -3.86
CA VAL C 40 -17.48 -32.39 -4.97
C VAL C 40 -18.09 -31.54 -6.07
N ALA C 41 -18.09 -32.07 -7.30
CA ALA C 41 -18.71 -31.40 -8.45
C ALA C 41 -20.07 -32.00 -8.82
N GLN C 42 -20.25 -33.29 -8.61
CA GLN C 42 -21.43 -34.00 -9.07
C GLN C 42 -22.55 -34.09 -8.04
N TYR C 43 -23.76 -33.79 -8.49
CA TYR C 43 -24.96 -33.87 -7.67
C TYR C 43 -25.35 -35.31 -7.35
N GLY C 44 -24.96 -36.23 -8.20
CA GLY C 44 -25.26 -37.65 -7.99
C GLY C 44 -24.00 -38.41 -8.30
N GLY C 45 -23.77 -39.48 -7.55
CA GLY C 45 -22.55 -40.25 -7.71
C GLY C 45 -22.49 -41.39 -6.71
N LYS C 46 -21.28 -41.85 -6.45
CA LYS C 46 -21.05 -42.94 -5.51
C LYS C 46 -20.17 -42.41 -4.41
N ILE C 47 -20.47 -42.80 -3.17
CA ILE C 47 -19.72 -42.39 -2.00
C ILE C 47 -18.38 -43.08 -2.07
N LEU C 48 -17.30 -42.31 -1.93
CA LEU C 48 -15.96 -42.89 -1.87
C LEU C 48 -15.86 -43.50 -0.47
N THR C 49 -15.86 -44.84 -0.42
CA THR C 49 -16.04 -45.59 0.82
C THR C 49 -14.72 -46.19 1.30
N PHE C 50 -14.48 -46.11 2.60
CA PHE C 50 -13.25 -46.61 3.21
C PHE C 50 -13.58 -47.81 4.10
N GLY C 51 -13.18 -48.99 3.65
CA GLY C 51 -13.33 -50.23 4.41
C GLY C 51 -12.04 -50.58 5.11
N LYS C 52 -11.94 -51.82 5.56
CA LYS C 52 -10.80 -52.36 6.27
C LYS C 52 -9.51 -52.22 5.46
N GLU C 53 -9.58 -52.50 4.15
CA GLU C 53 -8.43 -52.38 3.26
C GLU C 53 -7.98 -50.93 3.06
N ALA C 54 -8.93 -50.01 2.94
CA ALA C 54 -8.62 -48.59 2.77
C ALA C 54 -7.80 -48.05 3.93
N PHE C 55 -8.24 -48.35 5.15
CA PHE C 55 -7.57 -47.89 6.35
C PHE C 55 -6.21 -48.57 6.53
N ARG C 56 -6.12 -49.82 6.11
CA ARG C 56 -4.87 -50.56 6.16
C ARG C 56 -3.86 -49.91 5.21
N LEU C 57 -4.26 -49.67 3.97
CA LEU C 57 -3.43 -48.96 2.97
C LEU C 57 -3.01 -47.56 3.41
N TYR C 58 -3.95 -46.84 3.99
CA TYR C 58 -3.72 -45.51 4.52
C TYR C 58 -2.55 -45.53 5.49
N ASN C 59 -2.52 -46.55 6.34
CA ASN C 59 -1.48 -46.69 7.34
C ASN C 59 -0.48 -47.81 7.00
N THR C 60 -0.09 -47.88 5.73
CA THR C 60 0.98 -48.78 5.27
C THR C 60 2.14 -47.93 4.75
N LYS C 61 3.36 -48.17 5.25
CA LYS C 61 4.54 -47.41 4.81
C LYS C 61 4.88 -47.72 3.36
N ARG C 62 5.11 -46.68 2.54
CA ARG C 62 5.50 -46.84 1.14
C ARG C 62 6.80 -47.66 1.01
N ALA C 63 6.66 -48.96 0.71
CA ALA C 63 7.81 -49.86 0.50
C ALA C 63 7.85 -50.35 -0.94
N THR C 68 4.66 -47.19 -8.50
CA THR C 68 3.38 -47.01 -7.82
C THR C 68 3.25 -45.58 -7.26
N LYS C 69 3.51 -44.59 -8.12
CA LYS C 69 3.54 -43.18 -7.72
C LYS C 69 2.20 -42.56 -7.37
N ARG C 70 1.10 -43.24 -7.68
CA ARG C 70 -0.24 -42.71 -7.42
C ARG C 70 -0.94 -43.49 -6.33
N ILE C 71 -1.83 -42.77 -5.64
CA ILE C 71 -2.34 -43.21 -4.36
C ILE C 71 -3.85 -43.03 -4.26
N ASP C 72 -4.55 -44.15 -4.10
CA ASP C 72 -5.98 -44.18 -3.84
C ASP C 72 -6.20 -45.02 -2.59
N PHE C 73 -7.26 -44.72 -1.84
CA PHE C 73 -7.59 -45.50 -0.64
C PHE C 73 -8.98 -46.10 -0.68
N GLY C 74 -9.98 -45.28 -0.98
CA GLY C 74 -11.36 -45.71 -1.00
C GLY C 74 -11.80 -46.37 -2.30
N TYR C 75 -13.08 -46.74 -2.36
CA TYR C 75 -13.70 -47.28 -3.57
C TYR C 75 -15.16 -46.83 -3.65
N GLU C 76 -15.78 -47.06 -4.80
CA GLU C 76 -17.13 -46.55 -5.06
C GLU C 76 -18.18 -47.43 -4.42
N GLY C 77 -18.83 -46.89 -3.40
CA GLY C 77 -19.80 -47.65 -2.62
C GLY C 77 -21.18 -47.17 -2.95
N ASP C 78 -22.00 -47.02 -1.91
CA ASP C 78 -23.39 -46.67 -2.07
C ASP C 78 -23.54 -45.34 -2.80
N PRO C 79 -24.67 -45.16 -3.50
CA PRO C 79 -24.88 -43.89 -4.18
C PRO C 79 -25.17 -42.77 -3.21
N TYR C 80 -24.93 -41.55 -3.66
CA TYR C 80 -25.34 -40.37 -2.92
C TYR C 80 -26.10 -39.47 -3.88
N SER C 81 -26.88 -38.55 -3.32
CA SER C 81 -27.66 -37.63 -4.13
C SER C 81 -27.78 -36.32 -3.40
N ILE C 82 -27.21 -35.26 -3.99
CA ILE C 82 -27.37 -33.90 -3.47
C ILE C 82 -28.62 -33.34 -4.12
N VAL C 83 -29.61 -33.01 -3.30
CA VAL C 83 -30.88 -32.47 -3.80
C VAL C 83 -30.75 -30.94 -3.86
N PRO C 84 -30.86 -30.35 -5.07
CA PRO C 84 -30.83 -28.88 -5.17
C PRO C 84 -31.91 -28.27 -4.29
N SER C 85 -31.52 -27.44 -3.34
CA SER C 85 -32.41 -26.95 -2.30
C SER C 85 -32.22 -25.45 -2.04
N ALA C 86 -32.13 -24.67 -3.11
CA ALA C 86 -32.00 -23.22 -2.96
C ALA C 86 -33.23 -22.61 -2.30
N LEU C 87 -33.00 -21.63 -1.45
CA LEU C 87 -34.03 -20.86 -0.80
C LEU C 87 -33.84 -19.42 -1.23
N GLU C 88 -34.77 -18.56 -0.84
CA GLU C 88 -34.69 -17.16 -1.19
C GLU C 88 -34.71 -16.30 0.05
N ALA C 89 -33.63 -15.56 0.27
CA ALA C 89 -33.52 -14.57 1.32
C ALA C 89 -34.32 -13.35 0.88
N LYS C 90 -34.90 -12.64 1.84
CA LYS C 90 -35.88 -11.61 1.55
C LYS C 90 -35.66 -10.37 2.40
N VAL C 91 -35.50 -9.20 1.76
CA VAL C 91 -35.43 -7.91 2.47
C VAL C 91 -36.71 -7.14 2.17
N PRO C 92 -37.63 -7.07 3.13
CA PRO C 92 -38.91 -6.37 2.87
C PRO C 92 -38.74 -4.87 2.82
N ARG C 93 -39.58 -4.20 2.04
CA ARG C 93 -39.47 -2.75 1.87
C ARG C 93 -39.61 -1.97 3.16
N GLU C 94 -40.34 -2.53 4.12
CA GLU C 94 -40.56 -1.82 5.38
C GLU C 94 -39.26 -1.64 6.19
N LEU C 95 -38.25 -2.47 5.92
CA LEU C 95 -36.96 -2.33 6.63
C LEU C 95 -36.02 -1.33 5.96
N MSE C 96 -36.47 -0.71 4.88
CA MSE C 96 -35.66 0.22 4.10
C MSE C 96 -36.24 1.63 4.08
O MSE C 96 -37.44 1.78 3.98
CB MSE C 96 -35.62 -0.26 2.67
CG MSE C 96 -34.97 -1.58 2.52
SE MSE C 96 -34.75 -2.04 0.70
CE MSE C 96 -36.25 -2.93 0.49
N ARG C 97 -35.39 2.63 4.17
CA ARG C 97 -35.84 4.02 4.04
C ARG C 97 -36.27 4.29 2.60
N ASP C 98 -35.48 3.81 1.65
CA ASP C 98 -35.77 3.96 0.23
C ASP C 98 -35.65 2.59 -0.43
N ALA C 99 -36.81 1.94 -0.62
CA ALA C 99 -36.88 0.57 -1.14
C ALA C 99 -36.76 0.52 -2.65
N SER C 100 -36.65 1.68 -3.30
CA SER C 100 -36.43 1.74 -4.75
C SER C 100 -35.01 1.36 -5.11
N GLN C 101 -34.09 1.43 -4.14
CA GLN C 101 -32.67 1.11 -4.34
C GLN C 101 -32.34 -0.28 -3.82
N VAL C 102 -31.34 -0.90 -4.42
CA VAL C 102 -30.88 -2.20 -4.01
C VAL C 102 -30.48 -2.10 -2.52
N PRO C 103 -30.86 -3.07 -1.70
CA PRO C 103 -30.48 -2.96 -0.28
C PRO C 103 -28.95 -3.00 -0.05
N GLY C 104 -28.52 -2.35 1.03
CA GLY C 104 -27.12 -2.37 1.43
C GLY C 104 -26.70 -3.76 1.86
N ILE C 105 -25.39 -3.96 1.89
CA ILE C 105 -24.79 -5.24 2.24
C ILE C 105 -25.20 -5.73 3.61
N ASP C 106 -25.43 -4.82 4.53
CA ASP C 106 -25.84 -5.13 5.89
C ASP C 106 -27.24 -5.76 5.92
N LEU C 107 -28.20 -5.13 5.24
CA LEU C 107 -29.55 -5.66 5.15
C LEU C 107 -29.56 -7.00 4.41
N GLY C 108 -28.79 -7.09 3.32
CA GLY C 108 -28.71 -8.31 2.51
C GLY C 108 -28.15 -9.48 3.29
N ALA C 109 -27.08 -9.21 4.03
CA ALA C 109 -26.41 -10.20 4.86
C ALA C 109 -27.32 -10.78 5.92
N ARG C 110 -28.09 -9.92 6.59
CA ARG C 110 -29.03 -10.38 7.61
C ARG C 110 -30.14 -11.27 7.03
N SER C 111 -30.64 -10.93 5.83
CA SER C 111 -31.64 -11.79 5.19
C SER C 111 -31.08 -13.18 4.81
N VAL C 112 -29.83 -13.20 4.36
CA VAL C 112 -29.13 -14.45 4.02
C VAL C 112 -28.88 -15.33 5.26
N ASN C 113 -28.50 -14.73 6.37
CA ASN C 113 -28.35 -15.46 7.64
C ASN C 113 -29.59 -16.27 8.04
N THR C 114 -30.78 -15.75 7.75
CA THR C 114 -32.03 -16.44 8.03
C THR C 114 -32.15 -17.77 7.28
N VAL C 115 -31.74 -17.77 6.02
CA VAL C 115 -31.82 -18.95 5.18
C VAL C 115 -30.70 -19.94 5.52
N LEU C 116 -29.50 -19.43 5.79
CA LEU C 116 -28.38 -20.29 6.16
C LEU C 116 -28.64 -21.06 7.47
N ARG C 117 -29.41 -20.47 8.38
CA ARG C 117 -29.77 -21.15 9.62
C ARG C 117 -30.73 -22.33 9.36
N ILE C 118 -31.70 -22.11 8.49
CA ILE C 118 -32.61 -23.18 8.09
C ILE C 118 -31.81 -24.34 7.51
N MSE C 119 -30.89 -24.03 6.59
CA MSE C 119 -30.07 -25.02 5.95
C MSE C 119 -29.14 -25.72 6.93
O MSE C 119 -28.88 -26.92 6.79
CB MSE C 119 -29.26 -24.37 4.82
CG MSE C 119 -30.09 -23.97 3.63
SE MSE C 119 -29.07 -22.99 2.34
CE MSE C 119 -30.35 -22.93 0.96
N ALA C 120 -28.64 -24.99 7.93
CA ALA C 120 -27.79 -25.51 9.02
C ALA C 120 -28.54 -26.56 9.85
N LEU C 121 -29.77 -26.24 10.18
CA LEU C 121 -30.63 -27.09 11.00
C LEU C 121 -30.95 -28.38 10.26
N ALA C 122 -31.21 -28.27 8.95
CA ALA C 122 -31.50 -29.44 8.12
C ALA C 122 -30.26 -30.32 8.02
N HIS C 123 -29.10 -29.70 7.89
CA HIS C 123 -27.82 -30.42 7.89
C HIS C 123 -27.63 -31.18 9.20
N GLU C 124 -27.86 -30.50 10.32
CA GLU C 124 -27.68 -31.13 11.64
C GLU C 124 -28.50 -32.42 11.78
N HIS C 125 -29.76 -32.32 11.41
CA HIS C 125 -30.67 -33.46 11.45
C HIS C 125 -30.20 -34.59 10.55
N GLU C 126 -29.86 -34.28 9.30
CA GLU C 126 -29.36 -35.29 8.35
C GLU C 126 -28.09 -35.98 8.86
N CYS C 127 -27.23 -35.24 9.55
CA CYS C 127 -26.03 -35.83 10.12
C CYS C 127 -26.39 -36.84 11.21
N ALA C 128 -27.29 -36.45 12.10
CA ALA C 128 -27.76 -37.32 13.18
C ALA C 128 -28.48 -38.56 12.64
N GLN C 129 -29.29 -38.40 11.59
CA GLN C 129 -29.97 -39.53 10.98
C GLN C 129 -29.02 -40.61 10.48
N ILE C 130 -27.82 -40.20 10.08
CA ILE C 130 -26.82 -41.11 9.55
C ILE C 130 -25.99 -41.70 10.69
N ALA C 131 -25.36 -40.82 11.45
CA ALA C 131 -24.45 -41.24 12.53
C ALA C 131 -25.10 -42.15 13.58
N LEU C 132 -26.36 -41.88 13.91
CA LEU C 132 -27.05 -42.60 14.98
C LEU C 132 -27.92 -43.75 14.48
N ASP C 133 -27.75 -44.17 13.23
CA ASP C 133 -28.51 -45.31 12.71
C ASP C 133 -27.73 -46.60 12.98
N PRO C 134 -28.23 -47.47 13.90
CA PRO C 134 -27.46 -48.66 14.21
C PRO C 134 -27.34 -49.65 13.03
N ALA C 135 -28.27 -49.56 12.09
CA ALA C 135 -28.26 -50.38 10.88
C ALA C 135 -27.02 -50.12 10.02
N LYS C 136 -26.34 -49.00 10.27
CA LYS C 136 -25.13 -48.64 9.54
C LYS C 136 -23.87 -49.29 10.09
N TYR C 137 -23.94 -49.83 11.31
CA TYR C 137 -22.75 -50.37 11.98
C TYR C 137 -22.80 -51.87 12.06
N ASN C 138 -21.63 -52.49 12.08
CA ASN C 138 -21.59 -53.89 12.36
C ASN C 138 -21.61 -54.07 13.89
N ALA C 139 -21.83 -55.30 14.31
CA ALA C 139 -22.03 -55.65 15.72
C ALA C 139 -20.89 -55.21 16.64
N ASP C 140 -19.67 -55.23 16.12
CA ASP C 140 -18.50 -54.80 16.90
C ASP C 140 -18.41 -53.29 17.09
N HIS C 141 -19.25 -52.53 16.39
CA HIS C 141 -19.13 -51.08 16.41
C HIS C 141 -20.37 -50.39 16.98
N LYS C 142 -21.12 -51.12 17.78
CA LYS C 142 -22.28 -50.56 18.44
C LYS C 142 -22.69 -51.33 19.69
N VAL C 143 -23.39 -50.64 20.58
CA VAL C 143 -24.00 -51.28 21.74
C VAL C 143 -25.31 -50.54 22.00
N LYS C 144 -26.29 -51.23 22.56
CA LYS C 144 -27.55 -50.63 22.97
C LYS C 144 -27.65 -50.84 24.47
N LEU C 145 -27.57 -49.76 25.24
CA LEU C 145 -27.55 -49.84 26.70
C LEU C 145 -28.97 -49.98 27.23
N VAL C 146 -29.18 -50.99 28.06
CA VAL C 146 -30.50 -51.32 28.62
C VAL C 146 -30.44 -51.26 30.14
N GLY C 147 -31.53 -50.80 30.75
CA GLY C 147 -31.67 -50.80 32.21
C GLY C 147 -30.54 -50.13 32.97
N SER C 148 -29.89 -50.89 33.85
CA SER C 148 -28.83 -50.34 34.70
C SER C 148 -27.50 -50.13 33.99
N ALA C 149 -27.41 -50.52 32.71
CA ALA C 149 -26.23 -50.25 31.88
C ALA C 149 -26.28 -48.81 31.38
N ARG C 150 -27.49 -48.23 31.38
CA ARG C 150 -27.68 -46.85 30.95
C ARG C 150 -27.02 -45.91 31.93
N TRP C 151 -26.48 -44.82 31.40
CA TRP C 151 -25.64 -43.89 32.18
C TRP C 151 -26.40 -43.11 33.24
N THR C 152 -27.73 -43.17 33.18
CA THR C 152 -28.57 -42.58 34.21
C THR C 152 -28.56 -43.43 35.48
N SER C 153 -28.12 -44.68 35.38
CA SER C 153 -28.02 -45.58 36.53
C SER C 153 -26.66 -45.41 37.21
N PRO C 154 -26.64 -45.39 38.55
CA PRO C 154 -25.36 -45.32 39.28
C PRO C 154 -24.54 -46.61 39.13
N ASP C 155 -25.20 -47.68 38.72
CA ASP C 155 -24.59 -48.99 38.49
C ASP C 155 -23.92 -49.09 37.10
N SER C 156 -24.09 -48.07 36.26
CA SER C 156 -23.47 -48.04 34.93
C SER C 156 -21.99 -47.69 34.99
N ASP C 157 -21.31 -47.84 33.84
CA ASP C 157 -19.89 -47.57 33.75
C ASP C 157 -19.56 -46.91 32.41
N PRO C 158 -19.86 -45.61 32.29
CA PRO C 158 -19.58 -44.86 31.07
C PRO C 158 -18.14 -44.97 30.60
N THR C 159 -17.19 -44.94 31.53
CA THR C 159 -15.77 -45.00 31.16
C THR C 159 -15.45 -46.33 30.48
N LYS C 160 -16.00 -47.44 30.98
CA LYS C 160 -15.81 -48.75 30.35
C LYS C 160 -16.43 -48.81 28.95
N ASP C 161 -17.59 -48.18 28.78
CA ASP C 161 -18.28 -48.13 27.49
C ASP C 161 -17.46 -47.38 26.45
N VAL C 162 -16.96 -46.22 26.86
CA VAL C 162 -16.13 -45.35 26.02
C VAL C 162 -14.77 -45.98 25.69
N GLU C 163 -14.18 -46.72 26.64
CA GLU C 163 -12.93 -47.45 26.40
C GLU C 163 -13.12 -48.58 25.41
N THR C 164 -14.25 -49.27 25.54
CA THR C 164 -14.60 -50.34 24.61
C THR C 164 -14.77 -49.79 23.19
N ALA C 165 -15.36 -48.59 23.11
CA ALA C 165 -15.55 -47.90 21.83
C ALA C 165 -14.22 -47.58 21.19
N LYS C 166 -13.34 -46.93 21.96
CA LYS C 166 -12.03 -46.55 21.50
C LYS C 166 -11.26 -47.73 20.92
N GLU C 167 -11.25 -48.86 21.63
CA GLU C 167 -10.51 -50.04 21.19
C GLU C 167 -11.06 -50.64 19.91
N ALA C 168 -12.39 -50.70 19.79
CA ALA C 168 -13.03 -51.26 18.61
C ALA C 168 -12.56 -50.52 17.37
N ILE C 169 -12.58 -49.19 17.44
CA ILE C 169 -12.16 -48.35 16.31
C ILE C 169 -10.65 -48.46 16.09
N ALA C 170 -9.85 -48.23 17.14
CA ALA C 170 -8.39 -48.30 17.04
C ALA C 170 -7.92 -49.63 16.43
N ASP C 171 -8.59 -50.71 16.80
CA ASP C 171 -8.30 -52.05 16.28
C ASP C 171 -8.66 -52.19 14.81
N SER C 172 -9.71 -51.49 14.41
CA SER C 172 -10.25 -51.58 13.05
C SER C 172 -9.50 -50.76 12.02
N ILE C 173 -9.08 -49.55 12.42
CA ILE C 173 -8.47 -48.61 11.49
C ILE C 173 -7.02 -48.23 11.80
N GLY C 174 -6.51 -48.65 12.97
CA GLY C 174 -5.13 -48.36 13.34
C GLY C 174 -4.89 -46.94 13.81
N MSE C 175 -5.97 -46.26 14.22
CA MSE C 175 -5.90 -44.88 14.69
C MSE C 175 -6.90 -44.71 15.81
O MSE C 175 -7.95 -45.36 15.81
CB MSE C 175 -6.24 -43.90 13.57
CG MSE C 175 -5.25 -43.89 12.43
SE MSE C 175 -5.90 -42.97 10.87
CE MSE C 175 -7.32 -44.12 10.35
N GLU C 176 -6.58 -43.82 16.75
CA GLU C 176 -7.46 -43.54 17.87
C GLU C 176 -8.58 -42.63 17.40
N PRO C 177 -9.82 -42.90 17.85
CA PRO C 177 -10.85 -41.92 17.57
C PRO C 177 -10.50 -40.56 18.19
N ASN C 178 -10.87 -39.48 17.49
CA ASN C 178 -10.58 -38.13 17.96
C ASN C 178 -11.85 -37.31 18.20
N ARG C 179 -13.03 -37.91 18.04
CA ARG C 179 -14.28 -37.23 18.28
C ARG C 179 -15.19 -38.07 19.14
N LEU C 180 -15.68 -37.48 20.22
CA LEU C 180 -16.66 -38.09 21.07
C LEU C 180 -17.84 -37.13 21.08
N MSE C 181 -18.99 -37.63 20.67
CA MSE C 181 -20.23 -36.86 20.68
C MSE C 181 -21.07 -37.37 21.86
O MSE C 181 -21.42 -38.56 21.91
CB MSE C 181 -20.95 -37.06 19.34
CG MSE C 181 -22.14 -36.12 19.09
SE MSE C 181 -23.74 -36.46 20.16
CE MSE C 181 -24.25 -38.33 19.82
N LEU C 182 -21.34 -36.48 22.82
CA LEU C 182 -22.24 -36.78 23.92
C LEU C 182 -23.52 -36.02 23.66
N SER C 183 -24.63 -36.73 23.61
CA SER C 183 -25.92 -36.06 23.53
C SER C 183 -26.14 -35.29 24.84
N ARG C 184 -26.92 -34.22 24.75
CA ARG C 184 -27.26 -33.38 25.90
C ARG C 184 -27.73 -34.26 27.08
N LYS C 185 -28.58 -35.24 26.79
CA LYS C 185 -29.06 -36.18 27.84
C LYS C 185 -27.92 -37.03 28.43
N ALA C 186 -27.03 -37.53 27.58
CA ALA C 186 -25.90 -38.34 28.02
C ALA C 186 -24.93 -37.53 28.89
N LEU C 187 -24.68 -36.27 28.50
CA LEU C 187 -23.84 -35.37 29.29
C LEU C 187 -24.46 -35.08 30.66
N SER C 188 -25.77 -34.87 30.68
CA SER C 188 -26.50 -34.65 31.96
C SER C 188 -26.35 -35.84 32.91
N ALA C 189 -26.38 -37.05 32.35
CA ALA C 189 -26.19 -38.27 33.11
C ALA C 189 -24.77 -38.30 33.70
N CYS C 190 -23.77 -37.92 32.90
CA CYS C 190 -22.39 -37.84 33.36
C CYS C 190 -22.23 -36.92 34.57
N LYS C 191 -22.96 -35.81 34.57
CA LYS C 191 -22.93 -34.83 35.67
C LYS C 191 -23.48 -35.39 36.99
N TYR C 192 -24.57 -36.16 36.90
CA TYR C 192 -25.22 -36.79 38.07
C TYR C 192 -24.63 -38.15 38.42
N HIS C 193 -23.71 -38.66 37.60
CA HIS C 193 -23.16 -40.01 37.81
C HIS C 193 -22.27 -40.02 39.04
N PRO C 194 -22.43 -41.04 39.91
CA PRO C 194 -21.63 -41.11 41.13
C PRO C 194 -20.15 -41.38 40.89
N LYS C 195 -19.84 -42.30 39.97
CA LYS C 195 -18.45 -42.61 39.64
C LYS C 195 -17.70 -41.38 39.14
N LEU C 196 -18.37 -40.58 38.31
CA LEU C 196 -17.75 -39.36 37.77
C LEU C 196 -17.65 -38.21 38.79
N ILE C 197 -18.61 -38.13 39.72
CA ILE C 197 -18.59 -37.13 40.80
C ILE C 197 -17.34 -37.34 41.66
N GLU C 198 -17.05 -38.60 41.97
CA GLU C 198 -15.85 -38.97 42.73
C GLU C 198 -14.61 -38.26 42.18
N ARG C 199 -14.47 -38.24 40.86
CA ARG C 199 -13.39 -37.51 40.19
C ARG C 199 -13.67 -36.00 40.20
N SER C 207 -16.82 -29.43 39.72
CA SER C 207 -17.85 -29.56 38.69
C SER C 207 -17.37 -30.47 37.55
N ILE C 208 -18.30 -31.26 37.00
CA ILE C 208 -18.04 -32.16 35.88
C ILE C 208 -18.14 -31.39 34.57
N THR C 209 -17.02 -31.26 33.86
CA THR C 209 -17.00 -30.54 32.60
C THR C 209 -16.57 -31.44 31.45
N ILE C 210 -16.81 -30.95 30.23
CA ILE C 210 -16.35 -31.57 29.00
C ILE C 210 -14.83 -31.75 29.01
N ASP C 211 -14.12 -30.73 29.51
CA ASP C 211 -12.64 -30.72 29.56
C ASP C 211 -12.06 -31.77 30.51
N MSE C 212 -12.80 -32.09 31.57
CA MSE C 212 -12.47 -33.17 32.49
C MSE C 212 -12.61 -34.52 31.83
O MSE C 212 -11.72 -35.36 31.94
CB MSE C 212 -13.42 -33.12 33.70
CG MSE C 212 -13.48 -34.42 34.51
SE MSE C 212 -14.31 -34.12 36.23
CE MSE C 212 -12.94 -32.88 36.99
N LEU C 213 -13.73 -34.73 31.15
CA LEU C 213 -14.04 -35.98 30.45
C LEU C 213 -13.08 -36.23 29.28
N LYS C 214 -12.66 -35.14 28.62
CA LYS C 214 -11.65 -35.16 27.55
C LYS C 214 -10.36 -35.81 28.06
N ALA C 215 -9.86 -35.29 29.18
CA ALA C 215 -8.64 -35.80 29.83
C ALA C 215 -8.82 -37.21 30.40
N LEU C 216 -9.95 -37.43 31.05
CA LEU C 216 -10.32 -38.75 31.61
C LEU C 216 -10.39 -39.83 30.53
N TRP C 217 -11.12 -39.55 29.43
CA TRP C 217 -11.31 -40.54 28.37
C TRP C 217 -10.27 -40.45 27.24
N GLU C 218 -9.37 -39.46 27.31
CA GLU C 218 -8.29 -39.28 26.34
C GLU C 218 -8.79 -39.27 24.92
N VAL C 219 -9.72 -38.36 24.65
CA VAL C 219 -10.22 -38.14 23.31
C VAL C 219 -9.92 -36.68 23.02
N GLU C 220 -9.43 -36.44 21.80
CA GLU C 220 -8.99 -35.12 21.40
C GLU C 220 -10.06 -34.05 21.55
N GLU C 221 -11.28 -34.35 21.13
CA GLU C 221 -12.35 -33.37 21.20
C GLU C 221 -13.68 -34.05 21.58
N ILE C 222 -14.40 -33.42 22.49
CA ILE C 222 -15.76 -33.84 22.82
C ILE C 222 -16.72 -32.75 22.31
N VAL C 223 -17.75 -33.18 21.59
CA VAL C 223 -18.77 -32.28 21.07
C VAL C 223 -20.11 -32.68 21.69
N VAL C 224 -20.96 -31.72 22.03
CA VAL C 224 -22.24 -32.03 22.65
C VAL C 224 -23.34 -31.76 21.67
N GLY C 225 -24.24 -32.73 21.51
CA GLY C 225 -25.38 -32.63 20.62
C GLY C 225 -26.55 -32.02 21.35
N THR C 226 -26.74 -30.72 21.17
CA THR C 226 -27.76 -29.94 21.89
C THR C 226 -28.99 -29.53 21.06
N ALA C 227 -28.89 -29.61 19.74
CA ALA C 227 -29.96 -29.14 18.86
C ALA C 227 -31.25 -29.92 19.10
N ARG C 228 -32.37 -29.19 19.07
CA ARG C 228 -33.70 -29.78 19.14
C ARG C 228 -34.50 -29.34 17.92
N VAL C 229 -35.57 -30.07 17.63
CA VAL C 229 -36.46 -29.77 16.52
C VAL C 229 -37.93 -30.01 16.95
N ALA C 230 -38.88 -29.38 16.26
CA ALA C 230 -40.29 -29.65 16.53
C ALA C 230 -40.62 -31.08 16.07
N THR C 231 -41.44 -31.78 16.86
CA THR C 231 -41.78 -33.20 16.61
C THR C 231 -43.30 -33.42 16.57
N GLY C 232 -43.71 -34.68 16.43
CA GLY C 232 -45.14 -35.04 16.33
C GLY C 232 -46.04 -34.41 17.39
N ASP C 235 -47.09 -29.24 20.13
CA ASP C 235 -46.76 -29.07 21.55
C ASP C 235 -45.36 -29.59 21.91
N SER C 236 -44.86 -30.57 21.15
CA SER C 236 -43.58 -31.24 21.47
C SER C 236 -42.34 -30.68 20.76
N PHE C 237 -41.18 -31.14 21.25
CA PHE C 237 -39.85 -30.96 20.63
C PHE C 237 -39.01 -32.22 20.92
N GLY C 238 -38.02 -32.50 20.07
CA GLY C 238 -37.12 -33.64 20.27
C GLY C 238 -35.64 -33.31 20.09
N ASP C 239 -34.77 -33.98 20.85
CA ASP C 239 -33.33 -33.81 20.71
C ASP C 239 -32.87 -34.44 19.41
N VAL C 240 -32.15 -33.67 18.58
CA VAL C 240 -31.63 -34.18 17.30
C VAL C 240 -30.69 -35.38 17.52
N TRP C 241 -29.86 -35.30 18.55
CA TRP C 241 -28.87 -36.36 18.82
C TRP C 241 -29.35 -37.41 19.83
N GLY C 242 -30.65 -37.41 20.09
CA GLY C 242 -31.31 -38.41 20.96
C GLY C 242 -30.67 -38.55 22.34
N PRO C 243 -30.74 -39.76 22.91
CA PRO C 243 -30.05 -40.03 24.15
C PRO C 243 -28.68 -40.69 23.93
N ASP C 244 -28.14 -40.61 22.71
CA ASP C 244 -26.98 -41.44 22.33
C ASP C 244 -25.61 -40.86 22.64
N VAL C 245 -24.61 -41.72 22.49
CA VAL C 245 -23.21 -41.34 22.54
C VAL C 245 -22.57 -41.95 21.29
N TRP C 246 -21.64 -41.23 20.71
CA TRP C 246 -20.98 -41.67 19.49
C TRP C 246 -19.50 -41.31 19.57
N LEU C 247 -18.64 -42.20 19.06
CA LEU C 247 -17.20 -41.95 18.93
C LEU C 247 -16.76 -42.27 17.54
N GLY C 248 -15.75 -41.55 17.07
CA GLY C 248 -15.17 -41.86 15.77
C GLY C 248 -13.86 -41.16 15.48
N TYR C 249 -13.22 -41.64 14.42
CA TYR C 249 -12.07 -40.97 13.86
C TYR C 249 -12.57 -40.12 12.70
N VAL C 250 -12.45 -38.80 12.86
CA VAL C 250 -12.82 -37.81 11.89
C VAL C 250 -11.57 -37.03 11.58
N SER C 251 -11.24 -36.93 10.29
CA SER C 251 -10.07 -36.23 9.88
C SER C 251 -10.02 -34.81 10.43
N ASP C 252 -8.85 -34.44 10.94
CA ASP C 252 -8.56 -33.10 11.44
C ASP C 252 -8.02 -32.20 10.35
N ASN C 253 -8.00 -32.70 9.11
CA ASN C 253 -7.50 -31.92 8.00
C ASN C 253 -8.23 -30.57 7.90
N PRO C 254 -7.48 -29.45 7.89
CA PRO C 254 -8.12 -28.14 7.67
C PRO C 254 -8.65 -27.93 6.24
N ASP C 255 -8.25 -28.78 5.29
CA ASP C 255 -8.79 -28.74 3.91
C ASP C 255 -9.36 -30.10 3.59
N PRO C 256 -10.56 -30.42 4.10
CA PRO C 256 -11.10 -31.79 3.98
C PRO C 256 -11.31 -32.27 2.55
N SER C 257 -11.00 -33.52 2.29
CA SER C 257 -11.10 -34.10 0.96
C SER C 257 -11.89 -35.39 1.07
N VAL C 258 -12.88 -35.58 0.19
CA VAL C 258 -13.68 -36.80 0.20
C VAL C 258 -12.88 -38.06 -0.09
N GLU C 259 -11.67 -37.90 -0.63
CA GLU C 259 -10.79 -39.05 -0.93
C GLU C 259 -9.92 -39.53 0.22
N GLU C 260 -9.89 -38.78 1.32
CA GLU C 260 -9.09 -39.12 2.49
C GLU C 260 -9.86 -39.94 3.53
N PRO C 261 -9.34 -41.14 3.93
CA PRO C 261 -10.06 -41.96 4.91
C PRO C 261 -10.49 -41.22 6.16
N SER C 262 -11.79 -41.33 6.44
CA SER C 262 -12.42 -40.67 7.55
C SER C 262 -13.76 -41.35 7.70
N PHE C 263 -14.40 -41.12 8.85
CA PHE C 263 -15.74 -41.63 9.13
C PHE C 263 -16.75 -41.11 8.12
N GLY C 264 -16.74 -39.81 7.91
CA GLY C 264 -17.75 -39.21 7.07
C GLY C 264 -17.39 -37.87 6.56
N TYR C 265 -18.18 -37.40 5.63
CA TYR C 265 -17.97 -36.08 5.02
C TYR C 265 -19.32 -35.56 4.64
N THR C 266 -19.41 -34.25 4.57
CA THR C 266 -20.54 -33.54 3.99
C THR C 266 -20.11 -33.23 2.57
N TYR C 267 -20.59 -34.03 1.62
CA TYR C 267 -20.35 -33.78 0.19
C TYR C 267 -21.07 -32.45 -0.19
N GLN C 268 -20.30 -31.46 -0.61
CA GLN C 268 -20.86 -30.13 -0.88
C GLN C 268 -20.42 -29.60 -2.24
N ILE C 269 -21.34 -29.02 -2.98
CA ILE C 269 -21.02 -28.54 -4.31
C ILE C 269 -19.93 -27.49 -4.19
N GLU C 270 -18.90 -27.61 -5.02
CA GLU C 270 -17.78 -26.67 -4.95
C GLU C 270 -18.24 -25.23 -5.11
N GLY C 271 -17.79 -24.36 -4.21
CA GLY C 271 -18.13 -22.95 -4.27
C GLY C 271 -19.30 -22.54 -3.40
N HIS C 272 -20.05 -23.51 -2.89
CA HIS C 272 -21.22 -23.20 -2.08
C HIS C 272 -20.77 -22.96 -0.64
N PRO C 273 -21.50 -22.10 0.10
CA PRO C 273 -22.72 -21.42 -0.28
C PRO C 273 -22.55 -20.27 -1.24
N LEU C 274 -23.54 -20.08 -2.09
CA LEU C 274 -23.55 -18.97 -3.03
C LEU C 274 -24.75 -18.08 -2.75
N VAL C 275 -24.56 -16.77 -2.88
CA VAL C 275 -25.66 -15.83 -2.83
C VAL C 275 -25.73 -15.12 -4.18
N GLU C 276 -26.93 -15.04 -4.75
CA GLU C 276 -27.10 -14.37 -6.03
C GLU C 276 -27.42 -12.88 -5.88
N VAL C 277 -27.15 -12.12 -6.93
CA VAL C 277 -27.54 -10.70 -6.94
C VAL C 277 -29.06 -10.63 -6.75
N PRO C 278 -29.55 -9.60 -6.05
CA PRO C 278 -30.96 -9.55 -5.71
C PRO C 278 -31.87 -9.10 -6.84
N TYR C 279 -33.13 -9.52 -6.77
CA TYR C 279 -34.14 -9.02 -7.69
C TYR C 279 -35.34 -8.50 -6.90
N TRP C 280 -36.02 -7.51 -7.44
CA TRP C 280 -37.18 -6.93 -6.79
C TRP C 280 -38.44 -7.76 -7.14
N ASP C 281 -39.14 -8.20 -6.11
CA ASP C 281 -40.38 -8.93 -6.25
C ASP C 281 -41.50 -7.96 -5.88
N ASN C 282 -42.24 -7.49 -6.89
CA ASN C 282 -43.28 -6.50 -6.63
C ASN C 282 -44.51 -7.05 -5.91
N ASN C 283 -44.74 -8.36 -5.98
CA ASN C 283 -45.85 -8.98 -5.25
C ASN C 283 -45.58 -9.00 -3.76
N ALA C 284 -44.38 -9.48 -3.39
CA ALA C 284 -43.94 -9.54 -2.00
C ALA C 284 -43.46 -8.18 -1.51
N LYS C 285 -43.29 -7.22 -2.43
CA LYS C 285 -42.70 -5.92 -2.10
C LYS C 285 -41.41 -6.12 -1.28
N SER C 286 -40.53 -6.96 -1.83
CA SER C 286 -39.25 -7.30 -1.20
C SER C 286 -38.18 -7.52 -2.26
N TRP C 287 -36.93 -7.31 -1.87
CA TRP C 287 -35.76 -7.70 -2.66
C TRP C 287 -35.46 -9.13 -2.25
N ILE C 288 -35.14 -9.96 -3.24
CA ILE C 288 -34.97 -11.40 -3.08
C ILE C 288 -33.57 -11.80 -3.51
N TYR C 289 -32.85 -12.48 -2.62
CA TYR C 289 -31.53 -13.02 -2.91
C TYR C 289 -31.62 -14.53 -2.93
N GLY C 290 -31.30 -15.16 -4.05
CA GLY C 290 -31.29 -16.61 -4.06
C GLY C 290 -30.06 -17.10 -3.31
N VAL C 291 -30.23 -18.13 -2.48
CA VAL C 291 -29.11 -18.71 -1.71
C VAL C 291 -29.09 -20.21 -1.94
N SER C 292 -27.92 -20.73 -2.32
CA SER C 292 -27.73 -22.14 -2.60
C SER C 292 -26.60 -22.66 -1.71
N ASP C 293 -26.82 -23.81 -1.09
CA ASP C 293 -25.79 -24.52 -0.37
C ASP C 293 -26.11 -26.01 -0.45
N ASP C 294 -25.92 -26.55 -1.64
CA ASP C 294 -26.29 -27.91 -1.95
C ASP C 294 -25.28 -28.86 -1.37
N ASN C 295 -25.75 -29.77 -0.52
CA ASN C 295 -24.89 -30.69 0.15
C ASN C 295 -25.62 -31.92 0.66
N THR C 296 -24.84 -32.94 0.99
CA THR C 296 -25.37 -34.12 1.64
C THR C 296 -24.30 -34.76 2.51
N PRO C 297 -24.61 -35.00 3.81
CA PRO C 297 -23.70 -35.82 4.61
C PRO C 297 -23.62 -37.25 4.08
N ALA C 298 -22.45 -37.85 4.17
CA ALA C 298 -22.22 -39.20 3.65
C ALA C 298 -21.34 -39.99 4.62
N LEU C 299 -21.73 -41.23 4.93
CA LEU C 299 -20.94 -42.10 5.81
C LEU C 299 -19.94 -42.84 4.93
N SER C 300 -18.67 -42.51 5.07
CA SER C 300 -17.66 -43.08 4.19
C SER C 300 -16.94 -44.26 4.83
N GLY C 301 -16.67 -44.16 6.14
CA GLY C 301 -15.89 -45.19 6.82
C GLY C 301 -16.52 -45.65 8.10
N MSE C 302 -17.41 -46.64 7.99
CA MSE C 302 -18.12 -47.16 9.15
C MSE C 302 -17.20 -47.60 10.28
O MSE C 302 -17.49 -47.32 11.44
CB MSE C 302 -19.03 -48.31 8.73
CG MSE C 302 -19.77 -48.98 9.92
SE MSE C 302 -18.83 -50.46 10.76
CE MSE C 302 -18.62 -51.56 9.00
N LEU C 303 -16.08 -48.24 9.91
CA LEU C 303 -15.13 -48.80 10.89
C LEU C 303 -14.48 -47.72 11.73
N ALA C 304 -14.57 -46.48 11.26
CA ALA C 304 -14.00 -45.33 11.95
C ALA C 304 -15.03 -44.74 12.93
N GLY C 305 -16.16 -45.43 13.11
CA GLY C 305 -17.19 -44.98 14.04
C GLY C 305 -17.74 -46.05 14.97
N TYR C 306 -18.43 -45.60 16.00
CA TYR C 306 -18.99 -46.48 17.02
C TYR C 306 -20.16 -45.79 17.71
N LEU C 307 -21.27 -46.50 17.79
CA LEU C 307 -22.52 -46.02 18.35
C LEU C 307 -22.89 -46.65 19.72
N ILE C 308 -23.07 -45.81 20.73
CA ILE C 308 -23.55 -46.24 22.04
C ILE C 308 -24.99 -45.70 22.18
N GLU C 309 -25.96 -46.56 21.88
CA GLU C 309 -27.36 -46.18 21.93
C GLU C 309 -27.93 -46.11 23.34
N ASP C 310 -28.86 -45.17 23.53
CA ASP C 310 -29.70 -45.08 24.74
C ASP C 310 -28.96 -44.86 26.06
N ALA C 311 -27.74 -44.33 25.99
CA ALA C 311 -26.97 -44.06 27.20
C ALA C 311 -27.71 -43.07 28.10
N GLY C 312 -28.32 -42.04 27.50
CA GLY C 312 -28.97 -40.99 28.25
C GLY C 312 -30.41 -41.22 28.67
N LEU C 313 -30.96 -42.40 28.39
CA LEU C 313 -32.34 -42.71 28.80
C LEU C 313 -32.39 -43.15 30.26
N PRO C 314 -33.53 -42.91 30.94
CA PRO C 314 -33.75 -43.41 32.32
C PRO C 314 -33.53 -44.91 32.45
N ALA C 315 -32.96 -45.33 33.58
CA ALA C 315 -32.71 -46.75 33.85
C ALA C 315 -33.95 -47.38 34.48
N GLN D 9 37.69 1.99 10.59
CA GLN D 9 37.11 1.57 9.26
C GLN D 9 36.01 0.53 9.43
N ALA D 10 34.80 0.88 8.98
CA ALA D 10 33.65 -0.01 9.11
C ALA D 10 33.71 -1.15 8.08
N ARG D 11 32.70 -2.01 8.16
CA ARG D 11 32.58 -3.14 7.25
C ARG D 11 31.27 -2.95 6.50
N VAL D 12 31.10 -3.68 5.39
CA VAL D 12 29.84 -3.61 4.66
C VAL D 12 28.93 -4.57 5.38
N VAL D 13 27.91 -4.01 6.00
CA VAL D 13 26.97 -4.75 6.82
C VAL D 13 25.83 -5.32 5.99
N ASP D 14 25.40 -6.53 6.32
CA ASP D 14 24.26 -7.19 5.69
C ASP D 14 23.04 -6.90 6.56
N PRO D 15 22.14 -6.00 6.10
CA PRO D 15 21.04 -5.57 6.97
C PRO D 15 20.07 -6.68 7.35
N ILE D 16 19.81 -7.58 6.43
CA ILE D 16 18.85 -8.64 6.65
C ILE D 16 19.37 -9.62 7.70
N LEU D 17 20.63 -10.03 7.55
CA LEU D 17 21.21 -10.98 8.51
C LEU D 17 21.50 -10.31 9.84
N SER D 18 21.81 -9.01 9.83
CA SER D 18 21.98 -8.25 11.05
C SER D 18 20.66 -8.16 11.83
N THR D 19 19.56 -7.90 11.11
CA THR D 19 18.25 -7.91 11.72
C THR D 19 17.96 -9.27 12.30
N HIS D 20 18.24 -10.33 11.54
CA HIS D 20 18.08 -11.69 12.07
C HIS D 20 18.91 -11.87 13.36
N ALA D 21 20.15 -11.42 13.34
CA ALA D 21 21.03 -11.55 14.48
C ALA D 21 20.46 -10.85 15.73
N ARG D 22 19.85 -9.69 15.52
CA ARG D 22 19.31 -8.91 16.63
CA ARG D 22 19.27 -8.89 16.60
C ARG D 22 18.10 -9.59 17.28
N GLY D 23 17.44 -10.48 16.54
CA GLY D 23 16.31 -11.25 17.06
C GLY D 23 16.63 -12.61 17.68
N TYR D 24 17.91 -12.99 17.69
CA TYR D 24 18.35 -14.28 18.24
C TYR D 24 18.08 -14.36 19.75
N ARG D 25 17.52 -15.47 20.18
CA ARG D 25 17.20 -15.66 21.59
C ARG D 25 17.67 -17.04 22.02
N GLN D 26 18.13 -17.09 23.25
CA GLN D 26 18.55 -18.31 23.91
C GLN D 26 17.86 -18.22 25.28
N SER D 27 16.65 -18.75 25.33
CA SER D 27 15.76 -18.61 26.48
C SER D 27 16.20 -19.32 27.74
N THR D 28 17.03 -20.36 27.62
CA THR D 28 17.57 -21.03 28.82
C THR D 28 18.76 -20.29 29.40
N LEU D 29 19.30 -19.30 28.68
CA LEU D 29 20.40 -18.48 29.16
C LEU D 29 19.82 -17.26 29.86
N ILE D 30 20.37 -16.89 31.02
CA ILE D 30 19.78 -15.87 31.89
C ILE D 30 20.64 -14.67 32.23
N GLY D 31 21.87 -14.64 31.74
CA GLY D 31 22.77 -13.52 32.00
C GLY D 31 22.16 -12.15 31.69
N LYS D 32 21.44 -12.06 30.57
CA LYS D 32 20.80 -10.79 30.20
C LYS D 32 19.66 -10.37 31.13
N LYS D 33 19.19 -11.26 31.97
CA LYS D 33 18.20 -10.90 32.94
C LYS D 33 18.82 -10.23 34.16
N LEU D 34 20.13 -10.43 34.38
CA LEU D 34 20.85 -9.75 35.48
C LEU D 34 21.62 -8.55 34.97
N PHE D 35 22.00 -8.61 33.69
CA PHE D 35 22.78 -7.61 33.01
C PHE D 35 22.13 -7.19 31.66
N PRO D 36 21.01 -6.48 31.72
CA PRO D 36 20.36 -6.16 30.44
C PRO D 36 21.26 -5.44 29.44
N VAL D 37 21.05 -5.75 28.15
CA VAL D 37 21.85 -5.13 27.09
C VAL D 37 21.53 -3.65 26.93
N ALA D 38 22.55 -2.80 27.07
CA ALA D 38 22.40 -1.35 26.90
C ALA D 38 23.52 -0.82 26.01
N PRO D 39 23.21 0.18 25.18
CA PRO D 39 24.16 0.72 24.19
C PRO D 39 25.23 1.67 24.70
N VAL D 40 26.47 1.41 24.30
CA VAL D 40 27.60 2.30 24.52
C VAL D 40 28.36 2.46 23.18
N ALA D 41 29.25 3.45 23.11
CA ALA D 41 30.04 3.72 21.89
C ALA D 41 31.53 3.46 22.08
N GLN D 42 32.02 3.66 23.30
CA GLN D 42 33.44 3.51 23.61
C GLN D 42 33.83 2.09 24.05
N TYR D 43 34.88 1.55 23.43
CA TYR D 43 35.39 0.20 23.73
C TYR D 43 36.10 0.14 25.08
N GLY D 44 36.53 1.28 25.56
CA GLY D 44 37.15 1.37 26.87
C GLY D 44 36.61 2.61 27.57
N GLY D 45 36.55 2.54 28.89
CA GLY D 45 36.00 3.65 29.64
C GLY D 45 35.79 3.25 31.07
N LYS D 46 34.94 4.00 31.75
CA LYS D 46 34.66 3.76 33.16
C LYS D 46 33.18 3.41 33.32
N ILE D 47 32.94 2.47 34.22
CA ILE D 47 31.61 2.00 34.52
C ILE D 47 30.86 3.09 35.24
N LEU D 48 29.68 3.46 34.73
CA LEU D 48 28.86 4.43 35.43
C LEU D 48 28.24 3.66 36.61
N THR D 49 28.66 4.07 37.80
CA THR D 49 28.45 3.30 39.01
C THR D 49 27.45 3.98 39.92
N PHE D 50 26.61 3.17 40.55
CA PHE D 50 25.56 3.66 41.40
C PHE D 50 25.76 3.20 42.85
N GLY D 51 26.12 4.15 43.71
CA GLY D 51 26.27 3.91 45.15
C GLY D 51 25.03 4.29 45.95
N LYS D 52 25.20 4.44 47.25
CA LYS D 52 24.10 4.81 48.13
C LYS D 52 23.42 6.11 47.74
N GLU D 53 24.25 7.07 47.35
CA GLU D 53 23.80 8.41 47.01
C GLU D 53 23.09 8.48 45.65
N ALA D 54 23.53 7.69 44.66
CA ALA D 54 22.88 7.62 43.36
C ALA D 54 21.46 7.08 43.51
N PHE D 55 21.31 6.00 44.26
CA PHE D 55 19.98 5.40 44.53
C PHE D 55 19.07 6.27 45.35
N ARG D 56 19.65 7.04 46.27
CA ARG D 56 18.87 7.98 47.08
C ARG D 56 18.34 9.12 46.21
N LEU D 57 19.21 9.69 45.37
CA LEU D 57 18.80 10.71 44.38
C LEU D 57 17.78 10.22 43.37
N TYR D 58 17.98 9.01 42.89
CA TYR D 58 17.08 8.39 41.94
C TYR D 58 15.64 8.46 42.46
N ASN D 59 15.47 8.17 43.74
CA ASN D 59 14.17 8.16 44.41
C ASN D 59 13.98 9.34 45.36
N THR D 60 14.42 10.51 44.92
CA THR D 60 14.15 11.76 45.61
C THR D 60 13.22 12.60 44.71
N LYS D 61 12.11 13.09 45.29
CA LYS D 61 11.15 13.93 44.55
C LYS D 61 11.85 15.26 44.20
N ARG D 62 12.01 15.58 42.92
CA ARG D 62 12.69 16.83 42.51
C ARG D 62 11.68 17.96 42.38
N THR D 68 17.69 22.00 38.90
CA THR D 68 18.31 21.22 37.83
C THR D 68 17.30 20.86 36.74
N LYS D 69 17.62 21.18 35.48
CA LYS D 69 16.83 20.75 34.33
C LYS D 69 17.38 19.46 33.75
N ARG D 70 18.65 19.16 34.04
CA ARG D 70 19.30 17.93 33.57
C ARG D 70 19.63 16.97 34.69
N ILE D 71 19.51 15.68 34.38
CA ILE D 71 19.49 14.65 35.38
C ILE D 71 20.63 13.64 35.18
N ASP D 72 21.54 13.57 36.16
CA ASP D 72 22.62 12.58 36.19
C ASP D 72 22.71 11.83 37.53
N PHE D 73 22.76 10.50 37.49
CA PHE D 73 23.02 9.71 38.69
C PHE D 73 24.31 8.92 38.50
N GLY D 74 24.97 8.62 39.60
CA GLY D 74 26.12 7.73 39.53
C GLY D 74 27.41 8.41 39.16
N TYR D 75 28.50 7.69 39.36
CA TYR D 75 29.83 8.25 39.21
C TYR D 75 30.71 7.35 38.37
N GLU D 76 31.78 7.93 37.84
CA GLU D 76 32.73 7.15 37.04
C GLU D 76 33.47 6.22 37.97
N GLY D 77 33.27 4.92 37.82
CA GLY D 77 33.85 3.94 38.73
C GLY D 77 35.01 3.19 38.12
N ASP D 78 34.98 1.87 38.27
CA ASP D 78 36.04 1.01 37.74
C ASP D 78 36.07 0.96 36.23
N PRO D 79 37.25 0.73 35.65
CA PRO D 79 37.35 0.70 34.20
C PRO D 79 36.62 -0.52 33.58
N TYR D 80 36.15 -0.33 32.36
CA TYR D 80 35.59 -1.47 31.64
C TYR D 80 36.35 -1.51 30.33
N SER D 81 36.38 -2.70 29.73
CA SER D 81 37.06 -2.88 28.49
C SER D 81 36.29 -3.86 27.68
N ILE D 82 35.83 -3.44 26.51
CA ILE D 82 35.15 -4.35 25.59
C ILE D 82 36.20 -4.86 24.62
N VAL D 83 36.37 -6.17 24.58
CA VAL D 83 37.38 -6.78 23.72
C VAL D 83 36.76 -7.10 22.34
N PRO D 84 37.32 -6.52 21.26
CA PRO D 84 36.81 -6.85 19.93
C PRO D 84 36.92 -8.36 19.69
N SER D 85 35.78 -9.05 19.49
CA SER D 85 35.80 -10.51 19.45
C SER D 85 34.96 -11.07 18.32
N ALA D 86 35.10 -10.49 17.14
CA ALA D 86 34.33 -10.93 15.99
C ALA D 86 34.71 -12.35 15.55
N LEU D 87 33.70 -13.13 15.22
CA LEU D 87 33.91 -14.49 14.71
C LEU D 87 33.51 -14.55 13.25
N GLU D 88 33.70 -15.68 12.61
CA GLU D 88 33.37 -15.83 11.21
C GLU D 88 32.43 -16.98 11.04
N ALA D 89 31.20 -16.69 10.62
CA ALA D 89 30.24 -17.74 10.27
C ALA D 89 30.61 -18.33 8.87
N LYS D 90 30.33 -19.60 8.66
CA LYS D 90 30.84 -20.31 7.50
C LYS D 90 29.75 -21.13 6.86
N VAL D 91 29.50 -20.95 5.56
CA VAL D 91 28.62 -21.83 4.84
C VAL D 91 29.49 -22.65 3.88
N PRO D 92 29.66 -23.97 4.15
CA PRO D 92 30.49 -24.78 3.25
C PRO D 92 29.82 -25.09 1.93
N ARG D 93 30.61 -25.22 0.86
CA ARG D 93 30.04 -25.49 -0.47
C ARG D 93 29.29 -26.80 -0.54
N GLU D 94 29.58 -27.68 0.40
CA GLU D 94 28.91 -28.98 0.45
C GLU D 94 27.41 -28.88 0.74
N LEU D 95 27.00 -27.81 1.41
CA LEU D 95 25.58 -27.57 1.73
C LEU D 95 24.82 -26.78 0.64
N MSE D 96 25.48 -26.50 -0.49
CA MSE D 96 24.90 -25.72 -1.56
C MSE D 96 24.84 -26.52 -2.82
O MSE D 96 25.74 -27.29 -3.10
CB MSE D 96 25.72 -24.46 -1.78
CG MSE D 96 25.58 -23.47 -0.67
SE MSE D 96 26.75 -21.99 -0.88
CE MSE D 96 28.08 -22.77 -0.37
N ARG D 97 23.78 -26.34 -3.57
CA ARG D 97 23.66 -26.97 -4.87
C ARG D 97 24.61 -26.28 -5.83
N ASP D 98 24.64 -24.95 -5.77
CA ASP D 98 25.52 -24.17 -6.61
C ASP D 98 26.25 -23.19 -5.70
N ALA D 99 27.49 -23.54 -5.37
CA ALA D 99 28.33 -22.80 -4.46
C ALA D 99 28.96 -21.58 -5.10
N SER D 100 28.85 -21.42 -6.43
CA SER D 100 29.40 -20.24 -7.11
C SER D 100 28.62 -19.00 -6.77
N GLN D 101 27.39 -19.18 -6.30
CA GLN D 101 26.52 -18.07 -5.93
C GLN D 101 26.58 -17.77 -4.43
N VAL D 102 26.27 -16.53 -4.08
CA VAL D 102 26.20 -16.14 -2.68
C VAL D 102 25.08 -16.94 -2.01
N PRO D 103 25.31 -17.44 -0.78
CA PRO D 103 24.27 -18.29 -0.19
C PRO D 103 22.93 -17.55 0.10
N GLY D 104 21.83 -18.28 0.08
CA GLY D 104 20.54 -17.72 0.43
C GLY D 104 20.47 -17.37 1.90
N ILE D 105 19.50 -16.54 2.28
CA ILE D 105 19.35 -16.09 3.67
C ILE D 105 19.14 -17.25 4.66
N ASP D 106 18.50 -18.34 4.22
CA ASP D 106 18.31 -19.50 5.10
C ASP D 106 19.62 -20.15 5.49
N LEU D 107 20.55 -20.30 4.54
CA LEU D 107 21.83 -20.93 4.88
C LEU D 107 22.71 -19.93 5.64
N GLY D 108 22.72 -18.67 5.22
CA GLY D 108 23.51 -17.68 5.94
C GLY D 108 23.06 -17.50 7.39
N ALA D 109 21.75 -17.52 7.60
CA ALA D 109 21.16 -17.37 8.94
C ALA D 109 21.60 -18.49 9.87
N ARG D 110 21.58 -19.73 9.38
CA ARG D 110 22.03 -20.87 10.16
C ARG D 110 23.50 -20.71 10.56
N SER D 111 24.35 -20.28 9.63
CA SER D 111 25.78 -20.15 9.91
C SER D 111 26.02 -19.12 11.01
N VAL D 112 25.23 -18.04 10.95
CA VAL D 112 25.30 -16.96 11.91
C VAL D 112 24.90 -17.38 13.30
N ASN D 113 23.84 -18.19 13.40
CA ASN D 113 23.36 -18.73 14.67
C ASN D 113 24.44 -19.51 15.42
N THR D 114 25.28 -20.24 14.69
CA THR D 114 26.38 -21.01 15.27
C THR D 114 27.32 -20.11 16.05
N VAL D 115 27.67 -18.96 15.47
CA VAL D 115 28.60 -18.05 16.14
C VAL D 115 27.93 -17.24 17.23
N LEU D 116 26.66 -16.86 17.05
CA LEU D 116 25.92 -16.15 18.09
C LEU D 116 25.74 -17.00 19.34
N ARG D 117 25.60 -18.32 19.17
CA ARG D 117 25.49 -19.21 20.31
C ARG D 117 26.77 -19.25 21.09
N ILE D 118 27.90 -19.28 20.40
CA ILE D 118 29.20 -19.26 21.03
C ILE D 118 29.38 -17.99 21.86
N MSE D 119 28.96 -16.87 21.28
CA MSE D 119 29.00 -15.58 21.98
C MSE D 119 28.05 -15.52 23.17
O MSE D 119 28.32 -14.85 24.18
CB MSE D 119 28.64 -14.49 20.97
CG MSE D 119 29.71 -14.29 19.92
SE MSE D 119 29.24 -13.01 18.52
CE MSE D 119 30.78 -11.97 18.85
N ALA D 120 26.90 -16.17 23.03
CA ALA D 120 25.88 -16.21 24.07
C ALA D 120 26.38 -16.98 25.28
N LEU D 121 27.00 -18.13 25.04
CA LEU D 121 27.57 -18.92 26.14
C LEU D 121 28.72 -18.17 26.82
N ALA D 122 29.57 -17.53 26.02
CA ALA D 122 30.67 -16.74 26.61
C ALA D 122 30.09 -15.62 27.52
N HIS D 123 29.04 -14.95 27.04
CA HIS D 123 28.36 -13.89 27.81
C HIS D 123 27.79 -14.44 29.13
N GLU D 124 27.14 -15.60 29.06
CA GLU D 124 26.57 -16.26 30.22
C GLU D 124 27.62 -16.45 31.30
N HIS D 125 28.76 -16.99 30.90
CA HIS D 125 29.84 -17.24 31.82
C HIS D 125 30.38 -15.94 32.43
N GLU D 126 30.54 -14.94 31.59
CA GLU D 126 31.04 -13.64 32.04
C GLU D 126 30.11 -12.96 33.06
N CYS D 127 28.81 -13.16 32.89
CA CYS D 127 27.80 -12.61 33.80
C CYS D 127 27.88 -13.28 35.15
N ALA D 128 27.94 -14.62 35.15
CA ALA D 128 28.08 -15.42 36.37
C ALA D 128 29.37 -15.03 37.10
N GLN D 129 30.46 -14.89 36.36
CA GLN D 129 31.75 -14.54 36.99
C GLN D 129 31.69 -13.25 37.77
N ILE D 130 30.83 -12.32 37.34
CA ILE D 130 30.68 -11.05 38.06
C ILE D 130 29.63 -11.11 39.16
N ALA D 131 28.42 -11.55 38.82
CA ALA D 131 27.30 -11.59 39.78
C ALA D 131 27.59 -12.44 41.02
N LEU D 132 28.36 -13.51 40.83
CA LEU D 132 28.60 -14.52 41.87
C LEU D 132 29.96 -14.39 42.53
N ASP D 133 30.62 -13.27 42.32
CA ASP D 133 31.91 -13.01 42.97
C ASP D 133 31.65 -12.33 44.32
N PRO D 134 31.90 -13.04 45.45
CA PRO D 134 31.60 -12.42 46.75
C PRO D 134 32.44 -11.19 47.06
N ALA D 135 33.61 -11.08 46.43
CA ALA D 135 34.48 -9.93 46.63
C ALA D 135 33.86 -8.63 46.06
N LYS D 136 32.80 -8.77 45.26
CA LYS D 136 32.05 -7.61 44.70
C LYS D 136 31.00 -7.00 45.64
N TYR D 137 30.68 -7.69 46.72
CA TYR D 137 29.64 -7.24 47.65
C TYR D 137 30.20 -6.94 49.04
N ASN D 138 29.58 -5.97 49.70
CA ASN D 138 29.91 -5.70 51.10
C ASN D 138 29.25 -6.77 52.00
N ALA D 139 29.66 -6.83 53.26
CA ALA D 139 29.22 -7.87 54.19
C ALA D 139 27.73 -7.99 54.34
N ASP D 140 27.02 -6.87 54.30
CA ASP D 140 25.56 -6.86 54.45
C ASP D 140 24.82 -7.35 53.22
N HIS D 141 25.54 -7.55 52.11
CA HIS D 141 24.94 -7.94 50.84
C HIS D 141 25.39 -9.31 50.37
N LYS D 142 25.78 -10.18 51.31
CA LYS D 142 26.16 -11.54 50.99
C LYS D 142 26.14 -12.47 52.22
N VAL D 143 25.91 -13.76 51.98
CA VAL D 143 26.06 -14.79 52.99
C VAL D 143 26.66 -16.01 52.34
N LYS D 144 27.31 -16.84 53.15
CA LYS D 144 27.89 -18.08 52.68
C LYS D 144 27.30 -19.16 53.56
N LEU D 145 26.49 -20.04 52.97
CA LEU D 145 25.78 -21.03 53.76
C LEU D 145 26.65 -22.26 53.99
N VAL D 146 26.73 -22.66 55.25
CA VAL D 146 27.58 -23.75 55.69
C VAL D 146 26.73 -24.82 56.36
N GLY D 147 27.09 -26.08 56.14
CA GLY D 147 26.44 -27.19 56.82
C GLY D 147 24.93 -27.22 56.69
N SER D 148 24.26 -27.33 57.83
CA SER D 148 22.79 -27.47 57.83
C SER D 148 22.03 -26.19 57.43
N ALA D 149 22.75 -25.09 57.18
CA ALA D 149 22.15 -23.86 56.67
C ALA D 149 21.95 -23.97 55.17
N ARG D 150 22.68 -24.88 54.53
CA ARG D 150 22.54 -25.10 53.09
C ARG D 150 21.18 -25.72 52.77
N TRP D 151 20.63 -25.33 51.64
CA TRP D 151 19.25 -25.66 51.29
C TRP D 151 19.01 -27.13 51.06
N THR D 152 20.07 -27.90 50.94
CA THR D 152 19.98 -29.36 50.82
C THR D 152 19.66 -30.00 52.19
N SER D 153 19.86 -29.27 53.28
CA SER D 153 19.51 -29.74 54.62
C SER D 153 18.04 -29.44 54.90
N PRO D 154 17.32 -30.40 55.50
CA PRO D 154 15.97 -30.13 55.94
C PRO D 154 15.86 -29.10 57.09
N ASP D 155 16.96 -28.82 57.78
CA ASP D 155 17.00 -27.83 58.87
C ASP D 155 17.18 -26.41 58.36
N SER D 156 17.43 -26.28 57.06
CA SER D 156 17.65 -24.97 56.46
C SER D 156 16.36 -24.21 56.32
N ASP D 157 16.48 -22.91 56.04
CA ASP D 157 15.32 -22.04 55.85
C ASP D 157 15.52 -21.13 54.65
N PRO D 158 15.26 -21.64 53.43
CA PRO D 158 15.37 -20.83 52.23
C PRO D 158 14.54 -19.55 52.27
N THR D 159 13.30 -19.64 52.78
CA THR D 159 12.42 -18.50 52.81
C THR D 159 13.03 -17.35 53.61
N LYS D 160 13.59 -17.65 54.79
CA LYS D 160 14.25 -16.67 55.65
C LYS D 160 15.49 -16.05 54.99
N ASP D 161 16.28 -16.88 54.32
CA ASP D 161 17.46 -16.43 53.57
C ASP D 161 17.06 -15.42 52.48
N VAL D 162 15.99 -15.73 51.77
CA VAL D 162 15.49 -14.86 50.72
C VAL D 162 14.87 -13.57 51.27
N GLU D 163 14.15 -13.65 52.39
CA GLU D 163 13.58 -12.46 53.03
C GLU D 163 14.64 -11.53 53.53
N THR D 164 15.71 -12.10 54.08
CA THR D 164 16.86 -11.30 54.52
C THR D 164 17.50 -10.59 53.34
N ALA D 165 17.62 -11.29 52.22
CA ALA D 165 18.17 -10.74 50.97
C ALA D 165 17.32 -9.56 50.50
N LYS D 166 16.01 -9.75 50.46
CA LYS D 166 15.09 -8.72 49.98
C LYS D 166 15.19 -7.48 50.82
N GLU D 167 15.23 -7.65 52.14
CA GLU D 167 15.31 -6.53 53.08
C GLU D 167 16.60 -5.76 52.96
N ALA D 168 17.72 -6.46 52.82
CA ALA D 168 19.03 -5.82 52.63
C ALA D 168 19.00 -4.85 51.43
N ILE D 169 18.51 -5.31 50.30
CA ILE D 169 18.47 -4.50 49.08
C ILE D 169 17.43 -3.39 49.19
N ALA D 170 16.22 -3.73 49.61
CA ALA D 170 15.12 -2.76 49.76
C ALA D 170 15.52 -1.62 50.70
N ASP D 171 16.21 -1.97 51.78
CA ASP D 171 16.66 -0.98 52.75
C ASP D 171 17.72 -0.04 52.16
N SER D 172 18.57 -0.58 51.27
CA SER D 172 19.70 0.14 50.67
C SER D 172 19.35 1.09 49.51
N ILE D 173 18.39 0.68 48.69
CA ILE D 173 18.06 1.45 47.48
C ILE D 173 16.61 1.93 47.40
N GLY D 174 15.79 1.51 48.35
CA GLY D 174 14.40 1.98 48.45
C GLY D 174 13.47 1.42 47.40
N MSE D 175 13.84 0.25 46.88
CA MSE D 175 13.05 -0.47 45.89
C MSE D 175 13.23 -1.95 46.19
O MSE D 175 14.29 -2.38 46.63
CB MSE D 175 13.51 -0.16 44.45
CG MSE D 175 13.30 1.28 44.03
SE MSE D 175 13.84 1.71 42.22
CE MSE D 175 15.65 1.88 42.53
N GLU D 176 12.18 -2.71 45.94
CA GLU D 176 12.20 -4.15 46.12
C GLU D 176 12.99 -4.82 44.98
N PRO D 177 13.88 -5.77 45.33
CA PRO D 177 14.47 -6.54 44.27
C PRO D 177 13.38 -7.28 43.50
N ASN D 178 13.61 -7.45 42.21
CA ASN D 178 12.61 -7.98 41.29
C ASN D 178 13.09 -9.17 40.47
N ARG D 179 14.29 -9.64 40.75
CA ARG D 179 14.88 -10.72 40.01
C ARG D 179 15.63 -11.67 40.97
N LEU D 180 15.20 -12.93 41.01
CA LEU D 180 15.82 -13.94 41.83
C LEU D 180 16.38 -15.01 40.94
N MSE D 181 17.69 -15.26 41.08
CA MSE D 181 18.38 -16.28 40.33
C MSE D 181 18.57 -17.50 41.23
O MSE D 181 19.24 -17.45 42.23
CB MSE D 181 19.76 -15.75 39.90
CG MSE D 181 20.47 -16.57 38.77
SE MSE D 181 21.14 -18.35 39.23
CE MSE D 181 22.34 -17.78 40.56
N LEU D 182 17.95 -18.61 40.84
CA LEU D 182 18.21 -19.88 41.50
C LEU D 182 19.10 -20.70 40.58
N SER D 183 20.28 -21.09 41.03
CA SER D 183 21.04 -22.07 40.26
C SER D 183 20.24 -23.36 40.26
N ARG D 184 20.49 -24.18 39.26
CA ARG D 184 19.88 -25.49 39.09
C ARG D 184 19.95 -26.32 40.37
N LYS D 185 21.13 -26.34 40.99
CA LYS D 185 21.30 -27.07 42.24
C LYS D 185 20.44 -26.49 43.36
N ALA D 186 20.37 -25.16 43.45
CA ALA D 186 19.50 -24.50 44.48
C ALA D 186 18.02 -24.81 44.23
N LEU D 187 17.61 -24.82 42.97
CA LEU D 187 16.22 -25.13 42.61
C LEU D 187 15.90 -26.59 42.98
N SER D 188 16.79 -27.52 42.66
CA SER D 188 16.58 -28.93 43.02
C SER D 188 16.41 -29.11 44.53
N ALA D 189 17.27 -28.45 45.32
CA ALA D 189 17.15 -28.47 46.79
C ALA D 189 15.75 -28.02 47.22
N CYS D 190 15.25 -26.92 46.64
CA CYS D 190 13.90 -26.40 46.97
C CYS D 190 12.83 -27.43 46.72
N LYS D 191 12.95 -28.11 45.58
CA LYS D 191 11.98 -29.14 45.20
C LYS D 191 11.92 -30.33 46.17
N TYR D 192 13.00 -30.60 46.90
CA TYR D 192 12.99 -31.67 47.92
C TYR D 192 12.97 -31.17 49.37
N HIS D 193 12.82 -29.86 49.56
CA HIS D 193 12.89 -29.28 50.88
C HIS D 193 11.55 -29.46 51.58
N PRO D 194 11.54 -30.13 52.74
CA PRO D 194 10.27 -30.41 53.41
C PRO D 194 9.42 -29.17 53.83
N LYS D 195 10.06 -28.08 54.22
CA LYS D 195 9.33 -26.86 54.54
C LYS D 195 8.64 -26.31 53.30
N LEU D 196 9.32 -26.30 52.16
CA LEU D 196 8.72 -25.78 50.93
C LEU D 196 7.67 -26.75 50.37
N ILE D 197 7.97 -28.04 50.36
CA ILE D 197 6.99 -29.04 49.91
C ILE D 197 5.63 -28.86 50.60
N GLU D 198 5.63 -28.56 51.90
CA GLU D 198 4.38 -28.40 52.67
C GLU D 198 3.65 -27.08 52.41
N ARG D 199 4.28 -26.18 51.65
CA ARG D 199 3.65 -24.91 51.27
C ARG D 199 2.68 -25.12 50.10
N VAL D 200 2.97 -26.12 49.27
CA VAL D 200 2.26 -26.37 48.02
C VAL D 200 0.74 -26.52 48.16
N LYS D 201 0.28 -27.23 49.19
CA LYS D 201 -1.16 -27.47 49.36
C LYS D 201 -1.93 -26.18 49.56
N TYR D 202 -1.26 -25.13 50.05
CA TYR D 202 -1.90 -23.84 50.32
C TYR D 202 -1.92 -22.86 49.13
N THR D 203 -1.41 -23.34 48.00
CA THR D 203 -1.35 -22.59 46.74
C THR D 203 -2.20 -23.35 45.72
N ARG D 204 -2.39 -22.76 44.54
CA ARG D 204 -2.97 -23.50 43.41
C ARG D 204 -1.87 -24.22 42.58
N ALA D 205 -0.60 -24.12 42.99
CA ALA D 205 0.46 -24.93 42.38
C ALA D 205 0.27 -26.42 42.72
N GLU D 206 0.73 -27.29 41.81
CA GLU D 206 0.65 -28.76 41.96
C GLU D 206 1.95 -29.30 42.54
N SER D 207 3.03 -28.54 42.39
CA SER D 207 4.33 -28.90 42.95
C SER D 207 5.19 -27.65 43.15
N ILE D 208 6.40 -27.85 43.63
CA ILE D 208 7.32 -26.74 43.75
C ILE D 208 7.80 -26.34 42.35
N THR D 209 7.15 -25.32 41.82
CA THR D 209 7.55 -24.73 40.54
C THR D 209 8.08 -23.32 40.85
N ILE D 210 8.72 -22.71 39.86
CA ILE D 210 9.20 -21.33 40.04
C ILE D 210 8.03 -20.34 40.10
N ASP D 211 6.86 -20.70 39.57
CA ASP D 211 5.69 -19.83 39.67
C ASP D 211 5.17 -19.75 41.09
N MSE D 212 5.24 -20.84 41.82
CA MSE D 212 4.80 -20.85 43.18
C MSE D 212 5.78 -20.11 44.09
O MSE D 212 5.34 -19.32 44.91
CB MSE D 212 4.58 -22.28 43.64
CG MSE D 212 4.33 -22.33 45.11
SE MSE D 212 5.77 -23.14 45.95
CE MSE D 212 4.76 -24.84 45.58
N LEU D 213 7.08 -20.37 43.94
CA LEU D 213 8.12 -19.66 44.70
C LEU D 213 8.11 -18.16 44.48
N LYS D 214 7.79 -17.75 43.27
CA LYS D 214 7.59 -16.32 42.95
C LYS D 214 6.55 -15.69 43.83
N ALA D 215 5.39 -16.34 43.92
CA ALA D 215 4.29 -15.90 44.77
C ALA D 215 4.63 -16.01 46.27
N LEU D 216 5.24 -17.13 46.69
CA LEU D 216 5.58 -17.35 48.09
C LEU D 216 6.55 -16.32 48.60
N TRP D 217 7.58 -16.02 47.81
CA TRP D 217 8.64 -15.09 48.19
C TRP D 217 8.39 -13.66 47.71
N GLU D 218 7.32 -13.47 46.95
CA GLU D 218 6.96 -12.14 46.47
C GLU D 218 8.12 -11.46 45.74
N VAL D 219 8.61 -12.15 44.71
CA VAL D 219 9.62 -11.58 43.80
CA VAL D 219 9.64 -11.63 43.79
C VAL D 219 9.02 -11.63 42.39
N GLU D 220 9.17 -10.54 41.65
CA GLU D 220 8.57 -10.42 40.33
C GLU D 220 8.92 -11.56 39.35
N GLU D 221 10.20 -11.91 39.28
CA GLU D 221 10.65 -12.90 38.31
C GLU D 221 11.74 -13.78 38.88
N ILE D 222 11.61 -15.08 38.69
CA ILE D 222 12.63 -16.04 39.09
C ILE D 222 13.27 -16.59 37.84
N VAL D 223 14.60 -16.57 37.77
CA VAL D 223 15.34 -17.12 36.62
C VAL D 223 16.20 -18.29 37.11
N VAL D 224 16.31 -19.36 36.34
CA VAL D 224 17.06 -20.55 36.77
C VAL D 224 18.38 -20.65 36.00
N GLY D 225 19.50 -20.70 36.71
CA GLY D 225 20.79 -20.81 36.05
C GLY D 225 21.06 -22.26 35.73
N THR D 226 20.80 -22.66 34.48
CA THR D 226 20.99 -24.05 34.04
C THR D 226 22.26 -24.32 33.23
N ALA D 227 22.82 -23.29 32.61
CA ALA D 227 23.96 -23.48 31.72
C ALA D 227 25.11 -24.20 32.38
N ARG D 228 25.73 -25.11 31.62
CA ARG D 228 26.95 -25.78 32.02
C ARG D 228 28.03 -25.61 30.97
N VAL D 229 29.30 -25.51 31.38
CA VAL D 229 30.44 -25.46 30.43
C VAL D 229 31.47 -26.58 30.75
N ALA D 230 32.27 -26.94 29.75
CA ALA D 230 33.35 -27.90 29.94
C ALA D 230 34.36 -27.29 30.91
N THR D 231 34.81 -28.11 31.85
CA THR D 231 35.78 -27.72 32.87
C THR D 231 36.84 -28.78 32.96
N GLY D 232 38.06 -28.36 33.23
CA GLY D 232 39.17 -29.29 33.37
C GLY D 232 39.55 -29.89 32.03
N ALA D 233 40.55 -30.77 32.06
CA ALA D 233 41.09 -31.40 30.86
C ALA D 233 40.52 -32.81 30.70
N ASN D 234 39.64 -33.21 31.61
CA ASN D 234 39.01 -34.53 31.60
C ASN D 234 37.63 -34.48 30.93
N ASP D 235 36.63 -35.09 31.56
CA ASP D 235 35.29 -35.28 30.99
C ASP D 235 34.18 -34.53 31.75
N SER D 236 34.56 -33.54 32.55
CA SER D 236 33.60 -32.90 33.43
C SER D 236 32.96 -31.64 32.84
N PHE D 237 31.75 -31.37 33.29
CA PHE D 237 31.04 -30.15 32.96
C PHE D 237 30.71 -29.48 34.28
N GLY D 238 30.81 -28.16 34.34
CA GLY D 238 30.53 -27.42 35.55
C GLY D 238 29.37 -26.47 35.33
N ASP D 239 28.55 -26.33 36.37
CA ASP D 239 27.44 -25.40 36.38
C ASP D 239 27.94 -23.96 36.29
N VAL D 240 27.50 -23.22 35.28
CA VAL D 240 27.93 -21.82 35.12
C VAL D 240 27.54 -20.99 36.35
N TRP D 241 26.36 -21.26 36.91
CA TRP D 241 25.86 -20.47 38.04
C TRP D 241 26.10 -21.12 39.38
N GLY D 242 26.94 -22.14 39.41
CA GLY D 242 27.38 -22.75 40.65
C GLY D 242 26.22 -23.33 41.44
N PRO D 243 26.42 -23.46 42.76
CA PRO D 243 25.41 -23.86 43.72
C PRO D 243 24.72 -22.65 44.37
N ASP D 244 24.79 -21.49 43.76
CA ASP D 244 24.44 -20.23 44.42
C ASP D 244 23.02 -19.75 44.19
N VAL D 245 22.64 -18.74 44.97
CA VAL D 245 21.37 -18.03 44.79
C VAL D 245 21.76 -16.57 44.78
N TRP D 246 21.07 -15.79 43.94
CA TRP D 246 21.34 -14.35 43.85
C TRP D 246 20.01 -13.63 43.76
N LEU D 247 19.92 -12.45 44.34
CA LEU D 247 18.73 -11.63 44.21
C LEU D 247 19.16 -10.20 43.94
N GLY D 248 18.38 -9.49 43.14
CA GLY D 248 18.65 -8.10 42.87
C GLY D 248 17.51 -7.32 42.29
N TYR D 249 17.73 -6.01 42.31
CA TYR D 249 16.92 -5.07 41.55
C TYR D 249 17.59 -4.83 40.18
N VAL D 250 16.95 -5.33 39.13
CA VAL D 250 17.39 -5.17 37.76
C VAL D 250 16.29 -4.33 37.09
N SER D 251 16.63 -3.19 36.52
CA SER D 251 15.60 -2.34 35.93
C SER D 251 14.76 -3.11 34.89
N ASP D 252 13.46 -2.89 34.92
CA ASP D 252 12.51 -3.51 33.99
C ASP D 252 12.32 -2.65 32.73
N ASN D 253 13.11 -1.59 32.59
CA ASN D 253 13.01 -0.71 31.43
C ASN D 253 13.18 -1.53 30.17
N PRO D 254 12.20 -1.46 29.23
CA PRO D 254 12.32 -2.11 27.93
C PRO D 254 13.38 -1.48 27.01
N ASP D 255 13.89 -0.31 27.37
CA ASP D 255 14.97 0.32 26.63
C ASP D 255 16.11 0.58 27.61
N PRO D 256 16.89 -0.47 27.95
CA PRO D 256 17.95 -0.30 28.94
C PRO D 256 19.02 0.77 28.64
N SER D 257 19.36 1.57 29.64
CA SER D 257 20.31 2.66 29.52
C SER D 257 21.35 2.54 30.63
N VAL D 258 22.63 2.55 30.27
CA VAL D 258 23.69 2.41 31.26
C VAL D 258 23.69 3.56 32.28
N GLU D 259 22.96 4.63 32.00
CA GLU D 259 22.84 5.79 32.89
C GLU D 259 21.78 5.67 33.99
N GLU D 260 20.93 4.63 33.90
CA GLU D 260 19.83 4.44 34.86
C GLU D 260 20.23 3.47 35.99
N PRO D 261 20.13 3.92 37.27
CA PRO D 261 20.40 3.07 38.44
C PRO D 261 19.74 1.70 38.39
N SER D 262 20.59 0.68 38.49
CA SER D 262 20.21 -0.72 38.38
C SER D 262 21.42 -1.53 38.83
N PHE D 263 21.24 -2.81 39.07
CA PHE D 263 22.36 -3.68 39.48
C PHE D 263 23.49 -3.73 38.43
N GLY D 264 23.12 -3.92 37.18
CA GLY D 264 24.11 -4.06 36.15
C GLY D 264 23.62 -4.01 34.74
N TYR D 265 24.59 -3.98 33.81
CA TYR D 265 24.33 -3.89 32.39
C TYR D 265 25.34 -4.67 31.59
N THR D 266 24.89 -5.16 30.44
CA THR D 266 25.81 -5.61 29.39
C THR D 266 26.05 -4.40 28.52
N TYR D 267 27.23 -3.78 28.72
CA TYR D 267 27.67 -2.66 27.91
C TYR D 267 27.94 -3.25 26.53
N GLN D 268 27.19 -2.79 25.53
CA GLN D 268 27.25 -3.34 24.17
C GLN D 268 27.42 -2.25 23.13
N ILE D 269 28.30 -2.47 22.16
CA ILE D 269 28.55 -1.46 21.15
C ILE D 269 27.28 -1.20 20.38
N GLU D 270 26.94 0.07 20.22
CA GLU D 270 25.71 0.47 19.55
C GLU D 270 25.61 -0.18 18.16
N GLY D 271 24.52 -0.87 17.91
CA GLY D 271 24.29 -1.48 16.62
C GLY D 271 24.55 -2.98 16.59
N HIS D 272 25.27 -3.50 17.57
CA HIS D 272 25.60 -4.89 17.61
C HIS D 272 24.44 -5.74 18.11
N PRO D 273 24.31 -6.97 17.64
CA PRO D 273 25.14 -7.68 16.68
C PRO D 273 24.96 -7.26 15.22
N LEU D 274 26.07 -7.29 14.49
CA LEU D 274 26.15 -6.94 13.08
C LEU D 274 26.65 -8.16 12.32
N VAL D 275 26.11 -8.40 11.16
CA VAL D 275 26.60 -9.42 10.22
C VAL D 275 27.08 -8.73 8.96
N GLU D 276 28.31 -9.02 8.54
CA GLU D 276 28.91 -8.42 7.35
C GLU D 276 28.51 -9.22 6.14
N VAL D 277 28.53 -8.61 4.96
CA VAL D 277 28.26 -9.37 3.73
C VAL D 277 29.34 -10.45 3.58
N PRO D 278 28.99 -11.62 2.99
CA PRO D 278 29.98 -12.69 2.93
C PRO D 278 31.09 -12.50 1.90
N TYR D 279 32.23 -13.15 2.11
CA TYR D 279 33.28 -13.30 1.11
C TYR D 279 33.53 -14.80 0.92
N TRP D 280 34.00 -15.15 -0.27
CA TRP D 280 34.36 -16.51 -0.60
C TRP D 280 35.78 -16.79 -0.14
N ASP D 281 35.97 -17.86 0.62
CA ASP D 281 37.29 -18.29 1.04
C ASP D 281 37.59 -19.58 0.28
N ASN D 282 38.50 -19.45 -0.69
CA ASN D 282 38.84 -20.56 -1.59
C ASN D 282 39.62 -21.65 -0.91
N ASN D 283 40.34 -21.34 0.15
CA ASN D 283 41.04 -22.39 0.90
C ASN D 283 40.08 -23.20 1.74
N ALA D 284 39.12 -22.53 2.36
CA ALA D 284 38.12 -23.22 3.16
C ALA D 284 36.98 -23.76 2.31
N LYS D 285 36.90 -23.32 1.06
CA LYS D 285 35.78 -23.66 0.15
C LYS D 285 34.45 -23.34 0.81
N SER D 286 34.37 -22.12 1.33
CA SER D 286 33.20 -21.68 2.07
C SER D 286 32.99 -20.20 1.86
N TRP D 287 31.74 -19.81 2.06
CA TRP D 287 31.33 -18.41 2.17
C TRP D 287 31.42 -18.02 3.63
N ILE D 288 32.04 -16.86 3.89
CA ILE D 288 32.33 -16.43 5.26
C ILE D 288 31.60 -15.13 5.57
N TYR D 289 30.83 -15.14 6.65
CA TYR D 289 30.15 -13.93 7.17
C TYR D 289 30.83 -13.47 8.46
N GLY D 290 31.44 -12.30 8.49
CA GLY D 290 31.95 -11.79 9.75
C GLY D 290 30.80 -11.43 10.68
N VAL D 291 30.88 -11.82 11.95
CA VAL D 291 29.83 -11.56 12.94
C VAL D 291 30.47 -10.85 14.12
N SER D 292 29.92 -9.69 14.48
CA SER D 292 30.42 -8.92 15.62
C SER D 292 29.31 -8.68 16.62
N ASP D 293 29.64 -8.85 17.90
CA ASP D 293 28.75 -8.51 18.98
C ASP D 293 29.60 -8.20 20.19
N ASP D 294 30.23 -7.03 20.14
CA ASP D 294 31.17 -6.65 21.16
C ASP D 294 30.44 -6.09 22.36
N ASN D 295 30.69 -6.74 23.48
CA ASN D 295 30.02 -6.40 24.73
C ASN D 295 30.81 -6.86 25.92
N THR D 296 30.48 -6.29 27.08
CA THR D 296 30.99 -6.75 28.37
C THR D 296 29.95 -6.48 29.47
N PRO D 297 29.63 -7.49 30.28
CA PRO D 297 28.82 -7.28 31.46
C PRO D 297 29.58 -6.43 32.48
N ALA D 298 28.87 -5.53 33.15
CA ALA D 298 29.44 -4.65 34.16
C ALA D 298 28.46 -4.59 35.37
N LEU D 299 29.03 -4.70 36.57
CA LEU D 299 28.30 -4.50 37.82
C LEU D 299 28.31 -3.00 38.07
N SER D 300 27.15 -2.35 38.04
CA SER D 300 27.08 -0.90 38.28
C SER D 300 26.55 -0.54 39.68
N GLY D 301 25.66 -1.38 40.22
CA GLY D 301 24.99 -1.07 41.49
C GLY D 301 25.02 -2.22 42.50
N MSE D 302 26.12 -2.34 43.24
CA MSE D 302 26.29 -3.43 44.21
C MSE D 302 25.16 -3.51 45.23
O MSE D 302 24.70 -4.59 45.57
CB MSE D 302 27.63 -3.28 44.93
CG MSE D 302 27.84 -4.32 46.06
SE MSE D 302 27.12 -3.86 47.79
CE MSE D 302 28.37 -2.48 48.23
N LEU D 303 24.72 -2.34 45.70
CA LEU D 303 23.67 -2.29 46.71
C LEU D 303 22.35 -2.85 46.18
N ALA D 304 22.23 -2.97 44.85
CA ALA D 304 21.03 -3.54 44.23
C ALA D 304 21.11 -5.05 44.11
N GLY D 305 22.19 -5.64 44.60
CA GLY D 305 22.41 -7.08 44.54
C GLY D 305 22.66 -7.72 45.89
N TYR D 306 22.50 -9.04 45.94
CA TYR D 306 22.76 -9.81 47.16
C TYR D 306 23.09 -11.25 46.77
N LEU D 307 24.19 -11.76 47.31
CA LEU D 307 24.68 -13.09 46.97
C LEU D 307 24.53 -14.06 48.13
N ILE D 308 23.83 -15.17 47.87
CA ILE D 308 23.73 -16.31 48.80
C ILE D 308 24.60 -17.43 48.22
N GLU D 309 25.82 -17.58 48.73
CA GLU D 309 26.72 -18.64 48.29
C GLU D 309 26.40 -20.02 48.85
N ASP D 310 26.62 -21.04 48.02
CA ASP D 310 26.65 -22.44 48.46
C ASP D 310 25.33 -23.06 48.93
N ALA D 311 24.23 -22.39 48.59
CA ALA D 311 22.89 -22.87 48.96
C ALA D 311 22.59 -24.29 48.44
N GLY D 312 23.04 -24.57 47.24
CA GLY D 312 22.80 -25.86 46.60
C GLY D 312 23.84 -26.95 46.82
N LEU D 313 24.81 -26.73 47.70
CA LEU D 313 25.79 -27.76 48.01
C LEU D 313 25.26 -28.70 49.09
N PRO D 314 25.79 -29.95 49.14
CA PRO D 314 25.39 -30.91 50.18
C PRO D 314 25.68 -30.41 51.60
N ALA D 315 24.77 -30.68 52.54
CA ALA D 315 24.91 -30.19 53.91
C ALA D 315 26.12 -30.86 54.56
N ALA D 316 26.30 -32.15 54.24
CA ALA D 316 27.49 -32.91 54.62
C ALA D 316 27.87 -33.75 53.40
N GLN E 9 4.22 30.67 22.34
CA GLN E 9 5.07 30.22 21.17
C GLN E 9 5.40 28.74 21.25
N ALA E 10 5.04 28.01 20.19
CA ALA E 10 5.26 26.57 20.14
C ALA E 10 6.76 26.26 20.00
N ARG E 11 7.08 25.00 20.21
CA ARG E 11 8.44 24.52 20.01
C ARG E 11 8.38 23.62 18.79
N VAL E 12 9.54 23.22 18.26
CA VAL E 12 9.54 22.29 17.14
C VAL E 12 9.55 20.89 17.76
N VAL E 13 8.41 20.22 17.63
CA VAL E 13 8.22 18.92 18.25
C VAL E 13 8.79 17.82 17.36
N ASP E 14 9.40 16.83 18.03
CA ASP E 14 9.87 15.61 17.41
C ASP E 14 8.73 14.59 17.59
N PRO E 15 8.01 14.27 16.50
CA PRO E 15 6.82 13.46 16.63
C PRO E 15 7.09 12.02 17.02
N ILE E 16 8.23 11.48 16.62
CA ILE E 16 8.56 10.09 16.94
C ILE E 16 8.87 9.96 18.42
N LEU E 17 9.70 10.86 18.94
CA LEU E 17 10.02 10.80 20.36
C LEU E 17 8.81 11.19 21.24
N SER E 18 7.95 12.07 20.74
CA SER E 18 6.71 12.42 21.42
C SER E 18 5.77 11.22 21.50
N THR E 19 5.64 10.48 20.41
CA THR E 19 4.87 9.25 20.42
C THR E 19 5.48 8.28 21.42
N HIS E 20 6.80 8.14 21.41
CA HIS E 20 7.45 7.29 22.41
C HIS E 20 7.14 7.73 23.86
N ALA E 21 7.22 9.03 24.15
CA ALA E 21 6.91 9.56 25.49
C ALA E 21 5.48 9.25 25.93
N ARG E 22 4.54 9.29 24.98
CA ARG E 22 3.12 9.00 25.28
C ARG E 22 2.85 7.56 25.64
N GLY E 23 3.72 6.66 25.19
CA GLY E 23 3.64 5.24 25.54
C GLY E 23 4.40 4.84 26.79
N TYR E 24 5.06 5.81 27.46
CA TYR E 24 5.83 5.56 28.67
C TYR E 24 4.92 5.13 29.81
N ARG E 25 5.25 4.00 30.44
CA ARG E 25 4.48 3.43 31.53
C ARG E 25 5.38 3.14 32.72
N GLN E 26 4.81 3.31 33.92
CA GLN E 26 5.46 2.96 35.17
C GLN E 26 4.39 2.17 35.94
N SER E 27 4.39 0.86 35.75
CA SER E 27 3.34 0.01 36.27
C SER E 27 3.22 -0.05 37.81
N THR E 28 4.29 0.24 38.55
CA THR E 28 4.21 0.20 40.00
C THR E 28 3.79 1.55 40.61
N LEU E 29 3.71 2.60 39.79
CA LEU E 29 3.20 3.89 40.24
C LEU E 29 1.69 3.88 40.01
N ILE E 30 0.92 4.30 41.02
CA ILE E 30 -0.53 4.14 40.97
C ILE E 30 -1.31 5.46 40.99
N GLY E 31 -0.61 6.60 40.99
CA GLY E 31 -1.26 7.92 41.04
C GLY E 31 -2.31 8.14 39.96
N LYS E 32 -2.02 7.70 38.75
CA LYS E 32 -2.96 7.82 37.62
C LYS E 32 -4.17 6.89 37.76
N LYS E 33 -4.12 5.98 38.72
CA LYS E 33 -5.28 5.11 38.99
C LYS E 33 -6.31 5.80 39.85
N LEU E 34 -5.88 6.84 40.56
CA LEU E 34 -6.75 7.70 41.36
C LEU E 34 -7.07 8.99 40.61
N PHE E 35 -6.11 9.45 39.81
CA PHE E 35 -6.22 10.72 39.10
C PHE E 35 -5.88 10.53 37.63
N PRO E 36 -6.81 9.92 36.86
CA PRO E 36 -6.53 9.70 35.44
C PRO E 36 -6.22 10.97 34.66
N VAL E 37 -5.34 10.84 33.69
CA VAL E 37 -4.92 11.95 32.87
C VAL E 37 -6.03 12.39 31.89
N ALA E 38 -6.36 13.67 31.95
CA ALA E 38 -7.42 14.22 31.15
C ALA E 38 -6.92 15.57 30.62
N PRO E 39 -7.20 15.88 29.33
CA PRO E 39 -6.67 17.12 28.74
C PRO E 39 -7.39 18.41 29.13
N VAL E 40 -6.59 19.44 29.36
CA VAL E 40 -7.05 20.79 29.53
C VAL E 40 -6.18 21.69 28.62
N ALA E 41 -6.61 22.93 28.43
CA ALA E 41 -5.87 23.90 27.62
C ALA E 41 -5.22 24.99 28.47
N GLN E 42 -5.84 25.35 29.59
CA GLN E 42 -5.39 26.45 30.46
C GLN E 42 -4.42 26.01 31.56
N TYR E 43 -3.35 26.80 31.75
CA TYR E 43 -2.39 26.59 32.81
C TYR E 43 -2.91 27.02 34.19
N GLY E 44 -3.88 27.94 34.18
CA GLY E 44 -4.55 28.38 35.40
C GLY E 44 -6.05 28.34 35.17
N GLY E 45 -6.81 28.02 36.21
CA GLY E 45 -8.26 27.96 36.06
C GLY E 45 -8.92 27.50 37.32
N LYS E 46 -10.14 26.99 37.17
CA LYS E 46 -10.90 26.45 38.29
C LYS E 46 -11.13 24.98 38.04
N ILE E 47 -11.04 24.18 39.10
CA ILE E 47 -11.28 22.75 39.03
C ILE E 47 -12.78 22.55 38.85
N LEU E 48 -13.17 21.80 37.83
CA LEU E 48 -14.58 21.47 37.65
C LEU E 48 -14.89 20.47 38.75
N THR E 49 -15.77 20.87 39.66
CA THR E 49 -16.01 20.15 40.92
C THR E 49 -17.37 19.46 40.92
N PHE E 50 -17.40 18.28 41.50
CA PHE E 50 -18.59 17.47 41.55
C PHE E 50 -19.00 17.22 42.99
N GLY E 51 -20.07 17.90 43.39
CA GLY E 51 -20.66 17.71 44.69
C GLY E 51 -21.82 16.74 44.58
N LYS E 52 -22.68 16.73 45.60
CA LYS E 52 -23.78 15.78 45.67
C LYS E 52 -24.71 15.95 44.48
N GLU E 53 -25.04 17.19 44.14
CA GLU E 53 -25.94 17.47 43.02
C GLU E 53 -25.40 16.95 41.68
N ALA E 54 -24.11 17.15 41.45
CA ALA E 54 -23.44 16.69 40.22
C ALA E 54 -23.58 15.18 40.01
N PHE E 55 -23.30 14.42 41.07
CA PHE E 55 -23.42 12.96 40.97
C PHE E 55 -24.88 12.54 40.86
N ARG E 56 -25.78 13.24 41.52
CA ARG E 56 -27.20 12.93 41.39
C ARG E 56 -27.66 13.15 39.94
N LEU E 57 -27.30 14.30 39.38
CA LEU E 57 -27.63 14.66 37.99
C LEU E 57 -27.03 13.66 36.99
N TYR E 58 -25.79 13.26 37.25
CA TYR E 58 -25.08 12.30 36.43
C TYR E 58 -25.85 11.00 36.31
N ASN E 59 -26.49 10.56 37.40
CA ASN E 59 -27.28 9.32 37.40
C ASN E 59 -28.79 9.54 37.49
N THR E 60 -29.26 10.61 36.89
CA THR E 60 -30.66 10.88 36.76
C THR E 60 -31.07 10.51 35.34
N LYS E 61 -32.15 9.75 35.20
CA LYS E 61 -32.60 9.35 33.88
C LYS E 61 -33.07 10.61 33.16
N ARG E 62 -32.65 10.71 31.91
CA ARG E 62 -33.09 11.75 31.00
C ARG E 62 -34.60 12.00 31.08
N ALA E 63 -35.02 13.25 31.26
CA ALA E 63 -36.44 13.59 31.39
C ALA E 63 -37.13 13.47 30.04
N PRO E 64 -38.13 12.58 29.92
CA PRO E 64 -38.86 12.57 28.67
C PRO E 64 -39.63 13.89 28.51
N GLY E 65 -39.76 14.37 27.28
CA GLY E 65 -40.48 15.61 27.02
C GLY E 65 -39.67 16.89 27.16
N ALA E 66 -38.44 16.79 27.65
CA ALA E 66 -37.56 17.95 27.78
C ALA E 66 -36.94 18.33 26.43
N ASN E 67 -36.80 19.63 26.18
CA ASN E 67 -36.15 20.16 24.97
C ASN E 67 -34.64 20.40 25.10
N THR E 68 -34.12 20.44 26.33
CA THR E 68 -32.69 20.61 26.58
C THR E 68 -31.92 19.55 25.82
N LYS E 69 -30.85 19.98 25.15
CA LYS E 69 -29.98 19.08 24.38
C LYS E 69 -28.62 18.88 25.04
N ARG E 70 -28.22 19.83 25.89
CA ARG E 70 -26.88 19.84 26.49
C ARG E 70 -26.91 19.66 28.00
N ILE E 71 -25.79 19.19 28.56
CA ILE E 71 -25.69 18.95 29.99
C ILE E 71 -24.27 19.22 30.54
N ASP E 72 -24.19 19.99 31.61
CA ASP E 72 -22.97 20.07 32.43
C ASP E 72 -23.33 19.44 33.77
N PHE E 73 -22.33 18.89 34.45
CA PHE E 73 -22.51 18.29 35.77
C PHE E 73 -21.84 19.08 36.90
N GLY E 74 -20.60 19.53 36.66
CA GLY E 74 -19.81 20.14 37.73
C GLY E 74 -19.91 21.64 37.81
N TYR E 75 -19.30 22.21 38.87
CA TYR E 75 -19.21 23.67 39.07
C TYR E 75 -17.76 24.15 39.21
N GLU E 76 -17.52 25.42 38.90
CA GLU E 76 -16.19 25.96 39.06
C GLU E 76 -15.85 26.06 40.54
N GLY E 77 -14.87 25.29 40.96
CA GLY E 77 -14.51 25.25 42.37
C GLY E 77 -13.21 25.95 42.60
N ASP E 78 -12.33 25.30 43.36
CA ASP E 78 -11.05 25.85 43.75
C ASP E 78 -10.14 26.04 42.55
N PRO E 79 -9.23 27.01 42.62
CA PRO E 79 -8.37 27.24 41.49
C PRO E 79 -7.31 26.16 41.39
N TYR E 80 -6.83 25.97 40.19
CA TYR E 80 -5.72 25.06 39.94
C TYR E 80 -4.65 25.83 39.20
N SER E 81 -3.42 25.35 39.29
CA SER E 81 -2.33 25.98 38.58
C SER E 81 -1.33 24.91 38.14
N ILE E 82 -1.13 24.84 36.83
CA ILE E 82 -0.17 23.91 36.29
C ILE E 82 1.10 24.72 36.15
N VAL E 83 2.15 24.29 36.84
CA VAL E 83 3.44 25.00 36.78
C VAL E 83 4.24 24.43 35.60
N PRO E 84 4.66 25.30 34.67
CA PRO E 84 5.50 24.87 33.58
C PRO E 84 6.79 24.29 34.16
N SER E 85 7.05 23.02 33.90
CA SER E 85 8.17 22.35 34.55
C SER E 85 8.92 21.46 33.55
N ALA E 86 9.23 22.03 32.39
CA ALA E 86 9.95 21.31 31.36
C ALA E 86 11.37 21.02 31.81
N LEU E 87 11.82 19.80 31.53
CA LEU E 87 13.17 19.35 31.86
C LEU E 87 13.89 19.19 30.53
N GLU E 88 15.15 18.78 30.58
CA GLU E 88 15.96 18.61 29.38
C GLU E 88 16.66 17.26 29.42
N ALA E 89 16.22 16.36 28.54
CA ALA E 89 16.88 15.08 28.32
C ALA E 89 18.23 15.36 27.65
N LYS E 90 19.22 14.51 27.92
CA LYS E 90 20.60 14.74 27.49
C LYS E 90 21.19 13.46 26.95
N VAL E 91 21.78 13.54 25.76
CA VAL E 91 22.55 12.44 25.21
C VAL E 91 23.99 12.89 25.13
N PRO E 92 24.85 12.38 26.05
CA PRO E 92 26.23 12.78 26.06
C PRO E 92 27.00 12.22 24.87
N ARG E 93 28.00 12.96 24.40
CA ARG E 93 28.75 12.54 23.23
C ARG E 93 29.50 11.22 23.43
N GLU E 94 29.86 10.90 24.69
CA GLU E 94 30.64 9.70 25.00
C GLU E 94 29.86 8.45 24.69
N LEU E 95 28.53 8.56 24.59
CA LEU E 95 27.66 7.45 24.19
C LEU E 95 27.52 7.33 22.66
N MSE E 96 28.16 8.23 21.92
CA MSE E 96 28.01 8.25 20.44
C MSE E 96 29.33 8.03 19.71
O MSE E 96 30.33 8.62 20.06
CB MSE E 96 27.43 9.59 19.98
CG MSE E 96 26.10 9.92 20.62
SE MSE E 96 25.52 11.71 20.16
CE MSE E 96 25.10 11.34 18.38
N ARG E 97 29.29 7.19 18.69
CA ARG E 97 30.47 6.97 17.83
C ARG E 97 30.85 8.29 17.15
N ASP E 98 29.84 8.94 16.58
CA ASP E 98 30.02 10.24 15.90
C ASP E 98 29.03 11.26 16.51
N ALA E 99 29.52 12.05 17.44
CA ALA E 99 28.69 13.01 18.15
C ALA E 99 28.32 14.19 17.27
N SER E 100 28.91 14.27 16.08
CA SER E 100 28.65 15.41 15.20
C SER E 100 27.28 15.26 14.59
N GLN E 101 26.71 14.07 14.64
CA GLN E 101 25.39 13.82 14.07
C GLN E 101 24.30 13.81 15.15
N VAL E 102 23.07 14.08 14.72
CA VAL E 102 21.92 14.03 15.61
C VAL E 102 21.80 12.59 16.12
N PRO E 103 21.52 12.39 17.43
CA PRO E 103 21.49 11.01 17.92
C PRO E 103 20.38 10.18 17.29
N GLY E 104 20.58 8.88 17.20
CA GLY E 104 19.51 7.99 16.72
C GLY E 104 18.37 7.97 17.74
N ILE E 105 17.20 7.51 17.31
CA ILE E 105 16.05 7.45 18.18
C ILE E 105 16.23 6.55 19.42
N ASP E 106 17.07 5.53 19.32
CA ASP E 106 17.31 4.67 20.47
CA ASP E 106 17.31 4.67 20.47
C ASP E 106 17.95 5.46 21.62
N LEU E 107 18.96 6.28 21.29
CA LEU E 107 19.64 7.08 22.32
C LEU E 107 18.75 8.24 22.81
N GLY E 108 18.05 8.90 21.91
CA GLY E 108 17.10 9.94 22.26
C GLY E 108 15.97 9.46 23.14
N ALA E 109 15.40 8.30 22.81
CA ALA E 109 14.34 7.70 23.60
C ALA E 109 14.81 7.43 25.02
N ARG E 110 16.00 6.85 25.17
CA ARG E 110 16.56 6.57 26.49
C ARG E 110 16.77 7.82 27.34
N SER E 111 17.30 8.86 26.72
CA SER E 111 17.51 10.14 27.41
C SER E 111 16.18 10.72 27.90
N VAL E 112 15.13 10.54 27.11
CA VAL E 112 13.80 11.06 27.44
C VAL E 112 13.16 10.31 28.60
N ASN E 113 13.31 8.99 28.62
CA ASN E 113 12.85 8.15 29.70
C ASN E 113 13.31 8.65 31.07
N THR E 114 14.56 9.06 31.14
CA THR E 114 15.15 9.57 32.35
C THR E 114 14.34 10.69 32.95
N VAL E 115 14.03 11.68 32.12
CA VAL E 115 13.25 12.84 32.59
C VAL E 115 11.77 12.49 32.84
N LEU E 116 11.21 11.57 32.06
CA LEU E 116 9.84 11.14 32.28
C LEU E 116 9.71 10.46 33.64
N ARG E 117 10.73 9.72 34.05
CA ARG E 117 10.67 9.04 35.36
C ARG E 117 10.66 10.01 36.52
N ILE E 118 11.45 11.06 36.39
CA ILE E 118 11.46 12.14 37.34
C ILE E 118 10.08 12.78 37.46
N MSE E 119 9.46 13.04 36.31
CA MSE E 119 8.11 13.62 36.30
C MSE E 119 7.07 12.67 36.87
O MSE E 119 6.08 13.08 37.47
CB MSE E 119 7.73 14.04 34.89
CG MSE E 119 8.45 15.29 34.42
SE MSE E 119 8.30 15.61 32.51
CE MSE E 119 9.36 17.27 32.43
N ALA E 120 7.28 11.39 36.62
CA ALA E 120 6.37 10.35 37.11
C ALA E 120 6.36 10.22 38.62
N LEU E 121 7.54 10.35 39.20
CA LEU E 121 7.69 10.24 40.64
C LEU E 121 7.14 11.49 41.32
N ALA E 122 7.36 12.66 40.72
CA ALA E 122 6.81 13.91 41.25
C ALA E 122 5.27 13.86 41.22
N HIS E 123 4.73 13.33 40.13
CA HIS E 123 3.27 13.14 40.00
C HIS E 123 2.73 12.21 41.09
N GLU E 124 3.43 11.10 41.31
CA GLU E 124 3.07 10.15 42.33
C GLU E 124 2.96 10.82 43.71
N HIS E 125 3.94 11.66 44.02
CA HIS E 125 3.94 12.35 45.29
C HIS E 125 2.81 13.39 45.41
N GLU E 126 2.55 14.13 44.34
CA GLU E 126 1.44 15.12 44.37
C GLU E 126 0.08 14.46 44.48
N CYS E 127 -0.08 13.29 43.90
CA CYS E 127 -1.31 12.55 44.02
C CYS E 127 -1.55 12.09 45.47
N ALA E 128 -0.52 11.51 46.07
CA ALA E 128 -0.58 11.06 47.44
C ALA E 128 -0.88 12.23 48.35
N GLN E 129 -0.27 13.38 48.04
CA GLN E 129 -0.39 14.59 48.86
C GLN E 129 -1.83 15.10 48.91
N ILE E 130 -2.59 14.87 47.83
CA ILE E 130 -3.98 15.27 47.73
C ILE E 130 -4.91 14.22 48.29
N ALA E 131 -4.83 13.00 47.77
CA ALA E 131 -5.77 11.94 48.17
C ALA E 131 -5.72 11.59 49.65
N LEU E 132 -4.53 11.66 50.25
CA LEU E 132 -4.36 11.25 51.66
C LEU E 132 -4.37 12.43 52.64
N ASP E 133 -4.89 13.55 52.19
CA ASP E 133 -5.02 14.74 53.00
C ASP E 133 -6.39 14.74 53.65
N PRO E 134 -6.44 14.53 55.01
CA PRO E 134 -7.72 14.41 55.68
C PRO E 134 -8.54 15.70 55.67
N ALA E 135 -7.87 16.82 55.47
CA ALA E 135 -8.55 18.12 55.40
C ALA E 135 -9.45 18.25 54.16
N LYS E 136 -9.28 17.40 53.17
CA LYS E 136 -10.06 17.48 51.94
C LYS E 136 -11.34 16.68 52.04
N TYR E 137 -11.55 15.99 53.15
CA TYR E 137 -12.72 15.13 53.29
C TYR E 137 -13.61 15.64 54.40
N ASN E 138 -14.91 15.39 54.27
CA ASN E 138 -15.84 15.65 55.36
C ASN E 138 -15.78 14.45 56.32
N ALA E 139 -16.29 14.61 57.54
CA ALA E 139 -16.16 13.62 58.60
C ALA E 139 -16.75 12.27 58.26
N ASP E 140 -17.79 12.23 57.42
CA ASP E 140 -18.39 10.96 57.00
C ASP E 140 -17.56 10.24 55.93
N HIS E 141 -16.53 10.90 55.41
CA HIS E 141 -15.66 10.33 54.35
C HIS E 141 -14.23 10.09 54.79
N LYS E 142 -14.00 9.97 56.09
CA LYS E 142 -12.69 9.62 56.60
C LYS E 142 -12.76 9.03 57.99
N VAL E 143 -11.73 8.24 58.33
CA VAL E 143 -11.53 7.71 59.67
C VAL E 143 -10.04 7.71 59.95
N LYS E 144 -9.68 7.72 61.22
CA LYS E 144 -8.29 7.66 61.65
C LYS E 144 -8.22 6.55 62.66
N LEU E 145 -7.53 5.46 62.30
CA LEU E 145 -7.49 4.27 63.11
C LEU E 145 -6.44 4.45 64.19
N VAL E 146 -6.85 4.21 65.43
CA VAL E 146 -6.00 4.38 66.61
C VAL E 146 -5.88 3.05 67.36
N GLY E 147 -4.69 2.77 67.89
CA GLY E 147 -4.48 1.61 68.73
C GLY E 147 -4.89 0.32 68.07
N SER E 148 -5.72 -0.46 68.78
CA SER E 148 -6.14 -1.79 68.32
C SER E 148 -7.09 -1.81 67.11
N ALA E 149 -7.51 -0.62 66.65
CA ALA E 149 -8.32 -0.50 65.45
C ALA E 149 -7.43 -0.52 64.22
N ARG E 150 -6.13 -0.28 64.41
CA ARG E 150 -5.16 -0.34 63.32
C ARG E 150 -4.99 -1.80 62.88
N TRP E 151 -4.80 -1.97 61.57
CA TRP E 151 -4.85 -3.29 60.92
C TRP E 151 -3.74 -4.25 61.32
N THR E 152 -2.70 -3.70 61.95
CA THR E 152 -1.61 -4.48 62.51
C THR E 152 -2.05 -5.22 63.80
N SER E 153 -3.14 -4.76 64.42
CA SER E 153 -3.69 -5.45 65.56
C SER E 153 -4.60 -6.60 65.14
N PRO E 154 -4.47 -7.77 65.81
CA PRO E 154 -5.38 -8.86 65.51
C PRO E 154 -6.84 -8.51 65.82
N ASP E 155 -7.06 -7.54 66.70
CA ASP E 155 -8.40 -7.11 67.11
C ASP E 155 -9.13 -6.21 66.12
N SER E 156 -8.41 -5.72 65.11
CA SER E 156 -8.99 -4.84 64.10
C SER E 156 -9.92 -5.59 63.16
N ASP E 157 -10.67 -4.83 62.36
CA ASP E 157 -11.63 -5.43 61.42
C ASP E 157 -11.57 -4.70 60.09
N PRO E 158 -10.49 -4.94 59.31
CA PRO E 158 -10.35 -4.35 57.98
C PRO E 158 -11.62 -4.46 57.12
N THR E 159 -12.26 -5.62 57.11
CA THR E 159 -13.47 -5.80 56.30
C THR E 159 -14.56 -4.80 56.66
N LYS E 160 -14.77 -4.61 57.95
CA LYS E 160 -15.75 -3.65 58.45
C LYS E 160 -15.38 -2.21 58.08
N ASP E 161 -14.11 -1.85 58.18
CA ASP E 161 -13.66 -0.50 57.80
C ASP E 161 -13.92 -0.23 56.32
N VAL E 162 -13.61 -1.23 55.50
CA VAL E 162 -13.78 -1.15 54.06
C VAL E 162 -15.27 -1.15 53.65
N GLU E 163 -16.11 -1.97 54.30
CA GLU E 163 -17.55 -1.93 54.00
C GLU E 163 -18.17 -0.59 54.40
N THR E 164 -17.70 -0.02 55.52
CA THR E 164 -18.16 1.31 55.94
C THR E 164 -17.78 2.37 54.89
N ALA E 165 -16.59 2.23 54.31
CA ALA E 165 -16.11 3.14 53.24
C ALA E 165 -16.96 3.00 51.98
N LYS E 166 -17.23 1.76 51.59
CA LYS E 166 -18.03 1.49 50.42
C LYS E 166 -19.41 2.12 50.55
N GLU E 167 -20.04 1.92 51.70
CA GLU E 167 -21.38 2.45 51.95
C GLU E 167 -21.39 3.96 51.92
N ALA E 168 -20.41 4.61 52.56
CA ALA E 168 -20.35 6.07 52.60
C ALA E 168 -20.38 6.65 51.19
N ILE E 169 -19.53 6.10 50.32
CA ILE E 169 -19.42 6.56 48.94
C ILE E 169 -20.67 6.24 48.14
N ALA E 170 -21.08 4.97 48.12
CA ALA E 170 -22.23 4.55 47.31
C ALA E 170 -23.51 5.31 47.66
N ASP E 171 -23.66 5.63 48.93
CA ASP E 171 -24.81 6.39 49.38
C ASP E 171 -24.73 7.83 48.90
N SER E 172 -23.51 8.35 48.80
CA SER E 172 -23.32 9.75 48.39
C SER E 172 -23.48 9.98 46.90
N ILE E 173 -22.99 9.04 46.10
CA ILE E 173 -22.94 9.25 44.66
C ILE E 173 -23.74 8.24 43.84
N GLY E 174 -24.26 7.21 44.49
CA GLY E 174 -25.12 6.22 43.78
C GLY E 174 -24.39 5.26 42.86
N MSE E 175 -23.10 5.09 43.15
CA MSE E 175 -22.26 4.12 42.47
C MSE E 175 -21.32 3.52 43.48
O MSE E 175 -20.93 4.18 44.45
CB MSE E 175 -21.42 4.77 41.35
CG MSE E 175 -22.24 5.24 40.21
SE MSE E 175 -21.30 6.24 38.91
CE MSE E 175 -20.75 7.58 39.92
N GLU E 176 -20.94 2.26 43.23
CA GLU E 176 -19.98 1.57 44.08
C GLU E 176 -18.59 2.12 43.79
N PRO E 177 -17.77 2.29 44.84
CA PRO E 177 -16.38 2.64 44.56
C PRO E 177 -15.73 1.48 43.80
N ASN E 178 -14.82 1.79 42.89
CA ASN E 178 -14.17 0.77 42.08
C ASN E 178 -12.64 0.73 42.19
N ARG E 179 -12.09 1.55 43.07
CA ARG E 179 -10.67 1.59 43.31
C ARG E 179 -10.41 1.51 44.79
N LEU E 180 -9.57 0.56 45.20
CA LEU E 180 -9.12 0.51 46.60
C LEU E 180 -7.60 0.60 46.56
N MSE E 181 -7.04 1.61 47.24
CA MSE E 181 -5.62 1.79 47.37
C MSE E 181 -5.18 1.27 48.76
O MSE E 181 -5.57 1.82 49.78
CB MSE E 181 -5.26 3.28 47.27
CG MSE E 181 -3.79 3.61 47.07
SE MSE E 181 -2.57 3.32 48.55
CE MSE E 181 -3.37 4.47 49.85
N LEU E 182 -4.38 0.21 48.77
CA LEU E 182 -3.73 -0.28 50.00
C LEU E 182 -2.28 0.15 49.96
N SER E 183 -1.83 0.89 50.97
CA SER E 183 -0.42 1.16 51.07
C SER E 183 0.31 -0.14 51.37
N ARG E 184 1.59 -0.18 51.04
CA ARG E 184 2.45 -1.32 51.28
C ARG E 184 2.27 -1.86 52.71
N LYS E 185 2.32 -0.95 53.67
CA LYS E 185 2.13 -1.28 55.08
C LYS E 185 0.75 -1.85 55.41
N ALA E 186 -0.30 -1.26 54.85
CA ALA E 186 -1.64 -1.81 55.06
C ALA E 186 -1.79 -3.17 54.40
N LEU E 187 -1.19 -3.37 53.24
CA LEU E 187 -1.21 -4.72 52.61
C LEU E 187 -0.49 -5.76 53.47
N SER E 188 0.66 -5.40 54.03
CA SER E 188 1.37 -6.30 54.95
C SER E 188 0.51 -6.71 56.14
N ALA E 189 -0.20 -5.74 56.71
CA ALA E 189 -1.06 -5.96 57.85
C ALA E 189 -2.14 -6.97 57.50
N CYS E 190 -2.63 -6.91 56.27
CA CYS E 190 -3.64 -7.85 55.81
C CYS E 190 -3.15 -9.28 55.55
N LYS E 191 -1.89 -9.44 55.17
CA LYS E 191 -1.37 -10.73 54.68
C LYS E 191 -1.70 -11.92 55.59
N TYR E 192 -1.56 -11.73 56.90
CA TYR E 192 -1.87 -12.78 57.86
C TYR E 192 -2.86 -12.29 58.91
N HIS E 193 -3.73 -11.34 58.56
CA HIS E 193 -4.68 -10.84 59.55
C HIS E 193 -5.57 -11.99 59.94
N PRO E 194 -5.68 -12.31 61.27
CA PRO E 194 -6.42 -13.49 61.70
C PRO E 194 -7.88 -13.57 61.26
N LYS E 195 -8.56 -12.43 61.17
CA LYS E 195 -9.98 -12.44 60.78
C LYS E 195 -10.07 -12.82 59.33
N LEU E 196 -9.17 -12.28 58.52
CA LEU E 196 -9.15 -12.58 57.07
C LEU E 196 -8.72 -14.03 56.80
N ILE E 197 -7.71 -14.49 57.53
CA ILE E 197 -7.22 -15.86 57.42
C ILE E 197 -8.36 -16.84 57.76
N GLU E 198 -9.12 -16.55 58.80
CA GLU E 198 -10.19 -17.46 59.22
C GLU E 198 -11.31 -17.48 58.17
N ARG E 199 -11.57 -16.30 57.60
CA ARG E 199 -12.59 -16.14 56.58
C ARG E 199 -12.29 -16.99 55.31
N VAL E 200 -11.02 -17.21 55.00
CA VAL E 200 -10.63 -17.99 53.81
C VAL E 200 -10.12 -19.42 54.13
N LYS E 201 -10.30 -19.85 55.39
CA LYS E 201 -9.75 -21.13 55.86
C LYS E 201 -10.16 -22.29 55.00
N TYR E 202 -11.47 -22.38 54.69
CA TYR E 202 -12.00 -23.51 53.95
C TYR E 202 -11.43 -23.66 52.54
N THR E 203 -10.85 -22.58 51.99
CA THR E 203 -10.27 -22.62 50.65
C THR E 203 -8.84 -23.20 50.61
N ARG E 204 -8.33 -23.63 51.75
CA ARG E 204 -6.92 -24.08 51.94
C ARG E 204 -5.97 -22.98 51.48
N ALA E 205 -5.68 -22.09 52.42
CA ALA E 205 -4.85 -20.93 52.16
C ALA E 205 -4.16 -20.46 53.45
N GLU E 206 -2.93 -19.97 53.35
CA GLU E 206 -2.19 -19.52 54.54
C GLU E 206 -1.80 -18.04 54.59
N SER E 207 -2.10 -17.29 53.54
CA SER E 207 -1.88 -15.86 53.54
C SER E 207 -2.87 -15.20 52.59
N ILE E 208 -3.05 -13.89 52.73
CA ILE E 208 -4.00 -13.12 51.95
C ILE E 208 -3.34 -12.39 50.77
N THR E 209 -3.99 -12.49 49.60
CA THR E 209 -3.54 -11.86 48.39
C THR E 209 -4.55 -10.84 47.86
N ILE E 210 -4.10 -9.93 46.99
CA ILE E 210 -4.92 -8.89 46.36
C ILE E 210 -6.15 -9.49 45.72
N ASP E 211 -5.98 -10.53 44.94
CA ASP E 211 -7.12 -11.16 44.26
C ASP E 211 -8.18 -11.67 45.25
N MSE E 212 -7.72 -12.21 46.37
CA MSE E 212 -8.64 -12.66 47.44
C MSE E 212 -9.38 -11.48 48.02
O MSE E 212 -10.58 -11.58 48.25
CB MSE E 212 -7.93 -13.40 48.59
CG MSE E 212 -7.36 -14.76 48.23
SE MSE E 212 -6.51 -15.59 49.78
CE MSE E 212 -5.12 -16.40 48.83
N LEU E 213 -8.66 -10.38 48.27
CA LEU E 213 -9.26 -9.17 48.83
C LEU E 213 -10.27 -8.54 47.88
N LYS E 214 -10.01 -8.60 46.58
CA LYS E 214 -10.97 -8.09 45.56
C LYS E 214 -12.28 -8.84 45.65
N ALA E 215 -12.19 -10.16 45.70
CA ALA E 215 -13.40 -11.00 45.79
C ALA E 215 -14.11 -10.86 47.14
N LEU E 216 -13.33 -10.80 48.21
CA LEU E 216 -13.89 -10.65 49.55
C LEU E 216 -14.60 -9.30 49.74
N TRP E 217 -13.95 -8.23 49.29
CA TRP E 217 -14.45 -6.87 49.50
C TRP E 217 -15.26 -6.30 48.31
N GLU E 218 -15.30 -7.06 47.22
CA GLU E 218 -16.08 -6.71 46.03
C GLU E 218 -15.77 -5.32 45.51
N VAL E 219 -14.48 -5.09 45.30
CA VAL E 219 -14.00 -3.89 44.66
C VAL E 219 -13.35 -4.32 43.35
N GLU E 220 -13.69 -3.59 42.29
CA GLU E 220 -13.19 -3.84 40.95
C GLU E 220 -11.67 -3.98 40.87
N GLU E 221 -10.96 -3.04 41.47
CA GLU E 221 -9.52 -3.03 41.34
C GLU E 221 -8.88 -2.57 42.64
N ILE E 222 -7.84 -3.29 43.05
CA ILE E 222 -7.04 -2.93 44.22
C ILE E 222 -5.68 -2.54 43.68
N VAL E 223 -5.21 -1.35 44.05
CA VAL E 223 -3.89 -0.88 43.67
C VAL E 223 -3.05 -0.72 44.94
N VAL E 224 -1.76 -1.07 44.87
CA VAL E 224 -0.89 -1.02 46.02
C VAL E 224 0.10 0.14 45.91
N GLY E 225 0.15 0.96 46.97
CA GLY E 225 1.04 2.11 47.04
C GLY E 225 2.40 1.71 47.54
N THR E 226 3.30 1.40 46.60
CA THR E 226 4.63 0.87 46.92
C THR E 226 5.77 1.89 46.86
N ALA E 227 5.58 3.00 46.13
CA ALA E 227 6.66 3.97 45.88
C ALA E 227 7.19 4.50 47.19
N ARG E 228 8.50 4.74 47.21
CA ARG E 228 9.20 5.31 48.33
C ARG E 228 10.05 6.45 47.86
N VAL E 229 10.35 7.35 48.80
CA VAL E 229 11.20 8.48 48.53
C VAL E 229 12.18 8.63 49.65
N ALA E 230 13.36 9.14 49.32
CA ALA E 230 14.42 9.34 50.30
C ALA E 230 13.92 10.40 51.28
N THR E 231 14.12 10.13 52.57
CA THR E 231 13.78 11.08 53.62
C THR E 231 15.07 11.61 54.25
N ASP E 235 19.85 8.78 56.17
CA ASP E 235 19.92 7.71 55.18
C ASP E 235 18.76 6.69 55.34
N SER E 236 17.55 7.09 54.92
CA SER E 236 16.36 6.22 54.94
C SER E 236 15.25 6.70 53.97
N PHE E 237 14.28 5.82 53.69
CA PHE E 237 13.21 6.06 52.68
C PHE E 237 11.81 6.14 53.28
N GLY E 238 10.95 7.06 52.79
CA GLY E 238 9.56 7.16 53.26
C GLY E 238 8.56 6.68 52.23
N ASP E 239 7.50 6.00 52.68
CA ASP E 239 6.47 5.51 51.78
C ASP E 239 5.62 6.67 51.30
N VAL E 240 5.49 6.82 49.98
CA VAL E 240 4.73 7.91 49.39
C VAL E 240 3.23 7.82 49.83
N TRP E 241 2.70 6.59 49.93
CA TRP E 241 1.29 6.40 50.26
C TRP E 241 1.09 6.12 51.76
N GLY E 242 2.13 6.40 52.54
CA GLY E 242 2.08 6.34 53.98
C GLY E 242 1.58 5.01 54.50
N PRO E 243 0.95 5.02 55.69
CA PRO E 243 0.37 3.82 56.26
C PRO E 243 -1.14 3.73 55.99
N ASP E 244 -1.61 4.41 54.94
CA ASP E 244 -3.03 4.60 54.75
C ASP E 244 -3.73 3.63 53.80
N VAL E 245 -5.05 3.69 53.84
CA VAL E 245 -5.92 2.98 52.91
C VAL E 245 -6.88 4.01 52.36
N TRP E 246 -7.22 3.90 51.08
CA TRP E 246 -8.14 4.85 50.45
C TRP E 246 -9.07 4.08 49.52
N LEU E 247 -10.31 4.55 49.39
CA LEU E 247 -11.29 3.98 48.47
C LEU E 247 -11.91 5.08 47.65
N GLY E 248 -12.25 4.79 46.40
CA GLY E 248 -12.90 5.80 45.59
C GLY E 248 -13.59 5.26 44.38
N TYR E 249 -14.50 6.07 43.86
CA TYR E 249 -15.05 5.87 42.53
C TYR E 249 -14.20 6.72 41.60
N VAL E 250 -13.47 6.05 40.70
CA VAL E 250 -12.63 6.68 39.67
C VAL E 250 -13.19 6.19 38.35
N SER E 251 -13.59 7.12 37.50
CA SER E 251 -14.16 6.72 36.23
C SER E 251 -13.22 5.78 35.45
N ASP E 252 -13.80 4.70 34.93
CA ASP E 252 -13.12 3.73 34.08
C ASP E 252 -13.07 4.17 32.62
N ASN E 253 -13.51 5.38 32.30
CA ASN E 253 -13.54 5.89 30.94
C ASN E 253 -12.14 5.76 30.32
N PRO E 254 -12.03 5.09 29.17
CA PRO E 254 -10.74 5.03 28.48
C PRO E 254 -10.30 6.36 27.84
N ASP E 255 -11.21 7.34 27.73
CA ASP E 255 -10.93 8.70 27.25
C ASP E 255 -11.30 9.67 28.38
N PRO E 256 -10.47 9.75 29.43
CA PRO E 256 -10.89 10.54 30.58
C PRO E 256 -11.14 12.00 30.23
N SER E 257 -12.17 12.55 30.85
CA SER E 257 -12.61 13.93 30.61
C SER E 257 -12.80 14.65 31.93
N VAL E 258 -12.19 15.85 32.09
CA VAL E 258 -12.33 16.62 33.33
C VAL E 258 -13.79 17.02 33.67
N GLU E 259 -14.70 16.86 32.70
CA GLU E 259 -16.08 17.25 32.83
C GLU E 259 -16.99 16.12 33.37
N GLU E 260 -16.46 14.90 33.41
CA GLU E 260 -17.23 13.75 33.82
C GLU E 260 -17.02 13.47 35.31
N PRO E 261 -18.12 13.37 36.09
CA PRO E 261 -18.03 13.05 37.51
C PRO E 261 -17.13 11.87 37.86
N SER E 262 -16.15 12.17 38.71
CA SER E 262 -15.17 11.24 39.20
C SER E 262 -14.48 11.84 40.42
N PHE E 263 -13.77 11.00 41.18
CA PHE E 263 -13.00 11.49 42.34
C PHE E 263 -11.97 12.54 41.98
N GLY E 264 -11.21 12.29 40.90
CA GLY E 264 -10.13 13.22 40.53
C GLY E 264 -9.56 12.99 39.15
N TYR E 265 -8.71 13.93 38.74
CA TYR E 265 -8.09 13.90 37.43
C TYR E 265 -6.70 14.50 37.53
N THR E 266 -5.83 14.08 36.61
CA THR E 266 -4.58 14.78 36.40
C THR E 266 -4.86 15.76 35.24
N TYR E 267 -5.03 17.03 35.58
CA TYR E 267 -5.24 18.09 34.57
C TYR E 267 -3.94 18.19 33.81
N GLN E 268 -3.97 17.94 32.50
CA GLN E 268 -2.74 17.86 31.73
C GLN E 268 -2.89 18.62 30.45
N ILE E 269 -1.90 19.46 30.14
CA ILE E 269 -1.98 20.25 28.91
C ILE E 269 -2.12 19.33 27.69
N GLU E 270 -3.05 19.67 26.79
CA GLU E 270 -3.35 18.83 25.64
C GLU E 270 -2.10 18.59 24.81
N GLY E 271 -1.85 17.35 24.45
CA GLY E 271 -0.69 17.00 23.64
C GLY E 271 0.53 16.58 24.43
N HIS E 272 0.57 16.90 25.72
CA HIS E 272 1.70 16.51 26.56
C HIS E 272 1.58 15.02 26.89
N PRO E 273 2.71 14.31 27.01
CA PRO E 273 4.08 14.77 26.91
C PRO E 273 4.55 15.06 25.49
N LEU E 274 5.35 16.11 25.35
CA LEU E 274 5.97 16.51 24.09
C LEU E 274 7.49 16.46 24.24
N VAL E 275 8.18 16.03 23.19
CA VAL E 275 9.65 16.08 23.12
C VAL E 275 10.00 16.98 21.94
N GLU E 276 10.90 17.92 22.18
CA GLU E 276 11.38 18.87 21.18
C GLU E 276 12.59 18.33 20.41
N VAL E 277 12.75 18.82 19.18
CA VAL E 277 13.92 18.48 18.37
C VAL E 277 15.17 18.84 19.18
N PRO E 278 16.22 18.01 19.13
CA PRO E 278 17.39 18.30 19.94
C PRO E 278 18.22 19.47 19.45
N TYR E 279 19.00 20.03 20.35
CA TYR E 279 20.03 21.00 19.99
C TYR E 279 21.34 20.52 20.61
N TRP E 280 22.45 20.94 20.02
CA TRP E 280 23.77 20.59 20.51
C TRP E 280 24.19 21.59 21.53
N ASP E 281 24.55 21.12 22.72
CA ASP E 281 25.05 21.98 23.76
C ASP E 281 26.56 21.77 23.86
N ASN E 282 27.32 22.74 23.38
CA ASN E 282 28.76 22.62 23.32
C ASN E 282 29.44 22.64 24.69
N ASN E 283 28.82 23.30 25.66
CA ASN E 283 29.36 23.33 27.03
C ASN E 283 29.25 21.97 27.66
N ALA E 284 28.05 21.39 27.58
CA ALA E 284 27.77 20.08 28.13
C ALA E 284 28.23 18.93 27.24
N LYS E 285 28.68 19.25 26.02
CA LYS E 285 29.07 18.24 25.03
C LYS E 285 28.01 17.15 24.95
N SER E 286 26.78 17.61 24.76
CA SER E 286 25.61 16.78 24.75
C SER E 286 24.56 17.33 23.80
N TRP E 287 23.75 16.43 23.24
CA TRP E 287 22.54 16.80 22.53
C TRP E 287 21.42 16.86 23.55
N ILE E 288 20.61 17.92 23.49
CA ILE E 288 19.60 18.22 24.49
C ILE E 288 18.19 18.22 23.90
N TYR E 289 17.31 17.39 24.47
CA TYR E 289 15.89 17.36 24.06
C TYR E 289 15.03 17.94 25.17
N GLY E 290 14.33 19.02 24.86
CA GLY E 290 13.40 19.61 25.79
C GLY E 290 12.21 18.67 25.89
N VAL E 291 11.82 18.37 27.11
CA VAL E 291 10.69 17.47 27.38
C VAL E 291 9.68 18.21 28.29
N SER E 292 8.43 18.24 27.84
CA SER E 292 7.37 18.94 28.54
C SER E 292 6.24 17.99 28.85
N ASP E 293 5.80 17.95 30.11
CA ASP E 293 4.63 17.17 30.52
C ASP E 293 3.94 17.90 31.67
N ASP E 294 3.35 19.04 31.35
CA ASP E 294 2.82 19.98 32.32
C ASP E 294 1.45 19.51 32.78
N ASN E 295 1.33 19.25 34.07
CA ASN E 295 0.14 18.64 34.62
C ASN E 295 -0.01 18.99 36.10
N THR E 296 -1.21 18.77 36.62
CA THR E 296 -1.46 18.86 38.05
C THR E 296 -2.62 17.95 38.40
N PRO E 297 -2.44 17.04 39.38
CA PRO E 297 -3.57 16.31 39.96
C PRO E 297 -4.54 17.25 40.67
N ALA E 298 -5.84 16.96 40.56
CA ALA E 298 -6.89 17.79 41.15
C ALA E 298 -7.96 16.85 41.72
N LEU E 299 -8.40 17.13 42.95
CA LEU E 299 -9.50 16.41 43.55
C LEU E 299 -10.75 17.14 43.08
N SER E 300 -11.59 16.47 42.31
CA SER E 300 -12.80 17.09 41.79
C SER E 300 -14.04 16.62 42.53
N GLY E 301 -14.05 15.38 43.03
CA GLY E 301 -15.23 14.78 43.65
C GLY E 301 -14.96 14.09 44.98
N MSE E 302 -14.91 14.87 46.04
CA MSE E 302 -14.63 14.36 47.39
C MSE E 302 -15.59 13.26 47.83
O MSE E 302 -15.17 12.27 48.43
CB MSE E 302 -14.65 15.50 48.41
CG MSE E 302 -14.41 15.06 49.86
SE MSE E 302 -16.04 14.57 50.76
CE MSE E 302 -16.81 16.42 50.74
N LEU E 303 -16.86 13.40 47.51
CA LEU E 303 -17.83 12.40 47.94
C LEU E 303 -17.61 11.06 47.26
N ALA E 304 -16.80 11.02 46.21
CA ALA E 304 -16.47 9.77 45.56
C ALA E 304 -15.21 9.12 46.17
N GLY E 305 -14.69 9.72 47.25
CA GLY E 305 -13.50 9.24 47.94
C GLY E 305 -13.71 9.03 49.43
N TYR E 306 -12.84 8.23 50.01
CA TYR E 306 -12.90 7.91 51.43
C TYR E 306 -11.49 7.59 51.95
N LEU E 307 -11.06 8.28 53.00
CA LEU E 307 -9.73 8.06 53.56
C LEU E 307 -9.75 7.34 54.91
N ILE E 308 -8.95 6.27 55.01
CA ILE E 308 -8.75 5.51 56.25
C ILE E 308 -7.30 5.72 56.66
N GLU E 309 -7.06 6.70 57.54
CA GLU E 309 -5.69 7.00 57.96
C GLU E 309 -5.13 5.99 58.96
N ASP E 310 -3.83 5.72 58.83
CA ASP E 310 -3.04 4.94 59.79
C ASP E 310 -3.33 3.45 59.93
N ALA E 311 -4.03 2.89 58.95
CA ALA E 311 -4.33 1.45 58.97
C ALA E 311 -3.06 0.62 59.19
N GLY E 312 -1.98 1.00 58.54
CA GLY E 312 -0.75 0.20 58.58
C GLY E 312 0.26 0.51 59.65
N LEU E 313 -0.07 1.43 60.58
CA LEU E 313 0.83 1.77 61.68
C LEU E 313 0.73 0.72 62.80
N PRO E 314 1.82 0.49 63.55
CA PRO E 314 1.81 -0.44 64.68
C PRO E 314 0.71 -0.08 65.67
N ALA E 315 0.03 -1.09 66.20
CA ALA E 315 -1.07 -0.87 67.16
C ALA E 315 -0.56 -0.39 68.51
N ALA E 316 0.53 -0.98 68.95
CA ALA E 316 1.17 -0.62 70.21
C ALA E 316 2.54 -0.01 69.89
N GLN F 9 -38.02 1.27 -9.52
CA GLN F 9 -37.01 0.39 -8.87
C GLN F 9 -35.66 0.40 -9.60
N ALA F 10 -34.59 0.50 -8.81
CA ALA F 10 -33.23 0.45 -9.34
C ALA F 10 -32.86 -0.96 -9.80
N ARG F 11 -31.83 -1.02 -10.63
CA ARG F 11 -31.32 -2.29 -11.10
C ARG F 11 -29.94 -2.45 -10.45
N VAL F 12 -29.41 -3.66 -10.43
CA VAL F 12 -28.07 -3.87 -9.93
C VAL F 12 -27.14 -3.43 -11.07
N VAL F 13 -26.29 -2.45 -10.79
CA VAL F 13 -25.35 -1.89 -11.74
C VAL F 13 -24.00 -2.62 -11.73
N ASP F 14 -23.37 -2.73 -12.91
CA ASP F 14 -22.03 -3.26 -13.10
C ASP F 14 -21.13 -2.04 -13.15
N PRO F 15 -20.36 -1.78 -12.07
CA PRO F 15 -19.54 -0.54 -11.99
C PRO F 15 -18.36 -0.47 -12.96
N ILE F 16 -17.76 -1.61 -13.27
CA ILE F 16 -16.65 -1.65 -14.21
C ILE F 16 -17.11 -1.34 -15.61
N LEU F 17 -18.18 -1.99 -16.05
CA LEU F 17 -18.73 -1.71 -17.38
C LEU F 17 -19.41 -0.34 -17.44
N SER F 18 -19.92 0.15 -16.31
CA SER F 18 -20.50 1.50 -16.26
C SER F 18 -19.41 2.57 -16.38
N THR F 19 -18.26 2.32 -15.79
CA THR F 19 -17.12 3.24 -15.94
C THR F 19 -16.64 3.20 -17.38
N HIS F 20 -16.56 2.02 -17.97
CA HIS F 20 -16.20 1.87 -19.38
C HIS F 20 -17.15 2.65 -20.28
N ALA F 21 -18.47 2.53 -20.03
CA ALA F 21 -19.48 3.27 -20.81
C ALA F 21 -19.27 4.78 -20.74
N ARG F 22 -18.87 5.27 -19.57
CA ARG F 22 -18.64 6.72 -19.39
C ARG F 22 -17.45 7.26 -20.14
N GLY F 23 -16.51 6.38 -20.48
CA GLY F 23 -15.37 6.78 -21.27
C GLY F 23 -15.58 6.65 -22.77
N TYR F 24 -16.75 6.18 -23.20
CA TYR F 24 -17.00 5.98 -24.62
C TYR F 24 -16.95 7.31 -25.37
N ARG F 25 -16.23 7.35 -26.48
CA ARG F 25 -16.14 8.56 -27.31
C ARG F 25 -16.39 8.21 -28.78
N GLN F 26 -17.04 9.13 -29.48
CA GLN F 26 -17.19 9.05 -30.93
C GLN F 26 -16.69 10.40 -31.42
N SER F 27 -15.43 10.46 -31.80
CA SER F 27 -14.79 11.74 -32.11
C SER F 27 -15.33 12.43 -33.36
N THR F 28 -15.93 11.68 -34.30
CA THR F 28 -16.49 12.31 -35.50
C THR F 28 -17.91 12.86 -35.26
N LEU F 29 -18.50 12.53 -34.11
CA LEU F 29 -19.83 13.03 -33.74
C LEU F 29 -19.67 14.32 -32.94
N ILE F 30 -20.39 15.37 -33.34
CA ILE F 30 -20.18 16.70 -32.80
C ILE F 30 -21.37 17.27 -32.03
N GLY F 31 -22.46 16.51 -31.88
CA GLY F 31 -23.63 17.02 -31.17
C GLY F 31 -23.33 17.54 -29.78
N LYS F 32 -22.46 16.84 -29.04
CA LYS F 32 -22.08 17.24 -27.69
C LYS F 32 -21.20 18.50 -27.62
N LYS F 33 -20.72 18.97 -28.77
CA LYS F 33 -19.98 20.25 -28.85
C LYS F 33 -20.94 21.45 -28.91
N LEU F 34 -22.18 21.19 -29.32
CA LEU F 34 -23.24 22.19 -29.29
C LEU F 34 -24.13 22.03 -28.06
N PHE F 35 -24.33 20.78 -27.63
CA PHE F 35 -25.19 20.44 -26.48
C PHE F 35 -24.41 19.60 -25.46
N PRO F 36 -23.53 20.24 -24.69
CA PRO F 36 -22.74 19.50 -23.69
C PRO F 36 -23.59 18.71 -22.70
N VAL F 37 -23.13 17.50 -22.33
CA VAL F 37 -23.88 16.64 -21.41
C VAL F 37 -23.83 17.21 -19.98
N ALA F 38 -25.02 17.43 -19.42
CA ALA F 38 -25.19 18.01 -18.08
C ALA F 38 -26.24 17.19 -17.29
N PRO F 39 -25.93 16.88 -16.02
CA PRO F 39 -26.82 16.05 -15.20
C PRO F 39 -28.09 16.72 -14.66
N VAL F 40 -29.20 15.99 -14.75
CA VAL F 40 -30.46 16.36 -14.15
C VAL F 40 -31.00 15.12 -13.46
N ALA F 41 -32.00 15.31 -12.60
CA ALA F 41 -32.62 14.17 -11.91
C ALA F 41 -33.99 13.79 -12.45
N GLN F 42 -34.77 14.76 -12.94
CA GLN F 42 -36.15 14.57 -13.38
CA GLN F 42 -36.12 14.44 -13.34
C GLN F 42 -36.25 14.18 -14.84
N TYR F 43 -37.02 13.16 -15.17
CA TYR F 43 -37.29 12.75 -16.56
C TYR F 43 -38.19 13.75 -17.31
N GLY F 44 -38.95 14.54 -16.57
CA GLY F 44 -39.79 15.61 -17.15
C GLY F 44 -39.60 16.87 -16.34
N GLY F 45 -39.63 18.02 -17.00
CA GLY F 45 -39.38 19.27 -16.30
C GLY F 45 -39.40 20.39 -17.29
N LYS F 46 -38.85 21.53 -16.89
CA LYS F 46 -38.80 22.70 -17.75
C LYS F 46 -37.34 23.04 -18.01
N ILE F 47 -37.06 23.48 -19.23
CA ILE F 47 -35.72 23.86 -19.64
C ILE F 47 -35.37 25.19 -18.99
N LEU F 48 -34.22 25.23 -18.32
CA LEU F 48 -33.73 26.46 -17.72
C LEU F 48 -33.25 27.31 -18.89
N THR F 49 -33.97 28.39 -19.14
CA THR F 49 -33.80 29.18 -20.37
C THR F 49 -33.07 30.48 -20.14
N PHE F 50 -32.22 30.84 -21.10
CA PHE F 50 -31.40 32.02 -20.98
C PHE F 50 -31.72 33.01 -22.08
N GLY F 51 -32.47 34.04 -21.72
CA GLY F 51 -32.79 35.13 -22.61
C GLY F 51 -31.73 36.22 -22.47
N LYS F 52 -32.04 37.41 -22.97
CA LYS F 52 -31.11 38.53 -22.92
C LYS F 52 -30.74 38.92 -21.49
N GLU F 53 -31.73 38.88 -20.60
CA GLU F 53 -31.50 39.27 -19.20
C GLU F 53 -30.56 38.30 -18.51
N ALA F 54 -30.73 37.01 -18.74
CA ALA F 54 -29.85 35.98 -18.13
C ALA F 54 -28.39 36.20 -18.49
N PHE F 55 -28.11 36.39 -19.79
CA PHE F 55 -26.75 36.62 -20.23
C PHE F 55 -26.24 37.96 -19.73
N ARG F 56 -27.11 38.96 -19.61
CA ARG F 56 -26.67 40.25 -19.06
C ARG F 56 -26.23 40.09 -17.60
N LEU F 57 -27.09 39.46 -16.79
CA LEU F 57 -26.77 39.16 -15.38
C LEU F 57 -25.51 38.31 -15.22
N TYR F 58 -25.35 37.33 -16.11
CA TYR F 58 -24.19 36.44 -16.10
C TYR F 58 -22.87 37.21 -16.18
N ASN F 59 -22.86 38.32 -16.93
CA ASN F 59 -21.65 39.12 -17.08
C ASN F 59 -21.79 40.49 -16.46
N THR F 60 -22.58 40.56 -15.39
CA THR F 60 -22.69 41.75 -14.59
C THR F 60 -21.67 41.57 -13.49
N LYS F 61 -20.90 42.60 -13.16
CA LYS F 61 -19.96 42.49 -12.05
C LYS F 61 -20.64 42.61 -10.67
N ARG F 62 -20.28 41.65 -9.79
CA ARG F 62 -20.73 41.62 -8.40
C ARG F 62 -19.53 41.93 -7.49
N ALA F 63 -19.54 43.12 -6.88
CA ALA F 63 -18.50 43.56 -5.96
C ALA F 63 -18.58 42.80 -4.62
N PRO F 64 -17.40 42.50 -4.02
CA PRO F 64 -17.40 41.97 -2.66
C PRO F 64 -17.62 43.11 -1.66
N GLY F 65 -18.49 42.97 -0.65
CA GLY F 65 -19.41 41.87 -0.46
C GLY F 65 -20.82 42.45 -0.55
N ALA F 66 -21.39 42.41 -1.74
CA ALA F 66 -22.71 42.97 -2.03
C ALA F 66 -23.85 42.17 -1.37
N ASN F 67 -25.05 42.76 -1.34
CA ASN F 67 -26.21 42.15 -0.67
C ASN F 67 -26.59 40.77 -1.19
N THR F 68 -26.63 40.59 -2.51
CA THR F 68 -27.01 39.29 -3.11
C THR F 68 -25.94 38.23 -2.84
N LYS F 69 -26.32 37.10 -2.25
CA LYS F 69 -25.39 35.98 -1.97
C LYS F 69 -25.59 34.79 -2.90
N ARG F 70 -26.79 34.63 -3.47
CA ARG F 70 -27.11 33.50 -4.37
C ARG F 70 -27.27 33.96 -5.83
N ILE F 71 -26.89 33.10 -6.76
CA ILE F 71 -26.77 33.47 -8.16
C ILE F 71 -27.57 32.53 -9.08
N ASP F 72 -28.71 33.02 -9.60
CA ASP F 72 -29.51 32.30 -10.61
C ASP F 72 -29.52 33.16 -11.86
N PHE F 73 -29.59 32.51 -13.02
CA PHE F 73 -29.54 33.22 -14.31
C PHE F 73 -30.72 32.93 -15.25
N GLY F 74 -31.13 31.67 -15.33
CA GLY F 74 -32.22 31.30 -16.24
C GLY F 74 -33.62 31.40 -15.65
N TYR F 75 -34.62 31.21 -16.50
CA TYR F 75 -36.02 31.14 -16.09
C TYR F 75 -36.56 29.82 -16.59
N GLU F 76 -37.68 29.35 -16.06
CA GLU F 76 -38.28 28.08 -16.51
C GLU F 76 -38.99 28.29 -17.84
N GLY F 77 -38.53 27.61 -18.88
CA GLY F 77 -39.08 27.78 -20.22
C GLY F 77 -39.87 26.58 -20.63
N ASP F 78 -39.68 26.15 -21.88
CA ASP F 78 -40.43 25.06 -22.47
C ASP F 78 -40.20 23.79 -21.71
N PRO F 79 -41.20 22.91 -21.73
CA PRO F 79 -40.98 21.62 -21.10
C PRO F 79 -39.98 20.74 -21.86
N TYR F 80 -39.35 19.83 -21.14
CA TYR F 80 -38.50 18.80 -21.73
C TYR F 80 -39.01 17.46 -21.23
N SER F 81 -38.75 16.42 -22.02
CA SER F 81 -39.11 15.07 -21.64
C SER F 81 -38.01 14.13 -22.05
N ILE F 82 -37.46 13.40 -21.08
CA ILE F 82 -36.46 12.38 -21.36
C ILE F 82 -37.24 11.11 -21.44
N VAL F 83 -37.12 10.43 -22.57
CA VAL F 83 -37.82 9.18 -22.79
C VAL F 83 -36.92 8.02 -22.35
N PRO F 84 -37.39 7.19 -21.40
CA PRO F 84 -36.58 6.04 -21.00
C PRO F 84 -36.34 5.14 -22.21
N SER F 85 -35.08 4.93 -22.59
CA SER F 85 -34.78 4.24 -23.86
C SER F 85 -33.66 3.24 -23.72
N ALA F 86 -33.70 2.45 -22.65
CA ALA F 86 -32.66 1.48 -22.39
C ALA F 86 -32.66 0.42 -23.48
N LEU F 87 -31.47 -0.05 -23.86
CA LEU F 87 -31.34 -1.15 -24.82
C LEU F 87 -30.64 -2.29 -24.12
N GLU F 88 -30.51 -3.42 -24.80
CA GLU F 88 -29.88 -4.60 -24.25
C GLU F 88 -28.65 -5.00 -25.05
N ALA F 89 -27.47 -4.87 -24.44
CA ALA F 89 -26.24 -5.37 -25.03
C ALA F 89 -26.32 -6.89 -24.97
N LYS F 90 -25.75 -7.57 -25.93
CA LYS F 90 -25.88 -9.01 -26.05
C LYS F 90 -24.52 -9.67 -26.35
N VAL F 91 -24.18 -10.69 -25.55
CA VAL F 91 -23.00 -11.50 -25.82
C VAL F 91 -23.50 -12.90 -26.12
N PRO F 92 -23.47 -13.29 -27.40
CA PRO F 92 -23.95 -14.60 -27.81
C PRO F 92 -23.00 -15.71 -27.39
N ARG F 93 -23.52 -16.92 -27.15
CA ARG F 93 -22.70 -18.01 -26.63
C ARG F 93 -21.62 -18.46 -27.60
N GLU F 94 -21.86 -18.24 -28.89
CA GLU F 94 -20.87 -18.62 -29.92
C GLU F 94 -19.54 -17.88 -29.74
N LEU F 95 -19.57 -16.72 -29.09
CA LEU F 95 -18.33 -15.97 -28.85
C LEU F 95 -17.64 -16.40 -27.56
N MSE F 96 -18.17 -17.41 -26.88
CA MSE F 96 -17.60 -17.85 -25.62
C MSE F 96 -17.19 -19.30 -25.63
O MSE F 96 -17.93 -20.17 -26.10
CB MSE F 96 -18.65 -17.65 -24.52
CG MSE F 96 -18.86 -16.20 -24.16
SE MSE F 96 -20.15 -15.99 -22.71
CE MSE F 96 -21.47 -16.44 -23.61
N ARG F 97 -16.00 -19.58 -25.10
CA ARG F 97 -15.55 -20.98 -24.96
C ARG F 97 -16.48 -21.72 -24.01
N ASP F 98 -16.82 -21.07 -22.91
CA ASP F 98 -17.69 -21.65 -21.88
C ASP F 98 -18.79 -20.65 -21.54
N ALA F 99 -19.93 -20.81 -22.21
CA ALA F 99 -21.06 -19.88 -22.04
C ALA F 99 -21.71 -19.97 -20.68
N SER F 100 -21.43 -21.04 -19.94
CA SER F 100 -22.05 -21.24 -18.61
C SER F 100 -21.58 -20.20 -17.60
N GLN F 101 -20.46 -19.55 -17.90
CA GLN F 101 -19.94 -18.50 -17.02
C GLN F 101 -20.28 -17.10 -17.53
N VAL F 102 -20.34 -16.16 -16.59
CA VAL F 102 -20.58 -14.76 -16.92
C VAL F 102 -19.44 -14.29 -17.83
N PRO F 103 -19.75 -13.47 -18.85
CA PRO F 103 -18.71 -13.12 -19.81
C PRO F 103 -17.64 -12.27 -19.18
N GLY F 104 -16.43 -12.31 -19.73
CA GLY F 104 -15.35 -11.43 -19.27
C GLY F 104 -15.59 -9.98 -19.64
N ILE F 105 -14.87 -9.07 -19.01
CA ILE F 105 -15.02 -7.65 -19.29
C ILE F 105 -14.76 -7.30 -20.77
N ASP F 106 -13.87 -8.03 -21.43
CA ASP F 106 -13.60 -7.76 -22.86
C ASP F 106 -14.83 -7.98 -23.75
N LEU F 107 -15.54 -9.08 -23.53
CA LEU F 107 -16.73 -9.38 -24.32
C LEU F 107 -17.88 -8.48 -23.92
N GLY F 108 -18.07 -8.25 -22.61
CA GLY F 108 -19.14 -7.40 -22.14
C GLY F 108 -19.02 -5.98 -22.68
N ALA F 109 -17.82 -5.41 -22.59
CA ALA F 109 -17.56 -4.05 -23.05
C ALA F 109 -17.88 -3.91 -24.53
N ARG F 110 -17.45 -4.89 -25.33
CA ARG F 110 -17.73 -4.88 -26.77
C ARG F 110 -19.22 -4.88 -27.05
N SER F 111 -19.97 -5.64 -26.27
CA SER F 111 -21.40 -5.74 -26.46
C SER F 111 -22.08 -4.39 -26.11
N VAL F 112 -21.53 -3.72 -25.12
CA VAL F 112 -22.06 -2.44 -24.65
C VAL F 112 -21.72 -1.34 -25.65
N ASN F 113 -20.54 -1.40 -26.27
CA ASN F 113 -20.17 -0.41 -27.29
C ASN F 113 -21.14 -0.37 -28.46
N THR F 114 -21.68 -1.52 -28.83
CA THR F 114 -22.67 -1.59 -29.90
C THR F 114 -23.91 -0.74 -29.62
N VAL F 115 -24.46 -0.88 -28.41
CA VAL F 115 -25.67 -0.14 -28.05
C VAL F 115 -25.33 1.33 -27.84
N LEU F 116 -24.16 1.65 -27.29
CA LEU F 116 -23.76 3.05 -27.11
C LEU F 116 -23.59 3.80 -28.42
N ARG F 117 -23.18 3.12 -29.51
CA ARG F 117 -23.08 3.79 -30.81
C ARG F 117 -24.46 4.12 -31.37
N ILE F 118 -25.40 3.21 -31.21
CA ILE F 118 -26.79 3.44 -31.60
C ILE F 118 -27.31 4.70 -30.89
N MSE F 119 -27.09 4.77 -29.58
CA MSE F 119 -27.48 5.93 -28.78
C MSE F 119 -26.78 7.22 -29.18
O MSE F 119 -27.38 8.32 -29.15
CB MSE F 119 -27.24 5.65 -27.31
CG MSE F 119 -28.27 4.67 -26.75
SE MSE F 119 -27.82 4.05 -24.95
CE MSE F 119 -29.32 2.72 -24.81
N ALA F 120 -25.52 7.09 -29.55
CA ALA F 120 -24.69 8.22 -30.04
C ALA F 120 -25.27 8.77 -31.35
N LEU F 121 -25.66 7.88 -32.24
CA LEU F 121 -26.21 8.28 -33.55
C LEU F 121 -27.58 8.96 -33.42
N ALA F 122 -28.42 8.43 -32.53
CA ALA F 122 -29.72 9.04 -32.23
C ALA F 122 -29.52 10.44 -31.64
N HIS F 123 -28.58 10.57 -30.71
CA HIS F 123 -28.25 11.86 -30.11
C HIS F 123 -27.83 12.87 -31.15
N GLU F 124 -26.91 12.46 -32.00
CA GLU F 124 -26.39 13.33 -33.06
C GLU F 124 -27.53 13.86 -33.89
N HIS F 125 -28.47 12.97 -34.26
CA HIS F 125 -29.59 13.37 -35.08
C HIS F 125 -30.50 14.37 -34.36
N GLU F 126 -30.76 14.12 -33.08
CA GLU F 126 -31.60 15.00 -32.26
C GLU F 126 -30.98 16.37 -32.09
N CYS F 127 -29.67 16.41 -31.94
CA CYS F 127 -28.96 17.66 -31.82
C CYS F 127 -29.12 18.50 -33.07
N ALA F 128 -28.95 17.86 -34.23
CA ALA F 128 -29.10 18.57 -35.50
C ALA F 128 -30.55 19.06 -35.72
N GLN F 129 -31.52 18.25 -35.32
CA GLN F 129 -32.94 18.60 -35.44
C GLN F 129 -33.25 19.89 -34.71
N ILE F 130 -32.58 20.11 -33.57
CA ILE F 130 -32.81 21.32 -32.78
C ILE F 130 -31.98 22.49 -33.27
N ALA F 131 -30.68 22.31 -33.41
CA ALA F 131 -29.76 23.40 -33.79
C ALA F 131 -30.03 23.98 -35.17
N LEU F 132 -30.44 23.14 -36.11
CA LEU F 132 -30.65 23.58 -37.49
C LEU F 132 -32.11 23.88 -37.82
N ASP F 133 -32.94 24.07 -36.80
CA ASP F 133 -34.33 24.42 -37.00
C ASP F 133 -34.46 25.93 -37.01
N PRO F 134 -34.74 26.51 -38.19
CA PRO F 134 -34.80 27.98 -38.23
C PRO F 134 -35.97 28.57 -37.43
N ALA F 135 -37.01 27.78 -37.16
CA ALA F 135 -38.17 28.22 -36.36
C ALA F 135 -37.81 28.49 -34.91
N LYS F 136 -36.62 28.08 -34.48
CA LYS F 136 -36.14 28.28 -33.12
C LYS F 136 -35.36 29.58 -32.94
N TYR F 137 -35.12 30.31 -34.02
CA TYR F 137 -34.31 31.51 -33.98
C TYR F 137 -35.13 32.72 -34.38
N ASN F 138 -34.80 33.88 -33.80
CA ASN F 138 -35.40 35.12 -34.24
C ASN F 138 -34.71 35.52 -35.57
N ALA F 139 -35.29 36.50 -36.27
CA ALA F 139 -34.82 36.89 -37.59
C ALA F 139 -33.39 37.47 -37.61
N ASP F 140 -32.94 38.01 -36.48
CA ASP F 140 -31.58 38.56 -36.36
C ASP F 140 -30.56 37.44 -36.11
N HIS F 141 -31.04 36.23 -35.87
CA HIS F 141 -30.16 35.11 -35.53
C HIS F 141 -30.18 33.98 -36.57
N LYS F 142 -30.57 34.32 -37.80
CA LYS F 142 -30.57 33.35 -38.90
C LYS F 142 -30.58 34.00 -40.28
N VAL F 143 -30.05 33.28 -41.25
CA VAL F 143 -30.13 33.68 -42.65
C VAL F 143 -30.31 32.42 -43.48
N LYS F 144 -30.93 32.59 -44.64
CA LYS F 144 -31.12 31.51 -45.59
C LYS F 144 -30.46 31.94 -46.91
N LEU F 145 -29.35 31.31 -47.26
CA LEU F 145 -28.60 31.69 -48.45
C LEU F 145 -29.26 31.09 -49.69
N VAL F 146 -29.53 31.95 -50.68
CA VAL F 146 -30.20 31.53 -51.90
C VAL F 146 -29.36 31.98 -53.10
N GLY F 147 -29.31 31.12 -54.13
CA GLY F 147 -28.56 31.42 -55.35
C GLY F 147 -27.07 31.68 -55.14
N SER F 148 -26.59 32.80 -55.66
CA SER F 148 -25.17 33.14 -55.63
C SER F 148 -24.64 33.57 -54.26
N ALA F 149 -25.52 33.61 -53.26
CA ALA F 149 -25.11 33.87 -51.88
C ALA F 149 -24.59 32.58 -51.26
N ARG F 150 -24.98 31.44 -51.83
CA ARG F 150 -24.56 30.13 -51.36
C ARG F 150 -23.06 29.97 -51.57
N TRP F 151 -22.39 29.35 -50.60
CA TRP F 151 -20.93 29.27 -50.60
C TRP F 151 -20.35 28.45 -51.76
N THR F 152 -21.22 27.72 -52.47
CA THR F 152 -20.85 26.97 -53.67
C THR F 152 -20.64 27.93 -54.85
N SER F 153 -21.16 29.14 -54.75
CA SER F 153 -20.95 30.15 -55.77
C SER F 153 -19.67 30.93 -55.50
N PRO F 154 -18.89 31.26 -56.56
CA PRO F 154 -17.69 32.06 -56.37
C PRO F 154 -18.00 33.52 -55.98
N ASP F 155 -19.24 33.94 -56.24
CA ASP F 155 -19.69 35.30 -55.94
C ASP F 155 -20.14 35.48 -54.49
N SER F 156 -20.17 34.39 -53.73
CA SER F 156 -20.57 34.42 -52.31
C SER F 156 -19.42 34.93 -51.43
N ASP F 157 -19.73 35.25 -50.18
CA ASP F 157 -18.73 35.76 -49.25
C ASP F 157 -18.91 35.14 -47.87
N PRO F 158 -18.40 33.90 -47.69
CA PRO F 158 -18.45 33.17 -46.43
C PRO F 158 -17.98 33.97 -45.22
N THR F 159 -16.86 34.68 -45.37
CA THR F 159 -16.30 35.50 -44.30
C THR F 159 -17.30 36.53 -43.78
N LYS F 160 -17.96 37.24 -44.70
CA LYS F 160 -18.98 38.22 -44.33
C LYS F 160 -20.18 37.59 -43.61
N ASP F 161 -20.58 36.40 -44.04
CA ASP F 161 -21.69 35.69 -43.42
C ASP F 161 -21.35 35.29 -41.99
N VAL F 162 -20.12 34.82 -41.80
CA VAL F 162 -19.60 34.45 -40.49
C VAL F 162 -19.40 35.64 -39.56
N GLU F 163 -18.89 36.77 -40.08
CA GLU F 163 -18.70 37.97 -39.25
C GLU F 163 -20.06 38.57 -38.81
N THR F 164 -21.03 38.50 -39.70
CA THR F 164 -22.40 38.91 -39.38
C THR F 164 -22.93 38.06 -38.22
N ALA F 165 -22.71 36.75 -38.30
CA ALA F 165 -23.15 35.82 -37.25
C ALA F 165 -22.48 36.11 -35.92
N LYS F 166 -21.16 36.29 -35.94
CA LYS F 166 -20.38 36.62 -34.75
C LYS F 166 -20.90 37.87 -34.06
N GLU F 167 -21.14 38.93 -34.85
CA GLU F 167 -21.63 40.20 -34.32
C GLU F 167 -23.04 40.08 -33.71
N ALA F 168 -23.93 39.35 -34.37
CA ALA F 168 -25.29 39.16 -33.85
C ALA F 168 -25.28 38.49 -32.47
N ILE F 169 -24.46 37.45 -32.32
CA ILE F 169 -24.36 36.74 -31.03
C ILE F 169 -23.70 37.65 -29.97
N ALA F 170 -22.52 38.20 -30.30
CA ALA F 170 -21.75 39.05 -29.39
C ALA F 170 -22.55 40.25 -28.91
N ASP F 171 -23.31 40.86 -29.82
CA ASP F 171 -24.18 41.99 -29.48
C ASP F 171 -25.31 41.58 -28.54
N SER F 172 -25.77 40.34 -28.62
CA SER F 172 -26.91 39.88 -27.81
C SER F 172 -26.51 39.39 -26.44
N ILE F 173 -25.37 38.71 -26.32
CA ILE F 173 -24.97 38.08 -25.06
C ILE F 173 -23.70 38.65 -24.42
N GLY F 174 -23.01 39.55 -25.14
CA GLY F 174 -21.78 40.17 -24.64
C GLY F 174 -20.60 39.21 -24.58
N MSE F 175 -20.61 38.18 -25.43
CA MSE F 175 -19.53 37.21 -25.54
C MSE F 175 -19.41 36.78 -26.96
O MSE F 175 -20.41 36.73 -27.68
CB MSE F 175 -19.80 35.97 -24.70
CG MSE F 175 -19.72 36.23 -23.27
SE MSE F 175 -19.92 34.68 -22.31
CE MSE F 175 -21.65 34.45 -22.25
N GLU F 176 -18.20 36.44 -27.39
CA GLU F 176 -17.99 35.94 -28.73
C GLU F 176 -18.35 34.48 -28.80
N PRO F 177 -19.00 34.06 -29.90
CA PRO F 177 -19.27 32.66 -30.04
C PRO F 177 -17.95 31.90 -30.15
N ASN F 178 -17.91 30.70 -29.57
CA ASN F 178 -16.69 29.90 -29.50
C ASN F 178 -16.76 28.60 -30.28
N ARG F 179 -17.90 28.35 -30.93
CA ARG F 179 -18.13 27.14 -31.69
C ARG F 179 -18.65 27.51 -33.07
N LEU F 180 -18.06 26.95 -34.12
CA LEU F 180 -18.61 27.12 -35.46
C LEU F 180 -18.76 25.74 -36.05
N MSE F 181 -19.96 25.40 -36.49
CA MSE F 181 -20.24 24.10 -37.09
C MSE F 181 -20.29 24.28 -38.59
O MSE F 181 -21.07 25.08 -39.08
CB MSE F 181 -21.59 23.55 -36.62
CG MSE F 181 -21.79 22.07 -36.88
SE MSE F 181 -22.28 21.62 -38.67
CE MSE F 181 -23.96 22.60 -38.92
N LEU F 182 -19.43 23.57 -39.30
CA LEU F 182 -19.47 23.53 -40.75
C LEU F 182 -19.98 22.17 -41.19
N SER F 183 -21.07 22.13 -41.93
CA SER F 183 -21.50 20.87 -42.49
C SER F 183 -20.42 20.39 -43.47
N ARG F 184 -20.40 19.08 -43.71
CA ARG F 184 -19.48 18.51 -44.68
C ARG F 184 -19.59 19.29 -46.00
N LYS F 185 -20.82 19.49 -46.48
CA LYS F 185 -21.05 20.23 -47.73
C LYS F 185 -20.52 21.68 -47.71
N ALA F 186 -20.77 22.39 -46.62
CA ALA F 186 -20.28 23.76 -46.48
C ALA F 186 -18.75 23.81 -46.42
N LEU F 187 -18.12 22.85 -45.74
CA LEU F 187 -16.64 22.81 -45.70
C LEU F 187 -16.07 22.56 -47.11
N SER F 188 -16.66 21.63 -47.85
CA SER F 188 -16.24 21.36 -49.23
C SER F 188 -16.32 22.61 -50.10
N ALA F 189 -17.38 23.39 -49.92
CA ALA F 189 -17.54 24.64 -50.67
C ALA F 189 -16.44 25.65 -50.31
N CYS F 190 -16.00 25.67 -49.05
CA CYS F 190 -14.91 26.55 -48.62
C CYS F 190 -13.52 26.21 -49.18
N LYS F 191 -13.23 24.93 -49.39
CA LYS F 191 -11.87 24.50 -49.77
C LYS F 191 -11.40 25.06 -51.10
N TYR F 192 -12.32 25.29 -52.03
CA TYR F 192 -11.96 25.89 -53.32
C TYR F 192 -12.70 27.19 -53.61
N HIS F 193 -13.05 27.93 -52.57
CA HIS F 193 -13.67 29.24 -52.73
C HIS F 193 -12.58 30.28 -53.09
N PRO F 194 -12.77 31.02 -54.20
CA PRO F 194 -11.74 31.95 -54.66
C PRO F 194 -11.43 33.14 -53.74
N LYS F 195 -12.45 33.68 -53.05
CA LYS F 195 -12.23 34.78 -52.11
C LYS F 195 -11.38 34.36 -50.93
N LEU F 196 -11.63 33.16 -50.43
CA LEU F 196 -10.83 32.64 -49.33
C LEU F 196 -9.41 32.40 -49.81
N ILE F 197 -9.27 31.78 -50.97
CA ILE F 197 -7.95 31.54 -51.55
C ILE F 197 -7.16 32.84 -51.76
N GLU F 198 -7.71 33.76 -52.57
CA GLU F 198 -7.05 35.03 -52.89
C GLU F 198 -7.25 36.10 -51.80
N ILE F 208 -7.91 25.74 -48.29
CA ILE F 208 -8.45 26.10 -46.98
C ILE F 208 -8.62 24.88 -46.05
N THR F 209 -8.07 24.96 -44.84
CA THR F 209 -8.24 23.92 -43.82
C THR F 209 -9.00 24.50 -42.62
N ILE F 210 -9.40 23.62 -41.70
CA ILE F 210 -10.10 24.00 -40.48
C ILE F 210 -9.27 24.98 -39.63
N ASP F 211 -7.99 24.66 -39.43
CA ASP F 211 -7.11 25.51 -38.62
C ASP F 211 -6.91 26.89 -39.23
N MSE F 212 -6.92 26.92 -40.56
CA MSE F 212 -6.83 28.15 -41.34
C MSE F 212 -8.08 29.00 -41.13
O MSE F 212 -8.00 30.20 -40.92
CB MSE F 212 -6.71 27.79 -42.81
CG MSE F 212 -5.96 28.75 -43.69
SE MSE F 212 -5.40 27.71 -45.26
CE MSE F 212 -4.24 26.30 -44.39
N LEU F 213 -9.25 28.36 -41.23
CA LEU F 213 -10.52 29.06 -41.05
C LEU F 213 -10.72 29.53 -39.61
N LYS F 214 -10.21 28.75 -38.65
CA LYS F 214 -10.24 29.13 -37.23
C LYS F 214 -9.57 30.48 -37.05
N ALA F 215 -8.34 30.57 -37.55
CA ALA F 215 -7.53 31.78 -37.46
C ALA F 215 -8.12 32.94 -38.27
N LEU F 216 -8.57 32.65 -39.49
CA LEU F 216 -9.16 33.67 -40.35
C LEU F 216 -10.43 34.23 -39.73
N TRP F 217 -11.35 33.36 -39.30
CA TRP F 217 -12.61 33.83 -38.72
C TRP F 217 -12.58 34.06 -37.21
N GLU F 218 -11.47 33.77 -36.56
CA GLU F 218 -11.30 33.99 -35.13
C GLU F 218 -12.42 33.37 -34.29
N VAL F 219 -12.59 32.05 -34.44
CA VAL F 219 -13.49 31.29 -33.60
C VAL F 219 -12.66 30.19 -32.95
N GLU F 220 -12.86 30.01 -31.66
CA GLU F 220 -12.07 29.09 -30.87
C GLU F 220 -12.03 27.66 -31.42
N GLU F 221 -13.18 27.13 -31.83
CA GLU F 221 -13.23 25.75 -32.29
C GLU F 221 -14.18 25.63 -33.46
N ILE F 222 -13.73 24.96 -34.52
CA ILE F 222 -14.56 24.65 -35.66
C ILE F 222 -14.84 23.14 -35.62
N VAL F 223 -16.11 22.76 -35.68
CA VAL F 223 -16.50 21.36 -35.68
C VAL F 223 -17.16 21.09 -37.03
N VAL F 224 -16.96 19.89 -37.58
CA VAL F 224 -17.50 19.57 -38.90
C VAL F 224 -18.55 18.48 -38.77
N GLY F 225 -19.73 18.74 -39.32
CA GLY F 225 -20.85 17.82 -39.28
C GLY F 225 -20.76 16.83 -40.42
N THR F 226 -20.19 15.67 -40.15
CA THR F 226 -19.92 14.66 -41.15
C THR F 226 -20.88 13.46 -41.12
N ALA F 227 -21.55 13.23 -39.99
CA ALA F 227 -22.44 12.07 -39.82
C ALA F 227 -23.48 12.00 -40.92
N ARG F 228 -23.79 10.77 -41.32
CA ARG F 228 -24.81 10.50 -42.31
C ARG F 228 -25.77 9.42 -41.87
N VAL F 229 -26.92 9.41 -42.54
CA VAL F 229 -27.93 8.41 -42.32
C VAL F 229 -28.49 7.91 -43.65
N ALA F 230 -28.71 6.60 -43.76
CA ALA F 230 -29.42 6.05 -44.92
C ALA F 230 -30.84 6.60 -44.83
N THR F 231 -31.39 7.03 -45.96
CA THR F 231 -32.69 7.72 -45.98
C THR F 231 -33.76 6.96 -46.78
N ASP F 235 -31.21 3.51 -52.15
CA ASP F 235 -29.82 3.24 -51.74
C ASP F 235 -29.00 4.55 -51.59
N SER F 236 -29.59 5.55 -50.91
CA SER F 236 -28.94 6.85 -50.69
C SER F 236 -28.73 7.10 -49.19
N PHE F 237 -27.96 8.15 -48.87
CA PHE F 237 -27.70 8.55 -47.46
C PHE F 237 -27.82 10.07 -47.30
N GLY F 238 -28.37 10.51 -46.16
CA GLY F 238 -28.52 11.94 -45.91
C GLY F 238 -27.56 12.45 -44.85
N ASP F 239 -27.00 13.65 -45.08
CA ASP F 239 -26.11 14.29 -44.12
C ASP F 239 -26.94 14.77 -42.94
N VAL F 240 -26.56 14.35 -41.72
CA VAL F 240 -27.26 14.74 -40.51
C VAL F 240 -27.29 16.26 -40.33
N TRP F 241 -26.17 16.91 -40.64
CA TRP F 241 -26.03 18.36 -40.46
C TRP F 241 -26.37 19.20 -41.69
N GLY F 242 -27.03 18.57 -42.67
CA GLY F 242 -27.50 19.24 -43.87
C GLY F 242 -26.41 19.96 -44.64
N PRO F 243 -26.78 21.01 -45.39
CA PRO F 243 -25.85 21.89 -46.05
C PRO F 243 -25.62 23.16 -45.24
N ASP F 244 -25.86 23.12 -43.93
CA ASP F 244 -25.89 24.33 -43.12
C ASP F 244 -24.55 24.70 -42.48
N VAL F 245 -24.50 25.93 -41.97
CA VAL F 245 -23.43 26.39 -41.10
C VAL F 245 -24.10 26.99 -39.86
N TRP F 246 -23.52 26.74 -38.68
CA TRP F 246 -24.09 27.24 -37.43
C TRP F 246 -22.98 27.81 -36.57
N LEU F 247 -23.30 28.85 -35.80
CA LEU F 247 -22.34 29.41 -34.87
C LEU F 247 -23.00 29.61 -33.52
N GLY F 248 -22.24 29.48 -32.44
CA GLY F 248 -22.80 29.73 -31.12
C GLY F 248 -21.80 29.80 -29.98
N TYR F 249 -22.27 30.38 -28.89
CA TYR F 249 -21.52 30.39 -27.65
C TYR F 249 -21.96 29.15 -26.87
N VAL F 250 -21.02 28.24 -26.66
CA VAL F 250 -21.30 27.01 -25.92
C VAL F 250 -20.30 26.98 -24.79
N SER F 251 -20.80 26.80 -23.57
CA SER F 251 -19.97 26.75 -22.39
C SER F 251 -18.83 25.75 -22.52
N ASP F 252 -17.61 26.22 -22.23
CA ASP F 252 -16.38 25.40 -22.22
C ASP F 252 -16.17 24.68 -20.88
N ASN F 253 -17.13 24.85 -19.97
CA ASN F 253 -17.05 24.24 -18.66
C ASN F 253 -16.77 22.73 -18.73
N PRO F 254 -15.65 22.28 -18.15
CA PRO F 254 -15.44 20.82 -18.09
C PRO F 254 -16.46 20.03 -17.25
N ASP F 255 -17.20 20.71 -16.36
CA ASP F 255 -18.28 20.09 -15.54
CA ASP F 255 -18.29 20.05 -15.60
C ASP F 255 -19.58 20.78 -15.91
N PRO F 256 -20.13 20.53 -17.12
CA PRO F 256 -21.30 21.33 -17.52
C PRO F 256 -22.44 21.28 -16.55
N SER F 257 -23.11 22.42 -16.39
CA SER F 257 -24.31 22.55 -15.54
C SER F 257 -25.43 23.20 -16.31
N VAL F 258 -26.64 22.62 -16.24
CA VAL F 258 -27.79 23.17 -16.94
C VAL F 258 -28.21 24.53 -16.42
N GLU F 259 -27.71 24.96 -15.26
CA GLU F 259 -28.01 26.29 -14.69
C GLU F 259 -27.12 27.41 -15.19
N GLU F 260 -26.11 27.07 -15.98
CA GLU F 260 -25.14 28.05 -16.47
C GLU F 260 -25.48 28.50 -17.90
N PRO F 261 -25.62 29.82 -18.14
CA PRO F 261 -25.93 30.36 -19.46
C PRO F 261 -25.08 29.78 -20.58
N SER F 262 -25.76 29.24 -21.60
CA SER F 262 -25.10 28.60 -22.75
C SER F 262 -26.16 28.37 -23.81
N PHE F 263 -25.74 28.14 -25.05
CA PHE F 263 -26.69 27.90 -26.14
C PHE F 263 -27.58 26.68 -25.88
N GLY F 264 -26.96 25.60 -25.42
CA GLY F 264 -27.68 24.36 -25.21
C GLY F 264 -26.98 23.39 -24.32
N TYR F 265 -27.73 22.36 -23.92
CA TYR F 265 -27.21 21.25 -23.11
C TYR F 265 -27.87 19.97 -23.54
N THR F 266 -27.22 18.84 -23.24
CA THR F 266 -27.87 17.57 -23.32
C THR F 266 -28.22 17.25 -21.88
N TYR F 267 -29.51 17.34 -21.57
CA TYR F 267 -30.03 17.00 -20.25
C TYR F 267 -29.95 15.52 -20.13
N GLN F 268 -29.19 15.03 -19.15
CA GLN F 268 -28.95 13.61 -18.99
C GLN F 268 -29.14 13.17 -17.56
N ILE F 269 -29.79 12.02 -17.38
CA ILE F 269 -30.09 11.53 -16.04
C ILE F 269 -28.76 11.26 -15.33
N GLU F 270 -28.66 11.76 -14.10
CA GLU F 270 -27.41 11.70 -13.34
C GLU F 270 -26.91 10.28 -13.21
N GLY F 271 -25.62 10.05 -13.48
CA GLY F 271 -25.05 8.70 -13.39
C GLY F 271 -25.01 7.94 -14.72
N HIS F 272 -25.79 8.38 -15.70
CA HIS F 272 -25.85 7.72 -16.98
C HIS F 272 -24.66 8.11 -17.85
N PRO F 273 -24.13 7.18 -18.66
CA PRO F 273 -24.67 5.84 -18.92
C PRO F 273 -24.40 4.82 -17.81
N LEU F 274 -25.35 3.89 -17.65
CA LEU F 274 -25.26 2.83 -16.66
C LEU F 274 -25.41 1.52 -17.37
N VAL F 275 -24.60 0.54 -16.96
CA VAL F 275 -24.70 -0.80 -17.41
C VAL F 275 -25.15 -1.62 -16.21
N GLU F 276 -26.08 -2.55 -16.44
CA GLU F 276 -26.55 -3.47 -15.42
C GLU F 276 -25.84 -4.82 -15.49
N VAL F 277 -25.79 -5.51 -14.36
CA VAL F 277 -25.21 -6.84 -14.29
C VAL F 277 -25.96 -7.71 -15.29
N PRO F 278 -25.25 -8.64 -15.93
CA PRO F 278 -25.88 -9.40 -16.99
C PRO F 278 -26.85 -10.46 -16.52
N TYR F 279 -27.74 -10.88 -17.40
CA TYR F 279 -28.60 -12.02 -17.14
C TYR F 279 -28.56 -12.94 -18.36
N TRP F 280 -28.71 -14.23 -18.11
CA TRP F 280 -28.67 -15.22 -19.16
C TRP F 280 -30.03 -15.37 -19.77
N ASP F 281 -30.11 -15.18 -21.09
CA ASP F 281 -31.34 -15.39 -21.84
C ASP F 281 -31.21 -16.72 -22.56
N ASN F 282 -31.97 -17.70 -22.12
CA ASN F 282 -31.89 -19.07 -22.65
C ASN F 282 -32.52 -19.23 -24.02
N ASN F 283 -33.42 -18.32 -24.39
CA ASN F 283 -34.04 -18.40 -25.71
C ASN F 283 -33.13 -17.82 -26.78
N ALA F 284 -32.51 -16.69 -26.45
CA ALA F 284 -31.52 -16.04 -27.29
C ALA F 284 -30.12 -16.70 -27.20
N LYS F 285 -29.94 -17.57 -26.20
CA LYS F 285 -28.65 -18.20 -25.89
C LYS F 285 -27.56 -17.15 -25.79
N SER F 286 -27.86 -16.10 -25.03
CA SER F 286 -26.97 -14.97 -24.89
C SER F 286 -26.99 -14.42 -23.47
N TRP F 287 -25.90 -13.73 -23.08
CA TRP F 287 -25.86 -12.93 -21.86
C TRP F 287 -26.26 -11.51 -22.23
N ILE F 288 -27.16 -10.93 -21.43
CA ILE F 288 -27.76 -9.63 -21.75
C ILE F 288 -27.42 -8.57 -20.68
N TYR F 289 -26.90 -7.44 -21.13
CA TYR F 289 -26.60 -6.33 -20.25
C TYR F 289 -27.53 -5.17 -20.58
N GLY F 290 -28.35 -4.76 -19.62
CA GLY F 290 -29.20 -3.62 -19.83
C GLY F 290 -28.31 -2.40 -19.81
N VAL F 291 -28.44 -1.53 -20.81
CA VAL F 291 -27.65 -0.29 -20.92
C VAL F 291 -28.66 0.86 -21.02
N SER F 292 -28.47 1.89 -20.19
CA SER F 292 -29.34 3.04 -20.10
C SER F 292 -28.51 4.31 -20.23
N ASP F 293 -28.94 5.23 -21.08
CA ASP F 293 -28.29 6.54 -21.20
C ASP F 293 -29.36 7.50 -21.62
N ASP F 294 -30.22 7.83 -20.66
CA ASP F 294 -31.44 8.58 -20.89
C ASP F 294 -31.09 10.05 -20.91
N ASN F 295 -31.40 10.69 -22.03
CA ASN F 295 -30.99 12.06 -22.29
C ASN F 295 -31.89 12.76 -23.29
N THR F 296 -31.85 14.07 -23.28
CA THR F 296 -32.48 14.85 -24.34
C THR F 296 -31.71 16.16 -24.54
N PRO F 297 -31.31 16.47 -25.78
CA PRO F 297 -30.78 17.77 -26.12
C PRO F 297 -31.82 18.88 -25.91
N ALA F 298 -31.39 20.04 -25.45
CA ALA F 298 -32.29 21.14 -25.15
C ALA F 298 -31.62 22.45 -25.52
N LEU F 299 -32.32 23.29 -26.27
CA LEU F 299 -31.83 24.60 -26.65
C LEU F 299 -32.22 25.53 -25.53
N SER F 300 -31.24 26.02 -24.80
CA SER F 300 -31.50 26.84 -23.62
C SER F 300 -31.26 28.34 -23.83
N GLY F 301 -30.36 28.71 -24.76
CA GLY F 301 -30.03 30.10 -25.06
C GLY F 301 -29.98 30.39 -26.56
N MSE F 302 -31.14 30.69 -27.14
CA MSE F 302 -31.26 31.00 -28.57
C MSE F 302 -30.38 32.18 -28.99
O MSE F 302 -29.81 32.16 -30.08
CB MSE F 302 -32.74 31.27 -28.90
CG MSE F 302 -33.04 31.69 -30.37
SE MSE F 302 -32.68 33.55 -30.76
CE MSE F 302 -34.04 34.41 -29.58
N LEU F 303 -30.27 33.18 -28.14
CA LEU F 303 -29.50 34.39 -28.44
C LEU F 303 -28.01 34.10 -28.52
N ALA F 304 -27.60 32.96 -27.95
CA ALA F 304 -26.21 32.53 -28.04
C ALA F 304 -25.93 31.73 -29.33
N GLY F 305 -26.93 31.58 -30.21
CA GLY F 305 -26.77 30.81 -31.47
C GLY F 305 -27.14 31.58 -32.74
N TYR F 306 -26.65 31.10 -33.87
CA TYR F 306 -26.94 31.72 -35.18
C TYR F 306 -26.89 30.66 -36.29
N LEU F 307 -27.94 30.60 -37.11
CA LEU F 307 -28.11 29.60 -38.18
C LEU F 307 -27.93 30.18 -39.58
N ILE F 308 -27.00 29.61 -40.37
CA ILE F 308 -26.82 29.96 -41.77
C ILE F 308 -27.29 28.77 -42.60
N GLU F 309 -28.56 28.83 -43.03
CA GLU F 309 -29.14 27.76 -43.83
C GLU F 309 -28.61 27.72 -45.25
N ASP F 310 -28.47 26.50 -45.78
CA ASP F 310 -28.22 26.26 -47.21
C ASP F 310 -26.91 26.78 -47.78
N ALA F 311 -25.91 26.99 -46.93
CA ALA F 311 -24.60 27.46 -47.37
C ALA F 311 -23.97 26.51 -48.40
N GLY F 312 -24.04 25.20 -48.15
CA GLY F 312 -23.41 24.20 -49.00
C GLY F 312 -24.22 23.64 -50.15
N LEU F 313 -25.40 24.22 -50.41
CA LEU F 313 -26.21 23.81 -51.57
C LEU F 313 -25.70 24.44 -52.86
N PRO F 314 -25.86 23.75 -54.01
CA PRO F 314 -25.46 24.32 -55.31
C PRO F 314 -26.08 25.69 -55.60
N ALA F 315 -25.31 26.57 -56.23
CA ALA F 315 -25.77 27.90 -56.60
C ALA F 315 -26.87 27.87 -57.68
N ALA F 316 -26.93 26.77 -58.44
CA ALA F 316 -27.96 26.58 -59.46
C ALA F 316 -28.04 25.10 -59.86
N GLN G 9 -12.91 33.49 14.02
CA GLN G 9 -13.67 32.21 14.14
C GLN G 9 -13.82 31.49 12.78
N ALA G 10 -14.29 30.24 12.82
CA ALA G 10 -14.34 29.40 11.62
C ALA G 10 -15.62 28.56 11.46
N ARG G 11 -15.86 28.12 10.22
CA ARG G 11 -16.91 27.13 9.94
C ARG G 11 -16.23 25.81 9.69
N VAL G 12 -17.04 24.78 9.53
CA VAL G 12 -16.54 23.51 9.10
C VAL G 12 -16.38 23.63 7.60
N VAL G 13 -15.15 23.42 7.17
CA VAL G 13 -14.80 23.44 5.78
C VAL G 13 -14.96 22.04 5.23
N ASP G 14 -15.47 21.95 4.00
CA ASP G 14 -15.56 20.68 3.29
C ASP G 14 -14.25 20.55 2.51
N PRO G 15 -13.36 19.65 2.97
CA PRO G 15 -12.04 19.57 2.33
C PRO G 15 -12.04 19.13 0.89
N ILE G 16 -12.94 18.22 0.51
CA ILE G 16 -13.01 17.71 -0.87
C ILE G 16 -13.42 18.86 -1.81
N LEU G 17 -14.50 19.56 -1.47
CA LEU G 17 -14.97 20.67 -2.30
C LEU G 17 -14.02 21.84 -2.23
N SER G 18 -13.35 22.01 -1.10
CA SER G 18 -12.34 23.07 -1.04
C SER G 18 -11.14 22.77 -1.94
N THR G 19 -10.72 21.52 -1.99
CA THR G 19 -9.69 21.06 -2.92
C THR G 19 -10.14 21.27 -4.37
N HIS G 20 -11.39 20.92 -4.67
CA HIS G 20 -11.94 21.17 -6.01
C HIS G 20 -11.89 22.67 -6.33
N ALA G 21 -12.26 23.48 -5.36
CA ALA G 21 -12.32 24.93 -5.53
C ALA G 21 -10.96 25.49 -5.90
N ARG G 22 -9.91 25.00 -5.25
CA ARG G 22 -8.56 25.48 -5.51
C ARG G 22 -7.99 25.09 -6.87
N GLY G 23 -8.57 24.08 -7.52
CA GLY G 23 -8.16 23.72 -8.86
C GLY G 23 -8.97 24.38 -9.96
N TYR G 24 -9.89 25.26 -9.58
CA TYR G 24 -10.75 25.95 -10.53
C TYR G 24 -9.92 26.84 -11.44
N ARG G 25 -10.15 26.71 -12.75
CA ARG G 25 -9.40 27.51 -13.74
C ARG G 25 -10.38 28.11 -14.72
N GLN G 26 -10.12 29.35 -15.09
CA GLN G 26 -10.87 30.05 -16.12
C GLN G 26 -9.79 30.59 -17.09
N SER G 27 -9.46 29.80 -18.11
CA SER G 27 -8.33 30.06 -18.99
C SER G 27 -8.39 31.35 -19.80
N THR G 28 -9.60 31.83 -20.12
CA THR G 28 -9.71 33.12 -20.84
C THR G 28 -9.54 34.36 -19.94
N LEU G 29 -9.57 34.17 -18.61
CA LEU G 29 -9.33 35.28 -17.67
C LEU G 29 -7.84 35.37 -17.43
N ILE G 30 -7.31 36.60 -17.43
CA ILE G 30 -5.85 36.81 -17.39
C ILE G 30 -5.35 37.61 -16.21
N GLY G 31 -6.24 38.07 -15.35
CA GLY G 31 -5.85 38.90 -14.20
C GLY G 31 -4.76 38.29 -13.34
N LYS G 32 -4.85 36.97 -13.08
CA LYS G 32 -3.82 36.27 -12.30
C LYS G 32 -2.46 36.15 -13.01
N LYS G 33 -2.41 36.47 -14.29
CA LYS G 33 -1.17 36.51 -15.03
C LYS G 33 -0.41 37.82 -14.76
N LEU G 34 -1.11 38.87 -14.34
CA LEU G 34 -0.50 40.15 -13.91
C LEU G 34 -0.36 40.24 -12.40
N PHE G 35 -1.31 39.66 -11.69
CA PHE G 35 -1.36 39.68 -10.25
C PHE G 35 -1.50 38.26 -9.70
N PRO G 36 -0.40 37.48 -9.71
CA PRO G 36 -0.38 36.15 -9.17
C PRO G 36 -0.85 36.06 -7.71
N VAL G 37 -1.63 35.03 -7.43
CA VAL G 37 -2.16 34.78 -6.10
C VAL G 37 -1.04 34.39 -5.16
N ALA G 38 -0.92 35.18 -4.09
CA ALA G 38 0.01 34.95 -3.00
C ALA G 38 -0.74 35.05 -1.66
N PRO G 39 -0.36 34.19 -0.69
CA PRO G 39 -1.05 34.16 0.60
C PRO G 39 -0.70 35.30 1.55
N VAL G 40 -1.74 35.82 2.21
CA VAL G 40 -1.59 36.74 3.34
C VAL G 40 -2.53 36.29 4.46
N ALA G 41 -2.34 36.84 5.66
CA ALA G 41 -3.21 36.50 6.81
C ALA G 41 -4.09 37.66 7.26
N GLN G 42 -3.65 38.89 7.04
CA GLN G 42 -4.39 40.07 7.47
C GLN G 42 -5.34 40.62 6.39
N TYR G 43 -6.60 40.84 6.78
CA TYR G 43 -7.60 41.46 5.91
C TYR G 43 -7.34 42.95 5.62
N GLY G 44 -6.59 43.58 6.49
CA GLY G 44 -6.20 44.97 6.26
C GLY G 44 -4.75 45.10 6.62
N GLY G 45 -4.03 45.99 5.94
CA GLY G 45 -2.62 46.16 6.17
C GLY G 45 -2.05 47.13 5.15
N LYS G 46 -0.76 47.01 4.89
CA LYS G 46 -0.10 47.83 3.89
C LYS G 46 0.55 46.96 2.83
N ILE G 47 0.48 47.43 1.59
CA ILE G 47 1.06 46.78 0.43
C ILE G 47 2.59 46.83 0.53
N LEU G 48 3.22 45.65 0.52
CA LEU G 48 4.66 45.58 0.55
C LEU G 48 5.10 46.08 -0.83
N THR G 49 5.67 47.27 -0.88
CA THR G 49 5.89 47.97 -2.15
C THR G 49 7.35 47.93 -2.59
N PHE G 50 7.55 47.77 -3.90
CA PHE G 50 8.87 47.64 -4.48
C PHE G 50 9.16 48.84 -5.35
N GLY G 51 10.08 49.70 -4.86
CA GLY G 51 10.55 50.84 -5.60
C GLY G 51 11.85 50.53 -6.26
N LYS G 52 12.54 51.59 -6.68
CA LYS G 52 13.81 51.53 -7.36
C LYS G 52 14.82 50.77 -6.50
N GLU G 53 14.86 51.09 -5.21
CA GLU G 53 15.80 50.47 -4.25
C GLU G 53 15.54 48.99 -4.01
N ALA G 54 14.26 48.61 -3.95
CA ALA G 54 13.87 47.21 -3.81
C ALA G 54 14.42 46.34 -4.93
N PHE G 55 14.21 46.80 -6.18
CA PHE G 55 14.68 46.07 -7.37
C PHE G 55 16.19 46.06 -7.50
N ARG G 56 16.85 47.15 -7.11
CA ARG G 56 18.32 47.19 -7.08
C ARG G 56 18.86 46.16 -6.12
N LEU G 57 18.36 46.19 -4.89
CA LEU G 57 18.78 45.23 -3.86
C LEU G 57 18.52 43.80 -4.27
N TYR G 58 17.36 43.58 -4.90
CA TYR G 58 16.95 42.25 -5.36
C TYR G 58 17.99 41.66 -6.32
N ASN G 59 18.60 42.54 -7.12
CA ASN G 59 19.60 42.14 -8.10
C ASN G 59 20.97 42.75 -7.76
N THR G 60 21.32 42.66 -6.48
CA THR G 60 22.66 43.00 -5.98
C THR G 60 23.27 41.71 -5.45
N LYS G 61 24.51 41.44 -5.86
CA LYS G 61 25.31 40.30 -5.37
C LYS G 61 25.56 40.50 -3.88
N ARG G 62 25.22 39.52 -3.06
CA ARG G 62 25.45 39.61 -1.61
C ARG G 62 25.37 38.25 -0.94
N THR G 68 22.72 41.14 8.88
CA THR G 68 23.28 40.81 7.58
C THR G 68 22.66 39.55 6.96
N LYS G 69 22.22 38.61 7.81
CA LYS G 69 21.73 37.29 7.37
C LYS G 69 20.29 37.20 6.90
N ARG G 70 19.51 38.26 7.08
CA ARG G 70 18.08 38.28 6.69
C ARG G 70 17.79 39.27 5.57
N ILE G 71 16.85 38.89 4.72
CA ILE G 71 16.60 39.55 3.44
C ILE G 71 15.17 40.13 3.35
N ASP G 72 15.07 41.44 3.16
CA ASP G 72 13.77 42.12 2.92
C ASP G 72 14.01 43.13 1.82
N PHE G 73 13.02 43.33 0.94
CA PHE G 73 13.15 44.26 -0.17
C PHE G 73 12.13 45.40 -0.16
N GLY G 74 10.87 45.12 0.16
CA GLY G 74 9.86 46.17 0.07
C GLY G 74 9.77 47.12 1.24
N TYR G 75 9.01 48.20 1.05
CA TYR G 75 8.63 49.10 2.12
C TYR G 75 7.11 49.04 2.28
N GLU G 76 6.64 49.37 3.48
CA GLU G 76 5.22 49.45 3.70
C GLU G 76 4.71 50.64 2.92
N GLY G 77 3.86 50.38 1.93
CA GLY G 77 3.32 51.44 1.09
C GLY G 77 1.87 51.79 1.42
N ASP G 78 1.06 51.84 0.36
CA ASP G 78 -0.35 52.15 0.49
C ASP G 78 -1.11 51.05 1.20
N PRO G 79 -2.17 51.44 1.93
CA PRO G 79 -2.99 50.41 2.59
C PRO G 79 -3.77 49.56 1.60
N TYR G 80 -4.08 48.34 2.01
CA TYR G 80 -4.96 47.48 1.25
C TYR G 80 -6.09 47.05 2.18
N SER G 81 -7.14 46.53 1.58
CA SER G 81 -8.28 46.08 2.32
C SER G 81 -8.85 44.89 1.60
N ILE G 82 -8.93 43.76 2.27
CA ILE G 82 -9.61 42.59 1.72
C ILE G 82 -11.00 42.61 2.31
N VAL G 83 -12.00 42.76 1.46
CA VAL G 83 -13.38 42.79 1.89
C VAL G 83 -13.92 41.36 1.97
N PRO G 84 -14.35 40.92 3.15
CA PRO G 84 -14.99 39.61 3.21
C PRO G 84 -16.16 39.55 2.24
N SER G 85 -16.15 38.59 1.32
CA SER G 85 -17.15 38.55 0.28
C SER G 85 -17.62 37.14 0.00
N ALA G 86 -18.00 36.40 1.02
CA ALA G 86 -18.47 35.02 0.80
C ALA G 86 -19.83 34.98 0.10
N LEU G 87 -20.01 34.03 -0.80
CA LEU G 87 -21.30 33.84 -1.48
C LEU G 87 -21.81 32.51 -1.05
N GLU G 88 -23.01 32.14 -1.50
CA GLU G 88 -23.61 30.86 -1.17
C GLU G 88 -23.94 30.08 -2.43
N ALA G 89 -23.29 28.94 -2.58
CA ALA G 89 -23.53 28.04 -3.69
C ALA G 89 -24.79 27.27 -3.34
N LYS G 90 -25.60 26.91 -4.32
CA LYS G 90 -26.93 26.34 -4.06
C LYS G 90 -27.26 25.16 -4.96
N VAL G 91 -27.69 24.06 -4.33
CA VAL G 91 -28.20 22.90 -5.05
C VAL G 91 -29.71 22.80 -4.77
N PRO G 92 -30.54 23.09 -5.78
CA PRO G 92 -31.99 23.00 -5.58
C PRO G 92 -32.46 21.55 -5.55
N ARG G 93 -33.53 21.31 -4.78
CA ARG G 93 -34.07 19.96 -4.64
C ARG G 93 -34.48 19.36 -5.97
N GLU G 94 -34.85 20.20 -6.93
CA GLU G 94 -35.32 19.70 -8.23
C GLU G 94 -34.23 18.90 -8.97
N LEU G 95 -32.97 19.22 -8.69
CA LEU G 95 -31.86 18.49 -9.29
C LEU G 95 -31.51 17.19 -8.57
N MSE G 96 -32.24 16.87 -7.50
CA MSE G 96 -31.98 15.66 -6.75
C MSE G 96 -33.14 14.69 -6.81
O MSE G 96 -34.30 15.08 -6.76
CB MSE G 96 -31.69 16.01 -5.31
CG MSE G 96 -30.36 16.68 -5.15
SE MSE G 96 -30.08 17.21 -3.37
CE MSE G 96 -31.04 18.65 -3.46
N ARG G 97 -32.81 13.40 -6.89
CA ARG G 97 -33.80 12.34 -6.83
C ARG G 97 -34.37 12.22 -5.41
N ASP G 98 -33.50 12.39 -4.42
CA ASP G 98 -33.88 12.37 -3.03
C ASP G 98 -33.18 13.53 -2.34
N ALA G 99 -33.90 14.65 -2.22
CA ALA G 99 -33.37 15.88 -1.64
C ALA G 99 -33.29 15.86 -0.11
N SER G 100 -33.72 14.77 0.52
CA SER G 100 -33.60 14.65 1.98
C SER G 100 -32.18 14.35 2.40
N GLN G 101 -31.36 13.93 1.43
CA GLN G 101 -29.98 13.56 1.67
C GLN G 101 -29.05 14.65 1.19
N VAL G 102 -27.89 14.74 1.84
CA VAL G 102 -26.83 15.69 1.49
C VAL G 102 -26.44 15.40 0.03
N PRO G 103 -26.29 16.45 -0.79
CA PRO G 103 -26.01 16.20 -2.20
C PRO G 103 -24.65 15.52 -2.46
N GLY G 104 -24.56 14.78 -3.57
CA GLY G 104 -23.31 14.17 -3.98
C GLY G 104 -22.26 15.23 -4.31
N ILE G 105 -20.98 14.86 -4.28
CA ILE G 105 -19.86 15.78 -4.56
C ILE G 105 -19.97 16.42 -5.93
N ASP G 106 -20.51 15.67 -6.87
CA ASP G 106 -20.68 16.20 -8.22
C ASP G 106 -21.67 17.35 -8.31
N LEU G 107 -22.79 17.26 -7.61
CA LEU G 107 -23.78 18.33 -7.58
C LEU G 107 -23.19 19.50 -6.81
N GLY G 108 -22.61 19.21 -5.66
CA GLY G 108 -21.98 20.21 -4.83
C GLY G 108 -20.96 21.02 -5.59
N ALA G 109 -20.04 20.32 -6.28
CA ALA G 109 -18.95 20.95 -7.06
C ALA G 109 -19.46 21.93 -8.12
N ARG G 110 -20.48 21.53 -8.86
CA ARG G 110 -21.06 22.39 -9.90
C ARG G 110 -21.71 23.61 -9.31
N SER G 111 -22.41 23.47 -8.18
CA SER G 111 -22.98 24.66 -7.55
C SER G 111 -21.86 25.63 -7.15
N VAL G 112 -20.73 25.11 -6.67
CA VAL G 112 -19.59 25.95 -6.26
C VAL G 112 -18.89 26.66 -7.43
N ASN G 113 -18.81 26.01 -8.59
CA ASN G 113 -18.21 26.60 -9.80
C ASN G 113 -18.92 27.88 -10.18
N THR G 114 -20.24 27.89 -10.02
CA THR G 114 -21.03 29.09 -10.30
C THR G 114 -20.63 30.30 -9.48
N VAL G 115 -20.41 30.15 -8.18
CA VAL G 115 -19.99 31.28 -7.36
C VAL G 115 -18.54 31.68 -7.65
N LEU G 116 -17.70 30.69 -7.97
CA LEU G 116 -16.30 30.92 -8.27
C LEU G 116 -16.14 31.74 -9.56
N ARG G 117 -17.03 31.51 -10.52
CA ARG G 117 -16.97 32.29 -11.76
C ARG G 117 -17.30 33.74 -11.49
N ILE G 118 -18.31 33.96 -10.66
CA ILE G 118 -18.68 35.32 -10.26
C ILE G 118 -17.49 36.04 -9.60
N MSE G 119 -16.79 35.34 -8.71
CA MSE G 119 -15.63 35.90 -8.00
C MSE G 119 -14.46 36.11 -8.96
O MSE G 119 -13.66 37.07 -8.81
CB MSE G 119 -15.23 35.02 -6.82
CG MSE G 119 -16.23 34.98 -5.69
SE MSE G 119 -15.84 33.62 -4.40
CE MSE G 119 -17.30 33.99 -3.10
N ALA G 120 -14.35 35.21 -9.93
CA ALA G 120 -13.31 35.27 -10.95
C ALA G 120 -13.53 36.50 -11.84
N LEU G 121 -14.76 36.78 -12.21
CA LEU G 121 -15.03 37.96 -13.08
C LEU G 121 -14.80 39.25 -12.29
N ALA G 122 -15.18 39.26 -11.02
CA ALA G 122 -14.92 40.45 -10.17
C ALA G 122 -13.43 40.75 -10.03
N HIS G 123 -12.64 39.69 -9.84
CA HIS G 123 -11.17 39.75 -9.72
C HIS G 123 -10.61 40.29 -11.03
N GLU G 124 -11.10 39.79 -12.14
CA GLU G 124 -10.63 40.24 -13.46
C GLU G 124 -10.80 41.75 -13.63
N HIS G 125 -11.98 42.27 -13.27
CA HIS G 125 -12.28 43.70 -13.36
C HIS G 125 -11.38 44.52 -12.39
N GLU G 126 -11.26 44.05 -11.16
CA GLU G 126 -10.41 44.68 -10.16
C GLU G 126 -8.96 44.77 -10.64
N CYS G 127 -8.45 43.72 -11.26
CA CYS G 127 -7.10 43.72 -11.82
C CYS G 127 -6.93 44.75 -12.91
N ALA G 128 -7.89 44.81 -13.83
CA ALA G 128 -7.86 45.77 -14.92
C ALA G 128 -7.95 47.19 -14.38
N GLN G 129 -8.78 47.41 -13.37
CA GLN G 129 -8.92 48.73 -12.73
C GLN G 129 -7.61 49.28 -12.19
N ILE G 130 -6.75 48.40 -11.72
CA ILE G 130 -5.46 48.78 -11.14
C ILE G 130 -4.39 48.86 -12.23
N ALA G 131 -4.22 47.80 -13.01
CA ALA G 131 -3.17 47.76 -14.03
C ALA G 131 -3.30 48.82 -15.12
N LEU G 132 -4.54 49.16 -15.49
CA LEU G 132 -4.79 50.09 -16.60
C LEU G 132 -5.01 51.53 -16.17
N ASP G 133 -4.69 51.83 -14.91
CA ASP G 133 -4.88 53.18 -14.34
C ASP G 133 -3.60 53.98 -14.52
N PRO G 134 -3.60 55.00 -15.42
CA PRO G 134 -2.35 55.71 -15.70
C PRO G 134 -1.85 56.57 -14.55
N ALA G 135 -2.74 56.87 -13.60
CA ALA G 135 -2.37 57.59 -12.38
C ALA G 135 -1.36 56.82 -11.54
N LYS G 136 -1.32 55.50 -11.75
CA LYS G 136 -0.43 54.63 -11.01
C LYS G 136 0.99 54.48 -11.55
N TYR G 137 1.28 55.14 -12.68
CA TYR G 137 2.59 55.07 -13.31
C TYR G 137 3.22 56.45 -13.44
N ASN G 138 4.54 56.50 -13.35
CA ASN G 138 5.26 57.72 -13.64
C ASN G 138 5.32 57.92 -15.16
N ALA G 139 5.66 59.15 -15.58
CA ALA G 139 5.59 59.52 -16.99
C ALA G 139 6.40 58.62 -17.90
N ASP G 140 7.52 58.10 -17.40
CA ASP G 140 8.41 57.22 -18.20
C ASP G 140 7.86 55.79 -18.34
N HIS G 141 6.75 55.51 -17.67
CA HIS G 141 6.18 54.15 -17.65
C HIS G 141 4.78 54.05 -18.25
N LYS G 142 4.47 55.02 -19.10
CA LYS G 142 3.20 55.04 -19.78
C LYS G 142 3.23 55.94 -21.00
N VAL G 143 2.31 55.67 -21.93
CA VAL G 143 2.05 56.54 -23.08
C VAL G 143 0.56 56.47 -23.37
N LYS G 144 0.06 57.52 -24.01
CA LYS G 144 -1.31 57.62 -24.49
C LYS G 144 -1.20 57.83 -25.99
N LEU G 145 -1.66 56.85 -26.77
CA LEU G 145 -1.58 56.91 -28.22
C LEU G 145 -2.79 57.68 -28.75
N VAL G 146 -2.51 58.72 -29.54
CA VAL G 146 -3.53 59.63 -30.10
C VAL G 146 -3.42 59.65 -31.62
N GLY G 147 -4.57 59.68 -32.30
CA GLY G 147 -4.60 59.74 -33.76
C GLY G 147 -3.87 58.60 -34.44
N SER G 148 -2.98 58.95 -35.37
CA SER G 148 -2.25 57.97 -36.18
C SER G 148 -1.18 57.17 -35.42
N ALA G 149 -0.97 57.48 -34.15
CA ALA G 149 -0.08 56.66 -33.29
C ALA G 149 -0.83 55.42 -32.85
N ARG G 150 -2.17 55.47 -32.90
CA ARG G 150 -2.98 54.32 -32.53
C ARG G 150 -2.77 53.19 -33.50
N TRP G 151 -2.80 51.98 -32.98
CA TRP G 151 -2.45 50.77 -33.74
C TRP G 151 -3.45 50.42 -34.84
N THR G 152 -4.59 51.11 -34.83
CA THR G 152 -5.59 51.01 -35.89
C THR G 152 -5.13 51.76 -37.15
N SER G 153 -4.17 52.67 -36.98
CA SER G 153 -3.62 53.42 -38.08
C SER G 153 -2.46 52.67 -38.76
N PRO G 154 -2.43 52.63 -40.10
CA PRO G 154 -1.30 52.03 -40.82
C PRO G 154 0.02 52.81 -40.63
N ASP G 155 -0.08 54.04 -40.15
CA ASP G 155 1.09 54.88 -39.87
C ASP G 155 1.65 54.72 -38.45
N SER G 156 1.03 53.85 -37.65
CA SER G 156 1.51 53.57 -36.30
C SER G 156 2.65 52.55 -36.34
N ASP G 157 3.31 52.38 -35.19
CA ASP G 157 4.46 51.49 -35.08
C ASP G 157 4.41 50.71 -33.77
N PRO G 158 3.55 49.68 -33.72
CA PRO G 158 3.42 48.87 -32.51
C PRO G 158 4.73 48.34 -31.96
N THR G 159 5.63 47.91 -32.86
CA THR G 159 6.92 47.35 -32.46
C THR G 159 7.78 48.37 -31.71
N LYS G 160 7.80 49.61 -32.20
CA LYS G 160 8.52 50.68 -31.54
C LYS G 160 7.95 50.95 -30.15
N ASP G 161 6.62 50.97 -30.04
CA ASP G 161 5.93 51.20 -28.76
C ASP G 161 6.30 50.10 -27.76
N VAL G 162 6.25 48.86 -28.21
CA VAL G 162 6.59 47.72 -27.37
C VAL G 162 8.07 47.69 -26.94
N GLU G 163 8.98 48.06 -27.85
CA GLU G 163 10.41 48.10 -27.52
C GLU G 163 10.72 49.21 -26.55
N THR G 164 10.07 50.36 -26.73
CA THR G 164 10.19 51.46 -25.79
C THR G 164 9.73 51.04 -24.39
N ALA G 165 8.61 50.32 -24.33
CA ALA G 165 8.08 49.79 -23.06
C ALA G 165 9.07 48.81 -22.42
N LYS G 166 9.61 47.91 -23.24
CA LYS G 166 10.60 46.93 -22.78
C LYS G 166 11.84 47.56 -22.16
N GLU G 167 12.38 48.55 -22.85
CA GLU G 167 13.55 49.29 -22.39
C GLU G 167 13.28 50.04 -21.09
N ALA G 168 12.12 50.71 -21.00
CA ALA G 168 11.71 51.46 -19.82
C ALA G 168 11.78 50.57 -18.57
N ILE G 169 11.19 49.38 -18.66
CA ILE G 169 11.15 48.44 -17.53
C ILE G 169 12.53 47.85 -17.23
N ALA G 170 13.23 47.40 -18.27
CA ALA G 170 14.54 46.76 -18.13
C ALA G 170 15.58 47.69 -17.53
N ASP G 171 15.54 48.95 -17.92
CA ASP G 171 16.48 49.90 -17.39
C ASP G 171 16.14 50.33 -15.95
N SER G 172 14.86 50.19 -15.53
CA SER G 172 14.41 50.54 -14.19
C SER G 172 14.61 49.42 -13.16
N ILE G 173 14.36 48.18 -13.56
CA ILE G 173 14.44 47.05 -12.63
C ILE G 173 15.56 46.06 -12.93
N GLY G 174 16.27 46.25 -14.05
CA GLY G 174 17.38 45.38 -14.42
C GLY G 174 16.99 43.98 -14.85
N MSE G 175 15.73 43.83 -15.26
CA MSE G 175 15.19 42.56 -15.73
C MSE G 175 14.26 42.85 -16.91
O MSE G 175 13.61 43.91 -16.95
CB MSE G 175 14.39 41.86 -14.61
CG MSE G 175 15.27 41.36 -13.49
SE MSE G 175 14.40 40.45 -12.05
CE MSE G 175 13.33 41.89 -11.44
N GLU G 176 14.21 41.92 -17.86
CA GLU G 176 13.32 42.09 -19.02
C GLU G 176 11.88 41.79 -18.60
N PRO G 177 10.91 42.60 -19.04
CA PRO G 177 9.52 42.24 -18.79
C PRO G 177 9.19 40.91 -19.45
N ASN G 178 8.35 40.12 -18.81
CA ASN G 178 8.04 38.79 -19.31
C ASN G 178 6.57 38.55 -19.62
N ARG G 179 5.75 39.59 -19.50
CA ARG G 179 4.30 39.52 -19.78
C ARG G 179 3.82 40.71 -20.59
N LEU G 180 3.12 40.43 -21.67
CA LEU G 180 2.54 41.47 -22.52
C LEU G 180 1.06 41.20 -22.56
N MSE G 181 0.28 42.19 -22.16
CA MSE G 181 -1.16 42.10 -22.21
C MSE G 181 -1.62 42.90 -23.43
O MSE G 181 -1.33 44.08 -23.53
CB MSE G 181 -1.78 42.67 -20.93
CG MSE G 181 -3.26 42.32 -20.69
SE MSE G 181 -4.58 43.17 -21.86
CE MSE G 181 -4.21 45.04 -21.39
N LEU G 182 -2.24 42.21 -24.38
CA LEU G 182 -2.88 42.82 -25.52
C LEU G 182 -4.37 42.74 -25.26
N SER G 183 -5.07 43.86 -25.26
CA SER G 183 -6.52 43.80 -25.21
C SER G 183 -7.00 43.23 -26.54
N ARG G 184 -8.24 42.72 -26.56
CA ARG G 184 -8.86 42.18 -27.76
CA ARG G 184 -8.81 42.15 -27.78
C ARG G 184 -8.73 43.17 -28.93
N LYS G 185 -9.08 44.42 -28.63
CA LYS G 185 -9.03 45.52 -29.60
C LYS G 185 -7.63 45.77 -30.14
N ALA G 186 -6.62 45.76 -29.27
CA ALA G 186 -5.24 45.94 -29.71
C ALA G 186 -4.79 44.76 -30.57
N LEU G 187 -5.14 43.54 -30.17
CA LEU G 187 -4.77 42.36 -30.93
C LEU G 187 -5.37 42.41 -32.33
N SER G 188 -6.64 42.80 -32.44
CA SER G 188 -7.35 42.95 -33.71
C SER G 188 -6.66 43.93 -34.64
N ALA G 189 -6.17 45.02 -34.07
CA ALA G 189 -5.39 46.02 -34.81
C ALA G 189 -4.10 45.45 -35.34
N CYS G 190 -3.40 44.65 -34.54
CA CYS G 190 -2.16 44.01 -34.95
C CYS G 190 -2.42 43.09 -36.13
N LYS G 191 -3.53 42.37 -36.10
CA LYS G 191 -3.88 41.44 -37.19
C LYS G 191 -4.15 42.17 -38.52
N TYR G 192 -4.51 43.45 -38.44
CA TYR G 192 -4.78 44.27 -39.63
C TYR G 192 -3.63 45.21 -40.00
N HIS G 193 -2.60 45.27 -39.15
CA HIS G 193 -1.53 46.26 -39.34
C HIS G 193 -0.59 45.85 -40.47
N PRO G 194 -0.39 46.75 -41.47
CA PRO G 194 0.46 46.42 -42.61
C PRO G 194 1.93 46.13 -42.25
N LYS G 195 2.47 46.85 -41.27
CA LYS G 195 3.85 46.61 -40.83
C LYS G 195 3.99 45.19 -40.29
N LEU G 196 3.07 44.77 -39.43
CA LEU G 196 3.12 43.43 -38.86
C LEU G 196 2.80 42.38 -39.91
N ILE G 197 1.85 42.67 -40.79
CA ILE G 197 1.51 41.77 -41.90
C ILE G 197 2.74 41.48 -42.77
N GLU G 198 3.60 42.47 -42.94
CA GLU G 198 4.84 42.31 -43.72
C GLU G 198 5.79 41.32 -43.04
N ARG G 199 5.80 41.31 -41.70
CA ARG G 199 6.67 40.40 -40.96
C ARG G 199 6.24 38.92 -41.07
N VAL G 200 4.99 38.67 -41.47
CA VAL G 200 4.49 37.29 -41.65
C VAL G 200 5.05 36.69 -42.95
N SER G 207 -0.49 33.77 -40.66
CA SER G 207 -1.41 34.62 -39.91
C SER G 207 -0.69 35.33 -38.75
N ILE G 208 -1.14 36.53 -38.40
CA ILE G 208 -0.63 37.23 -37.21
C ILE G 208 -1.24 36.57 -35.99
N THR G 209 -0.43 35.77 -35.29
CA THR G 209 -0.85 35.16 -34.04
C THR G 209 0.01 35.66 -32.87
N ILE G 210 -0.40 35.29 -31.67
CA ILE G 210 0.33 35.58 -30.44
C ILE G 210 1.73 34.99 -30.44
N ASP G 211 1.88 33.77 -30.96
CA ASP G 211 3.20 33.10 -31.00
C ASP G 211 4.18 33.84 -31.88
N MSE G 212 3.71 34.42 -32.99
CA MSE G 212 4.59 35.17 -33.87
C MSE G 212 4.96 36.53 -33.28
O MSE G 212 6.11 36.96 -33.41
CB MSE G 212 4.02 35.27 -35.30
CG MSE G 212 3.00 36.35 -35.57
SE MSE G 212 3.75 37.98 -36.35
CE MSE G 212 4.15 37.34 -38.18
N LEU G 213 4.04 37.19 -32.57
CA LEU G 213 4.32 38.44 -31.85
C LEU G 213 5.24 38.23 -30.63
N LYS G 214 5.17 37.03 -30.03
CA LYS G 214 6.08 36.61 -28.94
C LYS G 214 7.50 36.61 -29.37
N ALA G 215 7.75 35.96 -30.51
CA ALA G 215 9.10 35.85 -31.09
C ALA G 215 9.59 37.20 -31.61
N LEU G 216 8.70 37.90 -32.31
CA LEU G 216 8.97 39.20 -32.90
C LEU G 216 9.30 40.26 -31.85
N TRP G 217 8.53 40.32 -30.77
CA TRP G 217 8.76 41.29 -29.70
C TRP G 217 9.63 40.76 -28.57
N GLU G 218 9.93 39.47 -28.61
CA GLU G 218 10.81 38.81 -27.63
C GLU G 218 10.32 39.03 -26.21
N VAL G 219 9.07 38.61 -25.98
CA VAL G 219 8.48 38.59 -24.64
C VAL G 219 8.10 37.16 -24.35
N GLU G 220 8.36 36.71 -23.13
CA GLU G 220 8.11 35.33 -22.75
C GLU G 220 6.67 34.90 -22.98
N GLU G 221 5.72 35.73 -22.59
CA GLU G 221 4.32 35.33 -22.67
C GLU G 221 3.45 36.52 -23.01
N ILE G 222 2.55 36.32 -23.98
CA ILE G 222 1.57 37.30 -24.32
C ILE G 222 0.23 36.75 -23.84
N VAL G 223 -0.54 37.59 -23.15
CA VAL G 223 -1.89 37.26 -22.69
C VAL G 223 -2.89 38.23 -23.32
N VAL G 224 -4.08 37.74 -23.64
CA VAL G 224 -5.08 38.54 -24.33
C VAL G 224 -6.27 38.82 -23.43
N GLY G 225 -6.57 40.12 -23.30
CA GLY G 225 -7.67 40.57 -22.47
C GLY G 225 -8.96 40.54 -23.25
N THR G 226 -9.70 39.45 -23.10
CA THR G 226 -10.94 39.24 -23.83
C THR G 226 -12.22 39.48 -23.01
N ALA G 227 -12.11 39.41 -21.68
CA ALA G 227 -13.28 39.51 -20.80
C ALA G 227 -14.09 40.79 -21.00
N ARG G 228 -15.42 40.63 -21.01
CA ARG G 228 -16.35 41.75 -21.04
C ARG G 228 -17.31 41.70 -19.86
N VAL G 229 -17.78 42.87 -19.41
CA VAL G 229 -18.79 42.97 -18.36
C VAL G 229 -19.93 43.89 -18.76
N ALA G 230 -21.06 43.70 -18.09
CA ALA G 230 -22.26 44.52 -18.30
C ALA G 230 -21.97 45.96 -17.88
N THR G 231 -22.42 46.92 -18.69
CA THR G 231 -22.22 48.35 -18.40
C THR G 231 -23.54 49.14 -18.46
N GLY G 232 -23.69 50.09 -17.52
CA GLY G 232 -24.86 50.97 -17.40
C GLY G 232 -25.98 50.83 -18.42
N ASP G 235 -26.80 50.44 -21.60
CA ASP G 235 -27.27 49.06 -21.43
C ASP G 235 -26.63 48.12 -22.45
N SER G 236 -25.32 47.95 -22.35
CA SER G 236 -24.57 47.06 -23.23
C SER G 236 -23.42 46.38 -22.45
N PHE G 237 -22.32 46.07 -23.12
CA PHE G 237 -21.17 45.48 -22.47
C PHE G 237 -19.91 46.24 -22.86
N GLY G 238 -18.91 46.13 -22.00
CA GLY G 238 -17.63 46.82 -22.22
C GLY G 238 -16.47 45.88 -21.96
N ASP G 239 -15.41 46.08 -22.73
CA ASP G 239 -14.20 45.30 -22.60
C ASP G 239 -13.54 45.63 -21.27
N VAL G 240 -13.30 44.62 -20.45
CA VAL G 240 -12.65 44.80 -19.16
C VAL G 240 -11.26 45.42 -19.31
N TRP G 241 -10.51 45.00 -20.32
CA TRP G 241 -9.13 45.46 -20.53
C TRP G 241 -9.02 46.63 -21.51
N GLY G 242 -10.17 47.22 -21.84
CA GLY G 242 -10.22 48.40 -22.69
C GLY G 242 -9.61 48.21 -24.05
N PRO G 243 -9.10 49.29 -24.65
CA PRO G 243 -8.32 49.30 -25.89
C PRO G 243 -6.80 49.30 -25.64
N ASP G 244 -6.37 48.91 -24.45
CA ASP G 244 -5.00 49.15 -24.02
C ASP G 244 -4.04 47.97 -24.27
N VAL G 245 -2.76 48.28 -24.08
CA VAL G 245 -1.67 47.32 -24.12
C VAL G 245 -0.83 47.59 -22.87
N TRP G 246 -0.38 46.53 -22.22
CA TRP G 246 0.42 46.64 -21.01
C TRP G 246 1.56 45.62 -21.07
N LEU G 247 2.71 45.99 -20.52
CA LEU G 247 3.87 45.10 -20.38
C LEU G 247 4.34 45.15 -18.97
N GLY G 248 4.89 44.05 -18.50
CA GLY G 248 5.52 44.04 -17.19
C GLY G 248 6.37 42.84 -16.86
N TYR G 249 7.12 43.02 -15.78
CA TYR G 249 7.81 41.94 -15.14
C TYR G 249 6.90 41.38 -14.05
N VAL G 250 6.45 40.14 -14.24
CA VAL G 250 5.61 39.43 -13.27
C VAL G 250 6.40 38.18 -12.91
N SER G 251 6.67 37.99 -11.63
CA SER G 251 7.47 36.85 -11.17
C SER G 251 6.90 35.53 -11.68
N ASP G 252 7.79 34.71 -12.24
CA ASP G 252 7.43 33.36 -12.71
C ASP G 252 7.45 32.32 -11.58
N ASN G 253 7.55 32.77 -10.34
CA ASN G 253 7.66 31.87 -9.21
C ASN G 253 6.42 30.96 -9.12
N PRO G 254 6.64 29.64 -9.12
CA PRO G 254 5.48 28.75 -8.97
C PRO G 254 4.83 28.81 -7.58
N ASP G 255 5.55 29.39 -6.60
CA ASP G 255 5.08 29.64 -5.22
C ASP G 255 5.03 31.16 -4.98
N PRO G 256 4.06 31.86 -5.56
CA PRO G 256 4.14 33.33 -5.39
C PRO G 256 4.19 33.83 -3.94
N SER G 257 5.02 34.82 -3.66
CA SER G 257 5.15 35.42 -2.32
C SER G 257 5.09 36.95 -2.42
N VAL G 258 4.25 37.59 -1.60
CA VAL G 258 4.09 39.04 -1.63
C VAL G 258 5.35 39.81 -1.25
N GLU G 259 6.34 39.10 -0.70
CA GLU G 259 7.62 39.70 -0.31
C GLU G 259 8.64 39.79 -1.47
N GLU G 260 8.34 39.10 -2.56
CA GLU G 260 9.26 39.02 -3.71
C GLU G 260 8.99 40.14 -4.71
N PRO G 261 10.01 41.00 -5.00
CA PRO G 261 9.77 42.01 -6.01
C PRO G 261 9.13 41.51 -7.31
N SER G 262 8.05 42.18 -7.67
CA SER G 262 7.28 41.87 -8.85
C SER G 262 6.33 43.04 -9.10
N PHE G 263 5.69 43.08 -10.26
CA PHE G 263 4.74 44.15 -10.56
C PHE G 263 3.55 44.20 -9.60
N GLY G 264 2.94 43.05 -9.39
CA GLY G 264 1.75 42.97 -8.56
C GLY G 264 1.49 41.59 -8.02
N TYR G 265 0.52 41.50 -7.12
CA TYR G 265 0.05 40.25 -6.55
C TYR G 265 -1.42 40.35 -6.25
N THR G 266 -2.08 39.20 -6.22
CA THR G 266 -3.41 39.10 -5.62
C THR G 266 -3.20 38.61 -4.18
N TYR G 267 -3.36 39.53 -3.23
CA TYR G 267 -3.28 39.22 -1.83
C TYR G 267 -4.51 38.39 -1.49
N GLN G 268 -4.31 37.19 -1.00
CA GLN G 268 -5.41 36.27 -0.76
C GLN G 268 -5.25 35.56 0.55
N ILE G 269 -6.37 35.41 1.25
CA ILE G 269 -6.31 34.88 2.60
C ILE G 269 -5.84 33.44 2.53
N GLU G 270 -4.89 33.09 3.39
CA GLU G 270 -4.25 31.78 3.31
C GLU G 270 -5.31 30.70 3.39
N GLY G 271 -5.24 29.73 2.50
CA GLY G 271 -6.21 28.63 2.48
C GLY G 271 -7.45 28.84 1.60
N HIS G 272 -7.70 30.07 1.14
CA HIS G 272 -8.82 30.31 0.26
C HIS G 272 -8.53 29.90 -1.17
N PRO G 273 -9.53 29.46 -1.91
CA PRO G 273 -10.95 29.38 -1.59
C PRO G 273 -11.31 28.25 -0.66
N LEU G 274 -12.36 28.45 0.12
CA LEU G 274 -12.88 27.47 1.06
C LEU G 274 -14.33 27.20 0.74
N VAL G 275 -14.73 25.94 0.83
CA VAL G 275 -16.12 25.59 0.71
C VAL G 275 -16.54 24.98 2.07
N GLU G 276 -17.66 25.45 2.61
CA GLU G 276 -18.17 25.01 3.88
C GLU G 276 -19.10 23.81 3.65
N VAL G 277 -19.30 23.03 4.70
CA VAL G 277 -20.23 21.90 4.65
C VAL G 277 -21.63 22.47 4.42
N PRO G 278 -22.47 21.75 3.67
CA PRO G 278 -23.75 22.35 3.33
C PRO G 278 -24.80 22.35 4.43
N TYR G 279 -25.74 23.28 4.35
CA TYR G 279 -26.93 23.29 5.21
C TYR G 279 -28.19 23.35 4.34
N TRP G 280 -29.27 22.78 4.83
CA TRP G 280 -30.54 22.76 4.12
C TRP G 280 -31.39 23.99 4.41
N ASP G 281 -31.71 24.73 3.36
CA ASP G 281 -32.53 25.92 3.48
C ASP G 281 -33.95 25.50 3.11
N ASN G 282 -34.83 25.44 4.10
CA ASN G 282 -36.19 25.02 3.82
C ASN G 282 -37.02 26.08 3.08
N ASN G 283 -36.63 27.35 3.19
CA ASN G 283 -37.32 28.42 2.44
C ASN G 283 -36.96 28.35 0.96
N ALA G 284 -35.67 28.19 0.67
CA ALA G 284 -35.21 28.09 -0.71
C ALA G 284 -35.41 26.68 -1.26
N LYS G 285 -35.66 25.70 -0.37
CA LYS G 285 -35.73 24.27 -0.70
C LYS G 285 -34.47 23.84 -1.44
N SER G 286 -33.33 24.21 -0.88
CA SER G 286 -32.02 23.98 -1.46
C SER G 286 -30.95 23.72 -0.39
N TRP G 287 -29.89 23.02 -0.81
CA TRP G 287 -28.71 22.78 0.00
C TRP G 287 -27.76 23.92 -0.34
N ILE G 288 -27.21 24.57 0.69
CA ILE G 288 -26.42 25.78 0.56
C ILE G 288 -24.99 25.51 1.04
N TYR G 289 -24.02 25.82 0.19
CA TYR G 289 -22.60 25.70 0.52
C TYR G 289 -22.03 27.11 0.58
N GLY G 290 -21.49 27.52 1.72
CA GLY G 290 -20.83 28.79 1.77
C GLY G 290 -19.48 28.68 1.09
N VAL G 291 -19.14 29.71 0.30
CA VAL G 291 -17.90 29.76 -0.47
C VAL G 291 -17.22 31.09 -0.21
N SER G 292 -15.96 31.03 0.22
CA SER G 292 -15.17 32.21 0.55
C SER G 292 -13.93 32.22 -0.29
N ASP G 293 -13.60 33.35 -0.87
CA ASP G 293 -12.32 33.52 -1.53
C ASP G 293 -11.95 35.01 -1.40
N ASP G 294 -11.48 35.35 -0.22
CA ASP G 294 -11.22 36.74 0.12
C ASP G 294 -9.85 37.13 -0.38
N ASN G 295 -9.85 38.13 -1.27
CA ASN G 295 -8.64 38.59 -1.95
C ASN G 295 -8.78 40.03 -2.41
N THR G 296 -7.64 40.63 -2.74
CA THR G 296 -7.58 41.91 -3.44
C THR G 296 -6.27 41.98 -4.26
N PRO G 297 -6.35 42.37 -5.56
CA PRO G 297 -5.14 42.69 -6.31
C PRO G 297 -4.45 43.94 -5.78
N ALA G 298 -3.13 43.94 -5.82
CA ALA G 298 -2.35 45.08 -5.36
C ALA G 298 -1.20 45.30 -6.32
N LEU G 299 -0.98 46.55 -6.69
CA LEU G 299 0.15 46.91 -7.56
C LEU G 299 1.29 47.21 -6.61
N SER G 300 2.31 46.35 -6.63
CA SER G 300 3.41 46.47 -5.68
C SER G 300 4.67 47.09 -6.26
N GLY G 301 4.91 46.92 -7.57
CA GLY G 301 6.08 47.40 -8.25
C GLY G 301 5.81 48.13 -9.55
N MSE G 302 5.48 49.40 -9.45
CA MSE G 302 5.19 50.23 -10.61
C MSE G 302 6.28 50.23 -11.68
O MSE G 302 5.97 50.26 -12.87
CB MSE G 302 4.97 51.69 -10.15
CG MSE G 302 4.69 52.67 -11.28
SE MSE G 302 6.29 53.37 -12.09
CE MSE G 302 6.69 54.63 -10.64
N LEU G 303 7.55 50.24 -11.26
CA LEU G 303 8.66 50.29 -12.23
C LEU G 303 8.74 49.00 -13.05
N ALA G 304 8.06 47.96 -12.58
CA ALA G 304 8.00 46.70 -13.28
C ALA G 304 6.87 46.63 -14.34
N GLY G 305 6.11 47.73 -14.49
CA GLY G 305 5.01 47.80 -15.44
C GLY G 305 5.15 48.98 -16.38
N TYR G 306 4.37 48.93 -17.47
CA TYR G 306 4.31 49.94 -18.50
C TYR G 306 2.94 49.88 -19.18
N LEU G 307 2.26 51.02 -19.24
CA LEU G 307 0.93 51.14 -19.82
C LEU G 307 0.98 51.86 -21.14
N ILE G 308 0.41 51.23 -22.16
CA ILE G 308 0.19 51.88 -23.46
C ILE G 308 -1.33 52.05 -23.60
N GLU G 309 -1.82 53.26 -23.33
CA GLU G 309 -3.23 53.60 -23.48
C GLU G 309 -3.73 53.81 -24.93
N ASP G 310 -4.93 53.31 -25.20
CA ASP G 310 -5.71 53.58 -26.40
C ASP G 310 -5.15 53.04 -27.71
N ALA G 311 -4.28 52.04 -27.62
CA ALA G 311 -3.70 51.40 -28.80
C ALA G 311 -4.77 50.91 -29.76
N GLY G 312 -5.82 50.29 -29.21
CA GLY G 312 -6.86 49.70 -30.02
C GLY G 312 -8.03 50.59 -30.40
N LEU G 313 -7.98 51.89 -30.10
CA LEU G 313 -9.08 52.78 -30.52
C LEU G 313 -8.86 53.27 -31.96
N PRO G 314 -9.96 53.55 -32.71
CA PRO G 314 -9.90 54.08 -34.08
C PRO G 314 -9.03 55.32 -34.18
N ALA G 315 -8.28 55.48 -35.27
CA ALA G 315 -7.39 56.64 -35.43
C ALA G 315 -8.17 57.95 -35.52
N ALA G 316 -9.37 57.86 -36.07
CA ALA G 316 -10.31 58.98 -36.16
C ALA G 316 -11.73 58.43 -36.28
N GLN H 9 33.53 -17.66 -9.60
CA GLN H 9 32.84 -17.52 -8.29
C GLN H 9 32.17 -16.16 -8.18
N ALA H 10 30.87 -16.15 -7.89
CA ALA H 10 30.07 -14.91 -7.80
C ALA H 10 30.70 -13.87 -6.86
N ARG H 11 30.70 -12.64 -7.34
CA ARG H 11 31.15 -11.50 -6.56
C ARG H 11 29.97 -11.15 -5.65
N VAL H 12 30.25 -10.51 -4.52
CA VAL H 12 29.12 -10.02 -3.75
C VAL H 12 28.76 -8.67 -4.36
N VAL H 13 27.61 -8.68 -5.01
CA VAL H 13 27.12 -7.59 -5.82
C VAL H 13 26.35 -6.58 -4.98
N ASP H 14 26.54 -5.30 -5.27
CA ASP H 14 25.78 -4.20 -4.68
C ASP H 14 24.60 -3.97 -5.64
N PRO H 15 23.37 -4.34 -5.23
CA PRO H 15 22.25 -4.27 -6.18
C PRO H 15 21.85 -2.87 -6.58
N ILE H 16 22.00 -1.92 -5.67
CA ILE H 16 21.62 -0.53 -5.90
C ILE H 16 22.56 0.10 -6.93
N LEU H 17 23.86 -0.05 -6.71
CA LEU H 17 24.86 0.49 -7.64
C LEU H 17 24.90 -0.30 -8.95
N SER H 18 24.57 -1.57 -8.92
CA SER H 18 24.42 -2.34 -10.16
C SER H 18 23.23 -1.85 -10.98
N THR H 19 22.12 -1.55 -10.32
CA THR H 19 20.95 -0.95 -10.99
C THR H 19 21.32 0.39 -11.60
N HIS H 20 22.06 1.20 -10.85
CA HIS H 20 22.52 2.46 -11.37
C HIS H 20 23.40 2.27 -12.61
N ALA H 21 24.28 1.29 -12.54
CA ALA H 21 25.20 0.98 -13.65
C ALA H 21 24.43 0.62 -14.90
N ARG H 22 23.38 -0.20 -14.74
CA ARG H 22 22.57 -0.64 -15.87
C ARG H 22 21.82 0.50 -16.58
N GLY H 23 21.65 1.63 -15.91
CA GLY H 23 21.01 2.79 -16.52
C GLY H 23 21.97 3.84 -17.04
N TYR H 24 23.27 3.58 -16.96
CA TYR H 24 24.28 4.47 -17.51
C TYR H 24 24.11 4.63 -19.02
N ARG H 25 24.11 5.89 -19.48
CA ARG H 25 23.95 6.22 -20.91
C ARG H 25 25.00 7.24 -21.32
N GLN H 26 25.52 7.08 -22.52
CA GLN H 26 26.45 8.02 -23.11
C GLN H 26 25.86 8.28 -24.51
N SER H 27 25.01 9.30 -24.61
CA SER H 27 24.19 9.54 -25.81
C SER H 27 24.98 9.86 -27.09
N THR H 28 26.19 10.42 -26.96
CA THR H 28 27.03 10.66 -28.16
C THR H 28 27.79 9.43 -28.63
N LEU H 29 27.74 8.32 -27.87
CA LEU H 29 28.41 7.09 -28.26
C LEU H 29 27.37 6.25 -28.98
N ILE H 30 27.71 5.74 -30.16
CA ILE H 30 26.76 5.10 -31.08
C ILE H 30 26.99 3.62 -31.38
N GLY H 31 28.03 3.04 -30.81
CA GLY H 31 28.37 1.63 -31.03
C GLY H 31 27.22 0.67 -30.77
N LYS H 32 26.49 0.90 -29.68
CA LYS H 32 25.33 0.10 -29.33
C LYS H 32 24.17 0.23 -30.34
N LYS H 33 24.19 1.28 -31.17
CA LYS H 33 23.18 1.47 -32.22
C LYS H 33 23.43 0.53 -33.42
N LEU H 34 24.67 0.10 -33.59
CA LEU H 34 25.08 -0.90 -34.57
C LEU H 34 25.17 -2.30 -33.98
N PHE H 35 25.58 -2.39 -32.72
CA PHE H 35 25.77 -3.65 -32.00
C PHE H 35 24.98 -3.63 -30.69
N PRO H 36 23.65 -3.80 -30.77
CA PRO H 36 22.84 -3.73 -29.57
C PRO H 36 23.23 -4.78 -28.54
N VAL H 37 23.15 -4.41 -27.25
CA VAL H 37 23.57 -5.30 -26.15
C VAL H 37 22.59 -6.45 -25.97
N ALA H 38 23.12 -7.66 -26.03
CA ALA H 38 22.34 -8.89 -25.92
C ALA H 38 23.08 -9.86 -24.98
N PRO H 39 22.36 -10.51 -24.04
CA PRO H 39 22.92 -11.45 -23.08
C PRO H 39 23.36 -12.83 -23.61
N VAL H 40 24.54 -13.21 -23.15
CA VAL H 40 25.11 -14.52 -23.33
C VAL H 40 25.63 -14.99 -21.96
N ALA H 41 25.88 -16.28 -21.84
CA ALA H 41 26.40 -16.86 -20.59
C ALA H 41 27.87 -17.27 -20.66
N GLN H 42 28.35 -17.63 -21.85
CA GLN H 42 29.71 -18.16 -21.94
C GLN H 42 30.69 -17.07 -22.41
N TYR H 43 31.87 -17.07 -21.81
CA TYR H 43 32.94 -16.13 -22.15
C TYR H 43 33.54 -16.42 -23.52
N GLY H 44 33.44 -17.66 -23.95
CA GLY H 44 33.99 -18.05 -25.23
C GLY H 44 32.97 -18.92 -25.92
N GLY H 45 32.96 -18.88 -27.25
CA GLY H 45 32.01 -19.66 -28.02
C GLY H 45 32.10 -19.30 -29.47
N LYS H 46 31.01 -19.53 -30.19
CA LYS H 46 30.94 -19.19 -31.60
C LYS H 46 29.85 -18.16 -31.81
N ILE H 47 30.08 -17.22 -32.74
CA ILE H 47 29.08 -16.22 -33.08
C ILE H 47 27.96 -16.93 -33.84
N LEU H 48 26.72 -16.68 -33.43
CA LEU H 48 25.57 -17.21 -34.15
C LEU H 48 25.45 -16.29 -35.35
N THR H 49 25.73 -16.85 -36.53
CA THR H 49 25.96 -16.08 -37.76
C THR H 49 24.76 -16.18 -38.68
N PHE H 50 24.42 -15.08 -39.35
CA PHE H 50 23.28 -15.06 -40.23
C PHE H 50 23.74 -14.76 -41.64
N GLY H 51 23.72 -15.80 -42.47
CA GLY H 51 24.06 -15.67 -43.88
C GLY H 51 22.80 -15.56 -44.69
N LYS H 52 22.93 -15.80 -45.99
CA LYS H 52 21.84 -15.67 -46.95
C LYS H 52 20.68 -16.55 -46.55
N GLU H 53 20.97 -17.80 -46.17
CA GLU H 53 19.96 -18.77 -45.75
C GLU H 53 19.18 -18.35 -44.50
N ALA H 54 19.87 -17.75 -43.55
CA ALA H 54 19.28 -17.35 -42.28
C ALA H 54 18.26 -16.25 -42.50
N PHE H 55 18.67 -15.22 -43.25
CA PHE H 55 17.80 -14.13 -43.58
C PHE H 55 16.65 -14.60 -44.46
N ARG H 56 16.91 -15.54 -45.35
CA ARG H 56 15.87 -16.12 -46.20
C ARG H 56 14.82 -16.84 -45.36
N LEU H 57 15.28 -17.70 -44.44
CA LEU H 57 14.38 -18.39 -43.50
C LEU H 57 13.59 -17.45 -42.59
N TYR H 58 14.27 -16.47 -42.02
CA TYR H 58 13.67 -15.44 -41.15
C TYR H 58 12.48 -14.77 -41.81
N ASN H 59 12.58 -14.58 -43.12
CA ASN H 59 11.51 -13.95 -43.91
C ASN H 59 10.80 -14.91 -44.85
N THR H 60 10.65 -16.14 -44.40
CA THR H 60 9.83 -17.14 -45.09
C THR H 60 8.57 -17.35 -44.25
N LYS H 61 7.42 -17.37 -44.91
CA LYS H 61 6.11 -17.60 -44.33
C LYS H 61 5.99 -19.06 -43.84
N ARG H 62 5.78 -19.26 -42.54
CA ARG H 62 5.70 -20.62 -41.98
C ARG H 62 4.51 -21.41 -42.51
N THR H 68 9.11 -28.45 -37.79
CA THR H 68 7.79 -27.83 -37.84
C THR H 68 7.63 -26.73 -36.78
N LYS H 69 7.70 -27.10 -35.50
CA LYS H 69 7.41 -26.18 -34.39
C LYS H 69 8.55 -25.30 -33.89
N ARG H 70 9.80 -25.68 -34.14
CA ARG H 70 10.92 -24.89 -33.64
C ARG H 70 11.62 -24.08 -34.70
N ILE H 71 12.20 -22.97 -34.26
CA ILE H 71 12.65 -21.90 -35.11
C ILE H 71 14.12 -21.50 -34.87
N ASP H 72 15.04 -21.97 -35.70
CA ASP H 72 16.46 -21.57 -35.60
C ASP H 72 16.83 -20.92 -36.93
N PHE H 73 17.68 -19.89 -36.89
CA PHE H 73 18.09 -19.19 -38.12
C PHE H 73 19.59 -19.18 -38.45
N GLY H 74 20.42 -18.87 -37.47
CA GLY H 74 21.84 -18.68 -37.75
C GLY H 74 22.62 -19.95 -37.60
N TYR H 75 23.93 -19.88 -37.80
CA TYR H 75 24.76 -21.06 -37.63
C TYR H 75 25.96 -20.73 -36.77
N GLU H 76 26.68 -21.75 -36.34
CA GLU H 76 27.82 -21.54 -35.48
C GLU H 76 28.98 -21.08 -36.36
N GLY H 77 29.33 -19.79 -36.28
CA GLY H 77 30.35 -19.21 -37.15
C GLY H 77 31.69 -19.07 -36.46
N ASP H 78 32.31 -17.91 -36.63
CA ASP H 78 33.60 -17.62 -36.06
C ASP H 78 33.58 -17.56 -34.54
N PRO H 79 34.69 -17.98 -33.91
CA PRO H 79 34.73 -17.90 -32.46
C PRO H 79 34.72 -16.47 -31.94
N TYR H 80 34.18 -16.30 -30.73
CA TYR H 80 34.24 -15.03 -30.04
C TYR H 80 34.90 -15.25 -28.68
N SER H 81 35.49 -14.18 -28.15
CA SER H 81 36.10 -14.28 -26.85
C SER H 81 35.79 -13.01 -26.07
N ILE H 82 35.15 -13.16 -24.92
CA ILE H 82 34.96 -12.04 -24.03
C ILE H 82 36.12 -12.07 -23.05
N VAL H 83 36.88 -11.00 -23.01
CA VAL H 83 38.00 -10.89 -22.09
C VAL H 83 37.51 -10.30 -20.75
N PRO H 84 37.69 -11.05 -19.65
CA PRO H 84 37.36 -10.47 -18.35
C PRO H 84 38.17 -9.21 -18.13
N SER H 85 37.48 -8.07 -18.01
CA SER H 85 38.16 -6.79 -18.00
C SER H 85 37.62 -5.89 -16.88
N ALA H 86 37.39 -6.46 -15.70
CA ALA H 86 36.88 -5.69 -14.56
C ALA H 86 37.88 -4.59 -14.13
N LEU H 87 37.34 -3.44 -13.71
CA LEU H 87 38.16 -2.32 -13.21
C LEU H 87 37.72 -2.07 -11.77
N GLU H 88 38.32 -1.07 -11.13
CA GLU H 88 37.99 -0.74 -9.77
C GLU H 88 37.65 0.75 -9.63
N ALA H 89 36.42 1.02 -9.22
CA ALA H 89 35.98 2.38 -8.92
C ALA H 89 36.60 2.78 -7.59
N LYS H 90 36.85 4.05 -7.41
CA LYS H 90 37.57 4.44 -6.22
C LYS H 90 36.96 5.69 -5.63
N VAL H 91 36.66 5.66 -4.32
CA VAL H 91 36.18 6.81 -3.59
C VAL H 91 37.27 7.23 -2.58
N PRO H 92 38.03 8.28 -2.90
CA PRO H 92 39.09 8.70 -1.99
C PRO H 92 38.54 9.29 -0.71
N ARG H 93 39.26 9.08 0.39
CA ARG H 93 38.82 9.59 1.68
C ARG H 93 38.71 11.10 1.76
N GLU H 94 39.44 11.81 0.90
CA GLU H 94 39.38 13.28 0.87
C GLU H 94 38.02 13.79 0.46
N LEU H 95 37.25 12.98 -0.26
CA LEU H 95 35.90 13.36 -0.66
C LEU H 95 34.85 12.99 0.36
N MSE H 96 35.26 12.45 1.50
CA MSE H 96 34.34 12.02 2.54
C MSE H 96 34.57 12.77 3.84
O MSE H 96 35.71 13.06 4.20
CB MSE H 96 34.50 10.52 2.78
CG MSE H 96 34.31 9.65 1.56
SE MSE H 96 34.70 7.80 1.98
CE MSE H 96 33.09 7.38 2.84
N ARG H 97 33.50 13.10 4.53
CA ARG H 97 33.57 13.72 5.85
C ARG H 97 34.10 12.72 6.90
N ASP H 98 33.60 11.50 6.81
CA ASP H 98 33.99 10.38 7.68
C ASP H 98 34.32 9.19 6.82
N ALA H 99 35.60 9.01 6.55
CA ALA H 99 36.08 7.96 5.67
C ALA H 99 36.05 6.60 6.34
N SER H 100 35.81 6.55 7.65
CA SER H 100 35.71 5.28 8.37
C SER H 100 34.43 4.54 8.03
N GLN H 101 33.45 5.23 7.45
CA GLN H 101 32.19 4.59 7.04
C GLN H 101 32.13 4.32 5.55
N VAL H 102 31.36 3.31 5.17
CA VAL H 102 31.14 2.96 3.77
C VAL H 102 30.55 4.18 3.06
N PRO H 103 31.04 4.52 1.84
CA PRO H 103 30.52 5.71 1.17
C PRO H 103 29.04 5.65 0.84
N GLY H 104 28.39 6.80 0.80
CA GLY H 104 27.00 6.91 0.39
C GLY H 104 26.84 6.56 -1.08
N ILE H 105 25.63 6.24 -1.48
CA ILE H 105 25.35 5.84 -2.86
C ILE H 105 25.72 6.91 -3.87
N ASP H 106 25.56 8.18 -3.54
CA ASP H 106 25.93 9.25 -4.47
C ASP H 106 27.44 9.27 -4.76
N LEU H 107 28.29 9.07 -3.75
CA LEU H 107 29.74 8.96 -3.99
C LEU H 107 30.09 7.69 -4.74
N GLY H 108 29.50 6.57 -4.33
CA GLY H 108 29.72 5.30 -5.02
C GLY H 108 29.33 5.35 -6.49
N ALA H 109 28.14 5.89 -6.79
CA ALA H 109 27.68 6.00 -8.18
C ALA H 109 28.64 6.83 -9.02
N ARG H 110 29.11 7.94 -8.48
CA ARG H 110 30.04 8.78 -9.22
C ARG H 110 31.33 8.07 -9.56
N SER H 111 31.89 7.35 -8.59
CA SER H 111 33.13 6.63 -8.81
C SER H 111 32.92 5.55 -9.86
N VAL H 112 31.74 4.92 -9.86
CA VAL H 112 31.41 3.88 -10.84
C VAL H 112 31.29 4.45 -12.27
N ASN H 113 30.69 5.64 -12.40
CA ASN H 113 30.57 6.30 -13.70
C ASN H 113 31.90 6.48 -14.42
N THR H 114 32.95 6.80 -13.66
CA THR H 114 34.30 6.95 -14.19
C THR H 114 34.72 5.72 -14.96
N VAL H 115 34.55 4.56 -14.33
CA VAL H 115 34.95 3.29 -14.90
C VAL H 115 34.05 2.89 -16.06
N LEU H 116 32.74 3.15 -15.94
CA LEU H 116 31.82 2.83 -17.05
C LEU H 116 32.13 3.66 -18.31
N ARG H 117 32.62 4.89 -18.14
CA ARG H 117 32.95 5.72 -19.29
C ARG H 117 34.16 5.13 -20.02
N ILE H 118 35.14 4.69 -19.26
CA ILE H 118 36.31 4.01 -19.83
C ILE H 118 35.88 2.79 -20.62
N MSE H 119 34.97 2.02 -20.05
CA MSE H 119 34.47 0.85 -20.73
C MSE H 119 33.65 1.20 -21.97
O MSE H 119 33.74 0.50 -22.97
CB MSE H 119 33.67 0.00 -19.75
CG MSE H 119 34.56 -0.68 -18.71
SE MSE H 119 33.51 -1.66 -17.44
CE MSE H 119 34.88 -2.33 -16.25
N ALA H 120 32.87 2.28 -21.88
CA ALA H 120 32.05 2.77 -22.99
C ALA H 120 32.93 3.16 -24.17
N LEU H 121 34.04 3.86 -23.89
CA LEU H 121 34.95 4.33 -24.96
C LEU H 121 35.66 3.16 -25.64
N ALA H 122 36.07 2.17 -24.85
CA ALA H 122 36.70 0.97 -25.39
C ALA H 122 35.74 0.23 -26.28
N HIS H 123 34.46 0.13 -25.86
CA HIS H 123 33.42 -0.52 -26.65
C HIS H 123 33.17 0.22 -27.98
N GLU H 124 33.10 1.55 -27.91
CA GLU H 124 32.93 2.37 -29.11
C GLU H 124 34.01 2.08 -30.16
N HIS H 125 35.26 2.05 -29.74
CA HIS H 125 36.41 1.74 -30.61
C HIS H 125 36.31 0.32 -31.18
N GLU H 126 35.97 -0.64 -30.34
CA GLU H 126 35.81 -2.03 -30.80
C GLU H 126 34.73 -2.13 -31.87
N CYS H 127 33.61 -1.45 -31.67
CA CYS H 127 32.52 -1.46 -32.64
C CYS H 127 32.95 -0.91 -34.00
N ALA H 128 33.67 0.21 -33.98
CA ALA H 128 34.19 0.82 -35.20
C ALA H 128 35.22 -0.09 -35.91
N GLN H 129 36.03 -0.81 -35.13
CA GLN H 129 37.05 -1.69 -35.72
C GLN H 129 36.40 -2.81 -36.52
N ILE H 130 35.23 -3.25 -36.08
CA ILE H 130 34.49 -4.32 -36.78
C ILE H 130 33.66 -3.78 -37.93
N ALA H 131 32.78 -2.82 -37.65
CA ALA H 131 31.87 -2.25 -38.64
C ALA H 131 32.55 -1.59 -39.84
N LEU H 132 33.68 -0.92 -39.58
CA LEU H 132 34.39 -0.18 -40.63
C LEU H 132 35.55 -0.96 -41.25
N ASP H 133 35.64 -2.26 -40.99
CA ASP H 133 36.69 -3.08 -41.63
C ASP H 133 36.22 -3.60 -43.00
N PRO H 134 36.78 -3.08 -44.11
CA PRO H 134 36.33 -3.58 -45.42
C PRO H 134 36.54 -5.07 -45.67
N ALA H 135 37.48 -5.69 -44.97
CA ALA H 135 37.75 -7.12 -45.12
C ALA H 135 36.54 -7.95 -44.68
N LYS H 136 35.66 -7.41 -43.85
CA LYS H 136 34.48 -8.12 -43.35
C LYS H 136 33.34 -8.23 -44.37
N TYR H 137 33.40 -7.43 -45.44
CA TYR H 137 32.29 -7.33 -46.39
C TYR H 137 32.63 -7.93 -47.74
N ASN H 138 31.61 -8.48 -48.39
CA ASN H 138 31.70 -8.87 -49.78
C ASN H 138 31.77 -7.62 -50.62
N ALA H 139 32.30 -7.75 -51.83
CA ALA H 139 32.49 -6.62 -52.75
C ALA H 139 31.20 -5.87 -53.07
N ASP H 140 30.07 -6.58 -53.15
CA ASP H 140 28.78 -5.90 -53.40
C ASP H 140 28.22 -5.16 -52.19
N HIS H 141 28.87 -5.28 -51.02
CA HIS H 141 28.42 -4.59 -49.78
C HIS H 141 29.40 -3.53 -49.27
N LYS H 142 30.23 -3.01 -50.15
CA LYS H 142 31.13 -1.90 -49.78
C LYS H 142 31.53 -1.10 -51.00
N VAL H 143 31.99 0.13 -50.77
CA VAL H 143 32.62 0.92 -51.83
C VAL H 143 33.67 1.80 -51.17
N LYS H 144 34.70 2.17 -51.91
CA LYS H 144 35.76 3.05 -51.43
C LYS H 144 35.75 4.25 -52.34
N LEU H 145 35.39 5.40 -51.80
CA LEU H 145 35.24 6.61 -52.59
C LEU H 145 36.56 7.33 -52.77
N VAL H 146 36.89 7.59 -54.05
CA VAL H 146 38.16 8.18 -54.47
C VAL H 146 37.91 9.51 -55.18
N GLY H 147 38.80 10.48 -54.94
CA GLY H 147 38.75 11.75 -55.64
C GLY H 147 37.39 12.43 -55.61
N SER H 148 36.86 12.75 -56.79
CA SER H 148 35.60 13.49 -56.90
C SER H 148 34.35 12.69 -56.49
N ALA H 149 34.50 11.39 -56.22
CA ALA H 149 33.42 10.57 -55.70
C ALA H 149 33.23 10.85 -54.21
N ARG H 150 34.26 11.42 -53.58
CA ARG H 150 34.22 11.73 -52.16
C ARG H 150 33.25 12.86 -51.91
N TRP H 151 32.49 12.75 -50.83
CA TRP H 151 31.39 13.66 -50.52
C TRP H 151 31.82 15.11 -50.27
N THR H 152 33.10 15.33 -50.07
CA THR H 152 33.66 16.68 -49.99
C THR H 152 33.72 17.35 -51.37
N SER H 153 33.61 16.56 -52.44
CA SER H 153 33.59 17.11 -53.79
C SER H 153 32.16 17.53 -54.17
N PRO H 154 32.00 18.68 -54.85
CA PRO H 154 30.66 19.08 -55.33
C PRO H 154 30.19 18.18 -56.46
N ASP H 155 31.12 17.42 -57.06
CA ASP H 155 30.80 16.50 -58.14
C ASP H 155 30.31 15.14 -57.64
N SER H 156 30.35 14.93 -56.32
CA SER H 156 29.87 13.68 -55.72
C SER H 156 28.34 13.58 -55.67
N ASP H 157 27.84 12.38 -55.37
CA ASP H 157 26.41 12.10 -55.28
C ASP H 157 26.12 11.17 -54.07
N PRO H 158 26.13 11.74 -52.85
CA PRO H 158 25.80 11.00 -51.63
C PRO H 158 24.51 10.18 -51.70
N THR H 159 23.47 10.80 -52.25
CA THR H 159 22.16 10.14 -52.39
C THR H 159 22.28 8.86 -53.20
N LYS H 160 22.98 8.93 -54.33
CA LYS H 160 23.21 7.75 -55.17
C LYS H 160 23.93 6.64 -54.39
N ASP H 161 24.97 7.03 -53.67
CA ASP H 161 25.75 6.10 -52.84
C ASP H 161 24.89 5.40 -51.78
N VAL H 162 24.05 6.19 -51.12
CA VAL H 162 23.13 5.68 -50.09
C VAL H 162 22.04 4.76 -50.67
N GLU H 163 21.50 5.13 -51.84
CA GLU H 163 20.47 4.32 -52.48
C GLU H 163 21.02 2.98 -52.95
N THR H 164 22.25 2.99 -53.45
CA THR H 164 22.92 1.76 -53.85
C THR H 164 23.12 0.85 -52.64
N ALA H 165 23.52 1.44 -51.51
CA ALA H 165 23.69 0.70 -50.25
C ALA H 165 22.39 0.03 -49.81
N LYS H 166 21.31 0.82 -49.83
CA LYS H 166 19.98 0.36 -49.42
C LYS H 166 19.53 -0.83 -50.25
N GLU H 167 19.67 -0.71 -51.58
CA GLU H 167 19.34 -1.80 -52.50
C GLU H 167 20.15 -3.07 -52.26
N ALA H 168 21.46 -2.93 -52.07
CA ALA H 168 22.33 -4.08 -51.82
C ALA H 168 21.89 -4.89 -50.60
N ILE H 169 21.57 -4.20 -49.51
CA ILE H 169 21.06 -4.86 -48.28
C ILE H 169 19.66 -5.41 -48.48
N ALA H 170 18.73 -4.58 -48.94
CA ALA H 170 17.34 -5.01 -49.16
C ALA H 170 17.28 -6.24 -50.06
N ASP H 171 18.07 -6.25 -51.14
CA ASP H 171 18.08 -7.39 -52.06
C ASP H 171 18.72 -8.64 -51.44
N SER H 172 19.65 -8.45 -50.51
CA SER H 172 20.34 -9.57 -49.83
C SER H 172 19.58 -10.23 -48.70
N ILE H 173 18.84 -9.44 -47.91
CA ILE H 173 18.18 -9.92 -46.71
C ILE H 173 16.66 -9.73 -46.70
N GLY H 174 16.10 -9.09 -47.72
CA GLY H 174 14.65 -8.91 -47.81
C GLY H 174 14.08 -7.95 -46.78
N MSE H 175 14.90 -7.00 -46.32
CA MSE H 175 14.51 -5.99 -45.37
C MSE H 175 15.30 -4.73 -45.63
O MSE H 175 16.48 -4.78 -45.99
CB MSE H 175 14.80 -6.44 -43.93
CG MSE H 175 13.95 -7.60 -43.45
SE MSE H 175 14.37 -8.14 -41.62
CE MSE H 175 15.74 -8.93 -41.89
N GLU H 176 14.65 -3.61 -45.42
CA GLU H 176 15.23 -2.28 -45.62
C GLU H 176 16.20 -1.98 -44.48
N PRO H 177 17.40 -1.47 -44.81
CA PRO H 177 18.24 -1.03 -43.68
C PRO H 177 17.55 0.07 -42.89
N ASN H 178 17.79 0.09 -41.59
CA ASN H 178 17.14 1.05 -40.71
C ASN H 178 18.11 1.91 -39.91
N ARG H 179 19.40 1.73 -40.15
CA ARG H 179 20.45 2.51 -39.45
C ARG H 179 21.46 3.06 -40.40
N LEU H 180 21.68 4.36 -40.33
CA LEU H 180 22.71 4.98 -41.14
CA LEU H 180 22.71 4.99 -41.14
C LEU H 180 23.69 5.68 -40.21
N MSE H 181 24.96 5.34 -40.35
CA MSE H 181 26.01 5.94 -39.52
C MSE H 181 26.78 6.92 -40.38
O MSE H 181 27.40 6.53 -41.37
CB MSE H 181 26.96 4.87 -38.99
CG MSE H 181 27.89 5.29 -37.88
SE MSE H 181 29.32 6.53 -38.32
CE MSE H 181 30.38 5.66 -39.60
N LEU H 182 26.70 8.19 -40.02
CA LEU H 182 27.48 9.20 -40.70
C LEU H 182 28.60 9.58 -39.76
N SER H 183 29.84 9.39 -40.18
CA SER H 183 30.93 9.98 -39.42
C SER H 183 30.75 11.49 -39.40
N ARG H 184 31.32 12.13 -38.39
CA ARG H 184 31.31 13.59 -38.30
C ARG H 184 31.81 14.22 -39.61
N LYS H 185 32.91 13.71 -40.16
CA LYS H 185 33.46 14.22 -41.42
C LYS H 185 32.46 14.12 -42.57
N ALA H 186 31.77 12.98 -42.65
CA ALA H 186 30.76 12.76 -43.68
C ALA H 186 29.56 13.68 -43.52
N LEU H 187 29.12 13.90 -42.27
CA LEU H 187 28.00 14.82 -42.02
C LEU H 187 28.38 16.26 -42.37
N SER H 188 29.60 16.67 -42.03
CA SER H 188 30.06 18.02 -42.41
C SER H 188 30.09 18.22 -43.93
N ALA H 189 30.50 17.17 -44.65
CA ALA H 189 30.49 17.18 -46.10
C ALA H 189 29.06 17.33 -46.64
N CYS H 190 28.11 16.65 -46.01
CA CYS H 190 26.70 16.71 -46.43
C CYS H 190 26.07 18.08 -46.21
N LYS H 191 26.31 18.66 -45.05
CA LYS H 191 25.71 19.95 -44.70
C LYS H 191 25.93 20.98 -45.79
N TYR H 192 27.08 20.88 -46.46
CA TYR H 192 27.50 21.83 -47.47
C TYR H 192 27.11 21.41 -48.90
N HIS H 193 26.78 20.14 -49.08
CA HIS H 193 26.67 19.56 -50.43
C HIS H 193 25.61 20.22 -51.33
N PRO H 194 25.98 20.57 -52.57
CA PRO H 194 25.05 21.29 -53.44
C PRO H 194 23.81 20.50 -53.85
N LYS H 195 24.00 19.27 -54.28
CA LYS H 195 22.86 18.44 -54.72
C LYS H 195 21.83 18.30 -53.59
N LEU H 196 22.30 18.08 -52.36
CA LEU H 196 21.40 18.00 -51.20
C LEU H 196 20.71 19.35 -50.93
N ILE H 197 21.45 20.45 -51.11
CA ILE H 197 20.89 21.79 -50.92
C ILE H 197 19.69 22.05 -51.86
N GLU H 198 19.73 21.54 -53.08
CA GLU H 198 18.59 21.62 -54.01
C GLU H 198 17.57 20.51 -53.69
N ILE H 208 21.68 21.30 -44.70
CA ILE H 208 20.96 20.05 -44.44
C ILE H 208 21.14 19.55 -43.00
N THR H 209 20.09 18.93 -42.45
CA THR H 209 20.12 18.37 -41.08
C THR H 209 19.92 16.85 -41.09
N ILE H 210 20.12 16.20 -39.94
CA ILE H 210 19.89 14.76 -39.80
C ILE H 210 18.46 14.37 -40.12
N ASP H 211 17.51 15.13 -39.59
CA ASP H 211 16.08 14.85 -39.80
C ASP H 211 15.71 14.99 -41.27
N MSE H 212 16.35 15.95 -41.94
CA MSE H 212 16.20 16.21 -43.36
C MSE H 212 16.68 15.01 -44.18
O MSE H 212 15.99 14.56 -45.10
CB MSE H 212 17.04 17.44 -43.70
CG MSE H 212 16.64 18.28 -44.89
SE MSE H 212 17.15 20.13 -44.38
CE MSE H 212 16.98 21.09 -46.17
N LEU H 213 17.87 14.52 -43.85
CA LEU H 213 18.50 13.38 -44.52
C LEU H 213 17.72 12.09 -44.26
N LYS H 214 17.17 11.95 -43.06
CA LYS H 214 16.30 10.80 -42.73
C LYS H 214 15.17 10.67 -43.72
N ALA H 215 14.49 11.80 -43.95
CA ALA H 215 13.36 11.87 -44.86
C ALA H 215 13.81 11.66 -46.30
N LEU H 216 14.87 12.37 -46.71
CA LEU H 216 15.41 12.28 -48.07
C LEU H 216 15.84 10.85 -48.42
N TRP H 217 16.60 10.22 -47.52
CA TRP H 217 17.13 8.88 -47.77
C TRP H 217 16.27 7.74 -47.25
N GLU H 218 15.18 8.09 -46.57
CA GLU H 218 14.21 7.09 -46.11
C GLU H 218 14.84 5.98 -45.27
N VAL H 219 15.65 6.38 -44.31
CA VAL H 219 16.24 5.47 -43.35
CA VAL H 219 16.25 5.48 -43.35
C VAL H 219 15.70 5.86 -41.99
N GLU H 220 15.24 4.86 -41.26
CA GLU H 220 14.59 5.07 -39.97
C GLU H 220 15.36 5.92 -38.96
N GLU H 221 16.66 5.68 -38.83
CA GLU H 221 17.47 6.35 -37.82
C GLU H 221 18.87 6.65 -38.33
N ILE H 222 19.31 7.90 -38.18
CA ILE H 222 20.67 8.28 -38.58
C ILE H 222 21.43 8.59 -37.31
N VAL H 223 22.62 7.97 -37.15
CA VAL H 223 23.48 8.25 -36.01
C VAL H 223 24.80 8.86 -36.50
N VAL H 224 25.41 9.66 -35.66
CA VAL H 224 26.62 10.38 -36.00
C VAL H 224 27.78 9.91 -35.15
N GLY H 225 28.83 9.45 -35.83
CA GLY H 225 30.04 8.99 -35.19
C GLY H 225 30.95 10.16 -34.89
N THR H 226 30.89 10.62 -33.64
CA THR H 226 31.65 11.80 -33.20
C THR H 226 32.84 11.49 -32.31
N ALA H 227 32.85 10.33 -31.65
CA ALA H 227 33.92 10.06 -30.66
C ALA H 227 35.33 10.11 -31.26
N ARG H 228 36.25 10.67 -30.48
CA ARG H 228 37.69 10.66 -30.83
C ARG H 228 38.53 9.98 -29.74
N VAL H 229 39.64 9.36 -30.13
CA VAL H 229 40.60 8.78 -29.17
C VAL H 229 41.99 9.32 -29.46
N ALA H 230 42.82 9.37 -28.41
CA ALA H 230 44.19 9.81 -28.55
C ALA H 230 44.89 8.82 -29.47
N THR H 231 45.69 9.34 -30.39
CA THR H 231 46.50 8.53 -31.30
C THR H 231 47.97 8.93 -31.11
N GLY H 232 48.70 8.07 -30.39
CA GLY H 232 50.09 8.34 -30.01
C GLY H 232 51.02 8.39 -31.20
N ASN H 234 52.22 11.55 -29.45
CA ASN H 234 52.64 12.97 -29.38
C ASN H 234 51.52 13.88 -28.84
N ASP H 235 50.71 14.46 -29.73
CA ASP H 235 49.63 15.36 -29.29
C ASP H 235 48.37 15.27 -30.16
N SER H 236 48.20 14.19 -30.91
CA SER H 236 47.12 14.08 -31.88
C SER H 236 45.96 13.19 -31.43
N PHE H 237 44.78 13.46 -31.98
CA PHE H 237 43.54 12.72 -31.71
C PHE H 237 42.94 12.22 -33.04
N GLY H 238 42.25 11.09 -33.00
CA GLY H 238 41.66 10.52 -34.23
C GLY H 238 40.18 10.22 -34.08
N ASP H 239 39.44 10.40 -35.16
CA ASP H 239 38.01 10.08 -35.18
C ASP H 239 37.84 8.58 -35.10
N VAL H 240 37.12 8.09 -34.10
CA VAL H 240 36.89 6.66 -33.96
C VAL H 240 36.16 6.11 -35.21
N TRP H 241 35.25 6.89 -35.79
CA TRP H 241 34.45 6.43 -36.93
C TRP H 241 34.97 6.88 -38.30
N GLY H 242 36.20 7.37 -38.28
CA GLY H 242 36.95 7.74 -39.47
C GLY H 242 36.17 8.73 -40.30
N PRO H 243 36.42 8.75 -41.63
CA PRO H 243 35.68 9.52 -42.61
C PRO H 243 34.56 8.72 -43.31
N ASP H 244 34.14 7.61 -42.71
CA ASP H 244 33.27 6.65 -43.39
C ASP H 244 31.77 6.89 -43.20
N VAL H 245 30.98 6.13 -43.96
CA VAL H 245 29.54 6.07 -43.83
C VAL H 245 29.22 4.59 -43.85
N TRP H 246 28.27 4.19 -43.02
CA TRP H 246 27.86 2.80 -42.91
C TRP H 246 26.35 2.75 -42.87
N LEU H 247 25.77 1.72 -43.49
CA LEU H 247 24.33 1.50 -43.42
CA LEU H 247 24.33 1.51 -43.47
C LEU H 247 24.07 0.06 -43.05
N GLY H 248 22.99 -0.18 -42.31
CA GLY H 248 22.66 -1.55 -41.96
C GLY H 248 21.25 -1.80 -41.47
N TYR H 249 20.88 -3.08 -41.49
CA TYR H 249 19.69 -3.51 -40.80
C TYR H 249 20.15 -4.00 -39.43
N VAL H 250 19.74 -3.26 -38.38
CA VAL H 250 20.03 -3.56 -37.00
C VAL H 250 18.71 -3.76 -36.30
N SER H 251 18.52 -4.90 -35.65
CA SER H 251 17.24 -5.18 -35.01
C SER H 251 16.79 -4.05 -34.11
N ASP H 252 15.53 -3.65 -34.27
CA ASP H 252 14.90 -2.61 -33.42
C ASP H 252 14.29 -3.20 -32.15
N ASN H 253 14.45 -4.51 -31.95
CA ASN H 253 13.93 -5.22 -30.79
C ASN H 253 14.34 -4.58 -29.48
N PRO H 254 13.34 -4.19 -28.65
CA PRO H 254 13.69 -3.65 -27.31
C PRO H 254 14.33 -4.66 -26.34
N ASP H 255 14.20 -5.98 -26.60
CA ASP H 255 14.88 -7.05 -25.84
C ASP H 255 15.84 -7.78 -26.79
N PRO H 256 16.98 -7.20 -27.18
CA PRO H 256 17.84 -7.88 -28.16
C PRO H 256 18.25 -9.31 -27.78
N SER H 257 18.25 -10.20 -28.79
CA SER H 257 18.62 -11.62 -28.66
C SER H 257 19.66 -11.98 -29.74
N VAL H 258 20.79 -12.57 -29.34
CA VAL H 258 21.85 -12.98 -30.27
C VAL H 258 21.37 -14.00 -31.33
N GLU H 259 20.22 -14.61 -31.07
CA GLU H 259 19.61 -15.58 -31.96
C GLU H 259 18.78 -15.03 -33.10
N GLU H 260 18.48 -13.74 -33.05
CA GLU H 260 17.63 -13.09 -34.02
C GLU H 260 18.47 -12.40 -35.11
N PRO H 261 18.22 -12.70 -36.40
CA PRO H 261 18.97 -12.07 -37.47
C PRO H 261 19.08 -10.56 -37.39
N SER H 262 20.32 -10.09 -37.49
CA SER H 262 20.65 -8.70 -37.42
C SER H 262 22.10 -8.56 -37.83
N PHE H 263 22.53 -7.34 -38.10
CA PHE H 263 23.90 -7.08 -38.49
C PHE H 263 24.89 -7.48 -37.42
N GLY H 264 24.60 -7.08 -36.19
CA GLY H 264 25.47 -7.41 -35.08
C GLY H 264 24.89 -7.29 -33.71
N TYR H 265 25.65 -7.75 -32.74
CA TYR H 265 25.28 -7.64 -31.34
C TYR H 265 26.51 -7.40 -30.49
N THR H 266 26.30 -6.78 -29.34
CA THR H 266 27.30 -6.75 -28.30
C THR H 266 26.94 -7.94 -27.38
N TYR H 267 27.73 -8.99 -27.50
CA TYR H 267 27.64 -10.16 -26.65
C TYR H 267 28.10 -9.74 -25.27
N GLN H 268 27.18 -9.79 -24.31
CA GLN H 268 27.46 -9.32 -22.96
C GLN H 268 27.04 -10.33 -21.95
N ILE H 269 27.90 -10.53 -20.94
CA ILE H 269 27.60 -11.52 -19.90
C ILE H 269 26.30 -11.11 -19.20
N GLU H 270 25.41 -12.07 -19.04
CA GLU H 270 24.10 -11.79 -18.46
C GLU H 270 24.26 -11.19 -17.07
N GLY H 271 23.55 -10.10 -16.82
CA GLY H 271 23.58 -9.41 -15.53
C GLY H 271 24.54 -8.25 -15.51
N HIS H 272 25.41 -8.16 -16.50
CA HIS H 272 26.37 -7.07 -16.54
C HIS H 272 25.73 -5.80 -17.09
N PRO H 273 26.17 -4.64 -16.62
CA PRO H 273 27.23 -4.40 -15.64
C PRO H 273 26.88 -4.77 -14.21
N LEU H 274 27.89 -5.17 -13.46
CA LEU H 274 27.75 -5.49 -12.04
C LEU H 274 28.68 -4.61 -11.24
N VAL H 275 28.23 -4.12 -10.10
CA VAL H 275 29.12 -3.40 -9.19
C VAL H 275 29.20 -4.24 -7.92
N GLU H 276 30.40 -4.47 -7.41
CA GLU H 276 30.60 -5.24 -6.16
C GLU H 276 30.53 -4.34 -4.94
N VAL H 277 30.21 -4.92 -3.79
CA VAL H 277 30.25 -4.19 -2.53
C VAL H 277 31.67 -3.68 -2.34
N PRO H 278 31.84 -2.48 -1.75
CA PRO H 278 33.19 -1.91 -1.66
C PRO H 278 34.08 -2.51 -0.59
N TYR H 279 35.39 -2.28 -0.71
CA TYR H 279 36.33 -2.63 0.32
C TYR H 279 37.27 -1.44 0.57
N TRP H 280 37.80 -1.36 1.77
CA TRP H 280 38.70 -0.30 2.12
C TRP H 280 40.12 -0.71 1.75
N ASP H 281 40.80 0.15 0.99
CA ASP H 281 42.21 -0.06 0.64
C ASP H 281 43.04 0.93 1.45
N ASN H 282 43.76 0.43 2.45
CA ASN H 282 44.51 1.32 3.35
C ASN H 282 45.73 1.99 2.67
N ASN H 283 46.25 1.36 1.61
CA ASN H 283 47.38 1.92 0.87
C ASN H 283 46.90 3.11 0.07
N ALA H 284 45.82 2.92 -0.68
CA ALA H 284 45.25 3.97 -1.50
C ALA H 284 44.47 4.98 -0.67
N LYS H 285 44.07 4.59 0.55
CA LYS H 285 43.21 5.41 1.41
C LYS H 285 41.91 5.73 0.68
N SER H 286 41.31 4.68 0.14
CA SER H 286 40.11 4.79 -0.63
C SER H 286 39.23 3.56 -0.43
N TRP H 287 37.94 3.73 -0.73
CA TRP H 287 36.97 2.64 -0.81
C TRP H 287 36.94 2.21 -2.27
N ILE H 288 36.97 0.91 -2.51
CA ILE H 288 37.13 0.36 -3.83
C ILE H 288 35.95 -0.54 -4.23
N TYR H 289 35.32 -0.21 -5.35
CA TYR H 289 34.19 -0.97 -5.87
C TYR H 289 34.61 -1.71 -7.16
N GLY H 290 34.59 -3.02 -7.15
CA GLY H 290 34.81 -3.75 -8.38
C GLY H 290 33.68 -3.48 -9.37
N VAL H 291 34.03 -3.25 -10.64
CA VAL H 291 33.03 -3.03 -11.69
C VAL H 291 33.33 -3.96 -12.85
N SER H 292 32.31 -4.73 -13.25
CA SER H 292 32.44 -5.67 -14.34
C SER H 292 31.39 -5.37 -15.40
N ASP H 293 31.81 -5.35 -16.67
CA ASP H 293 30.87 -5.25 -17.79
C ASP H 293 31.55 -5.93 -18.97
N ASP H 294 31.58 -7.24 -18.87
CA ASP H 294 32.27 -8.09 -19.82
C ASP H 294 31.43 -8.27 -21.07
N ASN H 295 32.01 -7.81 -22.18
CA ASN H 295 31.34 -7.80 -23.47
C ASN H 295 32.31 -7.87 -24.65
N THR H 296 31.74 -8.20 -25.80
CA THR H 296 32.44 -8.07 -27.05
C THR H 296 31.44 -7.84 -28.18
N PRO H 297 31.66 -6.81 -29.01
CA PRO H 297 30.91 -6.67 -30.25
C PRO H 297 31.18 -7.84 -31.19
N ALA H 298 30.15 -8.28 -31.89
CA ALA H 298 30.23 -9.40 -32.81
C ALA H 298 29.49 -9.03 -34.09
N LEU H 299 30.12 -9.23 -35.24
CA LEU H 299 29.46 -9.03 -36.51
C LEU H 299 28.80 -10.37 -36.82
N SER H 300 27.47 -10.38 -36.79
CA SER H 300 26.70 -11.60 -36.93
C SER H 300 26.07 -11.76 -38.33
N GLY H 301 25.77 -10.64 -38.99
CA GLY H 301 25.10 -10.68 -40.31
C GLY H 301 25.67 -9.64 -41.26
N MSE H 302 26.76 -10.01 -41.94
CA MSE H 302 27.43 -9.11 -42.88
C MSE H 302 26.57 -8.60 -44.03
O MSE H 302 26.72 -7.44 -44.44
CB MSE H 302 28.69 -9.78 -43.44
CG MSE H 302 29.40 -8.99 -44.51
SE MSE H 302 28.65 -9.33 -46.24
CE MSE H 302 29.22 -11.27 -46.27
N LEU H 303 25.66 -9.45 -44.54
CA LEU H 303 24.74 -9.08 -45.62
C LEU H 303 23.73 -8.02 -45.18
N ALA H 304 23.60 -7.83 -43.87
CA ALA H 304 22.74 -6.77 -43.34
C ALA H 304 23.49 -5.44 -43.19
N GLY H 305 24.75 -5.40 -43.63
CA GLY H 305 25.58 -4.19 -43.53
C GLY H 305 26.19 -3.76 -44.85
N TYR H 306 26.60 -2.49 -44.92
CA TYR H 306 27.20 -1.92 -46.11
C TYR H 306 28.12 -0.76 -45.77
N LEU H 307 29.35 -0.81 -46.25
CA LEU H 307 30.39 0.17 -45.90
C LEU H 307 30.73 1.11 -47.06
N ILE H 308 30.65 2.40 -46.80
CA ILE H 308 31.09 3.40 -47.76
C ILE H 308 32.33 4.03 -47.19
N GLU H 309 33.50 3.59 -47.64
CA GLU H 309 34.77 4.13 -47.13
C GLU H 309 35.12 5.47 -47.72
N ASP H 310 35.75 6.32 -46.88
CA ASP H 310 36.39 7.57 -47.30
C ASP H 310 35.46 8.69 -47.83
N ALA H 311 34.18 8.58 -47.55
CA ALA H 311 33.22 9.60 -47.98
C ALA H 311 33.59 11.01 -47.50
N GLY H 312 34.07 11.11 -46.27
CA GLY H 312 34.42 12.39 -45.65
C GLY H 312 35.83 12.91 -45.85
N LEU H 313 36.65 12.22 -46.63
CA LEU H 313 38.01 12.74 -46.90
C LEU H 313 37.99 13.83 -48.00
N PRO H 314 39.02 14.70 -48.01
CA PRO H 314 39.14 15.69 -49.08
C PRO H 314 39.30 15.05 -50.47
N ALA H 315 38.71 15.65 -51.49
CA ALA H 315 38.70 15.08 -52.85
C ALA H 315 40.09 15.11 -53.50
N GLN I 9 29.66 20.59 14.36
CA GLN I 9 28.54 19.66 14.73
C GLN I 9 27.37 19.81 13.76
N ALA I 10 26.36 18.95 13.89
CA ALA I 10 25.22 18.98 12.97
C ALA I 10 24.21 20.08 13.27
N ARG I 11 23.35 20.25 12.30
CA ARG I 11 22.22 21.14 12.39
C ARG I 11 21.06 20.17 12.47
N VAL I 12 19.93 20.59 13.02
CA VAL I 12 18.74 19.76 12.89
C VAL I 12 18.12 20.21 11.57
N VAL I 13 18.20 19.34 10.57
CA VAL I 13 17.77 19.63 9.21
C VAL I 13 16.30 19.28 9.02
N ASP I 14 15.58 20.15 8.30
CA ASP I 14 14.21 19.94 7.92
C ASP I 14 14.29 19.29 6.53
N PRO I 15 13.96 18.00 6.45
CA PRO I 15 14.09 17.24 5.21
C PRO I 15 13.15 17.65 4.08
N ILE I 16 11.95 18.08 4.43
CA ILE I 16 10.98 18.46 3.43
C ILE I 16 11.42 19.74 2.75
N LEU I 17 11.88 20.70 3.55
CA LEU I 17 12.32 21.98 3.02
C LEU I 17 13.70 21.91 2.37
N SER I 18 14.51 20.97 2.84
CA SER I 18 15.79 20.71 2.19
C SER I 18 15.55 20.12 0.81
N THR I 19 14.60 19.20 0.71
CA THR I 19 14.22 18.59 -0.57
C THR I 19 13.67 19.65 -1.54
N HIS I 20 12.90 20.59 -1.01
CA HIS I 20 12.44 21.74 -1.77
C HIS I 20 13.60 22.63 -2.23
N ALA I 21 14.56 22.91 -1.33
CA ALA I 21 15.73 23.71 -1.71
C ALA I 21 16.52 23.07 -2.86
N ARG I 22 16.66 21.75 -2.83
CA ARG I 22 17.42 21.06 -3.88
C ARG I 22 16.74 21.12 -5.23
N GLY I 23 15.42 21.30 -5.24
CA GLY I 23 14.66 21.40 -6.49
C GLY I 23 14.51 22.81 -7.02
N TYR I 24 15.13 23.78 -6.36
CA TYR I 24 15.07 25.19 -6.75
C TYR I 24 15.88 25.45 -8.02
N ARG I 25 15.26 26.16 -8.97
CA ARG I 25 15.84 26.41 -10.29
C ARG I 25 15.66 27.86 -10.66
N GLN I 26 16.72 28.43 -11.23
CA GLN I 26 16.74 29.79 -11.75
C GLN I 26 17.22 29.65 -13.21
N SER I 27 16.28 29.48 -14.14
CA SER I 27 16.61 29.10 -15.51
C SER I 27 17.29 30.20 -16.34
N THR I 28 17.19 31.47 -15.91
CA THR I 28 17.88 32.55 -16.62
C THR I 28 19.31 32.75 -16.11
N LEU I 29 19.66 32.05 -15.02
CA LEU I 29 21.03 32.05 -14.51
C LEU I 29 21.80 30.90 -15.17
N ILE I 30 23.02 31.17 -15.65
CA ILE I 30 23.76 30.19 -16.46
C ILE I 30 25.11 29.71 -15.90
N GLY I 31 25.51 30.22 -14.74
CA GLY I 31 26.79 29.85 -14.17
C GLY I 31 26.98 28.35 -13.99
N LYS I 32 25.94 27.65 -13.57
CA LYS I 32 25.99 26.19 -13.40
C LYS I 32 26.11 25.43 -14.74
N LYS I 33 25.88 26.14 -15.84
CA LYS I 33 26.12 25.60 -17.18
C LYS I 33 27.63 25.59 -17.54
N LEU I 34 28.41 26.48 -16.90
CA LEU I 34 29.84 26.51 -17.05
C LEU I 34 30.53 25.74 -15.91
N PHE I 35 29.92 25.73 -14.73
CA PHE I 35 30.46 25.13 -13.51
C PHE I 35 29.44 24.25 -12.83
N PRO I 36 29.20 23.09 -13.39
CA PRO I 36 28.22 22.20 -12.81
C PRO I 36 28.51 21.88 -11.37
N VAL I 37 27.44 21.75 -10.57
CA VAL I 37 27.55 21.49 -9.14
C VAL I 37 27.99 20.06 -8.87
N ALA I 38 29.13 19.92 -8.18
CA ALA I 38 29.71 18.61 -7.83
C ALA I 38 30.08 18.56 -6.35
N PRO I 39 29.84 17.41 -5.70
CA PRO I 39 30.05 17.33 -4.25
C PRO I 39 31.49 17.16 -3.80
N VAL I 40 31.85 17.91 -2.77
CA VAL I 40 33.09 17.74 -2.05
C VAL I 40 32.79 17.75 -0.55
N ALA I 41 33.79 17.40 0.25
CA ALA I 41 33.63 17.29 1.70
C ALA I 41 34.42 18.37 2.46
N GLN I 42 35.58 18.75 1.95
CA GLN I 42 36.45 19.71 2.64
C GLN I 42 36.12 21.15 2.20
N TYR I 43 36.10 22.06 3.17
CA TYR I 43 35.90 23.47 2.93
C TYR I 43 37.16 24.12 2.35
N GLY I 44 38.27 23.45 2.49
CA GLY I 44 39.53 23.95 1.98
C GLY I 44 40.25 22.78 1.37
N GLY I 45 40.97 23.03 0.30
CA GLY I 45 41.76 22.00 -0.36
C GLY I 45 42.38 22.49 -1.64
N LYS I 46 42.67 21.55 -2.52
CA LYS I 46 43.25 21.88 -3.80
C LYS I 46 42.32 21.49 -4.92
N ILE I 47 42.29 22.35 -5.93
CA ILE I 47 41.48 22.11 -7.12
C ILE I 47 42.07 20.95 -7.93
N LEU I 48 41.26 19.94 -8.23
CA LEU I 48 41.70 18.84 -9.07
C LEU I 48 41.71 19.40 -10.48
N THR I 49 42.91 19.54 -11.03
CA THR I 49 43.15 20.31 -12.25
C THR I 49 43.47 19.42 -13.42
N PHE I 50 42.95 19.78 -14.60
CA PHE I 50 43.13 18.97 -15.78
C PHE I 50 43.89 19.77 -16.80
N GLY I 51 45.14 19.36 -17.03
CA GLY I 51 46.01 19.92 -18.06
C GLY I 51 45.95 19.10 -19.35
N LYS I 52 46.92 19.31 -20.23
CA LYS I 52 46.93 18.60 -21.48
C LYS I 52 47.03 17.09 -21.28
N GLU I 53 47.83 16.66 -20.31
CA GLU I 53 47.99 15.22 -20.03
C GLU I 53 46.69 14.58 -19.52
N ALA I 54 45.98 15.26 -18.61
CA ALA I 54 44.72 14.74 -18.08
C ALA I 54 43.69 14.49 -19.19
N PHE I 55 43.51 15.46 -20.07
CA PHE I 55 42.59 15.29 -21.20
C PHE I 55 43.05 14.24 -22.17
N ARG I 56 44.36 14.12 -22.38
CA ARG I 56 44.85 13.06 -23.26
C ARG I 56 44.53 11.68 -22.68
N LEU I 57 44.86 11.47 -21.40
CA LEU I 57 44.57 10.21 -20.72
C LEU I 57 43.09 9.86 -20.70
N TYR I 58 42.26 10.87 -20.45
CA TYR I 58 40.80 10.73 -20.43
C TYR I 58 40.29 10.08 -21.72
N ASN I 59 40.89 10.45 -22.85
CA ASN I 59 40.49 9.93 -24.15
C ASN I 59 41.53 9.01 -24.78
N THR I 60 42.26 8.30 -23.94
CA THR I 60 43.18 7.28 -24.38
C THR I 60 42.47 5.96 -24.17
N LYS I 61 42.51 5.11 -25.19
CA LYS I 61 41.85 3.82 -25.09
C LYS I 61 42.67 2.82 -24.26
N ARG I 62 41.94 1.95 -23.56
CA ARG I 62 42.51 0.84 -22.79
C ARG I 62 41.52 0.51 -21.67
N THR I 68 47.09 -1.01 -12.38
CA THR I 68 46.45 -1.32 -13.66
C THR I 68 44.94 -1.04 -13.71
N LYS I 69 44.25 -1.10 -12.57
CA LYS I 69 42.78 -1.15 -12.55
C LYS I 69 42.02 0.09 -12.10
N ARG I 70 42.71 1.04 -11.44
CA ARG I 70 42.12 2.33 -11.06
C ARG I 70 42.47 3.35 -12.10
N ILE I 71 41.77 4.48 -12.06
CA ILE I 71 42.09 5.59 -12.95
C ILE I 71 41.86 6.97 -12.32
N ASP I 72 42.91 7.79 -12.40
CA ASP I 72 42.91 9.16 -11.95
C ASP I 72 43.29 10.02 -13.15
N PHE I 73 42.78 11.24 -13.21
CA PHE I 73 43.05 12.09 -14.36
C PHE I 73 43.79 13.37 -14.05
N GLY I 74 43.42 14.05 -12.98
CA GLY I 74 43.98 15.39 -12.73
C GLY I 74 45.11 15.47 -11.74
N TYR I 75 45.57 16.68 -11.49
CA TYR I 75 46.56 16.92 -10.46
C TYR I 75 46.07 17.97 -9.46
N GLU I 76 46.64 17.94 -8.25
CA GLU I 76 46.36 18.95 -7.23
C GLU I 76 46.93 20.26 -7.72
N GLY I 77 46.08 21.26 -7.92
CA GLY I 77 46.53 22.55 -8.41
C GLY I 77 46.35 23.64 -7.38
N ASP I 78 45.72 24.73 -7.80
CA ASP I 78 45.54 25.87 -6.93
C ASP I 78 44.59 25.55 -5.80
N PRO I 79 44.83 26.14 -4.63
CA PRO I 79 43.94 25.94 -3.50
C PRO I 79 42.54 26.52 -3.75
N TYR I 80 41.52 25.95 -3.10
CA TYR I 80 40.20 26.54 -3.11
C TYR I 80 39.78 26.75 -1.66
N SER I 81 38.72 27.49 -1.48
CA SER I 81 38.23 27.82 -0.18
C SER I 81 36.74 28.05 -0.29
N ILE I 82 35.94 27.24 0.39
CA ILE I 82 34.52 27.46 0.47
C ILE I 82 34.30 28.25 1.75
N VAL I 83 33.71 29.43 1.64
CA VAL I 83 33.43 30.25 2.81
C VAL I 83 32.03 29.93 3.34
N PRO I 84 31.93 29.52 4.61
CA PRO I 84 30.60 29.26 5.17
C PRO I 84 29.76 30.52 5.07
N SER I 85 28.63 30.44 4.38
CA SER I 85 27.82 31.62 4.10
C SER I 85 26.33 31.45 4.36
N ALA I 86 25.96 30.77 5.45
CA ALA I 86 24.54 30.53 5.73
C ALA I 86 23.76 31.84 5.91
N LEU I 87 22.52 31.82 5.49
CA LEU I 87 21.63 32.94 5.66
C LEU I 87 20.44 32.43 6.47
N GLU I 88 19.53 33.33 6.80
CA GLU I 88 18.37 32.99 7.60
C GLU I 88 17.09 33.39 6.89
N ALA I 89 16.30 32.38 6.54
CA ALA I 89 14.99 32.58 5.96
C ALA I 89 14.07 33.02 7.09
N LYS I 90 13.06 33.83 6.78
CA LYS I 90 12.26 34.49 7.80
C LYS I 90 10.76 34.48 7.47
N VAL I 91 9.93 33.99 8.40
CA VAL I 91 8.48 34.11 8.26
C VAL I 91 7.99 35.09 9.32
N PRO I 92 7.54 36.28 8.91
CA PRO I 92 7.09 37.25 9.90
C PRO I 92 5.69 36.89 10.41
N ARG I 93 5.44 37.15 11.69
CA ARG I 93 4.14 36.80 12.28
C ARG I 93 2.96 37.43 11.57
N GLU I 94 3.19 38.53 10.88
CA GLU I 94 2.11 39.22 10.16
C GLU I 94 1.55 38.44 8.96
N LEU I 95 2.32 37.47 8.46
CA LEU I 95 1.86 36.61 7.37
C LEU I 95 1.15 35.35 7.86
N MSE I 96 1.01 35.22 9.18
CA MSE I 96 0.42 34.04 9.80
C MSE I 96 -0.83 34.38 10.57
O MSE I 96 -0.88 35.37 11.30
CB MSE I 96 1.42 33.43 10.77
CG MSE I 96 2.72 33.04 10.11
SE MSE I 96 3.96 32.30 11.38
CE MSE I 96 3.10 30.68 11.64
N ARG I 97 -1.83 33.53 10.44
CA ARG I 97 -3.05 33.67 11.26
C ARG I 97 -2.73 33.44 12.73
N ASP I 98 -1.94 32.39 13.00
CA ASP I 98 -1.55 32.04 14.36
C ASP I 98 -0.04 31.83 14.39
N ALA I 99 0.67 32.87 14.80
CA ALA I 99 2.12 32.86 14.78
C ALA I 99 2.68 32.08 15.93
N SER I 100 1.82 31.64 16.86
CA SER I 100 2.27 30.82 17.97
C SER I 100 2.67 29.42 17.50
N GLN I 101 2.27 29.04 16.28
CA GLN I 101 2.59 27.73 15.75
C GLN I 101 3.67 27.79 14.66
N VAL I 102 4.39 26.68 14.51
CA VAL I 102 5.44 26.58 13.52
C VAL I 102 4.76 26.81 12.16
N PRO I 103 5.39 27.61 11.26
CA PRO I 103 4.77 27.87 9.97
C PRO I 103 4.58 26.59 9.15
N GLY I 104 3.58 26.61 8.26
CA GLY I 104 3.33 25.50 7.36
C GLY I 104 4.40 25.52 6.30
N ILE I 105 4.51 24.45 5.53
CA ILE I 105 5.54 24.30 4.50
C ILE I 105 5.38 25.32 3.39
N ASP I 106 4.15 25.77 3.14
CA ASP I 106 3.93 26.78 2.12
C ASP I 106 4.62 28.11 2.47
N LEU I 107 4.51 28.53 3.73
CA LEU I 107 5.15 29.78 4.13
C LEU I 107 6.66 29.57 4.32
N GLY I 108 7.03 28.42 4.87
CA GLY I 108 8.44 28.10 5.04
C GLY I 108 9.20 28.06 3.74
N ALA I 109 8.62 27.38 2.73
CA ALA I 109 9.24 27.26 1.40
C ALA I 109 9.49 28.60 0.74
N ARG I 110 8.50 29.51 0.85
CA ARG I 110 8.60 30.86 0.29
C ARG I 110 9.72 31.68 0.94
N SER I 111 9.85 31.57 2.26
CA SER I 111 10.94 32.27 2.95
C SER I 111 12.30 31.73 2.48
N VAL I 112 12.39 30.42 2.24
CA VAL I 112 13.63 29.79 1.81
C VAL I 112 14.01 30.26 0.39
N ASN I 113 13.02 30.30 -0.50
CA ASN I 113 13.22 30.75 -1.89
C ASN I 113 13.94 32.11 -1.95
N THR I 114 13.56 33.01 -1.06
CA THR I 114 14.18 34.33 -0.96
C THR I 114 15.68 34.28 -0.75
N VAL I 115 16.13 33.45 0.18
CA VAL I 115 17.59 33.36 0.47
C VAL I 115 18.32 32.58 -0.64
N LEU I 116 17.66 31.58 -1.20
CA LEU I 116 18.24 30.82 -2.29
C LEU I 116 18.55 31.70 -3.49
N ARG I 117 17.68 32.68 -3.75
CA ARG I 117 17.90 33.56 -4.88
C ARG I 117 19.12 34.43 -4.67
N ILE I 118 19.32 34.91 -3.45
CA ILE I 118 20.51 35.67 -3.09
C ILE I 118 21.77 34.86 -3.34
N MSE I 119 21.73 33.60 -2.91
CA MSE I 119 22.86 32.69 -3.11
C MSE I 119 23.11 32.38 -4.59
O MSE I 119 24.25 32.17 -5.02
CB MSE I 119 22.61 31.40 -2.35
CG MSE I 119 22.71 31.58 -0.82
SE MSE I 119 22.17 29.99 0.16
CE MSE I 119 22.31 30.70 1.93
N ALA I 120 22.02 32.31 -5.33
CA ALA I 120 22.05 31.97 -6.76
C ALA I 120 22.69 33.07 -7.57
N LEU I 121 22.47 34.32 -7.15
CA LEU I 121 22.99 35.49 -7.81
C LEU I 121 24.46 35.75 -7.40
N ALA I 122 24.80 35.49 -6.14
CA ALA I 122 26.20 35.53 -5.71
C ALA I 122 27.04 34.51 -6.53
N HIS I 123 26.45 33.35 -6.79
CA HIS I 123 27.09 32.29 -7.56
C HIS I 123 27.31 32.70 -9.01
N GLU I 124 26.28 33.26 -9.61
CA GLU I 124 26.35 33.71 -10.99
C GLU I 124 27.52 34.68 -11.14
N HIS I 125 27.60 35.65 -10.23
CA HIS I 125 28.69 36.63 -10.25
C HIS I 125 30.08 36.00 -10.14
N GLU I 126 30.25 35.10 -9.17
CA GLU I 126 31.50 34.41 -8.94
C GLU I 126 31.93 33.59 -10.14
N CYS I 127 30.96 32.96 -10.81
CA CYS I 127 31.24 32.21 -12.02
C CYS I 127 31.78 33.09 -13.13
N ALA I 128 31.14 34.25 -13.32
CA ALA I 128 31.54 35.19 -14.36
C ALA I 128 32.92 35.80 -14.02
N GLN I 129 33.18 36.04 -12.74
CA GLN I 129 34.49 36.53 -12.31
C GLN I 129 35.61 35.57 -12.67
N ILE I 130 35.33 34.27 -12.69
CA ILE I 130 36.35 33.31 -13.03
C ILE I 130 36.43 33.06 -14.55
N ALA I 131 35.31 32.69 -15.17
CA ALA I 131 35.30 32.34 -16.59
C ALA I 131 35.74 33.49 -17.52
N LEU I 132 35.44 34.73 -17.14
CA LEU I 132 35.75 35.89 -17.97
C LEU I 132 37.02 36.61 -17.57
N ASP I 133 37.85 35.96 -16.76
CA ASP I 133 39.11 36.60 -16.38
C ASP I 133 40.19 36.14 -17.36
N PRO I 134 40.69 37.08 -18.19
CA PRO I 134 41.63 36.69 -19.20
C PRO I 134 42.97 36.21 -18.61
N ALA I 135 43.27 36.59 -17.37
CA ALA I 135 44.51 36.19 -16.71
C ALA I 135 44.59 34.68 -16.46
N LYS I 136 43.45 34.00 -16.59
CA LYS I 136 43.37 32.57 -16.32
C LYS I 136 43.56 31.72 -17.57
N TYR I 137 43.72 32.36 -18.73
CA TYR I 137 43.87 31.66 -19.99
C TYR I 137 45.25 31.94 -20.58
N ASN I 138 45.79 30.95 -21.29
CA ASN I 138 47.02 31.15 -22.06
C ASN I 138 46.65 31.91 -23.34
N ALA I 139 47.65 32.46 -24.02
CA ALA I 139 47.42 33.31 -25.18
C ALA I 139 46.66 32.64 -26.34
N ASP I 140 46.77 31.32 -26.48
CA ASP I 140 46.06 30.57 -27.52
C ASP I 140 44.60 30.31 -27.15
N HIS I 141 44.19 30.61 -25.92
CA HIS I 141 42.81 30.36 -25.49
C HIS I 141 42.03 31.66 -25.17
N LYS I 142 42.45 32.77 -25.80
CA LYS I 142 41.74 34.01 -25.62
C LYS I 142 42.01 35.00 -26.72
N VAL I 143 41.08 35.90 -26.92
CA VAL I 143 41.26 37.00 -27.84
C VAL I 143 40.57 38.22 -27.24
N LYS I 144 41.07 39.40 -27.61
CA LYS I 144 40.47 40.65 -27.19
C LYS I 144 40.12 41.44 -28.45
N LEU I 145 38.83 41.60 -28.73
CA LEU I 145 38.38 42.26 -29.96
C LEU I 145 38.39 43.77 -29.80
N VAL I 146 39.08 44.42 -30.75
CA VAL I 146 39.24 45.87 -30.78
C VAL I 146 38.64 46.43 -32.07
N GLY I 147 37.97 47.58 -31.95
CA GLY I 147 37.46 48.31 -33.09
C GLY I 147 36.52 47.52 -33.97
N SER I 148 36.85 47.46 -35.25
CA SER I 148 35.99 46.81 -36.25
C SER I 148 35.99 45.28 -36.15
N ALA I 149 36.81 44.72 -35.26
CA ALA I 149 36.79 43.30 -34.96
C ALA I 149 35.65 42.95 -34.01
N ARG I 150 35.13 43.95 -33.29
CA ARG I 150 34.04 43.75 -32.37
C ARG I 150 32.77 43.43 -33.14
N TRP I 151 31.93 42.59 -32.57
CA TRP I 151 30.76 42.04 -33.28
C TRP I 151 29.65 43.07 -33.58
N THR I 152 29.80 44.27 -33.00
CA THR I 152 28.92 45.39 -33.28
C THR I 152 29.23 46.03 -34.64
N SER I 153 30.44 45.81 -35.14
CA SER I 153 30.87 46.32 -36.44
C SER I 153 30.42 45.35 -37.54
N PRO I 154 29.90 45.89 -38.65
CA PRO I 154 29.52 45.00 -39.75
C PRO I 154 30.74 44.34 -40.39
N ASP I 155 31.92 44.92 -40.18
CA ASP I 155 33.17 44.38 -40.70
C ASP I 155 33.74 43.20 -39.89
N SER I 156 33.12 42.89 -38.75
CA SER I 156 33.60 41.76 -37.94
C SER I 156 33.16 40.44 -38.56
N ASP I 157 33.65 39.36 -37.98
CA ASP I 157 33.34 38.01 -38.43
C ASP I 157 33.15 37.07 -37.22
N PRO I 158 31.99 37.18 -36.56
CA PRO I 158 31.69 36.30 -35.43
C PRO I 158 31.93 34.81 -35.69
N THR I 159 31.49 34.30 -36.85
CA THR I 159 31.67 32.89 -37.18
C THR I 159 33.14 32.48 -37.18
N LYS I 160 34.01 33.31 -37.77
CA LYS I 160 35.46 33.05 -37.77
C LYS I 160 36.01 33.02 -36.34
N ASP I 161 35.60 33.97 -35.51
CA ASP I 161 36.02 34.03 -34.13
C ASP I 161 35.63 32.76 -33.36
N VAL I 162 34.39 32.32 -33.59
CA VAL I 162 33.84 31.12 -32.94
C VAL I 162 34.51 29.86 -33.43
N GLU I 163 34.79 29.77 -34.73
CA GLU I 163 35.49 28.59 -35.29
C GLU I 163 36.94 28.51 -34.81
N THR I 164 37.57 29.66 -34.66
CA THR I 164 38.92 29.72 -34.11
C THR I 164 38.94 29.21 -32.66
N ALA I 165 37.92 29.58 -31.89
CA ALA I 165 37.80 29.16 -30.49
C ALA I 165 37.62 27.65 -30.41
N LYS I 166 36.72 27.13 -31.23
CA LYS I 166 36.44 25.70 -31.30
C LYS I 166 37.68 24.89 -31.62
N GLU I 167 38.43 25.34 -32.63
CA GLU I 167 39.66 24.68 -33.05
C GLU I 167 40.67 24.64 -31.92
N ALA I 168 40.87 25.78 -31.25
CA ALA I 168 41.82 25.87 -30.14
C ALA I 168 41.53 24.87 -29.01
N ILE I 169 40.25 24.71 -28.66
CA ILE I 169 39.85 23.77 -27.60
C ILE I 169 39.99 22.32 -28.07
N ALA I 170 39.40 22.01 -29.22
CA ALA I 170 39.39 20.66 -29.81
C ALA I 170 40.79 20.09 -30.03
N ASP I 171 41.73 20.94 -30.43
CA ASP I 171 43.10 20.50 -30.60
C ASP I 171 43.81 20.32 -29.25
N SER I 172 43.36 21.04 -28.23
CA SER I 172 43.96 20.96 -26.90
C SER I 172 43.51 19.74 -26.12
N ILE I 173 42.23 19.40 -26.22
CA ILE I 173 41.65 18.32 -25.38
C ILE I 173 41.06 17.17 -26.16
N GLY I 174 41.03 17.28 -27.49
CA GLY I 174 40.53 16.20 -28.35
C GLY I 174 39.02 15.99 -28.24
N MSE I 175 38.32 17.06 -27.88
CA MSE I 175 36.87 17.07 -27.81
C MSE I 175 36.36 18.41 -28.27
O MSE I 175 37.02 19.45 -28.06
CB MSE I 175 36.41 16.83 -26.38
CG MSE I 175 36.54 15.41 -25.98
SE MSE I 175 35.85 15.08 -24.27
CE MSE I 175 37.19 15.94 -23.22
N GLU I 176 35.20 18.41 -28.91
CA GLU I 176 34.59 19.67 -29.33
C GLU I 176 33.98 20.35 -28.11
N PRO I 177 34.15 21.70 -28.00
CA PRO I 177 33.41 22.36 -26.93
C PRO I 177 31.90 22.18 -27.16
N ASN I 178 31.16 22.09 -26.06
CA ASN I 178 29.73 21.84 -26.11
C ASN I 178 28.92 22.96 -25.47
N ARG I 179 29.58 24.05 -25.08
CA ARG I 179 28.91 25.19 -24.46
C ARG I 179 29.43 26.47 -25.05
N LEU I 180 28.53 27.33 -25.48
CA LEU I 180 28.96 28.67 -25.89
C LEU I 180 28.12 29.66 -25.12
N MSE I 181 28.79 30.62 -24.47
CA MSE I 181 28.12 31.65 -23.69
C MSE I 181 28.13 32.97 -24.49
O MSE I 181 29.18 33.53 -24.77
CB MSE I 181 28.91 31.84 -22.38
CG MSE I 181 28.23 32.64 -21.30
SE MSE I 181 27.89 34.50 -21.59
CE MSE I 181 29.58 35.26 -21.70
N LEU I 182 26.94 33.45 -24.85
CA LEU I 182 26.80 34.76 -25.47
C LEU I 182 26.27 35.73 -24.42
N SER I 183 27.04 36.73 -24.06
CA SER I 183 26.48 37.78 -23.22
C SER I 183 25.33 38.45 -23.96
N ARG I 184 24.47 39.10 -23.19
CA ARG I 184 23.33 39.85 -23.69
C ARG I 184 23.74 40.79 -24.86
N LYS I 185 24.81 41.54 -24.65
CA LYS I 185 25.29 42.49 -25.65
C LYS I 185 25.81 41.78 -26.90
N ALA I 186 26.56 40.69 -26.70
CA ALA I 186 27.08 39.90 -27.82
C ALA I 186 25.95 39.31 -28.64
N LEU I 187 24.90 38.80 -27.97
CA LEU I 187 23.75 38.24 -28.69
C LEU I 187 23.03 39.29 -29.50
N SER I 188 22.91 40.49 -28.94
CA SER I 188 22.23 41.59 -29.61
C SER I 188 23.02 42.00 -30.85
N ALA I 189 24.34 42.03 -30.74
CA ALA I 189 25.22 42.32 -31.85
C ALA I 189 25.00 41.34 -33.00
N CYS I 190 24.87 40.05 -32.65
CA CYS I 190 24.62 38.98 -33.64
C CYS I 190 23.31 39.08 -34.37
N LYS I 191 22.29 39.64 -33.71
CA LYS I 191 20.96 39.71 -34.29
C LYS I 191 20.94 40.61 -35.51
N TYR I 192 21.82 41.61 -35.54
CA TYR I 192 21.89 42.49 -36.69
CA TYR I 192 21.92 42.55 -36.66
C TYR I 192 23.27 42.49 -37.36
N HIS I 193 23.93 41.32 -37.33
CA HIS I 193 25.19 41.16 -38.05
C HIS I 193 24.92 40.65 -39.45
N PRO I 194 25.42 41.37 -40.46
CA PRO I 194 25.14 41.02 -41.87
C PRO I 194 25.65 39.63 -42.30
N LYS I 195 26.80 39.19 -41.79
CA LYS I 195 27.37 37.89 -42.15
C LYS I 195 26.63 36.72 -41.49
N LEU I 196 25.73 37.04 -40.56
CA LEU I 196 24.90 36.05 -39.90
C LEU I 196 23.50 36.13 -40.48
N ILE I 197 22.96 37.34 -40.59
CA ILE I 197 21.65 37.54 -41.23
C ILE I 197 21.57 36.91 -42.63
N GLU I 198 22.55 37.21 -43.47
CA GLU I 198 22.54 36.72 -44.85
C GLU I 198 22.65 35.20 -44.92
N ARG I 199 23.24 34.60 -43.88
CA ARG I 199 23.41 33.17 -43.77
CA ARG I 199 23.37 33.16 -43.83
C ARG I 199 22.04 32.48 -43.51
N VAL I 200 21.17 33.14 -42.75
CA VAL I 200 19.88 32.54 -42.34
C VAL I 200 19.08 32.04 -43.53
N SER I 207 15.34 37.95 -37.47
CA SER I 207 16.66 38.01 -36.85
C SER I 207 17.20 36.60 -36.51
N ILE I 208 18.47 36.57 -36.09
CA ILE I 208 19.14 35.35 -35.68
C ILE I 208 18.57 34.90 -34.33
N THR I 209 18.43 33.59 -34.14
CA THR I 209 18.02 33.05 -32.84
C THR I 209 19.13 32.14 -32.32
N ILE I 210 19.02 31.79 -31.04
CA ILE I 210 19.99 30.89 -30.43
C ILE I 210 20.00 29.54 -31.15
N ASP I 211 18.84 29.04 -31.54
CA ASP I 211 18.76 27.76 -32.25
C ASP I 211 19.42 27.82 -33.62
N MSE I 212 19.28 28.93 -34.32
CA MSE I 212 19.96 29.12 -35.61
C MSE I 212 21.49 29.17 -35.46
O MSE I 212 22.20 28.55 -36.23
CB MSE I 212 19.46 30.41 -36.27
CG MSE I 212 18.01 30.34 -36.74
SE MSE I 212 17.26 32.05 -37.35
CE MSE I 212 15.69 31.35 -38.38
N LEU I 213 21.98 29.90 -34.45
CA LEU I 213 23.42 30.00 -34.20
C LEU I 213 23.99 28.64 -33.76
N LYS I 214 23.20 27.87 -33.03
CA LYS I 214 23.56 26.52 -32.57
C LYS I 214 23.89 25.67 -33.80
N ALA I 215 22.98 25.70 -34.79
CA ALA I 215 23.15 24.95 -36.05
C ALA I 215 24.31 25.47 -36.87
N LEU I 216 24.35 26.80 -37.04
CA LEU I 216 25.37 27.45 -37.82
C LEU I 216 26.77 27.21 -37.26
N TRP I 217 26.95 27.37 -35.95
CA TRP I 217 28.24 27.19 -35.34
C TRP I 217 28.51 25.77 -34.83
N GLU I 218 27.49 24.92 -34.88
CA GLU I 218 27.63 23.53 -34.48
C GLU I 218 28.21 23.39 -33.07
N VAL I 219 27.48 23.96 -32.11
CA VAL I 219 27.81 23.83 -30.70
C VAL I 219 26.51 23.33 -30.03
N GLU I 220 26.66 22.31 -29.20
CA GLU I 220 25.54 21.60 -28.59
C GLU I 220 24.53 22.49 -27.88
N GLU I 221 25.01 23.47 -27.13
CA GLU I 221 24.14 24.33 -26.36
C GLU I 221 24.73 25.74 -26.28
N ILE I 222 23.90 26.73 -26.55
CA ILE I 222 24.26 28.14 -26.36
C ILE I 222 23.49 28.63 -25.14
N VAL I 223 24.18 29.32 -24.24
CA VAL I 223 23.58 29.87 -23.04
C VAL I 223 23.81 31.38 -23.09
N VAL I 224 22.81 32.14 -22.67
CA VAL I 224 22.86 33.59 -22.79
C VAL I 224 23.03 34.21 -21.41
N GLY I 225 24.06 35.03 -21.27
CA GLY I 225 24.35 35.74 -20.02
C GLY I 225 23.51 37.00 -19.95
N THR I 226 22.34 36.89 -19.30
CA THR I 226 21.35 37.93 -19.20
C THR I 226 21.37 38.67 -17.85
N ALA I 227 21.88 38.03 -16.78
CA ALA I 227 21.84 38.62 -15.43
C ALA I 227 22.48 39.99 -15.39
N ARG I 228 21.89 40.86 -14.59
CA ARG I 228 22.44 42.18 -14.34
C ARG I 228 22.48 42.41 -12.87
N VAL I 229 23.37 43.30 -12.43
CA VAL I 229 23.48 43.61 -11.02
C VAL I 229 23.52 45.11 -10.83
N ALA I 230 22.98 45.55 -9.69
CA ALA I 230 23.06 46.94 -9.28
C ALA I 230 24.49 47.20 -8.78
N THR I 231 25.18 48.14 -9.44
CA THR I 231 26.57 48.45 -9.13
C THR I 231 26.72 49.86 -8.55
N SER I 236 24.08 52.17 -12.67
CA SER I 236 22.86 51.43 -12.33
C SER I 236 23.02 49.90 -12.46
N PHE I 237 22.51 49.29 -13.55
CA PHE I 237 22.54 47.82 -13.72
C PHE I 237 23.60 47.34 -14.73
N GLY I 238 24.69 46.74 -14.24
CA GLY I 238 25.76 46.24 -15.12
C GLY I 238 25.50 44.79 -15.50
N ASP I 239 25.97 44.39 -16.68
CA ASP I 239 25.84 42.98 -17.11
C ASP I 239 26.83 42.06 -16.37
N VAL I 240 26.33 41.00 -15.74
CA VAL I 240 27.19 40.05 -15.03
C VAL I 240 28.22 39.43 -15.99
N TRP I 241 27.77 39.12 -17.21
CA TRP I 241 28.61 38.43 -18.22
C TRP I 241 29.32 39.38 -19.20
N GLY I 242 29.33 40.67 -18.86
CA GLY I 242 30.05 41.67 -19.62
C GLY I 242 29.62 41.75 -21.07
N PRO I 243 30.53 42.22 -21.95
CA PRO I 243 30.32 42.22 -23.39
C PRO I 243 30.95 41.00 -24.05
N ASP I 244 31.25 39.98 -23.25
CA ASP I 244 32.11 38.91 -23.70
C ASP I 244 31.35 37.77 -24.37
N VAL I 245 32.14 36.89 -25.00
CA VAL I 245 31.72 35.58 -25.50
C VAL I 245 32.71 34.57 -24.95
N TRP I 246 32.22 33.38 -24.60
CA TRP I 246 33.05 32.33 -24.05
C TRP I 246 32.65 30.98 -24.65
N LEU I 247 33.63 30.13 -24.87
CA LEU I 247 33.40 28.75 -25.35
C LEU I 247 34.10 27.75 -24.47
N GLY I 248 33.53 26.57 -24.30
CA GLY I 248 34.25 25.54 -23.57
C GLY I 248 33.62 24.18 -23.63
N TYR I 249 34.39 23.16 -23.25
CA TYR I 249 33.87 21.81 -23.07
C TYR I 249 33.52 21.66 -21.60
N VAL I 250 32.22 21.46 -21.33
CA VAL I 250 31.76 21.22 -19.97
C VAL I 250 31.07 19.86 -19.94
N SER I 251 31.47 19.05 -18.99
CA SER I 251 30.89 17.73 -18.83
C SER I 251 29.35 17.78 -18.81
N ASP I 252 28.70 16.96 -19.63
CA ASP I 252 27.24 16.80 -19.62
C ASP I 252 26.77 15.80 -18.57
N ASN I 253 27.68 15.31 -17.72
CA ASN I 253 27.37 14.27 -16.75
C ASN I 253 26.22 14.70 -15.86
N PRO I 254 25.12 13.92 -15.85
CA PRO I 254 24.02 14.24 -14.95
C PRO I 254 24.36 14.03 -13.47
N ASP I 255 25.48 13.37 -13.16
CA ASP I 255 26.03 13.20 -11.79
C ASP I 255 27.42 13.80 -11.75
N PRO I 256 27.54 15.14 -11.81
CA PRO I 256 28.86 15.75 -11.95
C PRO I 256 29.85 15.36 -10.86
N SER I 257 31.11 15.18 -11.23
CA SER I 257 32.15 14.74 -10.34
C SER I 257 33.40 15.59 -10.58
N VAL I 258 33.92 16.14 -9.49
CA VAL I 258 35.10 16.98 -9.52
C VAL I 258 36.35 16.27 -10.07
N GLU I 259 36.31 14.93 -10.10
CA GLU I 259 37.43 14.12 -10.59
C GLU I 259 37.39 13.83 -12.10
N GLU I 260 36.28 14.17 -12.76
CA GLU I 260 36.12 14.00 -14.21
C GLU I 260 36.57 15.27 -14.98
N PRO I 261 37.51 15.13 -15.95
CA PRO I 261 37.96 16.27 -16.78
C PRO I 261 36.84 17.13 -17.37
N SER I 262 36.92 18.42 -17.08
CA SER I 262 35.94 19.39 -17.53
C SER I 262 36.56 20.77 -17.33
N PHE I 263 35.96 21.78 -17.97
CA PHE I 263 36.41 23.16 -17.79
C PHE I 263 36.31 23.63 -16.33
N GLY I 264 35.21 23.29 -15.67
CA GLY I 264 35.01 23.75 -14.32
C GLY I 264 33.93 23.03 -13.57
N TYR I 265 33.88 23.31 -12.28
CA TYR I 265 32.87 22.78 -11.39
C TYR I 265 32.55 23.79 -10.32
N THR I 266 31.33 23.74 -9.82
CA THR I 266 31.00 24.37 -8.56
C THR I 266 31.23 23.31 -7.49
N TYR I 267 32.31 23.47 -6.72
CA TYR I 267 32.64 22.60 -5.61
C TYR I 267 31.62 22.95 -4.56
N GLN I 268 30.85 21.97 -4.10
CA GLN I 268 29.76 22.21 -3.15
C GLN I 268 29.73 21.17 -2.06
N ILE I 269 29.49 21.60 -0.84
CA ILE I 269 29.55 20.68 0.30
C ILE I 269 28.44 19.67 0.14
N GLU I 270 28.77 18.40 0.33
CA GLU I 270 27.82 17.34 0.08
C GLU I 270 26.54 17.53 0.87
N GLY I 271 25.41 17.36 0.21
CA GLY I 271 24.09 17.47 0.85
C GLY I 271 23.50 18.88 0.90
N HIS I 272 24.25 19.87 0.45
CA HIS I 272 23.78 21.24 0.39
C HIS I 272 23.01 21.42 -0.92
N PRO I 273 21.95 22.24 -0.94
CA PRO I 273 21.49 23.09 0.15
C PRO I 273 20.72 22.38 1.27
N LEU I 274 20.90 22.91 2.49
CA LEU I 274 20.24 22.39 3.68
C LEU I 274 19.37 23.47 4.27
N VAL I 275 18.23 23.08 4.80
CA VAL I 275 17.35 23.97 5.53
C VAL I 275 17.18 23.39 6.91
N GLU I 276 17.45 24.20 7.93
CA GLU I 276 17.32 23.75 9.31
C GLU I 276 15.91 23.99 9.82
N VAL I 277 15.52 23.21 10.82
CA VAL I 277 14.22 23.39 11.49
C VAL I 277 14.17 24.81 12.04
N PRO I 278 12.98 25.42 12.04
CA PRO I 278 12.92 26.82 12.41
C PRO I 278 12.99 27.06 13.91
N TYR I 279 13.40 28.27 14.29
CA TYR I 279 13.27 28.72 15.66
C TYR I 279 12.52 30.03 15.67
N TRP I 280 11.87 30.33 16.79
CA TRP I 280 11.17 31.60 16.95
C TRP I 280 12.12 32.69 17.45
N ASP I 281 12.12 33.83 16.79
CA ASP I 281 12.88 34.99 17.20
C ASP I 281 11.91 36.03 17.74
N ASN I 282 11.91 36.21 19.06
CA ASN I 282 10.99 37.13 19.70
C ASN I 282 11.29 38.60 19.45
N ASN I 283 12.52 38.91 19.06
CA ASN I 283 12.88 40.30 18.72
C ASN I 283 12.38 40.66 17.34
N ALA I 284 12.60 39.76 16.39
CA ALA I 284 12.14 39.93 15.02
C ALA I 284 10.66 39.59 14.87
N LYS I 285 10.09 38.90 15.85
CA LYS I 285 8.71 38.41 15.77
C LYS I 285 8.56 37.64 14.47
N SER I 286 9.47 36.68 14.29
CA SER I 286 9.50 35.84 13.13
C SER I 286 10.04 34.48 13.45
N TRP I 287 9.65 33.51 12.62
CA TRP I 287 10.21 32.17 12.59
C TRP I 287 11.36 32.21 11.63
N ILE I 288 12.50 31.64 12.03
CA ILE I 288 13.73 31.73 11.29
C ILE I 288 14.21 30.34 10.88
N TYR I 289 14.50 30.15 9.59
CA TYR I 289 15.05 28.91 9.08
C TYR I 289 16.45 29.15 8.59
N GLY I 290 17.43 28.49 9.19
CA GLY I 290 18.80 28.62 8.71
C GLY I 290 18.88 27.88 7.39
N VAL I 291 19.56 28.48 6.41
CA VAL I 291 19.75 27.91 5.10
C VAL I 291 21.24 27.99 4.75
N SER I 292 21.78 26.86 4.32
CA SER I 292 23.18 26.73 3.98
C SER I 292 23.33 26.15 2.59
N ASP I 293 24.22 26.75 1.81
CA ASP I 293 24.53 26.21 0.50
C ASP I 293 25.95 26.68 0.20
N ASP I 294 26.90 26.02 0.84
CA ASP I 294 28.30 26.37 0.80
C ASP I 294 28.95 25.80 -0.46
N ASN I 295 29.49 26.70 -1.27
CA ASN I 295 30.00 26.33 -2.57
C ASN I 295 31.01 27.32 -3.05
N THR I 296 31.85 26.89 -3.98
CA THR I 296 32.69 27.83 -4.73
C THR I 296 32.92 27.31 -6.15
N PRO I 297 32.71 28.17 -7.17
CA PRO I 297 33.16 27.83 -8.51
C PRO I 297 34.70 27.68 -8.62
N ALA I 298 35.13 26.70 -9.42
CA ALA I 298 36.56 26.45 -9.60
C ALA I 298 36.85 26.11 -11.05
N LEU I 299 37.85 26.79 -11.61
CA LEU I 299 38.24 26.57 -12.96
C LEU I 299 39.27 25.47 -12.88
N SER I 300 38.90 24.31 -13.38
CA SER I 300 39.72 23.11 -13.31
C SER I 300 40.47 22.80 -14.60
N GLY I 301 39.90 23.14 -15.76
CA GLY I 301 40.49 22.83 -17.06
C GLY I 301 40.49 24.01 -18.02
N MSE I 302 41.52 24.83 -17.91
CA MSE I 302 41.65 26.03 -18.75
C MSE I 302 41.68 25.72 -20.26
O MSE I 302 41.16 26.51 -21.06
CB MSE I 302 42.93 26.76 -18.37
CG MSE I 302 43.23 28.00 -19.21
SE MSE I 302 44.23 27.65 -20.87
CE MSE I 302 45.92 26.94 -19.98
N LEU I 303 42.31 24.61 -20.63
CA LEU I 303 42.42 24.20 -22.02
C LEU I 303 41.07 23.81 -22.61
N ALA I 304 40.10 23.50 -21.75
CA ALA I 304 38.75 23.21 -22.20
C ALA I 304 37.94 24.50 -22.39
N GLY I 305 38.59 25.67 -22.23
CA GLY I 305 37.91 26.97 -22.33
C GLY I 305 38.58 28.00 -23.24
N TYR I 306 37.79 28.97 -23.67
CA TYR I 306 38.28 30.00 -24.58
C TYR I 306 37.46 31.27 -24.43
N LEU I 307 38.16 32.38 -24.17
CA LEU I 307 37.55 33.68 -23.93
C LEU I 307 37.70 34.65 -25.10
N ILE I 308 36.57 35.19 -25.55
CA ILE I 308 36.52 36.25 -26.56
C ILE I 308 36.07 37.53 -25.85
N GLU I 309 37.01 38.38 -25.46
CA GLU I 309 36.66 39.61 -24.79
C GLU I 309 36.17 40.71 -25.71
N ASP I 310 35.23 41.48 -25.18
CA ASP I 310 34.78 42.74 -25.78
C ASP I 310 34.00 42.62 -27.10
N ALA I 311 33.48 41.43 -27.39
CA ALA I 311 32.72 41.19 -28.61
C ALA I 311 31.51 42.11 -28.76
N GLY I 312 30.79 42.32 -27.66
CA GLY I 312 29.57 43.14 -27.67
C GLY I 312 29.73 44.64 -27.38
N LEU I 313 30.96 45.13 -27.26
CA LEU I 313 31.20 46.57 -27.08
C LEU I 313 31.08 47.31 -28.42
N PRO I 314 30.78 48.62 -28.38
CA PRO I 314 30.67 49.43 -29.62
C PRO I 314 31.97 49.48 -30.39
N ALA I 315 31.88 49.36 -31.72
CA ALA I 315 33.03 49.30 -32.59
C ALA I 315 33.79 50.62 -32.60
N ALA I 316 33.03 51.72 -32.69
CA ALA I 316 33.60 53.06 -32.67
C ALA I 316 32.94 53.87 -31.54
N GLN J 9 -8.46 -29.58 -24.29
CA GLN J 9 -7.74 -29.72 -22.98
C GLN J 9 -6.69 -28.62 -22.80
N ALA J 10 -6.80 -27.86 -21.71
CA ALA J 10 -5.91 -26.72 -21.45
C ALA J 10 -4.47 -27.15 -21.18
N ARG J 11 -3.53 -26.26 -21.49
CA ARG J 11 -2.13 -26.45 -21.12
C ARG J 11 -1.90 -25.45 -19.98
N VAL J 12 -0.84 -25.59 -19.19
CA VAL J 12 -0.60 -24.65 -18.08
C VAL J 12 0.03 -23.38 -18.65
N VAL J 13 -0.66 -22.26 -18.50
CA VAL J 13 -0.23 -20.96 -19.02
C VAL J 13 0.66 -20.21 -18.03
N ASP J 14 1.67 -19.53 -18.57
CA ASP J 14 2.54 -18.63 -17.81
C ASP J 14 1.93 -17.24 -18.00
N PRO J 15 1.34 -16.67 -16.94
CA PRO J 15 0.63 -15.42 -17.12
C PRO J 15 1.54 -14.23 -17.38
N ILE J 16 2.77 -14.29 -16.87
CA ILE J 16 3.70 -13.16 -17.00
C ILE J 16 4.22 -13.07 -18.42
N LEU J 17 4.59 -14.21 -18.97
CA LEU J 17 5.03 -14.27 -20.34
C LEU J 17 3.86 -14.07 -21.29
N SER J 18 2.67 -14.57 -20.92
CA SER J 18 1.48 -14.33 -21.75
C SER J 18 1.17 -12.84 -21.85
N THR J 19 1.30 -12.13 -20.73
CA THR J 19 1.12 -10.68 -20.72
C THR J 19 2.14 -9.96 -21.60
N HIS J 20 3.40 -10.41 -21.52
CA HIS J 20 4.46 -9.90 -22.38
C HIS J 20 4.13 -10.15 -23.85
N ALA J 21 3.63 -11.34 -24.19
CA ALA J 21 3.26 -11.67 -25.57
C ALA J 21 2.17 -10.73 -26.08
N ARG J 22 1.22 -10.37 -25.22
CA ARG J 22 0.11 -9.50 -25.63
C ARG J 22 0.53 -8.09 -25.92
N GLY J 23 1.66 -7.68 -25.36
CA GLY J 23 2.24 -6.37 -25.61
C GLY J 23 3.21 -6.31 -26.77
N TYR J 24 3.45 -7.43 -27.46
CA TYR J 24 4.38 -7.44 -28.59
C TYR J 24 3.86 -6.57 -29.74
N ARG J 25 4.74 -5.73 -30.28
CA ARG J 25 4.41 -4.82 -31.36
C ARG J 25 5.44 -4.94 -32.46
N GLN J 26 4.97 -4.90 -33.71
CA GLN J 26 5.81 -4.91 -34.89
C GLN J 26 5.25 -3.76 -35.74
N SER J 27 5.83 -2.57 -35.56
CA SER J 27 5.30 -1.33 -36.15
C SER J 27 5.40 -1.20 -37.67
N THR J 28 6.35 -1.90 -38.32
CA THR J 28 6.44 -1.84 -39.78
C THR J 28 5.48 -2.82 -40.45
N LEU J 29 4.85 -3.71 -39.69
CA LEU J 29 3.85 -4.61 -40.24
C LEU J 29 2.47 -3.92 -40.11
N ILE J 30 1.70 -3.90 -41.19
CA ILE J 30 0.44 -3.14 -41.25
C ILE J 30 -0.81 -3.96 -41.43
N GLY J 31 -0.70 -5.28 -41.44
CA GLY J 31 -1.86 -6.12 -41.65
C GLY J 31 -2.99 -5.88 -40.66
N LYS J 32 -2.64 -5.71 -39.39
CA LYS J 32 -3.63 -5.41 -38.37
C LYS J 32 -4.32 -4.04 -38.55
N LYS J 33 -3.79 -3.20 -39.43
CA LYS J 33 -4.43 -1.92 -39.76
C LYS J 33 -5.55 -2.09 -40.77
N LEU J 34 -5.53 -3.19 -41.53
CA LEU J 34 -6.65 -3.54 -42.41
C LEU J 34 -7.56 -4.59 -41.81
N PHE J 35 -6.99 -5.49 -40.97
CA PHE J 35 -7.73 -6.55 -40.33
C PHE J 35 -7.50 -6.54 -38.83
N PRO J 36 -8.14 -5.60 -38.12
CA PRO J 36 -7.98 -5.53 -36.67
C PRO J 36 -8.30 -6.81 -35.91
N VAL J 37 -7.53 -7.07 -34.88
CA VAL J 37 -7.68 -8.29 -34.11
C VAL J 37 -8.92 -8.23 -33.21
N ALA J 38 -9.83 -9.20 -33.42
CA ALA J 38 -11.11 -9.31 -32.70
C ALA J 38 -11.29 -10.74 -32.17
N PRO J 39 -11.76 -10.88 -30.94
CA PRO J 39 -11.87 -12.20 -30.34
C PRO J 39 -13.05 -13.02 -30.85
N VAL J 40 -12.79 -14.31 -31.05
CA VAL J 40 -13.81 -15.32 -31.32
C VAL J 40 -13.49 -16.53 -30.45
N ALA J 41 -14.39 -17.51 -30.41
CA ALA J 41 -14.19 -18.72 -29.61
C ALA J 41 -14.07 -19.97 -30.45
N GLN J 42 -14.68 -19.99 -31.62
CA GLN J 42 -14.75 -21.16 -32.50
CA GLN J 42 -14.70 -21.20 -32.40
C GLN J 42 -13.58 -21.19 -33.46
N TYR J 43 -12.96 -22.35 -33.66
CA TYR J 43 -11.88 -22.51 -34.64
C TYR J 43 -12.41 -22.56 -36.07
N GLY J 44 -13.68 -22.91 -36.22
CA GLY J 44 -14.32 -22.89 -37.52
C GLY J 44 -15.70 -22.31 -37.38
N GLY J 45 -16.19 -21.73 -38.46
CA GLY J 45 -17.51 -21.11 -38.45
C GLY J 45 -17.65 -20.30 -39.69
N LYS J 46 -18.57 -19.33 -39.64
CA LYS J 46 -18.90 -18.46 -40.77
C LYS J 46 -18.48 -17.03 -40.46
N ILE J 47 -17.97 -16.36 -41.47
CA ILE J 47 -17.59 -14.97 -41.37
C ILE J 47 -18.87 -14.14 -41.31
N LEU J 48 -18.95 -13.29 -40.28
CA LEU J 48 -20.06 -12.35 -40.17
C LEU J 48 -19.78 -11.29 -41.22
N THR J 49 -20.64 -11.27 -42.24
CA THR J 49 -20.40 -10.54 -43.45
C THR J 49 -21.31 -9.35 -43.56
N PHE J 50 -20.76 -8.26 -44.08
CA PHE J 50 -21.46 -6.99 -44.13
C PHE J 50 -21.59 -6.57 -45.59
N GLY J 51 -22.82 -6.68 -46.10
CA GLY J 51 -23.17 -6.22 -47.43
C GLY J 51 -23.73 -4.82 -47.37
N LYS J 52 -24.35 -4.36 -48.46
CA LYS J 52 -24.84 -3.00 -48.44
C LYS J 52 -26.03 -2.80 -47.47
N GLU J 53 -26.81 -3.84 -47.23
CA GLU J 53 -27.87 -3.78 -46.23
C GLU J 53 -27.34 -3.61 -44.81
N ALA J 54 -26.27 -4.33 -44.47
CA ALA J 54 -25.66 -4.23 -43.15
C ALA J 54 -25.16 -2.82 -42.85
N PHE J 55 -24.44 -2.25 -43.82
CA PHE J 55 -23.90 -0.89 -43.67
C PHE J 55 -24.99 0.16 -43.65
N ARG J 56 -26.06 -0.05 -44.40
CA ARG J 56 -27.21 0.87 -44.37
C ARG J 56 -27.80 0.87 -42.98
N LEU J 57 -28.09 -0.34 -42.49
CA LEU J 57 -28.69 -0.53 -41.18
C LEU J 57 -27.80 0.02 -40.07
N TYR J 58 -26.49 -0.11 -40.26
CA TYR J 58 -25.52 0.40 -39.30
C TYR J 58 -25.68 1.91 -39.11
N ASN J 59 -25.98 2.62 -40.19
CA ASN J 59 -26.15 4.08 -40.12
C ASN J 59 -27.57 4.55 -40.39
N THR J 60 -28.52 3.77 -39.87
CA THR J 60 -29.92 4.11 -39.88
C THR J 60 -30.23 4.54 -38.46
N LYS J 61 -30.86 5.70 -38.30
CA LYS J 61 -31.21 6.22 -36.97
C LYS J 61 -32.28 5.32 -36.32
N ARG J 62 -31.99 4.82 -35.12
CA ARG J 62 -32.89 3.90 -34.38
C ARG J 62 -33.09 4.35 -32.93
N THR J 68 -37.48 -4.93 -30.97
CA THR J 68 -36.33 -5.49 -30.26
C THR J 68 -35.40 -4.39 -29.70
N LYS J 69 -34.90 -4.63 -28.49
CA LYS J 69 -33.93 -3.75 -27.85
C LYS J 69 -32.50 -4.20 -28.15
N ARG J 70 -32.37 -5.27 -28.94
CA ARG J 70 -31.07 -5.82 -29.31
C ARG J 70 -30.71 -5.50 -30.74
N ILE J 71 -29.43 -5.64 -31.07
CA ILE J 71 -28.85 -5.09 -32.29
C ILE J 71 -27.91 -6.05 -33.01
N ASP J 72 -28.14 -6.27 -34.31
CA ASP J 72 -27.27 -7.12 -35.18
C ASP J 72 -27.19 -6.54 -36.59
N PHE J 73 -26.02 -6.64 -37.23
CA PHE J 73 -25.86 -6.08 -38.59
C PHE J 73 -25.44 -7.03 -39.70
N GLY J 74 -24.74 -8.13 -39.41
CA GLY J 74 -24.23 -8.97 -40.50
C GLY J 74 -25.02 -10.23 -40.83
N TYR J 75 -24.56 -10.95 -41.85
CA TYR J 75 -25.07 -12.30 -42.14
C TYR J 75 -23.94 -13.32 -42.11
N GLU J 76 -24.31 -14.59 -41.98
CA GLU J 76 -23.36 -15.69 -42.02
C GLU J 76 -22.96 -15.92 -43.47
N GLY J 77 -21.71 -15.63 -43.78
CA GLY J 77 -21.22 -15.73 -45.15
C GLY J 77 -20.28 -16.91 -45.27
N ASP J 78 -19.16 -16.73 -45.96
CA ASP J 78 -18.23 -17.81 -46.23
C ASP J 78 -17.65 -18.41 -44.97
N PRO J 79 -17.21 -19.67 -45.04
CA PRO J 79 -16.60 -20.25 -43.85
C PRO J 79 -15.21 -19.69 -43.53
N TYR J 80 -14.86 -19.76 -42.26
CA TYR J 80 -13.51 -19.42 -41.85
C TYR J 80 -12.94 -20.58 -41.08
N SER J 81 -11.63 -20.72 -41.17
CA SER J 81 -10.96 -21.79 -40.48
C SER J 81 -9.71 -21.27 -39.84
N ILE J 82 -9.66 -21.33 -38.52
CA ILE J 82 -8.47 -21.01 -37.77
C ILE J 82 -7.74 -22.33 -37.58
N VAL J 83 -6.52 -22.43 -38.14
CA VAL J 83 -5.71 -23.64 -38.06
C VAL J 83 -4.82 -23.53 -36.82
N PRO J 84 -4.91 -24.50 -35.88
CA PRO J 84 -4.02 -24.48 -34.73
C PRO J 84 -2.57 -24.55 -35.21
N SER J 85 -1.78 -23.55 -34.87
CA SER J 85 -0.44 -23.40 -35.41
C SER J 85 0.53 -23.00 -34.32
N ALA J 86 0.41 -23.60 -33.15
CA ALA J 86 1.30 -23.29 -32.04
C ALA J 86 2.73 -23.67 -32.41
N LEU J 87 3.66 -22.82 -32.00
CA LEU J 87 5.07 -23.04 -32.20
C LEU J 87 5.71 -23.24 -30.80
N GLU J 88 6.98 -23.57 -30.76
CA GLU J 88 7.72 -23.76 -29.53
C GLU J 88 8.91 -22.83 -29.51
N ALA J 89 8.91 -21.89 -28.57
CA ALA J 89 10.03 -21.02 -28.29
C ALA J 89 11.05 -21.84 -27.49
N LYS J 90 12.32 -21.53 -27.65
CA LYS J 90 13.38 -22.37 -27.14
C LYS J 90 14.50 -21.57 -26.51
N VAL J 91 14.90 -21.92 -25.29
CA VAL J 91 16.09 -21.36 -24.65
C VAL J 91 17.16 -22.45 -24.53
N PRO J 92 18.19 -22.43 -25.41
CA PRO J 92 19.23 -23.44 -25.28
C PRO J 92 20.10 -23.25 -24.06
N ARG J 93 20.65 -24.36 -23.55
CA ARG J 93 21.42 -24.36 -22.32
C ARG J 93 22.68 -23.52 -22.40
N GLU J 94 23.20 -23.32 -23.59
CA GLU J 94 24.40 -22.50 -23.76
C GLU J 94 24.21 -20.99 -23.45
N LEU J 95 22.96 -20.53 -23.36
CA LEU J 95 22.63 -19.16 -22.96
C LEU J 95 22.42 -18.99 -21.47
N MSE J 96 22.57 -20.06 -20.71
CA MSE J 96 22.29 -20.06 -19.29
C MSE J 96 23.50 -20.41 -18.51
O MSE J 96 24.25 -21.28 -18.93
CB MSE J 96 21.23 -21.09 -19.00
CG MSE J 96 19.99 -20.87 -19.84
SE MSE J 96 18.61 -22.06 -19.27
CE MSE J 96 18.49 -21.46 -17.51
N ARG J 97 23.71 -19.73 -17.38
CA ARG J 97 24.83 -20.07 -16.51
C ARG J 97 24.56 -21.44 -15.86
N ASP J 98 23.34 -21.63 -15.38
CA ASP J 98 22.90 -22.89 -14.79
C ASP J 98 21.59 -23.32 -15.49
N ALA J 99 21.72 -24.25 -16.43
CA ALA J 99 20.59 -24.72 -17.23
C ALA J 99 19.70 -25.73 -16.52
N SER J 100 20.05 -26.10 -15.28
CA SER J 100 19.21 -27.01 -14.48
C SER J 100 18.00 -26.28 -13.92
N GLN J 101 18.07 -24.96 -13.86
CA GLN J 101 17.00 -24.13 -13.36
C GLN J 101 16.15 -23.55 -14.50
N VAL J 102 14.87 -23.36 -14.22
CA VAL J 102 13.97 -22.77 -15.20
C VAL J 102 14.58 -21.40 -15.62
N PRO J 103 14.53 -21.04 -16.91
CA PRO J 103 15.08 -19.75 -17.29
C PRO J 103 14.34 -18.58 -16.65
N GLY J 104 15.04 -17.46 -16.43
CA GLY J 104 14.40 -16.27 -15.92
C GLY J 104 13.53 -15.68 -16.99
N ILE J 105 12.61 -14.80 -16.58
CA ILE J 105 11.59 -14.19 -17.44
C ILE J 105 12.19 -13.50 -18.63
N ASP J 106 13.38 -12.91 -18.48
CA ASP J 106 14.03 -12.19 -19.57
C ASP J 106 14.52 -13.12 -20.69
N LEU J 107 15.05 -14.29 -20.34
CA LEU J 107 15.46 -15.25 -21.36
C LEU J 107 14.23 -15.85 -22.01
N GLY J 108 13.21 -16.15 -21.21
CA GLY J 108 11.95 -16.66 -21.69
C GLY J 108 11.32 -15.73 -22.70
N ALA J 109 11.17 -14.46 -22.32
CA ALA J 109 10.57 -13.42 -23.16
C ALA J 109 11.26 -13.32 -24.51
N ARG J 110 12.59 -13.35 -24.49
CA ARG J 110 13.35 -13.26 -25.74
CA ARG J 110 13.36 -13.25 -25.73
C ARG J 110 13.06 -14.42 -26.67
N SER J 111 13.01 -15.63 -26.13
CA SER J 111 12.69 -16.80 -26.96
C SER J 111 11.28 -16.67 -27.54
N VAL J 112 10.35 -16.12 -26.75
CA VAL J 112 8.97 -15.94 -27.20
C VAL J 112 8.86 -14.92 -28.33
N ASN J 113 9.58 -13.81 -28.24
CA ASN J 113 9.60 -12.83 -29.33
C ASN J 113 9.94 -13.39 -30.70
N THR J 114 10.86 -14.36 -30.75
CA THR J 114 11.21 -15.03 -31.97
C THR J 114 9.99 -15.65 -32.68
N VAL J 115 9.22 -16.47 -31.97
CA VAL J 115 8.04 -17.14 -32.57
C VAL J 115 6.93 -16.15 -32.89
N LEU J 116 6.73 -15.17 -32.02
CA LEU J 116 5.74 -14.15 -32.29
C LEU J 116 6.04 -13.40 -33.58
N ARG J 117 7.32 -13.21 -33.88
CA ARG J 117 7.73 -12.52 -35.12
C ARG J 117 7.38 -13.39 -36.34
N ILE J 118 7.66 -14.69 -36.28
CA ILE J 118 7.25 -15.61 -37.35
C ILE J 118 5.75 -15.54 -37.58
N MSE J 119 4.97 -15.61 -36.50
CA MSE J 119 3.52 -15.56 -36.58
C MSE J 119 3.04 -14.22 -37.11
O MSE J 119 2.00 -14.14 -37.76
CB MSE J 119 2.92 -15.82 -35.19
CG MSE J 119 3.09 -17.27 -34.71
SE MSE J 119 2.48 -17.43 -32.87
CE MSE J 119 3.09 -19.27 -32.60
N ALA J 120 3.77 -13.16 -36.78
CA ALA J 120 3.46 -11.81 -37.25
C ALA J 120 3.65 -11.67 -38.79
N LEU J 121 4.75 -12.20 -39.30
CA LEU J 121 5.00 -12.19 -40.73
C LEU J 121 4.00 -13.10 -41.47
N ALA J 122 3.64 -14.23 -40.89
CA ALA J 122 2.65 -15.11 -41.53
C ALA J 122 1.34 -14.37 -41.67
N HIS J 123 0.96 -13.65 -40.62
CA HIS J 123 -0.28 -12.90 -40.58
C HIS J 123 -0.26 -11.80 -41.64
N GLU J 124 0.86 -11.07 -41.74
CA GLU J 124 1.03 -10.04 -42.77
C GLU J 124 0.76 -10.58 -44.17
N HIS J 125 1.39 -11.70 -44.49
CA HIS J 125 1.25 -12.33 -45.79
C HIS J 125 -0.21 -12.70 -46.06
N GLU J 126 -0.83 -13.35 -45.09
CA GLU J 126 -2.24 -13.75 -45.17
C GLU J 126 -3.18 -12.55 -45.35
N CYS J 127 -2.89 -11.43 -44.69
CA CYS J 127 -3.71 -10.22 -44.89
C CYS J 127 -3.61 -9.74 -46.34
N ALA J 128 -2.38 -9.62 -46.85
CA ALA J 128 -2.12 -9.18 -48.23
C ALA J 128 -2.80 -10.11 -49.23
N GLN J 129 -2.72 -11.42 -48.95
CA GLN J 129 -3.37 -12.40 -49.81
C GLN J 129 -4.87 -12.19 -49.93
N ILE J 130 -5.49 -11.57 -48.92
CA ILE J 130 -6.91 -11.31 -49.00
C ILE J 130 -7.20 -9.92 -49.61
N ALA J 131 -6.63 -8.88 -49.04
CA ALA J 131 -6.90 -7.51 -49.41
C ALA J 131 -6.53 -7.24 -50.87
N LEU J 132 -5.49 -7.90 -51.39
CA LEU J 132 -4.96 -7.63 -52.72
C LEU J 132 -5.39 -8.62 -53.79
N ASP J 133 -6.41 -9.41 -53.48
CA ASP J 133 -6.94 -10.40 -54.41
C ASP J 133 -8.09 -9.77 -55.20
N PRO J 134 -7.87 -9.49 -56.50
CA PRO J 134 -8.94 -8.82 -57.29
C PRO J 134 -10.21 -9.63 -57.48
N ALA J 135 -10.11 -10.94 -57.29
CA ALA J 135 -11.25 -11.83 -57.34
C ALA J 135 -12.26 -11.57 -56.21
N LYS J 136 -11.86 -10.80 -55.20
CA LYS J 136 -12.71 -10.51 -54.04
C LYS J 136 -13.54 -9.24 -54.22
N TYR J 137 -13.32 -8.48 -55.29
CA TYR J 137 -13.95 -7.19 -55.51
C TYR J 137 -14.78 -7.21 -56.75
N ASN J 138 -15.92 -6.54 -56.72
CA ASN J 138 -16.68 -6.34 -57.95
C ASN J 138 -15.91 -5.31 -58.79
N ALA J 139 -16.37 -5.07 -60.02
CA ALA J 139 -15.63 -4.16 -60.91
C ALA J 139 -15.70 -2.68 -60.52
N ASP J 140 -16.75 -2.24 -59.81
CA ASP J 140 -16.76 -0.84 -59.35
C ASP J 140 -15.89 -0.63 -58.11
N HIS J 141 -15.25 -1.71 -57.58
CA HIS J 141 -14.36 -1.62 -56.41
C HIS J 141 -12.90 -1.97 -56.66
N LYS J 142 -12.51 -1.98 -57.93
CA LYS J 142 -11.13 -2.22 -58.30
C LYS J 142 -10.79 -1.59 -59.64
N VAL J 143 -9.51 -1.26 -59.79
CA VAL J 143 -8.94 -0.83 -61.04
C VAL J 143 -7.59 -1.54 -61.20
N LYS J 144 -7.20 -1.80 -62.45
CA LYS J 144 -5.88 -2.34 -62.74
C LYS J 144 -5.17 -1.34 -63.63
N LEU J 145 -4.12 -0.73 -63.10
CA LEU J 145 -3.40 0.32 -63.80
C LEU J 145 -2.35 -0.25 -64.74
N VAL J 146 -2.44 0.19 -66.00
CA VAL J 146 -1.61 -0.28 -67.07
C VAL J 146 -0.90 0.89 -67.76
N GLY J 147 0.32 0.65 -68.20
CA GLY J 147 1.06 1.64 -68.97
C GLY J 147 1.16 3.01 -68.32
N SER J 148 0.74 4.05 -69.03
CA SER J 148 0.87 5.40 -68.53
C SER J 148 -0.09 5.77 -67.39
N ALA J 149 -1.02 4.88 -67.05
CA ALA J 149 -1.92 5.04 -65.89
C ALA J 149 -1.18 4.66 -64.61
N ARG J 150 -0.12 3.88 -64.74
CA ARG J 150 0.67 3.53 -63.60
C ARG J 150 1.35 4.75 -62.99
N TRP J 151 1.45 4.78 -61.67
CA TRP J 151 1.92 5.98 -60.97
C TRP J 151 3.39 6.33 -61.22
N THR J 152 4.13 5.40 -61.80
CA THR J 152 5.51 5.67 -62.18
C THR J 152 5.57 6.54 -63.46
N SER J 153 4.45 6.64 -64.18
CA SER J 153 4.38 7.48 -65.36
C SER J 153 4.03 8.92 -64.98
N PRO J 154 4.72 9.90 -65.57
CA PRO J 154 4.33 11.29 -65.34
C PRO J 154 2.95 11.68 -65.90
N ASP J 155 2.38 10.84 -66.75
CA ASP J 155 1.06 11.07 -67.33
C ASP J 155 -0.06 10.52 -66.46
N SER J 156 0.29 9.83 -65.38
CA SER J 156 -0.68 9.27 -64.45
C SER J 156 -1.32 10.32 -63.55
N ASP J 157 -2.44 9.92 -62.93
CA ASP J 157 -3.16 10.81 -62.00
C ASP J 157 -3.54 10.03 -60.72
N PRO J 158 -2.59 9.88 -59.78
CA PRO J 158 -2.83 9.24 -58.49
C PRO J 158 -4.01 9.83 -57.75
N THR J 159 -4.07 11.16 -57.69
CA THR J 159 -5.14 11.85 -56.98
C THR J 159 -6.51 11.44 -57.49
N LYS J 160 -6.66 11.38 -58.80
CA LYS J 160 -7.92 10.95 -59.42
C LYS J 160 -8.27 9.50 -59.10
N ASP J 161 -7.25 8.64 -59.14
CA ASP J 161 -7.44 7.22 -58.84
C ASP J 161 -7.96 7.02 -57.41
N VAL J 162 -7.34 7.73 -56.49
CA VAL J 162 -7.71 7.70 -55.07
C VAL J 162 -9.11 8.29 -54.85
N GLU J 163 -9.43 9.41 -55.50
CA GLU J 163 -10.76 10.02 -55.37
C GLU J 163 -11.86 9.09 -55.88
N THR J 164 -11.56 8.39 -56.96
CA THR J 164 -12.48 7.42 -57.53
C THR J 164 -12.72 6.29 -56.53
N ALA J 165 -11.65 5.91 -55.84
CA ALA J 165 -11.71 4.87 -54.83
C ALA J 165 -12.59 5.32 -53.66
N LYS J 166 -12.33 6.53 -53.15
CA LYS J 166 -13.09 7.10 -52.04
C LYS J 166 -14.58 7.16 -52.34
N GLU J 167 -14.92 7.71 -53.51
CA GLU J 167 -16.31 7.79 -53.93
C GLU J 167 -16.98 6.42 -53.98
N ALA J 168 -16.27 5.43 -54.48
CA ALA J 168 -16.84 4.08 -54.61
C ALA J 168 -17.22 3.50 -53.25
N ILE J 169 -16.35 3.67 -52.26
CA ILE J 169 -16.63 3.19 -50.91
C ILE J 169 -17.74 4.04 -50.26
N ALA J 170 -17.55 5.35 -50.21
CA ALA J 170 -18.53 6.27 -49.55
C ALA J 170 -19.92 6.07 -50.11
N ASP J 171 -20.00 5.88 -51.42
CA ASP J 171 -21.27 5.64 -52.09
C ASP J 171 -21.88 4.29 -51.75
N SER J 172 -21.04 3.31 -51.38
CA SER J 172 -21.54 1.95 -51.04
C SER J 172 -21.94 1.80 -49.56
N ILE J 173 -21.21 2.45 -48.66
CA ILE J 173 -21.44 2.25 -47.24
C ILE J 173 -21.82 3.51 -46.45
N GLY J 174 -21.81 4.68 -47.10
CA GLY J 174 -22.20 5.94 -46.45
C GLY J 174 -21.17 6.53 -45.49
N MSE J 175 -19.92 6.07 -45.59
CA MSE J 175 -18.84 6.55 -44.73
C MSE J 175 -17.61 6.70 -45.58
O MSE J 175 -17.45 6.00 -46.55
CB MSE J 175 -18.58 5.56 -43.60
CG MSE J 175 -19.60 5.62 -42.50
SE MSE J 175 -19.32 4.31 -41.18
CE MSE J 175 -19.57 2.86 -42.11
N GLU J 176 -16.72 7.61 -45.19
CA GLU J 176 -15.47 7.79 -45.91
C GLU J 176 -14.48 6.69 -45.51
N PRO J 177 -13.74 6.14 -46.50
CA PRO J 177 -12.64 5.25 -46.10
C PRO J 177 -11.67 6.01 -45.21
N ASN J 178 -11.12 5.31 -44.22
CA ASN J 178 -10.24 5.92 -43.25
C ASN J 178 -8.82 5.34 -43.25
N ARG J 179 -8.57 4.39 -44.16
CA ARG J 179 -7.28 3.70 -44.31
C ARG J 179 -6.83 3.62 -45.76
N LEU J 180 -5.64 4.12 -46.06
CA LEU J 180 -5.07 3.98 -47.40
C LEU J 180 -3.74 3.26 -47.23
N MSE J 181 -3.60 2.14 -47.92
CA MSE J 181 -2.38 1.35 -47.93
C MSE J 181 -1.63 1.69 -49.22
O MSE J 181 -2.14 1.39 -50.30
CB MSE J 181 -2.73 -0.15 -47.89
CG MSE J 181 -1.56 -1.07 -47.53
SE MSE J 181 -0.25 -1.29 -48.91
CE MSE J 181 -1.39 -2.13 -50.27
N LEU J 182 -0.44 2.27 -49.10
CA LEU J 182 0.47 2.46 -50.23
C LEU J 182 1.59 1.45 -50.11
N SER J 183 1.76 0.57 -51.08
CA SER J 183 2.92 -0.28 -51.07
C SER J 183 4.12 0.64 -51.17
N ARG J 184 5.26 0.12 -50.76
CA ARG J 184 6.52 0.83 -50.87
CA ARG J 184 6.51 0.87 -50.85
C ARG J 184 6.74 1.33 -52.30
N LYS J 185 6.51 0.46 -53.28
CA LYS J 185 6.72 0.85 -54.68
C LYS J 185 5.78 2.01 -55.08
N ALA J 186 4.51 1.93 -54.69
CA ALA J 186 3.56 3.02 -54.97
C ALA J 186 3.97 4.33 -54.25
N LEU J 187 4.37 4.22 -52.99
CA LEU J 187 4.87 5.42 -52.30
C LEU J 187 6.10 6.03 -52.98
N SER J 188 7.05 5.22 -53.43
CA SER J 188 8.20 5.77 -54.12
C SER J 188 7.79 6.50 -55.42
N ALA J 189 6.86 5.91 -56.17
CA ALA J 189 6.34 6.51 -57.38
C ALA J 189 5.72 7.89 -57.08
N CYS J 190 5.01 8.00 -55.96
CA CYS J 190 4.41 9.26 -55.55
C CYS J 190 5.44 10.35 -55.29
N LYS J 191 6.58 9.97 -54.72
CA LYS J 191 7.59 10.94 -54.31
C LYS J 191 8.28 11.63 -55.48
N TYR J 192 8.18 11.05 -56.67
CA TYR J 192 8.72 11.72 -57.85
C TYR J 192 7.66 11.97 -58.93
N HIS J 193 6.39 12.03 -58.52
CA HIS J 193 5.32 12.32 -59.46
C HIS J 193 5.26 13.84 -59.66
N PRO J 194 5.31 14.30 -60.92
CA PRO J 194 5.38 15.74 -61.18
C PRO J 194 4.16 16.53 -60.74
N LYS J 195 2.96 15.95 -60.81
CA LYS J 195 1.78 16.64 -60.31
C LYS J 195 1.94 16.94 -58.81
N LEU J 196 2.35 15.92 -58.06
CA LEU J 196 2.55 16.05 -56.61
C LEU J 196 3.80 16.89 -56.26
N ILE J 197 4.87 16.78 -57.05
CA ILE J 197 6.08 17.60 -56.84
C ILE J 197 5.81 19.11 -57.01
N GLU J 198 4.82 19.47 -57.83
CA GLU J 198 4.42 20.87 -57.99
C GLU J 198 3.33 21.24 -56.97
N ARG J 204 3.70 25.01 -51.02
CA ARG J 204 4.56 25.03 -49.82
C ARG J 204 4.25 23.95 -48.78
N ALA J 205 4.50 22.69 -49.15
CA ALA J 205 4.80 21.66 -48.17
C ALA J 205 6.33 21.63 -48.23
N GLU J 206 6.97 20.79 -47.44
CA GLU J 206 8.44 20.68 -47.48
C GLU J 206 8.90 19.51 -48.35
N SER J 207 8.08 18.45 -48.43
CA SER J 207 8.41 17.24 -49.20
C SER J 207 7.15 16.39 -49.46
N ILE J 208 7.29 15.36 -50.31
CA ILE J 208 6.19 14.43 -50.56
C ILE J 208 6.21 13.37 -49.48
N THR J 209 5.40 13.57 -48.45
CA THR J 209 5.36 12.67 -47.32
C THR J 209 4.00 12.05 -47.15
N ILE J 210 3.98 10.98 -46.37
CA ILE J 210 2.74 10.37 -45.95
C ILE J 210 1.81 11.40 -45.32
N ASP J 211 2.35 12.33 -44.52
CA ASP J 211 1.52 13.36 -43.88
C ASP J 211 0.94 14.35 -44.89
N MSE J 212 1.72 14.68 -45.90
CA MSE J 212 1.27 15.61 -46.95
C MSE J 212 0.20 14.93 -47.83
O MSE J 212 -0.80 15.55 -48.21
CB MSE J 212 2.49 16.07 -47.75
CG MSE J 212 2.24 17.10 -48.82
SE MSE J 212 1.71 16.27 -50.51
CE MSE J 212 1.57 17.95 -51.60
N LEU J 213 0.37 13.64 -48.12
CA LEU J 213 -0.64 12.90 -48.92
C LEU J 213 -1.92 12.66 -48.12
N LYS J 214 -1.80 12.46 -46.81
CA LYS J 214 -2.96 12.40 -45.91
C LYS J 214 -3.85 13.61 -46.06
N ALA J 215 -3.23 14.78 -45.97
CA ALA J 215 -3.95 16.04 -46.11
C ALA J 215 -4.53 16.19 -47.52
N LEU J 216 -3.69 15.92 -48.51
CA LEU J 216 -4.06 16.10 -49.91
C LEU J 216 -5.25 15.24 -50.25
N TRP J 217 -5.19 13.96 -49.89
CA TRP J 217 -6.26 13.05 -50.28
C TRP J 217 -7.37 12.96 -49.22
N GLU J 218 -7.16 13.58 -48.07
CA GLU J 218 -8.16 13.61 -47.00
C GLU J 218 -8.55 12.19 -46.57
N VAL J 219 -7.55 11.41 -46.18
CA VAL J 219 -7.77 10.08 -45.63
CA VAL J 219 -7.77 10.08 -45.64
C VAL J 219 -7.15 10.10 -44.25
N GLU J 220 -7.87 9.56 -43.27
CA GLU J 220 -7.43 9.57 -41.87
C GLU J 220 -6.02 9.05 -41.60
N GLU J 221 -5.71 7.88 -42.14
CA GLU J 221 -4.44 7.21 -41.90
C GLU J 221 -3.91 6.56 -43.17
N ILE J 222 -2.63 6.77 -43.44
CA ILE J 222 -1.93 6.13 -44.53
C ILE J 222 -0.94 5.16 -43.91
N VAL J 223 -1.01 3.90 -44.33
CA VAL J 223 -0.07 2.87 -43.90
C VAL J 223 0.74 2.42 -45.10
N VAL J 224 2.01 2.11 -44.90
CA VAL J 224 2.91 1.75 -45.99
C VAL J 224 3.30 0.31 -45.90
N GLY J 225 3.12 -0.43 -46.98
CA GLY J 225 3.40 -1.88 -46.99
C GLY J 225 4.83 -2.11 -47.41
N THR J 226 5.68 -2.44 -46.44
CA THR J 226 7.11 -2.57 -46.69
C THR J 226 7.64 -3.99 -46.60
N ALA J 227 6.89 -4.86 -45.90
CA ALA J 227 7.34 -6.23 -45.67
C ALA J 227 7.68 -6.99 -46.96
N ARG J 228 8.76 -7.78 -46.90
CA ARG J 228 9.12 -8.68 -48.00
C ARG J 228 9.19 -10.14 -47.54
N VAL J 229 9.05 -11.03 -48.50
CA VAL J 229 8.99 -12.46 -48.23
C VAL J 229 9.75 -13.24 -49.31
N ALA J 230 10.38 -14.35 -48.92
CA ALA J 230 11.19 -15.16 -49.83
C ALA J 230 10.33 -15.82 -50.88
N THR J 231 10.75 -15.66 -52.15
CA THR J 231 10.08 -16.28 -53.27
C THR J 231 11.02 -17.34 -53.85
N GLY J 232 10.65 -18.61 -53.69
CA GLY J 232 11.50 -19.74 -54.08
C GLY J 232 11.99 -19.80 -55.53
N ALA J 233 11.09 -19.57 -56.49
CA ALA J 233 11.36 -19.77 -57.92
C ALA J 233 12.52 -18.96 -58.54
N ASN J 234 12.82 -17.80 -57.94
CA ASN J 234 13.91 -16.92 -58.43
C ASN J 234 14.99 -16.59 -57.37
N ASP J 235 14.95 -17.30 -56.24
CA ASP J 235 15.91 -17.17 -55.14
C ASP J 235 16.13 -15.71 -54.69
N SER J 236 15.04 -14.95 -54.57
CA SER J 236 15.09 -13.60 -54.00
C SER J 236 13.84 -13.33 -53.12
N PHE J 237 13.48 -12.07 -52.97
CA PHE J 237 12.40 -11.67 -52.07
C PHE J 237 11.38 -10.89 -52.85
N GLY J 238 10.14 -11.01 -52.45
CA GLY J 238 9.05 -10.33 -53.10
C GLY J 238 8.31 -9.47 -52.10
N ASP J 239 7.79 -8.34 -52.56
CA ASP J 239 7.01 -7.43 -51.74
C ASP J 239 5.69 -8.07 -51.30
N VAL J 240 5.44 -8.08 -50.00
CA VAL J 240 4.23 -8.69 -49.49
C VAL J 240 2.98 -7.95 -50.02
N TRP J 241 3.07 -6.62 -50.10
CA TRP J 241 1.94 -5.80 -50.54
C TRP J 241 2.02 -5.40 -52.00
N GLY J 242 2.93 -6.04 -52.74
CA GLY J 242 3.06 -5.87 -54.18
C GLY J 242 3.39 -4.46 -54.58
N PRO J 243 2.96 -4.07 -55.80
CA PRO J 243 3.05 -2.71 -56.27
C PRO J 243 1.69 -1.98 -56.15
N ASP J 244 0.81 -2.49 -55.30
CA ASP J 244 -0.57 -2.10 -55.20
C ASP J 244 -0.84 -0.95 -54.26
N VAL J 245 -2.06 -0.45 -54.36
CA VAL J 245 -2.60 0.58 -53.45
C VAL J 245 -3.98 0.08 -53.09
N TRP J 246 -4.35 0.25 -51.83
CA TRP J 246 -5.63 -0.21 -51.33
C TRP J 246 -6.24 0.89 -50.46
N LEU J 247 -7.56 1.01 -50.50
CA LEU J 247 -8.26 1.97 -49.67
C LEU J 247 -9.44 1.29 -49.01
N GLY J 248 -9.73 1.63 -47.76
CA GLY J 248 -10.89 1.02 -47.12
C GLY J 248 -11.41 1.73 -45.90
N TYR J 249 -12.66 1.40 -45.54
CA TYR J 249 -13.19 1.77 -44.23
C TYR J 249 -12.91 0.59 -43.30
N VAL J 250 -12.06 0.83 -42.30
CA VAL J 250 -11.73 -0.12 -41.25
C VAL J 250 -12.11 0.53 -39.92
N SER J 251 -12.85 -0.20 -39.11
CA SER J 251 -13.26 0.31 -37.81
C SER J 251 -12.07 0.81 -36.99
N ASP J 252 -12.19 2.02 -36.45
CA ASP J 252 -11.22 2.62 -35.53
C ASP J 252 -11.53 2.22 -34.07
N ASN J 253 -12.45 1.29 -33.85
CA ASN J 253 -12.83 0.90 -32.49
C ASN J 253 -11.57 0.39 -31.77
N PRO J 254 -11.24 0.96 -30.60
CA PRO J 254 -10.16 0.40 -29.76
C PRO J 254 -10.42 -1.01 -29.18
N ASP J 255 -11.67 -1.47 -29.25
CA ASP J 255 -12.07 -2.82 -28.86
C ASP J 255 -12.71 -3.49 -30.06
N PRO J 256 -11.92 -3.93 -31.05
CA PRO J 256 -12.59 -4.42 -32.23
C PRO J 256 -13.47 -5.62 -31.96
N SER J 257 -14.59 -5.69 -32.67
CA SER J 257 -15.60 -6.74 -32.52
C SER J 257 -16.03 -7.25 -33.91
N VAL J 258 -15.98 -8.56 -34.11
CA VAL J 258 -16.35 -9.15 -35.39
C VAL J 258 -17.77 -8.81 -35.84
N GLU J 259 -18.60 -8.38 -34.90
CA GLU J 259 -20.01 -8.07 -35.16
C GLU J 259 -20.26 -6.67 -35.69
N GLU J 260 -19.23 -5.83 -35.66
CA GLU J 260 -19.33 -4.45 -36.10
C GLU J 260 -18.87 -4.26 -37.54
N PRO J 261 -19.74 -3.70 -38.42
CA PRO J 261 -19.38 -3.47 -39.81
C PRO J 261 -18.01 -2.87 -40.00
N SER J 262 -17.21 -3.52 -40.84
CA SER J 262 -15.87 -3.11 -41.19
C SER J 262 -15.43 -3.90 -42.42
N PHE J 263 -14.38 -3.43 -43.09
CA PHE J 263 -13.81 -4.18 -44.22
C PHE J 263 -13.37 -5.57 -43.81
N GLY J 264 -12.68 -5.67 -42.69
CA GLY J 264 -12.16 -6.97 -42.26
C GLY J 264 -11.73 -7.03 -40.80
N TYR J 265 -11.52 -8.26 -40.35
CA TYR J 265 -11.04 -8.57 -39.02
C TYR J 265 -10.02 -9.69 -39.07
N THR J 266 -9.14 -9.68 -38.08
CA THR J 266 -8.38 -10.87 -37.77
C THR J 266 -9.17 -11.62 -36.67
N TYR J 267 -9.87 -12.69 -37.05
CA TYR J 267 -10.58 -13.49 -36.07
C TYR J 267 -9.49 -14.19 -35.24
N GLN J 268 -9.50 -13.99 -33.94
CA GLN J 268 -8.43 -14.52 -33.10
C GLN J 268 -8.99 -15.18 -31.84
N ILE J 269 -8.47 -16.35 -31.48
CA ILE J 269 -9.00 -17.09 -30.33
C ILE J 269 -8.85 -16.25 -29.09
N GLU J 270 -9.93 -16.14 -28.32
CA GLU J 270 -9.94 -15.25 -27.17
C GLU J 270 -8.83 -15.63 -26.20
N GLY J 271 -8.06 -14.63 -25.79
CA GLY J 271 -6.96 -14.86 -24.86
C GLY J 271 -5.59 -15.03 -25.50
N HIS J 272 -5.54 -15.31 -26.81
CA HIS J 272 -4.25 -15.43 -27.50
C HIS J 272 -3.63 -14.05 -27.75
N PRO J 273 -2.30 -13.95 -27.76
CA PRO J 273 -1.30 -15.01 -27.62
C PRO J 273 -1.16 -15.49 -26.18
N LEU J 274 -0.92 -16.79 -26.04
CA LEU J 274 -0.69 -17.46 -24.78
C LEU J 274 0.71 -18.07 -24.84
N VAL J 275 1.43 -17.98 -23.72
CA VAL J 275 2.71 -18.65 -23.54
C VAL J 275 2.54 -19.71 -22.44
N GLU J 276 2.95 -20.94 -22.69
CA GLU J 276 2.82 -22.00 -21.69
C GLU J 276 4.04 -22.04 -20.80
N VAL J 277 3.89 -22.65 -19.62
CA VAL J 277 5.03 -22.85 -18.73
C VAL J 277 6.00 -23.75 -19.49
N PRO J 278 7.30 -23.50 -19.29
CA PRO J 278 8.32 -24.23 -20.01
C PRO J 278 8.50 -25.65 -19.57
N TYR J 279 8.99 -26.50 -20.47
CA TYR J 279 9.42 -27.86 -20.14
C TYR J 279 10.85 -28.07 -20.63
N TRP J 280 11.57 -28.94 -19.95
CA TRP J 280 12.93 -29.27 -20.37
C TRP J 280 12.92 -30.36 -21.45
N ASP J 281 13.56 -30.08 -22.57
CA ASP J 281 13.72 -31.07 -23.65
C ASP J 281 15.16 -31.56 -23.58
N ASN J 282 15.31 -32.78 -23.11
CA ASN J 282 16.61 -33.40 -22.88
C ASN J 282 17.35 -33.82 -24.15
N ASN J 283 16.63 -33.89 -25.26
CA ASN J 283 17.20 -34.15 -26.58
C ASN J 283 17.88 -32.89 -27.13
N ALA J 284 17.10 -31.80 -27.15
CA ALA J 284 17.57 -30.51 -27.64
C ALA J 284 18.40 -29.78 -26.60
N LYS J 285 18.42 -30.29 -25.35
CA LYS J 285 19.10 -29.62 -24.24
C LYS J 285 18.68 -28.15 -24.21
N SER J 286 17.37 -27.94 -24.14
CA SER J 286 16.74 -26.62 -24.11
C SER J 286 15.45 -26.64 -23.30
N TRP J 287 15.09 -25.46 -22.79
CA TRP J 287 13.79 -25.22 -22.19
C TRP J 287 12.85 -24.74 -23.28
N ILE J 288 11.66 -25.30 -23.30
CA ILE J 288 10.71 -25.12 -24.38
C ILE J 288 9.41 -24.48 -23.89
N TYR J 289 9.05 -23.35 -24.49
CA TYR J 289 7.80 -22.63 -24.18
C TYR J 289 6.80 -22.76 -25.34
N GLY J 290 5.67 -23.43 -25.13
CA GLY J 290 4.67 -23.48 -26.17
C GLY J 290 4.08 -22.09 -26.32
N VAL J 291 3.95 -21.63 -27.56
CA VAL J 291 3.32 -20.33 -27.84
C VAL J 291 2.21 -20.53 -28.84
N SER J 292 1.01 -20.05 -28.51
CA SER J 292 -0.19 -20.16 -29.37
C SER J 292 -0.74 -18.77 -29.64
N ASP J 293 -0.95 -18.47 -30.91
CA ASP J 293 -1.62 -17.23 -31.28
C ASP J 293 -2.46 -17.54 -32.51
N ASP J 294 -3.55 -18.31 -32.30
CA ASP J 294 -4.37 -18.87 -33.38
C ASP J 294 -5.35 -17.85 -33.94
N ASN J 295 -5.27 -17.63 -35.24
CA ASN J 295 -6.03 -16.56 -35.86
C ASN J 295 -6.16 -16.73 -37.35
N THR J 296 -7.10 -16.03 -37.95
CA THR J 296 -7.21 -15.97 -39.41
C THR J 296 -7.75 -14.59 -39.79
N PRO J 297 -7.07 -13.87 -40.71
CA PRO J 297 -7.70 -12.72 -41.34
C PRO J 297 -8.97 -13.10 -42.10
N ALA J 298 -9.98 -12.25 -42.02
CA ALA J 298 -11.25 -12.49 -42.74
C ALA J 298 -11.72 -11.18 -43.39
N LEU J 299 -12.12 -11.25 -44.66
CA LEU J 299 -12.66 -10.08 -45.33
C LEU J 299 -14.16 -10.15 -45.01
N SER J 300 -14.65 -9.16 -44.26
CA SER J 300 -16.06 -9.13 -43.84
C SER J 300 -16.92 -8.17 -44.68
N GLY J 301 -16.32 -7.09 -45.18
CA GLY J 301 -17.06 -6.05 -45.90
C GLY J 301 -16.38 -5.57 -47.18
N MSE J 302 -16.58 -6.34 -48.26
CA MSE J 302 -15.99 -6.06 -49.58
C MSE J 302 -16.26 -4.65 -50.06
O MSE J 302 -15.35 -4.00 -50.58
CB MSE J 302 -16.51 -7.07 -50.62
CG MSE J 302 -15.94 -6.92 -52.10
SE MSE J 302 -16.65 -5.58 -53.35
CE MSE J 302 -18.17 -6.55 -53.98
N LEU J 303 -17.49 -4.16 -49.86
CA LEU J 303 -17.90 -2.84 -50.31
C LEU J 303 -17.21 -1.72 -49.56
N ALA J 304 -16.60 -2.05 -48.42
CA ALA J 304 -15.81 -1.09 -47.66
C ALA J 304 -14.35 -1.09 -48.12
N GLY J 305 -14.03 -1.84 -49.16
CA GLY J 305 -12.68 -1.89 -49.71
C GLY J 305 -12.57 -1.58 -51.19
N TYR J 306 -11.38 -1.12 -51.61
CA TYR J 306 -11.09 -0.82 -53.02
C TYR J 306 -9.64 -1.13 -53.37
N LEU J 307 -9.44 -1.91 -54.44
CA LEU J 307 -8.10 -2.28 -54.89
C LEU J 307 -7.64 -1.55 -56.17
N ILE J 308 -6.50 -0.89 -56.08
CA ILE J 308 -5.82 -0.28 -57.23
C ILE J 308 -4.58 -1.10 -57.51
N GLU J 309 -4.69 -2.03 -58.45
CA GLU J 309 -3.54 -2.86 -58.78
C GLU J 309 -2.46 -2.18 -59.60
N ASP J 310 -1.23 -2.56 -59.32
CA ASP J 310 -0.05 -2.27 -60.16
C ASP J 310 0.35 -0.80 -60.27
N ALA J 311 -0.12 0.02 -59.33
CA ALA J 311 0.21 1.43 -59.29
C ALA J 311 1.73 1.67 -59.29
N GLY J 312 2.44 0.81 -58.57
CA GLY J 312 3.86 0.92 -58.41
C GLY J 312 4.75 0.29 -59.46
N LEU J 313 4.19 -0.38 -60.48
CA LEU J 313 5.01 -1.00 -61.52
C LEU J 313 5.48 0.03 -62.54
N PRO J 314 6.61 -0.25 -63.20
CA PRO J 314 7.08 0.59 -64.32
C PRO J 314 6.06 0.78 -65.45
N ALA J 315 6.03 1.99 -65.99
CA ALA J 315 5.10 2.35 -67.04
C ALA J 315 5.44 1.60 -68.33
N ALA J 316 6.73 1.52 -68.66
CA ALA J 316 7.20 0.81 -69.85
C ALA J 316 8.37 -0.11 -69.48
O1 PG4 K . 10.16 -34.14 6.14
C1 PG4 K . 9.72 -35.48 6.34
C2 PG4 K . 8.49 -35.78 5.51
O2 PG4 K . 7.34 -35.17 6.06
C3 PG4 K . 6.24 -35.10 5.14
C4 PG4 K . 5.29 -33.99 5.56
O3 PG4 K . 5.65 -32.74 4.92
C5 PG4 K . 5.43 -31.63 5.77
C6 PG4 K . 6.12 -30.43 5.21
O4 PG4 K . 7.43 -30.50 5.72
C7 PG4 K . 7.83 -29.28 6.36
C8 PG4 K . 9.22 -29.49 6.94
O5 PG4 K . 9.16 -30.17 8.21
O1 PG4 L . -28.65 1.05 21.72
C1 PG4 L . -29.34 1.68 22.77
C2 PG4 L . -28.72 3.04 23.02
O2 PG4 L . -27.42 2.85 23.56
C3 PG4 L . -26.77 4.11 23.76
C4 PG4 L . -25.30 3.91 24.08
O3 PG4 L . -24.71 2.98 23.17
C5 PG4 L . -23.93 3.70 22.22
C6 PG4 L . -23.25 2.83 21.16
O4 PG4 L . -24.17 1.85 20.68
C7 PG4 L . -23.53 0.97 19.74
C8 PG4 L . -24.53 -0.07 19.26
O5 PG4 L . -25.02 -0.84 20.39
O1 PG4 M . -20.23 5.47 32.69
C1 PG4 M . -19.54 5.42 33.94
C2 PG4 M . -20.20 4.45 34.91
O2 PG4 M . -21.59 4.31 34.61
C3 PG4 M . -22.02 2.95 34.66
C4 PG4 M . -23.51 2.89 34.93
O3 PG4 M . -23.76 3.69 36.08
C5 PG4 M . -25.15 3.90 36.29
C6 PG4 M . -25.29 4.54 37.66
O4 PG4 M . -25.26 3.66 38.79
C7 PG4 M . -24.79 2.32 38.60
C8 PG4 M . -23.29 2.12 38.73
O5 PG4 M . -22.99 0.87 38.11
O1 PG4 N . -15.55 1.71 24.68
C1 PG4 N . -15.55 3.15 24.61
C2 PG4 N . -16.54 3.70 25.62
O2 PG4 N . -15.96 4.76 26.38
C3 PG4 N . -16.66 5.11 27.59
C4 PG4 N . -17.09 3.90 28.41
O3 PG4 N . -17.11 4.21 29.80
C5 PG4 N . -16.63 3.15 30.63
C6 PG4 N . -16.83 3.49 32.10
O4 PG4 N . -16.54 4.88 32.32
O1 PG4 O . -24.26 -14.49 12.05
C1 PG4 O . -24.04 -15.85 12.45
C2 PG4 O . -25.25 -16.38 13.19
O2 PG4 O . -24.78 -17.20 14.27
C3 PG4 O . -25.68 -17.34 15.38
C4 PG4 O . -24.91 -17.84 16.60
O3 PG4 O . -23.87 -16.90 16.94
C5 PG4 O . -23.23 -17.17 18.19
C6 PG4 O . -22.38 -15.97 18.61
O4 PG4 O . -21.05 -16.14 18.12
O1 PG4 P . -22.74 -27.25 5.00
C1 PG4 P . -24.18 -27.14 5.18
C2 PG4 P . -24.56 -26.19 6.31
O2 PG4 P . -24.97 -24.95 5.80
C3 PG4 P . -25.18 -23.97 6.80
C4 PG4 P . -23.91 -23.19 7.09
O3 PG4 P . -23.69 -22.27 6.02
C5 PG4 P . -22.40 -21.67 6.03
C6 PG4 P . -21.42 -22.62 5.38
O4 PG4 P . -20.11 -22.14 5.59
C7 PG4 P . -19.24 -23.09 6.15
C8 PG4 P . -18.98 -24.24 5.18
O5 PG4 P . -19.44 -25.44 5.80
O1 PG4 Q . -33.17 -26.30 19.80
C1 PG4 Q . -31.92 -25.88 19.26
C2 PG4 Q . -31.98 -25.99 17.74
O2 PG4 Q . -30.75 -25.65 17.12
C3 PG4 Q . -30.47 -24.26 17.11
C4 PG4 Q . -29.16 -23.97 17.85
O3 PG4 Q . -28.64 -22.67 17.52
C5 PG4 Q . -29.61 -21.62 17.55
C6 PG4 Q . -29.04 -20.29 18.02
O4 PG4 Q . -29.60 -19.29 17.18
CL CL R . 9.97 -25.08 37.54
O1 PG4 S . 24.62 -9.52 24.16
C1 PG4 S . 25.49 -10.50 24.69
C2 PG4 S . 25.86 -11.55 23.66
O2 PG4 S . 24.66 -12.25 23.28
C3 PG4 S . 24.91 -13.00 22.08
C4 PG4 S . 23.65 -13.60 21.51
O3 PG4 S . 22.63 -12.63 21.41
C5 PG4 S . 22.48 -12.13 20.09
C6 PG4 S . 21.18 -11.34 20.06
O4 PG4 S . 21.31 -10.20 20.90
C7 PG4 S . 20.10 -9.44 20.88
C8 PG4 S . 20.29 -8.21 21.74
O5 PG4 S . 20.59 -8.65 23.07
O1 PG4 T . 21.70 -23.74 21.74
C1 PG4 T . 20.66 -24.62 22.18
C2 PG4 T . 20.73 -24.89 23.68
O2 PG4 T . 21.94 -24.44 24.29
C3 PG4 T . 21.66 -23.83 25.55
C4 PG4 T . 22.94 -23.46 26.30
O3 PG4 T . 23.47 -24.58 26.98
C5 PG4 T . 24.81 -24.40 27.42
C6 PG4 T . 25.37 -25.73 27.83
O4 PG4 T . 24.89 -26.13 29.11
C7 PG4 T . 23.70 -26.89 29.09
C8 PG4 T . 22.50 -26.07 29.57
O5 PG4 T . 21.38 -26.27 28.71
O1 PG4 U . 0.72 12.42 33.45
C1 PG4 U . 1.45 12.73 34.62
C2 PG4 U . 2.94 12.70 34.33
O2 PG4 U . 3.32 11.34 34.20
C3 PG4 U . 4.70 11.25 33.86
C4 PG4 U . 4.96 10.05 32.99
O3 PG4 U . 4.51 10.37 31.67
C5 PG4 U . 4.52 9.26 30.80
C6 PG4 U . 3.58 9.44 29.64
O4 PG4 U . 2.24 9.63 30.08
C7 PG4 U . 1.24 9.08 29.22
C8 PG4 U . -0.08 9.84 29.44
O5 PG4 U . -0.41 9.79 30.84
O1 PG4 V . 11.89 3.55 37.05
C1 PG4 V . 11.64 2.18 37.37
C2 PG4 V . 11.57 1.89 38.86
O2 PG4 V . 10.79 2.87 39.51
C3 PG4 V . 9.71 2.36 40.30
C4 PG4 V . 9.27 3.47 41.24
O3 PG4 V . 10.17 3.46 42.33
C5 PG4 V . 10.05 4.57 43.21
C6 PG4 V . 10.71 4.25 44.55
O4 PG4 V . 10.43 2.96 45.14
C7 PG4 V . 9.30 2.15 44.70
C8 PG4 V . 9.64 0.91 43.85
O5 PG4 V . 9.51 -0.32 44.58
O1 PG4 W . -25.06 11.82 -24.06
C1 PG4 W . -25.76 11.51 -25.27
C2 PG4 W . -25.67 10.02 -25.55
O2 PG4 W . -24.33 9.74 -25.95
C3 PG4 W . -24.17 8.41 -26.42
C4 PG4 W . -22.70 8.03 -26.26
O3 PG4 W . -22.53 7.73 -24.88
C5 PG4 W . -21.21 7.57 -24.47
C6 PG4 W . -21.03 8.02 -23.05
O4 PG4 W . -20.95 9.45 -23.04
C7 PG4 W . -20.24 9.95 -21.91
C8 PG4 W . -20.97 11.15 -21.33
O5 PG4 W . -21.16 12.18 -22.32
O1 PG4 X . -19.49 9.11 -41.10
C1 PG4 X . -20.85 9.04 -41.56
C2 PG4 X . -21.70 8.16 -40.66
O2 PG4 X . -21.62 8.60 -39.29
C3 PG4 X . -21.26 7.59 -38.35
C4 PG4 X . -20.27 8.09 -37.31
O3 PG4 X . -18.99 7.45 -37.39
C5 PG4 X . -18.97 6.08 -37.02
C6 PG4 X . -17.61 5.60 -36.58
O4 PG4 X . -17.77 4.27 -36.11
C7 PG4 X . -17.68 4.05 -34.69
C8 PG4 X . -16.99 2.70 -34.40
O5 PG4 X . -17.49 2.09 -33.20
O1 PG4 Y . -8.05 34.45 -6.66
C1 PG4 Y . -8.84 35.47 -7.26
C2 PG4 Y . -10.30 35.07 -7.27
O2 PG4 Y . -10.46 34.06 -8.24
C3 PG4 Y . -11.68 33.36 -8.03
C4 PG4 Y . -11.70 32.24 -9.04
O3 PG4 Y . -10.60 31.36 -8.80
C5 PG4 Y . -10.90 30.40 -7.81
C6 PG4 Y . -9.82 29.35 -7.78
O4 PG4 Y . -8.56 29.96 -7.59
C7 PG4 Y . -7.51 29.05 -7.25
C8 PG4 Y . -6.32 29.89 -6.79
O5 PG4 Y . -5.96 30.75 -7.86
O1 PG4 Z . 7.41 60.34 -9.01
C1 PG4 Z . 6.31 59.53 -9.42
C2 PG4 Z . 5.19 60.43 -9.99
O2 PG4 Z . 4.17 59.65 -10.61
C3 PG4 Z . 3.28 58.98 -9.71
C4 PG4 Z . 3.18 57.51 -10.09
O3 PG4 Z . 2.90 56.68 -8.97
C5 PG4 Z . 3.94 56.69 -8.00
C6 PG4 Z . 3.97 55.37 -7.22
O4 PG4 Z . 5.32 55.01 -6.93
C7 PG4 Z . 5.93 55.83 -5.92
C8 PG4 Z . 7.41 56.05 -6.28
O5 PG4 Z . 7.81 57.42 -6.15
O1 PG4 AA . -1.06 60.25 -18.28
C1 PG4 AA . -1.98 60.02 -17.20
C2 PG4 AA . -2.17 61.26 -16.35
O2 PG4 AA . -2.60 60.91 -15.02
C3 PG4 AA . -1.56 60.54 -14.11
C4 PG4 AA . -0.55 61.65 -13.83
O3 PG4 AA . 0.22 61.38 -12.65
C5 PG4 AA . 1.35 60.52 -12.83
C6 PG4 AA . 2.52 61.26 -13.49
O4 PG4 AA . 2.52 61.00 -14.90
O1 PG4 BA . 27.99 -2.70 -23.15
C1 PG4 BA . 29.19 -2.16 -23.67
C2 PG4 BA . 30.00 -1.51 -22.56
O2 PG4 BA . 29.36 -0.25 -22.30
C3 PG4 BA . 29.90 0.38 -21.16
C4 PG4 BA . 29.05 1.58 -20.83
O3 PG4 BA . 27.71 1.16 -20.61
C5 PG4 BA . 27.39 0.91 -19.24
C6 PG4 BA . 25.89 0.66 -19.11
O4 PG4 BA . 25.45 -0.28 -20.10
C7 PG4 BA . 24.09 -0.67 -19.90
C8 PG4 BA . 23.67 -1.63 -21.02
O5 PG4 BA . 24.13 -1.15 -22.30
O1 PG4 CA . 36.00 12.13 -27.78
C1 PG4 CA . 35.60 11.14 -26.82
C2 PG4 CA . 34.08 11.20 -26.65
O2 PG4 CA . 33.63 10.61 -25.45
C3 PG4 CA . 32.30 10.99 -25.05
C4 PG4 CA . 32.32 12.27 -24.23
O3 PG4 CA . 32.23 12.01 -22.82
O1 PG4 DA . 24.82 25.56 -6.36
C1 PG4 DA . 25.33 26.91 -6.35
C2 PG4 DA . 24.44 27.84 -5.56
O2 PG4 DA . 23.12 27.86 -6.08
C3 PG4 DA . 22.21 28.54 -5.21
C4 PG4 DA . 20.78 28.37 -5.72
O3 PG4 DA . 20.49 26.98 -5.96
C5 PG4 DA . 19.71 26.36 -4.94
C6 PG4 DA . 19.44 24.90 -5.27
O4 PG4 DA . 20.54 24.32 -5.97
C7 PG4 DA . 20.29 23.00 -6.46
C8 PG4 DA . 21.63 22.32 -6.71
O5 PG4 DA . 22.40 23.02 -7.71
O1 PG4 EA . 18.66 40.39 -14.20
C1 PG4 EA . 18.76 40.09 -12.79
C2 PG4 EA . 18.87 38.59 -12.48
O2 PG4 EA . 17.62 37.95 -12.79
C3 PG4 EA . 17.55 36.57 -12.40
C4 PG4 EA . 16.13 36.03 -12.57
O3 PG4 EA . 15.28 36.43 -11.47
C5 PG4 EA . 14.04 35.70 -11.31
C6 PG4 EA . 13.83 35.31 -9.84
O1 PG4 FA . -2.67 -11.41 -34.42
C1 PG4 FA . -1.91 -12.00 -35.46
C2 PG4 FA . -0.58 -12.55 -34.97
O2 PG4 FA . 0.28 -11.47 -34.63
C3 PG4 FA . 1.48 -11.89 -33.96
C4 PG4 FA . 1.96 -10.76 -33.10
O3 PG4 FA . 1.33 -10.87 -31.83
C5 PG4 FA . 1.64 -9.75 -31.03
C6 PG4 FA . 0.59 -9.52 -29.96
O4 PG4 FA . -0.71 -9.54 -30.54
C7 PG4 FA . -1.68 -8.97 -29.66
C8 PG4 FA . -2.95 -8.63 -30.42
O5 PG4 FA . -2.61 -7.89 -31.61
O1 PG4 GA . 10.62 -7.33 -44.75
C1 PG4 GA . 10.52 -8.63 -44.12
C2 PG4 GA . 9.62 -8.55 -42.90
O2 PG4 GA . 10.07 -7.47 -42.08
C3 PG4 GA . 9.26 -7.24 -40.94
C4 PG4 GA . 10.05 -6.36 -39.97
O3 PG4 GA . 10.59 -7.18 -38.93
C5 PG4 GA . 11.80 -6.70 -38.36
C6 PG4 GA . 11.95 -7.16 -36.92
O4 PG4 GA . 11.60 -8.54 -36.78
#